data_8RX5
#
_entry.id   8RX5
#
_cell.length_a   174.171
_cell.length_b   174.171
_cell.length_c   260.219
_cell.angle_alpha   90.00
_cell.angle_beta   90.00
_cell.angle_gamma   90.00
#
_symmetry.space_group_name_H-M   'P 42 21 2'
#
loop_
_entity.id
_entity.type
_entity.pdbx_description
1 polymer 'Mycothione reductase'
2 non-polymer 'FLAVIN-ADENINE DINUCLEOTIDE'
3 non-polymer 'NADP NICOTINAMIDE-ADENINE-DINUCLEOTIDE PHOSPHATE'
4 water water
#
_entity_poly.entity_id   1
_entity_poly.type   'polypeptide(L)'
_entity_poly.pdbx_seq_one_letter_code
;METYDIAIIGTGSGNSILDERYASKRAAICEQGTFGGTCLNVGCIPTKMFVYAAEVAKTIRGASRYGIDAHIDRVRWDDV
VSRVFGRIDPIALSGEDYRRCAPNIDVYRTHTRFGPVQADGRYLLRTDAGEEFTAEQVVIAAGSRPVIPPAILASGVDYH
TSDTVMRIAELPEHIVIVGSGFIAAEFAHVFSALGVRVTLVIRGSCLLRHCDDTICERFTRIASTKWELRTHRNVVDGQQ
RGSGVALRLDDGCTINADLLLVATGRVSNADLLDAEQAGVDVEDGRVIVDEYQRTSARGVFALGDVSSPYLLKHVANHEA
RVVQHNLLCDWEDTQSMIVTDHRYVPAAVFTDPQIAAVGLTENQAVAKGLDISVKIQDYGDVAYGWAMEDTSGIVKLITE
RGSGRLLGAHIMGYQASSLIQPLIQAMSFGLTAAEMARGQYWIHPALPEVVENALLGLR
;
_entity_poly.pdbx_strand_id   A,B,C,D,E,F
#
loop_
_chem_comp.id
_chem_comp.type
_chem_comp.name
_chem_comp.formula
FAD non-polymer 'FLAVIN-ADENINE DINUCLEOTIDE' 'C27 H33 N9 O15 P2'
NAP non-polymer 'NADP NICOTINAMIDE-ADENINE-DINUCLEOTIDE PHOSPHATE' 'C21 H28 N7 O17 P3'
#
# COMPACT_ATOMS: atom_id res chain seq x y z
N MET A 1 -14.74 7.53 -55.80
CA MET A 1 -14.05 8.03 -54.62
C MET A 1 -15.09 8.56 -53.62
N GLU A 2 -14.75 8.55 -52.34
CA GLU A 2 -15.67 8.90 -51.26
C GLU A 2 -15.53 10.36 -50.85
N THR A 3 -16.58 10.85 -50.19
CA THR A 3 -16.66 12.22 -49.71
C THR A 3 -17.13 12.20 -48.26
N TYR A 4 -16.45 12.97 -47.41
CA TYR A 4 -16.76 13.03 -45.99
C TYR A 4 -16.81 14.48 -45.52
N ASP A 5 -17.62 14.72 -44.49
CA ASP A 5 -17.70 16.04 -43.87
C ASP A 5 -16.57 16.31 -42.91
N ILE A 6 -15.96 15.27 -42.34
CA ILE A 6 -14.89 15.43 -41.36
C ILE A 6 -14.04 14.16 -41.37
N ALA A 7 -12.73 14.33 -41.23
CA ALA A 7 -11.80 13.22 -41.14
C ALA A 7 -10.89 13.40 -39.93
N ILE A 8 -10.68 12.32 -39.19
CA ILE A 8 -9.86 12.32 -37.99
C ILE A 8 -8.75 11.30 -38.15
N ILE A 9 -7.52 11.71 -37.92
CA ILE A 9 -6.36 10.84 -38.00
C ILE A 9 -5.92 10.52 -36.57
N GLY A 10 -6.14 9.28 -36.15
CA GLY A 10 -5.74 8.86 -34.81
C GLY A 10 -6.91 8.63 -33.88
N THR A 11 -6.98 7.45 -33.27
CA THR A 11 -8.06 7.08 -32.36
C THR A 11 -7.65 7.17 -30.90
N GLY A 12 -6.72 8.06 -30.57
CA GLY A 12 -6.35 8.27 -29.19
C GLY A 12 -7.27 9.28 -28.55
N SER A 13 -6.79 10.51 -28.37
CA SER A 13 -7.65 11.59 -27.93
C SER A 13 -8.55 12.10 -29.04
N GLY A 14 -8.17 11.85 -30.30
CA GLY A 14 -9.01 12.24 -31.41
C GLY A 14 -10.30 11.44 -31.52
N ASN A 15 -10.31 10.22 -30.97
CA ASN A 15 -11.53 9.42 -30.95
C ASN A 15 -12.62 10.05 -30.10
N SER A 16 -12.26 10.93 -29.18
CA SER A 16 -13.24 11.60 -28.32
C SER A 16 -13.74 12.90 -28.93
N ILE A 17 -14.01 12.91 -30.23
CA ILE A 17 -14.51 14.09 -30.93
C ILE A 17 -15.87 13.83 -31.55
N LEU A 18 -16.06 12.68 -32.19
CA LEU A 18 -17.33 12.38 -32.86
C LEU A 18 -18.43 12.18 -31.83
N ASP A 19 -19.14 13.26 -31.52
CA ASP A 19 -20.26 13.21 -30.58
C ASP A 19 -21.53 12.84 -31.35
N GLU A 20 -22.69 13.02 -30.71
CA GLU A 20 -23.95 12.88 -31.43
C GLU A 20 -24.24 14.06 -32.33
N ARG A 21 -23.49 15.16 -32.18
CA ARG A 21 -23.62 16.31 -33.05
C ARG A 21 -23.20 16.00 -34.48
N TYR A 22 -22.36 14.99 -34.67
CA TYR A 22 -21.92 14.56 -35.99
C TYR A 22 -22.72 13.38 -36.51
N ALA A 23 -23.83 13.02 -35.86
CA ALA A 23 -24.64 11.90 -36.30
C ALA A 23 -25.29 12.14 -37.66
N SER A 24 -25.38 13.39 -38.10
CA SER A 24 -25.98 13.72 -39.39
C SER A 24 -24.95 13.92 -40.48
N LYS A 25 -23.66 13.87 -40.15
CA LYS A 25 -22.58 14.02 -41.12
C LYS A 25 -21.85 12.70 -41.29
N ARG A 26 -21.06 12.62 -42.36
CA ARG A 26 -20.24 11.46 -42.65
C ARG A 26 -18.81 11.72 -42.21
N ALA A 27 -18.22 10.77 -41.51
CA ALA A 27 -16.88 10.92 -40.94
C ALA A 27 -16.01 9.74 -41.33
N ALA A 28 -14.71 10.00 -41.46
CA ALA A 28 -13.72 8.99 -41.79
C ALA A 28 -12.67 8.97 -40.68
N ILE A 29 -12.43 7.78 -40.13
CA ILE A 29 -11.49 7.59 -39.03
C ILE A 29 -10.31 6.77 -39.53
N CYS A 30 -9.10 7.21 -39.20
CA CYS A 30 -7.86 6.54 -39.62
C CYS A 30 -7.10 6.06 -38.39
N GLU A 31 -6.69 4.80 -38.40
CA GLU A 31 -5.94 4.22 -37.30
C GLU A 31 -5.05 3.12 -37.87
N GLN A 32 -3.76 3.44 -38.06
CA GLN A 32 -2.86 2.46 -38.65
C GLN A 32 -2.51 1.35 -37.66
N GLY A 33 -2.49 1.65 -36.37
CA GLY A 33 -2.18 0.70 -35.34
C GLY A 33 -3.43 0.12 -34.70
N THR A 34 -3.32 -0.23 -33.43
CA THR A 34 -4.45 -0.77 -32.69
C THR A 34 -5.39 0.36 -32.28
N PHE A 35 -6.68 0.07 -32.28
CA PHE A 35 -7.67 1.10 -31.98
C PHE A 35 -7.62 1.48 -30.52
N GLY A 36 -7.79 2.77 -30.24
CA GLY A 36 -7.80 3.30 -28.90
C GLY A 36 -6.64 4.22 -28.56
N GLY A 37 -5.60 4.25 -29.37
CA GLY A 37 -4.47 5.13 -29.10
C GLY A 37 -3.37 4.44 -28.33
N THR A 38 -2.39 5.26 -27.93
CA THR A 38 -1.22 4.74 -27.23
C THR A 38 -1.49 4.58 -25.73
N CYS A 39 -2.12 5.56 -25.11
CA CYS A 39 -2.27 5.54 -23.66
C CYS A 39 -3.13 4.38 -23.21
N LEU A 40 -4.14 4.01 -24.00
CA LEU A 40 -5.00 2.91 -23.62
C LEU A 40 -4.31 1.56 -23.81
N ASN A 41 -3.58 1.41 -24.92
CA ASN A 41 -3.06 0.10 -25.30
C ASN A 41 -1.64 -0.14 -24.80
N VAL A 42 -0.74 0.83 -24.95
CA VAL A 42 0.65 0.64 -24.56
C VAL A 42 1.18 1.89 -23.86
N GLY A 43 0.34 2.54 -23.06
CA GLY A 43 0.73 3.80 -22.44
C GLY A 43 0.43 3.89 -20.96
N CYS A 44 -0.41 4.86 -20.59
CA CYS A 44 -0.64 5.15 -19.17
C CYS A 44 -1.31 3.97 -18.49
N ILE A 45 -2.41 3.47 -19.06
CA ILE A 45 -3.23 2.47 -18.38
C ILE A 45 -2.47 1.17 -18.16
N PRO A 46 -1.81 0.57 -19.17
CA PRO A 46 -1.06 -0.67 -18.87
C PRO A 46 0.09 -0.45 -17.90
N THR A 47 0.82 0.66 -18.06
CA THR A 47 1.98 0.91 -17.21
C THR A 47 1.57 1.05 -15.74
N LYS A 48 0.56 1.87 -15.46
CA LYS A 48 0.16 2.10 -14.08
C LYS A 48 -0.42 0.84 -13.43
N MET A 49 -0.93 -0.10 -14.22
CA MET A 49 -1.34 -1.38 -13.65
C MET A 49 -0.12 -2.18 -13.21
N PHE A 50 0.92 -2.24 -14.04
CA PHE A 50 2.14 -2.91 -13.66
C PHE A 50 2.82 -2.22 -12.48
N VAL A 51 2.69 -0.89 -12.40
CA VAL A 51 3.27 -0.15 -11.28
C VAL A 51 2.62 -0.60 -9.98
N TYR A 52 1.29 -0.70 -9.97
CA TYR A 52 0.59 -1.09 -8.76
C TYR A 52 0.94 -2.51 -8.35
N ALA A 53 1.06 -3.42 -9.32
CA ALA A 53 1.47 -4.79 -9.00
C ALA A 53 2.89 -4.83 -8.44
N ALA A 54 3.77 -3.97 -8.96
CA ALA A 54 5.13 -3.91 -8.45
C ALA A 54 5.16 -3.34 -7.04
N GLU A 55 4.29 -2.37 -6.75
CA GLU A 55 4.26 -1.78 -5.41
C GLU A 55 3.77 -2.78 -4.37
N VAL A 56 2.89 -3.71 -4.75
CA VAL A 56 2.49 -4.77 -3.83
C VAL A 56 3.69 -5.63 -3.46
N ALA A 57 4.51 -5.99 -4.45
CA ALA A 57 5.71 -6.77 -4.18
C ALA A 57 6.68 -5.98 -3.31
N LYS A 58 6.82 -4.67 -3.56
CA LYS A 58 7.72 -3.85 -2.76
C LYS A 58 7.23 -3.75 -1.32
N THR A 59 5.91 -3.70 -1.11
CA THR A 59 5.38 -3.69 0.24
C THR A 59 5.72 -4.98 0.98
N ILE A 60 5.63 -6.12 0.29
CA ILE A 60 5.94 -7.39 0.92
C ILE A 60 7.42 -7.45 1.31
N ARG A 61 8.30 -6.95 0.44
CA ARG A 61 9.73 -7.10 0.67
C ARG A 61 10.22 -6.25 1.83
N GLY A 62 9.58 -5.10 2.06
CA GLY A 62 10.00 -4.23 3.14
C GLY A 62 9.03 -4.20 4.30
N ALA A 63 8.32 -5.30 4.50
CA ALA A 63 7.32 -5.39 5.56
C ALA A 63 7.91 -5.59 6.94
N SER A 64 9.12 -6.16 7.03
CA SER A 64 9.74 -6.38 8.32
C SER A 64 10.00 -5.07 9.07
N ARG A 65 10.11 -3.95 8.33
CA ARG A 65 10.30 -2.65 8.97
C ARG A 65 9.16 -2.31 9.91
N TYR A 66 7.97 -2.87 9.67
CA TYR A 66 6.79 -2.56 10.46
C TYR A 66 6.41 -3.68 11.42
N GLY A 67 7.17 -4.76 11.46
CA GLY A 67 6.91 -5.84 12.39
C GLY A 67 6.26 -7.07 11.79
N ILE A 68 6.07 -7.09 10.47
CA ILE A 68 5.44 -8.23 9.79
C ILE A 68 6.51 -8.89 8.92
N ASP A 69 6.86 -10.12 9.26
CA ASP A 69 7.85 -10.88 8.50
C ASP A 69 7.15 -11.67 7.42
N ALA A 70 7.39 -11.32 6.15
CA ALA A 70 6.79 -12.00 5.02
C ALA A 70 7.82 -12.12 3.91
N HIS A 71 7.49 -12.92 2.90
CA HIS A 71 8.38 -13.12 1.77
C HIS A 71 7.57 -13.56 0.57
N ILE A 72 8.04 -13.21 -0.62
CA ILE A 72 7.37 -13.53 -1.87
C ILE A 72 7.75 -14.95 -2.27
N ASP A 73 6.74 -15.81 -2.41
CA ASP A 73 6.98 -17.19 -2.82
C ASP A 73 7.19 -17.30 -4.33
N ARG A 74 6.48 -16.47 -5.10
CA ARG A 74 6.52 -16.55 -6.55
C ARG A 74 5.95 -15.28 -7.15
N VAL A 75 6.47 -14.89 -8.30
CA VAL A 75 5.95 -13.76 -9.06
C VAL A 75 5.40 -14.33 -10.37
N ARG A 76 4.08 -14.51 -10.43
CA ARG A 76 3.44 -15.08 -11.61
C ARG A 76 3.34 -13.99 -12.67
N TRP A 77 4.46 -13.75 -13.36
CA TRP A 77 4.51 -12.69 -14.37
C TRP A 77 3.54 -12.96 -15.51
N ASP A 78 3.38 -14.23 -15.89
CA ASP A 78 2.47 -14.57 -16.97
C ASP A 78 1.03 -14.16 -16.63
N ASP A 79 0.63 -14.36 -15.38
CA ASP A 79 -0.72 -13.99 -14.97
C ASP A 79 -0.87 -12.48 -14.84
N VAL A 80 0.22 -11.77 -14.54
CA VAL A 80 0.15 -10.31 -14.47
C VAL A 80 -0.09 -9.73 -15.86
N VAL A 81 0.63 -10.23 -16.86
CA VAL A 81 0.44 -9.75 -18.22
C VAL A 81 -0.95 -10.09 -18.72
N SER A 82 -1.39 -11.33 -18.49
CA SER A 82 -2.72 -11.75 -18.95
C SER A 82 -3.83 -10.98 -18.27
N ARG A 83 -3.65 -10.63 -16.99
CA ARG A 83 -4.67 -9.87 -16.28
C ARG A 83 -4.77 -8.46 -16.82
N VAL A 84 -3.63 -7.82 -17.10
CA VAL A 84 -3.63 -6.43 -17.56
C VAL A 84 -4.22 -6.33 -18.96
N PHE A 85 -3.64 -7.07 -19.92
CA PHE A 85 -4.09 -6.95 -21.30
C PHE A 85 -5.36 -7.74 -21.58
N GLY A 86 -5.73 -8.67 -20.71
CA GLY A 86 -7.05 -9.28 -20.83
C GLY A 86 -8.18 -8.30 -20.61
N ARG A 87 -7.91 -7.20 -19.91
CA ARG A 87 -8.87 -6.12 -19.74
C ARG A 87 -8.74 -5.07 -20.83
N ILE A 88 -7.52 -4.81 -21.29
CA ILE A 88 -7.28 -3.69 -22.21
C ILE A 88 -7.62 -4.08 -23.64
N ASP A 89 -7.16 -5.24 -24.10
CA ASP A 89 -7.35 -5.63 -25.49
C ASP A 89 -8.81 -5.69 -25.92
N PRO A 90 -9.76 -6.22 -25.13
CA PRO A 90 -11.16 -6.18 -25.56
C PRO A 90 -11.72 -4.77 -25.73
N ILE A 91 -11.18 -3.80 -24.99
CA ILE A 91 -11.62 -2.41 -25.15
C ILE A 91 -11.29 -1.91 -26.55
N ALA A 92 -10.15 -2.32 -27.08
CA ALA A 92 -9.80 -1.93 -28.45
C ALA A 92 -10.76 -2.52 -29.46
N LEU A 93 -11.29 -3.72 -29.21
CA LEU A 93 -12.21 -4.35 -30.16
C LEU A 93 -13.60 -3.73 -30.07
N SER A 94 -14.12 -3.55 -28.86
CA SER A 94 -15.45 -2.99 -28.71
C SER A 94 -15.48 -1.52 -29.11
N GLY A 95 -14.43 -0.77 -28.78
CA GLY A 95 -14.36 0.61 -29.21
C GLY A 95 -14.21 0.76 -30.70
N GLU A 96 -13.56 -0.20 -31.36
CA GLU A 96 -13.43 -0.15 -32.81
C GLU A 96 -14.76 -0.47 -33.50
N ASP A 97 -15.47 -1.49 -33.02
CA ASP A 97 -16.76 -1.84 -33.60
C ASP A 97 -17.78 -0.71 -33.41
N TYR A 98 -17.62 0.08 -32.36
CA TYR A 98 -18.53 1.20 -32.13
C TYR A 98 -18.50 2.20 -33.27
N ARG A 99 -17.36 2.30 -33.96
CA ARG A 99 -17.22 3.19 -35.11
C ARG A 99 -17.54 2.51 -36.43
N ARG A 100 -17.13 1.25 -36.60
CA ARG A 100 -17.39 0.55 -37.86
C ARG A 100 -18.88 0.36 -38.10
N CYS A 101 -19.58 -0.17 -37.09
CA CYS A 101 -20.99 -0.47 -37.23
C CYS A 101 -21.85 0.78 -37.40
N ALA A 102 -21.34 1.94 -37.01
CA ALA A 102 -22.05 3.19 -37.27
C ALA A 102 -22.04 3.47 -38.77
N PRO A 103 -23.19 3.64 -39.41
CA PRO A 103 -23.20 3.88 -40.86
C PRO A 103 -22.63 5.22 -41.25
N ASN A 104 -22.65 6.21 -40.37
CA ASN A 104 -22.13 7.54 -40.69
C ASN A 104 -20.61 7.60 -40.60
N ILE A 105 -19.96 6.59 -40.03
CA ILE A 105 -18.52 6.60 -39.79
C ILE A 105 -17.89 5.47 -40.59
N ASP A 106 -16.81 5.80 -41.30
CA ASP A 106 -15.99 4.82 -41.99
C ASP A 106 -14.60 4.78 -41.36
N VAL A 107 -14.07 3.57 -41.17
CA VAL A 107 -12.80 3.37 -40.48
C VAL A 107 -11.78 2.83 -41.47
N TYR A 108 -10.68 3.55 -41.62
CA TYR A 108 -9.54 3.10 -42.44
C TYR A 108 -8.41 2.68 -41.50
N ARG A 109 -7.90 1.47 -41.68
CA ARG A 109 -6.93 0.89 -40.76
C ARG A 109 -5.53 0.83 -41.34
N THR A 110 -5.16 1.82 -42.16
CA THR A 110 -3.82 1.92 -42.70
C THR A 110 -3.33 3.35 -42.55
N HIS A 111 -2.01 3.53 -42.72
CA HIS A 111 -1.41 4.84 -42.56
C HIS A 111 -1.96 5.80 -43.60
N THR A 112 -2.41 6.97 -43.14
CA THR A 112 -3.07 7.96 -43.98
C THR A 112 -2.18 9.18 -44.10
N ARG A 113 -1.86 9.58 -45.32
CA ARG A 113 -1.06 10.75 -45.62
C ARG A 113 -1.92 11.81 -46.28
N PHE A 114 -1.48 13.06 -46.16
CA PHE A 114 -2.17 14.16 -46.84
C PHE A 114 -1.87 14.14 -48.32
N GLY A 115 -2.87 14.50 -49.13
CA GLY A 115 -2.69 14.65 -50.55
C GLY A 115 -2.77 16.11 -50.94
N PRO A 116 -2.71 16.40 -52.24
CA PRO A 116 -2.85 17.79 -52.69
C PRO A 116 -4.25 18.31 -52.43
N VAL A 117 -4.32 19.54 -51.92
CA VAL A 117 -5.62 20.17 -51.65
C VAL A 117 -6.39 20.32 -52.95
N GLN A 118 -7.64 19.88 -52.96
CA GLN A 118 -8.42 19.90 -54.18
C GLN A 118 -8.78 21.34 -54.56
N ALA A 119 -9.19 21.51 -55.82
CA ALA A 119 -9.48 22.85 -56.34
C ALA A 119 -10.63 23.51 -55.59
N ASP A 120 -11.64 22.72 -55.22
CA ASP A 120 -12.82 23.24 -54.53
C ASP A 120 -12.59 23.48 -53.04
N GLY A 121 -11.34 23.43 -52.56
CA GLY A 121 -11.03 23.72 -51.19
C GLY A 121 -11.06 22.54 -50.24
N ARG A 122 -11.51 21.37 -50.68
CA ARG A 122 -11.54 20.21 -49.81
C ARG A 122 -10.18 19.52 -49.79
N TYR A 123 -9.90 18.83 -48.70
CA TYR A 123 -8.61 18.18 -48.51
C TYR A 123 -8.66 16.74 -48.99
N LEU A 124 -7.64 16.33 -49.74
CA LEU A 124 -7.53 14.96 -50.20
C LEU A 124 -6.65 14.17 -49.24
N LEU A 125 -7.12 13.00 -48.85
CA LEU A 125 -6.38 12.12 -47.96
C LEU A 125 -6.23 10.76 -48.62
N ARG A 126 -5.02 10.19 -48.54
CA ARG A 126 -4.72 8.93 -49.19
C ARG A 126 -4.07 7.99 -48.18
N THR A 127 -4.46 6.72 -48.25
CA THR A 127 -3.97 5.71 -47.33
C THR A 127 -2.98 4.79 -48.05
N ASP A 128 -2.17 4.09 -47.26
CA ASP A 128 -1.22 3.13 -47.82
C ASP A 128 -1.90 1.91 -48.43
N ALA A 129 -3.20 1.72 -48.18
CA ALA A 129 -3.94 0.62 -48.78
C ALA A 129 -4.46 0.94 -50.18
N GLY A 130 -4.24 2.16 -50.67
CA GLY A 130 -4.67 2.55 -52.00
C GLY A 130 -5.92 3.40 -52.05
N GLU A 131 -6.63 3.56 -50.94
CA GLU A 131 -7.87 4.32 -50.94
C GLU A 131 -7.59 5.82 -50.99
N GLU A 132 -8.51 6.54 -51.62
CA GLU A 132 -8.45 8.00 -51.70
C GLU A 132 -9.84 8.56 -51.41
N PHE A 133 -9.88 9.61 -50.59
CA PHE A 133 -11.14 10.24 -50.26
C PHE A 133 -10.90 11.69 -49.90
N THR A 134 -11.98 12.47 -49.86
CA THR A 134 -11.93 13.89 -49.56
C THR A 134 -12.69 14.19 -48.27
N ALA A 135 -12.34 15.31 -47.65
CA ALA A 135 -12.97 15.73 -46.41
C ALA A 135 -12.98 17.25 -46.35
N GLU A 136 -14.05 17.81 -45.77
CA GLU A 136 -14.16 19.25 -45.64
C GLU A 136 -13.34 19.77 -44.47
N GLN A 137 -13.51 19.17 -43.29
CA GLN A 137 -12.69 19.45 -42.13
C GLN A 137 -11.80 18.25 -41.83
N VAL A 138 -10.64 18.51 -41.22
CA VAL A 138 -9.67 17.48 -40.89
C VAL A 138 -9.13 17.74 -39.50
N VAL A 139 -9.06 16.70 -38.66
CA VAL A 139 -8.49 16.79 -37.33
C VAL A 139 -7.25 15.88 -37.29
N ILE A 140 -6.13 16.45 -36.88
CA ILE A 140 -4.86 15.75 -36.84
C ILE A 140 -4.56 15.37 -35.39
N ALA A 141 -4.56 14.07 -35.10
CA ALA A 141 -4.23 13.56 -33.78
C ALA A 141 -3.33 12.33 -33.93
N ALA A 142 -2.22 12.52 -34.64
CA ALA A 142 -1.32 11.41 -34.97
C ALA A 142 -0.43 11.01 -33.80
N GLY A 143 -0.42 11.76 -32.71
CA GLY A 143 0.38 11.38 -31.57
C GLY A 143 1.87 11.45 -31.84
N SER A 144 2.62 10.62 -31.11
CA SER A 144 4.07 10.57 -31.20
C SER A 144 4.54 9.12 -31.30
N ARG A 145 5.83 8.95 -31.59
CA ARG A 145 6.45 7.64 -31.69
C ARG A 145 7.78 7.65 -30.95
N PRO A 146 8.22 6.50 -30.45
CA PRO A 146 9.48 6.45 -29.69
C PRO A 146 10.68 6.80 -30.56
N VAL A 147 11.70 7.35 -29.92
CA VAL A 147 12.96 7.71 -30.56
C VAL A 147 14.05 6.80 -30.01
N ILE A 148 14.77 6.15 -30.92
CA ILE A 148 15.85 5.21 -30.56
C ILE A 148 17.17 5.87 -30.94
N PRO A 149 18.17 5.88 -30.06
CA PRO A 149 19.47 6.47 -30.39
C PRO A 149 20.06 5.85 -31.64
N PRO A 150 20.71 6.64 -32.49
CA PRO A 150 21.24 6.11 -33.76
C PRO A 150 22.29 5.03 -33.57
N ALA A 151 23.09 5.10 -32.51
CA ALA A 151 24.09 4.07 -32.27
C ALA A 151 23.44 2.72 -31.99
N ILE A 152 22.26 2.71 -31.38
CA ILE A 152 21.57 1.47 -31.10
C ILE A 152 20.98 0.88 -32.39
N LEU A 153 20.48 1.75 -33.27
CA LEU A 153 19.97 1.26 -34.55
C LEU A 153 21.08 0.68 -35.41
N ALA A 154 22.25 1.32 -35.40
CA ALA A 154 23.36 0.82 -36.22
C ALA A 154 23.85 -0.53 -35.73
N SER A 155 23.83 -0.75 -34.41
CA SER A 155 24.30 -2.03 -33.88
C SER A 155 23.42 -3.19 -34.28
N GLY A 156 22.13 -2.93 -34.51
CA GLY A 156 21.22 -4.00 -34.86
C GLY A 156 20.90 -4.95 -33.74
N VAL A 157 21.05 -4.52 -32.49
CA VAL A 157 20.77 -5.37 -31.35
C VAL A 157 19.26 -5.46 -31.13
N ASP A 158 18.84 -6.56 -30.54
CA ASP A 158 17.45 -6.73 -30.16
C ASP A 158 17.13 -5.81 -28.99
N TYR A 159 16.22 -4.86 -29.19
CA TYR A 159 15.85 -3.89 -28.17
C TYR A 159 14.34 -3.81 -28.06
N HIS A 160 13.88 -3.25 -26.94
CA HIS A 160 12.48 -3.07 -26.67
C HIS A 160 12.21 -1.61 -26.32
N THR A 161 11.00 -1.16 -26.64
CA THR A 161 10.53 0.16 -26.26
C THR A 161 9.29 0.00 -25.38
N SER A 162 8.71 1.14 -24.99
CA SER A 162 7.50 1.12 -24.19
C SER A 162 6.35 0.43 -24.91
N ASP A 163 6.45 0.28 -26.23
CA ASP A 163 5.38 -0.33 -27.01
C ASP A 163 5.36 -1.86 -26.89
N THR A 164 6.51 -2.48 -26.63
CA THR A 164 6.63 -3.93 -26.68
C THR A 164 7.14 -4.59 -25.41
N VAL A 165 7.63 -3.83 -24.43
CA VAL A 165 8.26 -4.45 -23.26
C VAL A 165 7.25 -5.06 -22.30
N MET A 166 5.99 -4.61 -22.30
CA MET A 166 5.03 -5.09 -21.31
C MET A 166 4.42 -6.44 -21.64
N ARG A 167 4.60 -6.96 -22.86
CA ARG A 167 4.08 -8.27 -23.24
C ARG A 167 5.20 -9.30 -23.43
N ILE A 168 6.30 -9.15 -22.68
CA ILE A 168 7.39 -10.12 -22.77
C ILE A 168 6.97 -11.40 -22.07
N ALA A 169 7.52 -12.53 -22.54
CA ALA A 169 7.06 -13.83 -22.05
C ALA A 169 7.51 -14.08 -20.62
N GLU A 170 8.77 -13.83 -20.32
CA GLU A 170 9.32 -14.11 -19.01
C GLU A 170 10.12 -12.92 -18.50
N LEU A 171 10.10 -12.75 -17.19
CA LEU A 171 10.82 -11.64 -16.58
C LEU A 171 12.32 -11.91 -16.61
N PRO A 172 13.14 -10.99 -17.11
CA PRO A 172 14.57 -11.23 -17.18
C PRO A 172 15.25 -11.06 -15.83
N GLU A 173 16.46 -11.61 -15.73
CA GLU A 173 17.23 -11.47 -14.50
C GLU A 173 17.93 -10.12 -14.44
N HIS A 174 18.39 -9.62 -15.58
CA HIS A 174 19.09 -8.34 -15.64
C HIS A 174 18.61 -7.57 -16.85
N ILE A 175 18.22 -6.32 -16.63
CA ILE A 175 17.72 -5.43 -17.67
C ILE A 175 18.54 -4.15 -17.67
N VAL A 176 18.84 -3.64 -18.86
CA VAL A 176 19.49 -2.34 -19.03
C VAL A 176 18.49 -1.39 -19.68
N ILE A 177 18.20 -0.29 -18.98
CA ILE A 177 17.30 0.74 -19.46
C ILE A 177 18.14 1.95 -19.86
N VAL A 178 18.03 2.35 -21.12
CA VAL A 178 18.75 3.50 -21.65
C VAL A 178 17.79 4.68 -21.70
N GLY A 179 18.08 5.71 -20.92
CA GLY A 179 17.23 6.88 -20.82
C GLY A 179 17.11 7.35 -19.39
N SER A 180 16.74 8.62 -19.23
CA SER A 180 16.61 9.25 -17.91
C SER A 180 15.29 9.98 -17.78
N GLY A 181 14.28 9.55 -18.54
CA GLY A 181 13.01 10.23 -18.61
C GLY A 181 11.94 9.58 -17.76
N PHE A 182 10.69 9.99 -18.02
CA PHE A 182 9.56 9.49 -17.23
C PHE A 182 9.37 8.00 -17.42
N ILE A 183 9.50 7.52 -18.67
CA ILE A 183 9.33 6.10 -18.96
C ILE A 183 10.45 5.29 -18.31
N ALA A 184 11.68 5.79 -18.38
CA ALA A 184 12.81 5.03 -17.84
C ALA A 184 12.69 4.85 -16.32
N ALA A 185 12.25 5.90 -15.61
CA ALA A 185 12.12 5.79 -14.16
C ALA A 185 10.97 4.88 -13.77
N GLU A 186 9.85 4.96 -14.51
CA GLU A 186 8.68 4.16 -14.16
C GLU A 186 8.93 2.67 -14.34
N PHE A 187 9.58 2.29 -15.46
CA PHE A 187 9.83 0.87 -15.70
C PHE A 187 10.94 0.33 -14.81
N ALA A 188 11.91 1.16 -14.44
CA ALA A 188 12.93 0.71 -13.49
C ALA A 188 12.29 0.36 -12.15
N HIS A 189 11.27 1.12 -11.74
CA HIS A 189 10.55 0.80 -10.51
C HIS A 189 9.75 -0.49 -10.66
N VAL A 190 9.21 -0.73 -11.85
CA VAL A 190 8.39 -1.92 -12.07
C VAL A 190 9.25 -3.18 -11.97
N PHE A 191 10.37 -3.20 -12.68
CA PHE A 191 11.16 -4.42 -12.75
C PHE A 191 11.94 -4.69 -11.47
N SER A 192 12.49 -3.65 -10.85
CA SER A 192 13.26 -3.86 -9.62
C SER A 192 12.36 -4.34 -8.49
N ALA A 193 11.13 -3.84 -8.43
CA ALA A 193 10.20 -4.31 -7.40
C ALA A 193 9.73 -5.73 -7.67
N LEU A 194 9.78 -6.19 -8.91
CA LEU A 194 9.40 -7.55 -9.26
C LEU A 194 10.57 -8.52 -9.23
N GLY A 195 11.74 -8.08 -8.75
CA GLY A 195 12.88 -8.96 -8.58
C GLY A 195 13.91 -8.91 -9.67
N VAL A 196 13.87 -7.92 -10.55
CA VAL A 196 14.80 -7.81 -11.67
C VAL A 196 15.91 -6.85 -11.27
N ARG A 197 17.15 -7.21 -11.63
CA ARG A 197 18.29 -6.31 -11.44
C ARG A 197 18.28 -5.29 -12.57
N VAL A 198 18.20 -4.00 -12.20
CA VAL A 198 17.98 -2.92 -13.15
C VAL A 198 19.27 -2.11 -13.27
N THR A 199 19.67 -1.84 -14.51
CA THR A 199 20.84 -1.02 -14.80
C THR A 199 20.42 0.16 -15.67
N LEU A 200 20.66 1.37 -15.17
CA LEU A 200 20.39 2.59 -15.92
C LEU A 200 21.67 3.08 -16.58
N VAL A 201 21.57 3.43 -17.85
CA VAL A 201 22.67 4.04 -18.60
C VAL A 201 22.16 5.37 -19.13
N ILE A 202 22.50 6.45 -18.43
CA ILE A 202 21.99 7.78 -18.78
C ILE A 202 23.16 8.64 -19.25
N ARG A 203 22.85 9.56 -20.14
CA ARG A 203 23.87 10.45 -20.68
C ARG A 203 24.08 11.70 -19.83
N GLY A 204 23.10 12.07 -19.01
CA GLY A 204 23.21 13.22 -18.14
C GLY A 204 23.80 12.89 -16.79
N SER A 205 23.53 13.76 -15.83
CA SER A 205 23.99 13.60 -14.46
C SER A 205 22.86 13.39 -13.47
N CYS A 206 21.61 13.60 -13.89
CA CYS A 206 20.45 13.42 -13.01
C CYS A 206 19.34 12.70 -13.74
N LEU A 207 18.58 11.92 -12.98
CA LEU A 207 17.34 11.35 -13.48
C LEU A 207 16.22 12.36 -13.33
N LEU A 208 15.31 12.37 -14.30
CA LEU A 208 14.20 13.34 -14.33
C LEU A 208 14.71 14.76 -14.14
N ARG A 209 15.56 15.19 -15.07
CA ARG A 209 16.19 16.50 -14.95
C ARG A 209 15.20 17.63 -15.22
N HIS A 210 14.18 17.39 -16.04
CA HIS A 210 13.20 18.42 -16.37
C HIS A 210 12.24 18.66 -15.22
N CYS A 211 12.61 18.23 -14.02
CA CYS A 211 11.87 18.51 -12.81
C CYS A 211 12.72 19.44 -11.93
N ASP A 212 12.13 19.92 -10.85
CA ASP A 212 12.86 20.79 -9.94
C ASP A 212 14.12 20.06 -9.46
N ASP A 213 15.22 20.82 -9.36
CA ASP A 213 16.51 20.21 -9.07
C ASP A 213 16.54 19.56 -7.69
N THR A 214 15.76 20.08 -6.74
CA THR A 214 15.67 19.43 -5.43
C THR A 214 15.10 18.03 -5.56
N ILE A 215 14.14 17.84 -6.46
CA ILE A 215 13.54 16.53 -6.65
C ILE A 215 14.49 15.60 -7.39
N CYS A 216 15.10 16.08 -8.48
CA CYS A 216 15.99 15.24 -9.26
C CYS A 216 17.19 14.78 -8.44
N GLU A 217 17.79 15.69 -7.67
CA GLU A 217 18.98 15.35 -6.90
C GLU A 217 18.67 14.29 -5.84
N ARG A 218 17.58 14.47 -5.10
CA ARG A 218 17.27 13.54 -4.03
C ARG A 218 16.79 12.20 -4.59
N PHE A 219 16.03 12.24 -5.69
CA PHE A 219 15.54 11.00 -6.29
C PHE A 219 16.67 10.20 -6.93
N THR A 220 17.63 10.88 -7.56
CA THR A 220 18.73 10.16 -8.19
C THR A 220 19.60 9.46 -7.16
N ARG A 221 19.80 10.09 -5.99
CA ARG A 221 20.57 9.44 -4.93
C ARG A 221 19.85 8.19 -4.42
N ILE A 222 18.53 8.27 -4.25
CA ILE A 222 17.77 7.11 -3.81
C ILE A 222 17.78 6.02 -4.87
N ALA A 223 17.57 6.41 -6.13
CA ALA A 223 17.54 5.43 -7.20
C ALA A 223 18.89 4.74 -7.38
N SER A 224 19.99 5.46 -7.15
CA SER A 224 21.31 4.89 -7.34
C SER A 224 21.65 3.84 -6.30
N THR A 225 20.95 3.83 -5.16
CA THR A 225 21.22 2.86 -4.11
C THR A 225 20.46 1.56 -4.32
N LYS A 226 19.39 1.56 -5.11
CA LYS A 226 18.63 0.34 -5.38
C LYS A 226 18.69 -0.09 -6.84
N TRP A 227 19.10 0.79 -7.74
CA TRP A 227 19.40 0.43 -9.12
C TRP A 227 20.84 0.82 -9.42
N GLU A 228 21.46 0.11 -10.35
CA GLU A 228 22.83 0.43 -10.76
C GLU A 228 22.79 1.56 -11.78
N LEU A 229 23.17 2.76 -11.34
CA LEU A 229 23.13 3.95 -12.18
C LEU A 229 24.51 4.22 -12.76
N ARG A 230 24.59 4.21 -14.09
CA ARG A 230 25.81 4.57 -14.82
C ARG A 230 25.54 5.93 -15.46
N THR A 231 26.10 6.98 -14.87
CA THR A 231 25.89 8.33 -15.34
C THR A 231 26.95 8.71 -16.37
N HIS A 232 26.60 9.69 -17.22
CA HIS A 232 27.49 10.21 -18.24
C HIS A 232 27.96 9.10 -19.19
N ARG A 233 27.03 8.22 -19.57
CA ARG A 233 27.35 7.08 -20.41
C ARG A 233 26.34 6.96 -21.54
N ASN A 234 26.83 6.58 -22.71
CA ASN A 234 26.01 6.30 -23.88
C ASN A 234 26.40 4.95 -24.45
N VAL A 235 25.41 4.26 -25.02
CA VAL A 235 25.67 3.00 -25.71
C VAL A 235 26.14 3.33 -27.13
N VAL A 236 27.29 2.78 -27.50
CA VAL A 236 27.87 3.06 -28.80
C VAL A 236 27.81 1.86 -29.74
N ASP A 237 27.78 0.64 -29.23
CA ASP A 237 27.70 -0.55 -30.07
C ASP A 237 27.09 -1.67 -29.23
N GLY A 238 26.87 -2.81 -29.87
CA GLY A 238 26.31 -3.97 -29.19
C GLY A 238 26.27 -5.14 -30.14
N GLN A 239 26.04 -6.31 -29.54
CA GLN A 239 25.93 -7.55 -30.29
C GLN A 239 25.02 -8.51 -29.54
N GLN A 240 24.59 -9.55 -30.23
CA GLN A 240 23.73 -10.56 -29.62
C GLN A 240 24.56 -11.46 -28.70
N ARG A 241 24.00 -11.79 -27.54
CA ARG A 241 24.62 -12.71 -26.58
C ARG A 241 23.57 -13.74 -26.20
N GLY A 242 23.36 -14.72 -27.08
CA GLY A 242 22.28 -15.68 -26.87
C GLY A 242 20.93 -14.99 -26.92
N SER A 243 20.07 -15.35 -25.97
CA SER A 243 18.80 -14.65 -25.84
C SER A 243 18.97 -13.22 -25.34
N GLY A 244 20.08 -12.93 -24.67
CA GLY A 244 20.35 -11.62 -24.13
C GLY A 244 21.15 -10.75 -25.09
N VAL A 245 21.70 -9.67 -24.54
CA VAL A 245 22.42 -8.68 -25.32
C VAL A 245 23.67 -8.26 -24.55
N ALA A 246 24.71 -7.89 -25.28
CA ALA A 246 25.93 -7.33 -24.72
C ALA A 246 26.15 -5.95 -25.33
N LEU A 247 26.28 -4.93 -24.47
CA LEU A 247 26.33 -3.54 -24.90
C LEU A 247 27.66 -2.91 -24.53
N ARG A 248 28.32 -2.30 -25.51
CA ARG A 248 29.55 -1.56 -25.28
C ARG A 248 29.22 -0.09 -25.04
N LEU A 249 29.82 0.47 -24.00
CA LEU A 249 29.61 1.87 -23.62
C LEU A 249 30.67 2.76 -24.25
N ASP A 250 30.48 4.07 -24.12
CA ASP A 250 31.38 5.04 -24.72
C ASP A 250 32.71 5.15 -24.01
N ASP A 251 32.98 4.31 -23.01
CA ASP A 251 34.27 4.30 -22.32
C ASP A 251 34.99 2.97 -22.47
N GLY A 252 34.52 2.08 -23.37
CA GLY A 252 35.12 0.79 -23.56
C GLY A 252 34.46 -0.33 -22.78
N CYS A 253 33.68 0.01 -21.75
CA CYS A 253 33.05 -0.99 -20.90
C CYS A 253 31.99 -1.78 -21.67
N THR A 254 31.76 -3.02 -21.22
CA THR A 254 30.75 -3.88 -21.82
C THR A 254 29.80 -4.37 -20.74
N ILE A 255 28.50 -4.31 -21.03
CA ILE A 255 27.45 -4.74 -20.10
C ILE A 255 26.72 -5.92 -20.71
N ASN A 256 26.67 -7.04 -19.99
CA ASN A 256 25.91 -8.21 -20.40
C ASN A 256 24.54 -8.15 -19.75
N ALA A 257 23.50 -8.42 -20.53
CA ALA A 257 22.13 -8.32 -20.01
C ALA A 257 21.23 -9.26 -20.79
N ASP A 258 20.03 -9.49 -20.23
CA ASP A 258 19.03 -10.33 -20.86
C ASP A 258 18.03 -9.54 -21.68
N LEU A 259 17.90 -8.24 -21.44
CA LEU A 259 16.89 -7.44 -22.12
C LEU A 259 17.33 -5.97 -22.15
N LEU A 260 17.07 -5.32 -23.29
CA LEU A 260 17.37 -3.91 -23.50
C LEU A 260 16.07 -3.14 -23.63
N LEU A 261 15.92 -2.07 -22.86
CA LEU A 261 14.74 -1.21 -22.92
C LEU A 261 15.21 0.21 -23.23
N VAL A 262 14.70 0.79 -24.29
CA VAL A 262 15.07 2.14 -24.73
C VAL A 262 13.95 3.09 -24.34
N ALA A 263 14.30 4.16 -23.61
CA ALA A 263 13.34 5.17 -23.18
C ALA A 263 14.01 6.54 -23.27
N THR A 264 14.39 6.91 -24.50
CA THR A 264 15.14 8.14 -24.75
C THR A 264 14.28 9.25 -25.35
N GLY A 265 12.97 9.19 -25.17
CA GLY A 265 12.08 10.23 -25.64
C GLY A 265 11.28 9.80 -26.85
N ARG A 266 10.27 10.62 -27.16
CA ARG A 266 9.39 10.39 -28.30
C ARG A 266 9.36 11.63 -29.18
N VAL A 267 8.96 11.43 -30.44
CA VAL A 267 8.89 12.50 -31.42
C VAL A 267 7.52 12.47 -32.09
N SER A 268 6.98 13.64 -32.38
CA SER A 268 5.66 13.74 -32.99
C SER A 268 5.64 13.03 -34.35
N ASN A 269 4.47 12.53 -34.71
CA ASN A 269 4.26 11.83 -35.98
C ASN A 269 3.88 12.78 -37.12
N ALA A 270 4.11 14.08 -36.95
CA ALA A 270 3.71 15.04 -37.98
C ALA A 270 4.56 14.90 -39.24
N ASP A 271 5.83 14.50 -39.11
CA ASP A 271 6.72 14.42 -40.25
C ASP A 271 6.38 13.29 -41.22
N LEU A 272 5.39 12.45 -40.90
CA LEU A 272 4.98 11.38 -41.79
C LEU A 272 3.61 11.65 -42.41
N LEU A 273 3.20 12.91 -42.49
CA LEU A 273 1.87 13.27 -42.95
C LEU A 273 1.84 14.02 -44.27
N ASP A 274 2.97 14.58 -44.71
CA ASP A 274 3.03 15.47 -45.87
C ASP A 274 2.06 16.65 -45.70
N ALA A 275 1.96 17.16 -44.47
CA ALA A 275 0.99 18.20 -44.16
C ALA A 275 1.38 19.53 -44.79
N GLU A 276 2.69 19.83 -44.84
CA GLU A 276 3.13 21.06 -45.48
C GLU A 276 2.76 21.09 -46.95
N GLN A 277 2.71 19.92 -47.59
CA GLN A 277 2.26 19.83 -48.97
C GLN A 277 0.78 20.18 -49.09
N ALA A 278 0.03 20.14 -47.98
CA ALA A 278 -1.38 20.46 -47.98
C ALA A 278 -1.70 21.76 -47.25
N GLY A 279 -0.68 22.49 -46.83
CA GLY A 279 -0.89 23.81 -46.26
C GLY A 279 -0.79 23.92 -44.76
N VAL A 280 -0.36 22.87 -44.07
CA VAL A 280 -0.23 22.89 -42.61
C VAL A 280 1.24 23.11 -42.28
N ASP A 281 1.54 24.16 -41.52
CA ASP A 281 2.92 24.47 -41.20
C ASP A 281 3.45 23.50 -40.14
N VAL A 282 4.74 23.19 -40.25
CA VAL A 282 5.40 22.24 -39.36
C VAL A 282 6.74 22.83 -38.94
N GLU A 283 6.87 23.17 -37.66
CA GLU A 283 8.14 23.56 -37.06
C GLU A 283 8.64 22.44 -36.16
N ASP A 284 9.96 22.24 -36.15
CA ASP A 284 10.60 21.08 -35.52
C ASP A 284 9.97 19.84 -36.17
N GLY A 285 9.36 18.93 -35.42
CA GLY A 285 8.63 17.84 -36.02
C GLY A 285 7.18 17.86 -35.61
N ARG A 286 6.69 19.05 -35.25
CA ARG A 286 5.35 19.22 -34.69
C ARG A 286 4.52 20.12 -35.60
N VAL A 287 3.20 19.95 -35.50
CA VAL A 287 2.26 20.79 -36.23
C VAL A 287 1.99 22.04 -35.39
N ILE A 288 2.13 23.22 -36.02
CA ILE A 288 1.92 24.48 -35.32
C ILE A 288 0.44 24.76 -35.22
N VAL A 289 -0.04 25.03 -34.01
CA VAL A 289 -1.41 25.41 -33.74
C VAL A 289 -1.42 26.63 -32.84
N ASP A 290 -2.54 27.36 -32.89
CA ASP A 290 -2.73 28.55 -32.06
C ASP A 290 -3.50 28.17 -30.79
N GLU A 291 -3.98 29.18 -30.07
CA GLU A 291 -4.72 28.94 -28.83
C GLU A 291 -6.10 28.33 -29.07
N TYR A 292 -6.55 28.24 -30.33
CA TYR A 292 -7.80 27.56 -30.65
C TYR A 292 -7.55 26.21 -31.30
N GLN A 293 -6.30 25.71 -31.25
CA GLN A 293 -5.91 24.45 -31.87
C GLN A 293 -6.13 24.46 -33.37
N ARG A 294 -6.06 25.63 -33.99
CA ARG A 294 -6.20 25.78 -35.43
C ARG A 294 -4.82 25.78 -36.08
N THR A 295 -4.71 25.08 -37.20
CA THR A 295 -3.46 25.02 -37.94
C THR A 295 -3.40 26.16 -38.95
N SER A 296 -2.38 26.16 -39.80
CA SER A 296 -2.24 27.16 -40.84
C SER A 296 -3.12 26.89 -42.05
N ALA A 297 -3.88 25.81 -42.04
CA ALA A 297 -4.78 25.46 -43.13
C ALA A 297 -6.22 25.57 -42.64
N ARG A 298 -7.07 26.20 -43.46
CA ARG A 298 -8.46 26.41 -43.07
C ARG A 298 -9.17 25.07 -42.89
N GLY A 299 -9.88 24.93 -41.78
CA GLY A 299 -10.63 23.73 -41.48
C GLY A 299 -9.83 22.56 -40.96
N VAL A 300 -8.53 22.73 -40.71
CA VAL A 300 -7.66 21.66 -40.22
C VAL A 300 -7.24 22.00 -38.81
N PHE A 301 -7.59 21.13 -37.86
CA PHE A 301 -7.21 21.28 -36.46
C PHE A 301 -6.19 20.20 -36.10
N ALA A 302 -5.58 20.37 -34.93
CA ALA A 302 -4.63 19.40 -34.42
C ALA A 302 -4.70 19.37 -32.90
N LEU A 303 -4.34 18.22 -32.33
CA LEU A 303 -4.41 18.03 -30.88
C LEU A 303 -3.53 16.85 -30.50
N GLY A 304 -3.19 16.78 -29.22
CA GLY A 304 -2.42 15.66 -28.73
C GLY A 304 -0.93 15.83 -28.94
N ASP A 305 -0.24 14.69 -28.95
CA ASP A 305 1.22 14.70 -29.05
C ASP A 305 1.72 15.23 -30.38
N VAL A 306 0.88 15.23 -31.43
CA VAL A 306 1.33 15.68 -32.74
C VAL A 306 1.59 17.19 -32.76
N SER A 307 1.01 17.95 -31.82
CA SER A 307 1.14 19.41 -31.81
C SER A 307 1.43 19.98 -30.43
N SER A 308 0.92 19.41 -29.35
CA SER A 308 1.03 20.03 -28.04
C SER A 308 2.49 19.99 -27.54
N PRO A 309 2.92 21.00 -26.77
CA PRO A 309 4.22 20.91 -26.11
C PRO A 309 4.25 19.94 -24.95
N TYR A 310 3.10 19.58 -24.39
CA TYR A 310 2.99 18.61 -23.31
C TYR A 310 2.53 17.28 -23.87
N LEU A 311 3.34 16.25 -23.69
CA LEU A 311 2.96 14.90 -24.12
C LEU A 311 2.27 14.17 -22.97
N LEU A 312 1.11 14.71 -22.60
CA LEU A 312 0.32 14.21 -21.48
C LEU A 312 -1.12 13.98 -21.94
N LYS A 313 -1.75 12.97 -21.38
CA LYS A 313 -3.11 12.60 -21.81
C LYS A 313 -4.13 13.63 -21.34
N HIS A 314 -4.03 14.09 -20.09
CA HIS A 314 -4.98 15.09 -19.59
C HIS A 314 -4.86 16.40 -20.36
N VAL A 315 -3.72 16.67 -20.98
CA VAL A 315 -3.62 17.82 -21.86
C VAL A 315 -4.21 17.50 -23.23
N ALA A 316 -3.94 16.30 -23.75
CA ALA A 316 -4.50 15.90 -25.03
C ALA A 316 -6.01 15.81 -24.98
N ASN A 317 -6.57 15.46 -23.82
CA ASN A 317 -8.03 15.43 -23.68
C ASN A 317 -8.61 16.84 -23.67
N HIS A 318 -7.93 17.78 -23.02
CA HIS A 318 -8.38 19.17 -23.02
C HIS A 318 -8.30 19.76 -24.42
N GLU A 319 -7.22 19.46 -25.15
CA GLU A 319 -7.10 19.94 -26.53
C GLU A 319 -8.13 19.29 -27.44
N ALA A 320 -8.47 18.02 -27.19
CA ALA A 320 -9.51 17.38 -27.99
C ALA A 320 -10.88 18.00 -27.72
N ARG A 321 -11.12 18.45 -26.48
CA ARG A 321 -12.38 19.12 -26.17
C ARG A 321 -12.47 20.47 -26.85
N VAL A 322 -11.34 21.17 -26.97
CA VAL A 322 -11.34 22.46 -27.66
C VAL A 322 -11.61 22.28 -29.14
N VAL A 323 -10.96 21.29 -29.76
CA VAL A 323 -11.21 21.00 -31.18
C VAL A 323 -12.67 20.58 -31.39
N GLN A 324 -13.20 19.76 -30.48
CA GLN A 324 -14.57 19.30 -30.61
C GLN A 324 -15.56 20.47 -30.63
N HIS A 325 -15.29 21.50 -29.82
CA HIS A 325 -16.17 22.66 -29.78
C HIS A 325 -15.92 23.59 -30.95
N ASN A 326 -14.64 23.84 -31.28
CA ASN A 326 -14.31 24.81 -32.32
C ASN A 326 -14.60 24.29 -33.73
N LEU A 327 -14.77 22.98 -33.90
CA LEU A 327 -15.14 22.46 -35.22
C LEU A 327 -16.55 22.91 -35.63
N LEU A 328 -17.47 23.04 -34.66
CA LEU A 328 -18.83 23.46 -34.96
C LEU A 328 -18.96 24.98 -35.10
N CYS A 329 -17.90 25.73 -34.81
CA CYS A 329 -17.92 27.18 -34.96
C CYS A 329 -17.35 27.57 -36.32
N ASP A 330 -17.66 28.79 -36.73
CA ASP A 330 -17.10 29.32 -37.97
C ASP A 330 -15.59 29.51 -37.81
N TRP A 331 -14.87 29.32 -38.92
CA TRP A 331 -13.41 29.33 -38.87
C TRP A 331 -12.86 30.70 -38.49
N GLU A 332 -13.60 31.78 -38.81
CA GLU A 332 -13.15 33.12 -38.49
C GLU A 332 -13.78 33.70 -37.23
N ASP A 333 -14.75 33.00 -36.64
CA ASP A 333 -15.42 33.46 -35.42
C ASP A 333 -14.60 33.08 -34.19
N THR A 334 -13.38 33.63 -34.13
CA THR A 334 -12.45 33.29 -33.05
C THR A 334 -12.95 33.73 -31.68
N GLN A 335 -13.77 34.79 -31.63
CA GLN A 335 -14.26 35.25 -30.33
C GLN A 335 -15.34 34.33 -29.76
N SER A 336 -15.98 33.51 -30.59
CA SER A 336 -16.94 32.52 -30.11
C SER A 336 -16.31 31.16 -29.87
N MET A 337 -15.01 31.03 -30.11
CA MET A 337 -14.28 29.79 -29.88
C MET A 337 -13.74 29.73 -28.46
N ILE A 338 -13.29 28.55 -28.06
CA ILE A 338 -12.73 28.35 -26.73
C ILE A 338 -11.21 28.29 -26.84
N VAL A 339 -10.54 28.79 -25.80
CA VAL A 339 -9.08 28.89 -25.76
C VAL A 339 -8.51 27.73 -24.95
N THR A 340 -7.41 27.16 -25.45
CA THR A 340 -6.74 26.09 -24.73
C THR A 340 -5.98 26.65 -23.53
N ASP A 341 -6.16 26.04 -22.37
CA ASP A 341 -5.57 26.51 -21.12
C ASP A 341 -4.35 25.65 -20.80
N HIS A 342 -3.16 26.25 -20.91
CA HIS A 342 -1.90 25.62 -20.57
C HIS A 342 -1.21 26.32 -19.39
N ARG A 343 -2.00 26.95 -18.52
CA ARG A 343 -1.42 27.79 -17.48
C ARG A 343 -0.85 26.97 -16.32
N TYR A 344 -1.50 25.87 -15.95
CA TYR A 344 -1.06 25.06 -14.82
C TYR A 344 -1.16 23.57 -15.19
N VAL A 345 -0.24 23.14 -16.05
CA VAL A 345 -0.20 21.74 -16.50
C VAL A 345 0.60 20.91 -15.49
N PRO A 346 -0.01 19.90 -14.86
CA PRO A 346 0.73 19.05 -13.94
C PRO A 346 1.23 17.79 -14.61
N ALA A 347 2.12 17.06 -13.93
CA ALA A 347 2.62 15.80 -14.44
C ALA A 347 3.10 14.97 -13.28
N ALA A 348 3.04 13.65 -13.44
CA ALA A 348 3.44 12.73 -12.40
C ALA A 348 4.37 11.67 -12.97
N VAL A 349 5.24 11.14 -12.12
CA VAL A 349 6.15 10.05 -12.47
C VAL A 349 5.90 8.94 -11.46
N PHE A 350 5.38 7.81 -11.93
CA PHE A 350 4.97 6.72 -11.03
C PHE A 350 6.16 5.79 -10.78
N THR A 351 7.12 6.33 -10.01
CA THR A 351 8.29 5.62 -9.55
C THR A 351 8.21 5.46 -8.04
N ASP A 352 9.24 4.86 -7.45
CA ASP A 352 9.39 4.78 -6.00
C ASP A 352 10.67 5.53 -5.64
N PRO A 353 10.60 6.69 -4.98
CA PRO A 353 9.39 7.41 -4.55
C PRO A 353 8.63 8.04 -5.72
N GLN A 354 7.34 8.30 -5.54
CA GLN A 354 6.52 8.89 -6.59
C GLN A 354 6.77 10.39 -6.70
N ILE A 355 6.72 10.91 -7.92
CA ILE A 355 7.00 12.32 -8.20
C ILE A 355 5.78 12.92 -8.88
N ALA A 356 5.39 14.12 -8.43
CA ALA A 356 4.31 14.87 -9.04
C ALA A 356 4.62 16.36 -8.91
N ALA A 357 4.42 17.10 -9.99
CA ALA A 357 4.81 18.50 -10.03
C ALA A 357 3.83 19.29 -10.88
N VAL A 358 3.71 20.57 -10.57
CA VAL A 358 2.90 21.50 -11.35
C VAL A 358 3.46 22.90 -11.15
N GLY A 359 3.50 23.67 -12.23
CA GLY A 359 3.97 25.05 -12.16
C GLY A 359 5.45 25.21 -12.40
N LEU A 360 6.04 26.23 -11.79
CA LEU A 360 7.45 26.56 -12.01
C LEU A 360 8.32 25.90 -10.96
N THR A 361 9.57 25.63 -11.33
CA THR A 361 10.57 25.17 -10.39
C THR A 361 11.25 26.36 -9.74
N GLU A 362 12.06 26.08 -8.70
CA GLU A 362 12.77 27.16 -8.02
C GLU A 362 13.71 27.89 -8.98
N ASN A 363 14.43 27.15 -9.82
CA ASN A 363 15.34 27.76 -10.77
C ASN A 363 14.59 28.49 -11.87
N GLN A 364 13.43 27.96 -12.26
CA GLN A 364 12.62 28.63 -13.28
C GLN A 364 12.08 29.96 -12.76
N ALA A 365 11.70 30.01 -11.49
CA ALA A 365 11.22 31.26 -10.90
C ALA A 365 12.35 32.27 -10.74
N VAL A 366 13.55 31.78 -10.40
CA VAL A 366 14.70 32.68 -10.26
C VAL A 366 15.09 33.27 -11.60
N ALA A 367 15.01 32.47 -12.67
CA ALA A 367 15.35 32.97 -14.00
C ALA A 367 14.42 34.10 -14.43
N LYS A 368 13.19 34.10 -13.94
CA LYS A 368 12.23 35.16 -14.22
C LYS A 368 12.32 36.32 -13.24
N GLY A 369 13.31 36.30 -12.34
CA GLY A 369 13.49 37.40 -11.41
C GLY A 369 12.35 37.62 -10.45
N LEU A 370 11.74 36.54 -9.96
CA LEU A 370 10.61 36.65 -9.04
C LEU A 370 11.11 36.54 -7.60
N ASP A 371 10.53 37.37 -6.73
CA ASP A 371 10.84 37.32 -5.30
C ASP A 371 10.02 36.19 -4.67
N ILE A 372 10.69 35.10 -4.29
CA ILE A 372 10.00 33.88 -3.91
C ILE A 372 10.42 33.47 -2.50
N SER A 373 9.52 32.77 -1.82
CA SER A 373 9.82 32.05 -0.59
C SER A 373 9.63 30.56 -0.85
N VAL A 374 10.52 29.75 -0.29
CA VAL A 374 10.56 28.31 -0.57
C VAL A 374 10.58 27.55 0.75
N LYS A 375 9.75 26.52 0.84
CA LYS A 375 9.70 25.63 1.99
C LYS A 375 9.74 24.19 1.51
N ILE A 376 10.56 23.37 2.16
CA ILE A 376 10.66 21.95 1.86
C ILE A 376 10.26 21.20 3.13
N GLN A 377 9.05 20.66 3.14
CA GLN A 377 8.51 19.97 4.29
C GLN A 377 8.71 18.46 4.15
N ASP A 378 9.15 17.82 5.23
CA ASP A 378 9.43 16.39 5.23
C ASP A 378 8.19 15.58 5.60
N TYR A 379 8.02 14.44 4.94
CA TYR A 379 6.95 13.51 5.29
C TYR A 379 7.07 13.07 6.75
N GLY A 380 8.31 12.85 7.21
CA GLY A 380 8.55 12.34 8.55
C GLY A 380 8.18 13.29 9.67
N ASP A 381 7.90 14.56 9.37
CA ASP A 381 7.48 15.52 10.36
C ASP A 381 5.96 15.60 10.50
N VAL A 382 5.25 14.59 10.02
CA VAL A 382 3.79 14.54 10.06
C VAL A 382 3.37 13.20 10.65
N ALA A 383 2.27 13.22 11.40
CA ALA A 383 1.81 12.01 12.09
C ALA A 383 1.63 10.85 11.13
N TYR A 384 1.14 11.12 9.91
CA TYR A 384 1.01 10.05 8.93
C TYR A 384 2.37 9.55 8.47
N GLY A 385 3.36 10.44 8.37
CA GLY A 385 4.70 9.99 8.05
C GLY A 385 5.33 9.11 9.12
N TRP A 386 4.93 9.33 10.38
CA TRP A 386 5.41 8.46 11.45
C TRP A 386 4.93 7.03 11.26
N ALA A 387 3.64 6.86 10.92
CA ALA A 387 3.10 5.53 10.67
C ALA A 387 3.77 4.87 9.48
N MET A 388 4.23 5.67 8.51
CA MET A 388 4.95 5.14 7.36
C MET A 388 6.41 4.86 7.66
N GLU A 389 6.94 5.40 8.75
CA GLU A 389 8.38 5.39 9.03
C GLU A 389 9.14 5.95 7.83
N ASP A 390 8.58 7.00 7.23
CA ASP A 390 9.16 7.61 6.05
C ASP A 390 10.37 8.47 6.43
N THR A 391 11.42 8.39 5.61
CA THR A 391 12.64 9.13 5.90
C THR A 391 13.21 9.83 4.67
N SER A 392 12.40 10.07 3.65
CA SER A 392 12.91 10.65 2.41
C SER A 392 11.86 11.48 1.68
N GLY A 393 10.58 11.24 2.00
CA GLY A 393 9.52 11.96 1.32
C GLY A 393 9.54 13.44 1.68
N ILE A 394 9.39 14.29 0.66
CA ILE A 394 9.41 15.75 0.84
C ILE A 394 8.34 16.39 -0.03
N VAL A 395 7.90 17.58 0.38
CA VAL A 395 6.99 18.41 -0.38
C VAL A 395 7.60 19.80 -0.50
N LYS A 396 7.73 20.29 -1.73
CA LYS A 396 8.40 21.56 -2.01
C LYS A 396 7.40 22.56 -2.56
N LEU A 397 7.31 23.72 -1.92
CA LEU A 397 6.39 24.78 -2.31
C LEU A 397 7.15 26.06 -2.59
N ILE A 398 6.79 26.73 -3.68
CA ILE A 398 7.38 28.01 -4.07
C ILE A 398 6.23 29.00 -4.23
N THR A 399 6.32 30.11 -3.51
CA THR A 399 5.30 31.16 -3.56
C THR A 399 5.93 32.48 -3.94
N GLU A 400 5.14 33.32 -4.60
CA GLU A 400 5.56 34.69 -4.89
C GLU A 400 5.42 35.52 -3.62
N ARG A 401 6.53 36.12 -3.19
CA ARG A 401 6.54 36.81 -1.90
C ARG A 401 5.59 38.00 -1.88
N GLY A 402 5.43 38.67 -3.03
CA GLY A 402 4.54 39.81 -3.10
C GLY A 402 3.08 39.46 -2.90
N SER A 403 2.52 38.67 -3.82
CA SER A 403 1.10 38.34 -3.76
C SER A 403 0.81 37.23 -2.74
N GLY A 404 1.79 36.39 -2.44
CA GLY A 404 1.58 35.26 -1.55
C GLY A 404 0.89 34.08 -2.19
N ARG A 405 0.80 34.03 -3.51
CA ARG A 405 0.13 32.96 -4.23
C ARG A 405 1.16 31.92 -4.67
N LEU A 406 0.69 30.67 -4.82
CA LEU A 406 1.56 29.57 -5.19
C LEU A 406 2.10 29.73 -6.60
N LEU A 407 3.43 29.61 -6.74
CA LEU A 407 4.10 29.64 -8.04
C LEU A 407 4.43 28.25 -8.56
N GLY A 408 4.78 27.31 -7.68
CA GLY A 408 5.07 25.96 -8.10
C GLY A 408 4.96 25.01 -6.93
N ALA A 409 4.69 23.75 -7.25
CA ALA A 409 4.54 22.70 -6.24
C ALA A 409 5.21 21.43 -6.75
N HIS A 410 6.06 20.83 -5.91
CA HIS A 410 6.79 19.64 -6.28
C HIS A 410 6.78 18.67 -5.10
N ILE A 411 6.21 17.49 -5.32
CA ILE A 411 6.06 16.47 -4.29
C ILE A 411 6.82 15.22 -4.72
N MET A 412 7.64 14.68 -3.81
CA MET A 412 8.35 13.42 -4.02
C MET A 412 8.09 12.53 -2.82
N GLY A 413 7.18 11.57 -2.97
CA GLY A 413 6.86 10.68 -1.87
C GLY A 413 5.59 9.91 -2.15
N TYR A 414 5.12 9.24 -1.10
CA TYR A 414 3.92 8.41 -1.19
C TYR A 414 2.71 9.26 -1.56
N GLN A 415 1.90 8.75 -2.49
CA GLN A 415 0.67 9.41 -2.93
C GLN A 415 0.95 10.81 -3.48
N ALA A 416 2.03 10.93 -4.25
CA ALA A 416 2.44 12.23 -4.77
C ALA A 416 1.41 12.80 -5.75
N SER A 417 0.90 11.96 -6.67
CA SER A 417 -0.04 12.46 -7.67
C SER A 417 -1.40 12.79 -7.07
N SER A 418 -1.71 12.25 -5.90
CA SER A 418 -2.96 12.54 -5.21
C SER A 418 -2.82 13.71 -4.24
N LEU A 419 -1.66 13.86 -3.61
CA LEU A 419 -1.44 14.94 -2.67
C LEU A 419 -1.38 16.29 -3.37
N ILE A 420 -0.97 16.31 -4.64
CA ILE A 420 -0.77 17.56 -5.35
C ILE A 420 -2.07 18.19 -5.82
N GLN A 421 -3.17 17.44 -5.84
CA GLN A 421 -4.42 17.98 -6.39
C GLN A 421 -4.94 19.20 -5.65
N PRO A 422 -4.94 19.27 -4.31
CA PRO A 422 -5.31 20.53 -3.66
C PRO A 422 -4.42 21.69 -4.06
N LEU A 423 -3.14 21.43 -4.33
CA LEU A 423 -2.23 22.49 -4.77
C LEU A 423 -2.54 22.92 -6.20
N ILE A 424 -2.92 21.96 -7.06
CA ILE A 424 -3.35 22.31 -8.41
C ILE A 424 -4.59 23.19 -8.36
N GLN A 425 -5.49 22.91 -7.40
CA GLN A 425 -6.72 23.69 -7.29
C GLN A 425 -6.44 25.12 -6.88
N ALA A 426 -5.55 25.32 -5.90
CA ALA A 426 -5.23 26.67 -5.44
C ALA A 426 -4.56 27.50 -6.54
N MET A 427 -3.65 26.89 -7.29
CA MET A 427 -2.96 27.62 -8.35
C MET A 427 -3.91 27.96 -9.49
N SER A 428 -4.75 27.01 -9.89
CA SER A 428 -5.64 27.24 -11.03
C SER A 428 -6.69 28.30 -10.73
N PHE A 429 -7.08 28.45 -9.46
CA PHE A 429 -8.14 29.39 -9.08
C PHE A 429 -7.62 30.57 -8.28
N GLY A 430 -6.31 30.73 -8.15
CA GLY A 430 -5.74 31.91 -7.52
C GLY A 430 -5.96 31.98 -6.02
N LEU A 431 -5.73 30.88 -5.32
CA LEU A 431 -5.86 30.84 -3.86
C LEU A 431 -4.48 30.99 -3.24
N THR A 432 -4.35 31.93 -2.31
CA THR A 432 -3.05 32.19 -1.69
C THR A 432 -2.67 31.05 -0.74
N ALA A 433 -1.36 30.99 -0.44
CA ALA A 433 -0.86 29.95 0.44
C ALA A 433 -1.42 30.11 1.85
N ALA A 434 -1.51 31.35 2.33
CA ALA A 434 -2.04 31.59 3.67
C ALA A 434 -3.50 31.18 3.77
N GLU A 435 -4.29 31.53 2.76
CA GLU A 435 -5.70 31.13 2.75
C GLU A 435 -5.84 29.62 2.70
N MET A 436 -5.06 28.96 1.84
CA MET A 436 -5.18 27.53 1.66
C MET A 436 -4.81 26.75 2.93
N ALA A 437 -3.87 27.26 3.72
CA ALA A 437 -3.40 26.49 4.87
C ALA A 437 -4.38 26.53 6.03
N ARG A 438 -4.96 27.69 6.32
CA ARG A 438 -5.77 27.90 7.50
C ARG A 438 -7.19 28.36 7.22
N GLY A 439 -7.56 28.54 5.96
CA GLY A 439 -8.93 28.90 5.63
C GLY A 439 -9.78 27.69 5.35
N GLN A 440 -9.31 26.52 5.81
CA GLN A 440 -10.00 25.26 5.61
C GLN A 440 -9.44 24.25 6.61
N TYR A 441 -10.21 23.19 6.84
CA TYR A 441 -9.81 22.14 7.76
C TYR A 441 -9.01 21.06 7.03
N TRP A 442 -8.06 20.47 7.76
CA TRP A 442 -7.30 19.33 7.29
C TRP A 442 -7.51 18.18 8.25
N ILE A 443 -7.84 17.00 7.72
CA ILE A 443 -8.18 15.87 8.58
C ILE A 443 -6.95 15.39 9.33
N HIS A 444 -7.08 15.23 10.64
CA HIS A 444 -6.02 14.70 11.49
C HIS A 444 -6.31 13.24 11.81
N PRO A 445 -5.31 12.36 11.71
CA PRO A 445 -3.95 12.60 11.24
C PRO A 445 -3.75 12.10 9.81
N ALA A 446 -4.45 12.69 8.84
CA ALA A 446 -4.34 12.22 7.47
C ALA A 446 -3.01 12.64 6.86
N LEU A 447 -2.76 12.13 5.66
CA LEU A 447 -1.51 12.40 4.95
C LEU A 447 -1.44 13.84 4.44
N PRO A 448 -2.52 14.43 3.89
CA PRO A 448 -2.42 15.82 3.40
C PRO A 448 -1.95 16.83 4.43
N GLU A 449 -1.79 16.45 5.70
CA GLU A 449 -1.19 17.37 6.66
C GLU A 449 0.21 17.80 6.26
N VAL A 450 0.90 16.96 5.48
CA VAL A 450 2.23 17.33 5.00
C VAL A 450 2.16 18.50 4.03
N VAL A 451 1.04 18.64 3.32
CA VAL A 451 0.87 19.80 2.45
C VAL A 451 0.46 21.03 3.27
N GLU A 452 -0.37 20.83 4.29
CA GLU A 452 -0.73 21.93 5.18
C GLU A 452 0.51 22.50 5.87
N ASN A 453 1.33 21.63 6.46
CA ASN A 453 2.52 22.09 7.16
C ASN A 453 3.55 22.68 6.20
N ALA A 454 3.55 22.24 4.93
CA ALA A 454 4.41 22.86 3.94
C ALA A 454 3.97 24.30 3.66
N LEU A 455 2.66 24.54 3.68
CA LEU A 455 2.15 25.90 3.50
C LEU A 455 2.43 26.76 4.72
N LEU A 456 2.35 26.16 5.92
CA LEU A 456 2.57 26.92 7.14
C LEU A 456 4.03 27.33 7.28
N GLY A 457 4.95 26.47 6.86
CA GLY A 457 6.36 26.73 6.97
C GLY A 457 6.91 27.73 5.99
N LEU A 458 6.08 28.22 5.07
CA LEU A 458 6.49 29.20 4.07
C LEU A 458 6.71 30.55 4.76
N ARG A 459 7.85 30.66 5.43
CA ARG A 459 8.20 31.90 6.12
C ARG A 459 9.22 32.68 5.31
N MET B 1 -0.25 31.04 49.68
CA MET B 1 -0.89 30.65 48.43
C MET B 1 -0.16 31.22 47.22
N GLU B 2 -0.29 30.54 46.10
CA GLU B 2 0.38 30.92 44.87
C GLU B 2 -0.55 31.75 43.98
N THR B 3 0.05 32.53 43.09
CA THR B 3 -0.69 33.40 42.18
C THR B 3 -0.17 33.24 40.77
N TYR B 4 -1.10 33.13 39.82
CA TYR B 4 -0.77 32.96 38.41
C TYR B 4 -1.62 33.90 37.56
N ASP B 5 -1.05 34.32 36.44
CA ASP B 5 -1.78 35.14 35.49
C ASP B 5 -2.71 34.32 34.60
N ILE B 6 -2.41 33.03 34.41
CA ILE B 6 -3.22 32.16 33.57
C ILE B 6 -3.00 30.73 34.02
N ALA B 7 -4.08 29.94 33.99
CA ALA B 7 -4.03 28.53 34.33
C ALA B 7 -4.70 27.73 33.22
N ILE B 8 -4.09 26.62 32.84
CA ILE B 8 -4.60 25.76 31.78
C ILE B 8 -4.79 24.36 32.35
N ILE B 9 -5.98 23.80 32.17
CA ILE B 9 -6.30 22.45 32.62
C ILE B 9 -6.31 21.55 31.40
N GLY B 10 -5.30 20.67 31.30
CA GLY B 10 -5.19 19.76 30.18
C GLY B 10 -4.04 20.09 29.26
N THR B 11 -3.17 19.10 29.00
CA THR B 11 -2.00 19.28 28.15
C THR B 11 -2.19 18.68 26.76
N GLY B 12 -3.43 18.65 26.27
CA GLY B 12 -3.67 18.19 24.92
C GLY B 12 -3.50 19.31 23.91
N SER B 13 -4.63 19.82 23.39
CA SER B 13 -4.57 21.02 22.56
C SER B 13 -4.38 22.28 23.38
N GLY B 14 -4.69 22.25 24.67
CA GLY B 14 -4.45 23.38 25.53
C GLY B 14 -2.98 23.67 25.77
N ASN B 15 -2.12 22.65 25.64
CA ASN B 15 -0.68 22.85 25.78
C ASN B 15 -0.14 23.74 24.67
N SER B 16 -0.83 23.84 23.55
CA SER B 16 -0.41 24.67 22.42
C SER B 16 -0.94 26.10 22.53
N ILE B 17 -0.91 26.68 23.73
CA ILE B 17 -1.41 28.04 23.95
C ILE B 17 -0.30 28.97 24.42
N LEU B 18 0.50 28.51 25.39
CA LEU B 18 1.56 29.35 25.94
C LEU B 18 2.71 29.56 24.95
N ASP B 19 2.62 30.61 24.15
CA ASP B 19 3.69 30.99 23.22
C ASP B 19 4.66 31.93 23.95
N GLU B 20 5.48 32.66 23.20
CA GLU B 20 6.35 33.66 23.81
C GLU B 20 5.60 34.91 24.25
N ARG B 21 4.34 35.09 23.84
CA ARG B 21 3.58 36.24 24.32
C ARG B 21 3.28 36.13 25.81
N TYR B 22 3.26 34.93 26.37
CA TYR B 22 3.06 34.71 27.80
C TYR B 22 4.36 34.54 28.56
N ALA B 23 5.51 34.80 27.92
CA ALA B 23 6.79 34.64 28.58
C ALA B 23 6.99 35.62 29.74
N SER B 24 6.23 36.71 29.79
CA SER B 24 6.34 37.68 30.85
C SER B 24 5.35 37.46 31.98
N LYS B 25 4.46 36.48 31.84
CA LYS B 25 3.48 36.16 32.86
C LYS B 25 3.79 34.79 33.47
N ARG B 26 3.15 34.52 34.60
CA ARG B 26 3.29 33.26 35.30
C ARG B 26 2.09 32.38 34.97
N ALA B 27 2.35 31.13 34.63
CA ALA B 27 1.30 30.21 34.19
C ALA B 27 1.37 28.91 34.99
N ALA B 28 0.21 28.31 35.19
CA ALA B 28 0.09 27.03 35.88
C ALA B 28 -0.60 26.05 34.96
N ILE B 29 0.01 24.90 34.75
CA ILE B 29 -0.51 23.85 33.88
C ILE B 29 -0.91 22.66 34.73
N CYS B 30 -2.09 22.10 34.46
CA CYS B 30 -2.63 20.98 35.20
C CYS B 30 -2.79 19.79 34.27
N GLU B 31 -2.30 18.62 34.71
CA GLU B 31 -2.37 17.41 33.91
C GLU B 31 -2.47 16.23 34.87
N GLN B 32 -3.69 15.72 35.07
CA GLN B 32 -3.89 14.62 36.00
C GLN B 32 -3.39 13.30 35.43
N GLY B 33 -3.45 13.15 34.11
CA GLY B 33 -3.02 11.94 33.43
C GLY B 33 -1.63 12.07 32.86
N THR B 34 -1.39 11.37 31.75
CA THR B 34 -0.11 11.44 31.08
C THR B 34 0.00 12.72 30.26
N PHE B 35 1.21 13.28 30.24
CA PHE B 35 1.44 14.55 29.57
C PHE B 35 1.36 14.39 28.05
N GLY B 36 0.78 15.38 27.39
CA GLY B 36 0.66 15.38 25.94
C GLY B 36 -0.75 15.25 25.42
N GLY B 37 -1.70 14.87 26.26
CA GLY B 37 -3.08 14.73 25.83
C GLY B 37 -3.44 13.32 25.42
N THR B 38 -4.64 13.20 24.87
CA THR B 38 -5.15 11.89 24.48
C THR B 38 -4.67 11.50 23.09
N CYS B 39 -4.71 12.43 22.14
CA CYS B 39 -4.41 12.10 20.75
C CYS B 39 -2.96 11.66 20.58
N LEU B 40 -2.04 12.26 21.34
CA LEU B 40 -0.64 11.88 21.21
C LEU B 40 -0.36 10.53 21.84
N ASN B 41 -0.93 10.26 23.00
CA ASN B 41 -0.55 9.09 23.78
C ASN B 41 -1.43 7.88 23.51
N VAL B 42 -2.76 8.05 23.48
CA VAL B 42 -3.67 6.93 23.31
C VAL B 42 -4.80 7.30 22.36
N GLY B 43 -4.50 8.09 21.34
CA GLY B 43 -5.53 8.57 20.45
C GLY B 43 -5.22 8.41 18.98
N CYS B 44 -5.18 9.53 18.25
CA CYS B 44 -5.04 9.49 16.79
C CYS B 44 -3.68 8.92 16.38
N ILE B 45 -2.60 9.48 16.93
CA ILE B 45 -1.24 9.17 16.47
C ILE B 45 -0.88 7.71 16.73
N PRO B 46 -1.07 7.16 17.95
CA PRO B 46 -0.74 5.73 18.12
C PRO B 46 -1.63 4.81 17.29
N THR B 47 -2.93 5.09 17.23
CA THR B 47 -3.85 4.22 16.50
C THR B 47 -3.50 4.15 15.02
N LYS B 48 -3.29 5.31 14.39
CA LYS B 48 -3.00 5.33 12.96
C LYS B 48 -1.65 4.68 12.64
N MET B 49 -0.75 4.60 13.61
CA MET B 49 0.49 3.85 13.40
C MET B 49 0.20 2.36 13.31
N PHE B 50 -0.62 1.84 14.22
CA PHE B 50 -1.04 0.45 14.13
C PHE B 50 -1.87 0.20 12.88
N VAL B 51 -2.64 1.20 12.45
CA VAL B 51 -3.45 1.04 11.25
C VAL B 51 -2.56 0.78 10.03
N TYR B 52 -1.50 1.57 9.89
CA TYR B 52 -0.62 1.41 8.74
C TYR B 52 0.05 0.04 8.75
N ALA B 53 0.43 -0.44 9.93
CA ALA B 53 1.00 -1.78 10.03
C ALA B 53 -0.03 -2.83 9.62
N ALA B 54 -1.31 -2.59 9.91
CA ALA B 54 -2.35 -3.52 9.49
C ALA B 54 -2.52 -3.53 7.98
N GLU B 55 -2.40 -2.37 7.33
CA GLU B 55 -2.52 -2.33 5.88
C GLU B 55 -1.38 -3.07 5.20
N VAL B 56 -0.20 -3.07 5.81
CA VAL B 56 0.92 -3.84 5.26
C VAL B 56 0.60 -5.33 5.32
N ALA B 57 0.06 -5.80 6.45
CA ALA B 57 -0.28 -7.21 6.56
C ALA B 57 -1.38 -7.61 5.60
N LYS B 58 -2.40 -6.77 5.44
CA LYS B 58 -3.49 -7.09 4.52
C LYS B 58 -3.02 -7.06 3.07
N THR B 59 -2.10 -6.17 2.73
CA THR B 59 -1.56 -6.13 1.37
C THR B 59 -0.83 -7.43 1.06
N ILE B 60 -0.07 -7.96 2.01
CA ILE B 60 0.62 -9.22 1.81
C ILE B 60 -0.39 -10.36 1.67
N ARG B 61 -1.45 -10.33 2.48
CA ARG B 61 -2.39 -11.44 2.52
C ARG B 61 -3.22 -11.52 1.25
N GLY B 62 -3.48 -10.39 0.61
CA GLY B 62 -4.27 -10.37 -0.61
C GLY B 62 -3.45 -10.05 -1.85
N ALA B 63 -2.16 -10.43 -1.82
CA ALA B 63 -1.27 -10.14 -2.93
C ALA B 63 -1.49 -11.05 -4.13
N SER B 64 -2.05 -12.25 -3.93
CA SER B 64 -2.32 -13.15 -5.04
C SER B 64 -3.31 -12.55 -6.04
N ARG B 65 -4.11 -11.58 -5.60
CA ARG B 65 -5.05 -10.89 -6.49
C ARG B 65 -4.33 -10.24 -7.66
N TYR B 66 -3.07 -9.85 -7.49
CA TYR B 66 -2.31 -9.15 -8.51
C TYR B 66 -1.23 -10.00 -9.17
N GLY B 67 -1.09 -11.27 -8.79
CA GLY B 67 -0.12 -12.16 -9.40
C GLY B 67 1.11 -12.45 -8.57
N ILE B 68 1.18 -11.97 -7.33
CA ILE B 68 2.31 -12.22 -6.45
C ILE B 68 1.84 -13.09 -5.29
N ASP B 69 2.35 -14.31 -5.21
CA ASP B 69 2.01 -15.22 -4.14
C ASP B 69 2.98 -15.04 -2.98
N ALA B 70 2.47 -14.55 -1.85
CA ALA B 70 3.27 -14.33 -0.66
C ALA B 70 2.46 -14.73 0.55
N HIS B 71 3.13 -14.79 1.71
CA HIS B 71 2.45 -15.16 2.94
C HIS B 71 3.23 -14.58 4.12
N ILE B 72 2.50 -14.27 5.18
CA ILE B 72 3.12 -13.72 6.39
C ILE B 72 3.67 -14.87 7.23
N ASP B 73 4.97 -14.82 7.50
CA ASP B 73 5.61 -15.85 8.31
C ASP B 73 5.37 -15.63 9.79
N ARG B 74 5.31 -14.37 10.23
CA ARG B 74 5.12 -14.04 11.63
C ARG B 74 4.72 -12.57 11.73
N VAL B 75 3.90 -12.27 12.72
CA VAL B 75 3.51 -10.90 13.03
C VAL B 75 4.09 -10.59 14.40
N ARG B 76 5.23 -9.88 14.42
CA ARG B 76 5.92 -9.56 15.67
C ARG B 76 5.20 -8.40 16.34
N TRP B 77 4.08 -8.74 17.01
CA TRP B 77 3.29 -7.71 17.68
C TRP B 77 4.07 -7.01 18.77
N ASP B 78 4.96 -7.75 19.46
CA ASP B 78 5.78 -7.14 20.50
C ASP B 78 6.66 -6.03 19.93
N ASP B 79 7.22 -6.26 18.74
CA ASP B 79 8.07 -5.24 18.12
C ASP B 79 7.24 -4.10 17.56
N VAL B 80 5.99 -4.35 17.18
CA VAL B 80 5.13 -3.28 16.69
C VAL B 80 4.79 -2.31 17.82
N VAL B 81 4.46 -2.84 18.99
CA VAL B 81 4.13 -1.99 20.13
C VAL B 81 5.34 -1.18 20.57
N SER B 82 6.51 -1.83 20.66
CA SER B 82 7.72 -1.12 21.09
C SER B 82 8.14 -0.07 20.07
N ARG B 83 7.91 -0.32 18.78
CA ARG B 83 8.24 0.67 17.77
C ARG B 83 7.32 1.88 17.85
N VAL B 84 6.02 1.65 18.07
CA VAL B 84 5.06 2.75 18.10
C VAL B 84 5.27 3.60 19.34
N PHE B 85 5.22 2.99 20.52
CA PHE B 85 5.33 3.74 21.76
C PHE B 85 6.77 4.12 22.10
N GLY B 86 7.75 3.48 21.47
CA GLY B 86 9.13 3.95 21.59
C GLY B 86 9.34 5.32 21.00
N ARG B 87 8.47 5.73 20.08
CA ARG B 87 8.48 7.08 19.52
C ARG B 87 7.62 8.03 20.33
N ILE B 88 6.50 7.55 20.85
CA ILE B 88 5.51 8.43 21.46
C ILE B 88 5.89 8.76 22.90
N ASP B 89 6.24 7.74 23.68
CA ASP B 89 6.49 7.96 25.11
C ASP B 89 7.59 8.97 25.40
N PRO B 90 8.73 9.00 24.71
CA PRO B 90 9.72 10.05 24.98
C PRO B 90 9.23 11.45 24.67
N ILE B 91 8.30 11.60 23.72
CA ILE B 91 7.76 12.92 23.42
C ILE B 91 6.99 13.47 24.61
N ALA B 92 6.26 12.61 25.32
CA ALA B 92 5.54 13.03 26.51
C ALA B 92 6.49 13.49 27.62
N LEU B 93 7.66 12.86 27.72
CA LEU B 93 8.61 13.24 28.77
C LEU B 93 9.34 14.52 28.42
N SER B 94 9.82 14.62 27.17
CA SER B 94 10.54 15.83 26.77
C SER B 94 9.60 17.03 26.69
N GLY B 95 8.38 16.83 26.20
CA GLY B 95 7.41 17.91 26.18
C GLY B 95 7.01 18.36 27.56
N GLU B 96 6.96 17.44 28.52
CA GLU B 96 6.65 17.81 29.90
C GLU B 96 7.84 18.54 30.54
N ASP B 97 9.06 18.05 30.30
CA ASP B 97 10.24 18.71 30.83
C ASP B 97 10.39 20.11 30.25
N TYR B 98 9.93 20.32 29.02
CA TYR B 98 10.01 21.63 28.39
C TYR B 98 9.17 22.66 29.13
N ARG B 99 8.10 22.21 29.79
CA ARG B 99 7.22 23.12 30.52
C ARG B 99 7.65 23.32 31.97
N ARG B 100 8.06 22.24 32.64
CA ARG B 100 8.48 22.35 34.04
C ARG B 100 9.76 23.18 34.16
N CYS B 101 10.75 22.89 33.31
CA CYS B 101 12.03 23.58 33.39
C CYS B 101 11.91 25.07 33.11
N ALA B 102 10.84 25.51 32.46
CA ALA B 102 10.59 26.93 32.29
C ALA B 102 10.27 27.54 33.66
N PRO B 103 10.99 28.56 34.10
CA PRO B 103 10.74 29.11 35.44
C PRO B 103 9.40 29.82 35.57
N ASN B 104 8.84 30.34 34.47
CA ASN B 104 7.56 31.04 34.52
C ASN B 104 6.36 30.09 34.57
N ILE B 105 6.56 28.80 34.30
CA ILE B 105 5.47 27.83 34.22
C ILE B 105 5.68 26.77 35.29
N ASP B 106 4.61 26.49 36.04
CA ASP B 106 4.57 25.39 36.99
C ASP B 106 3.54 24.36 36.55
N VAL B 107 3.88 23.10 36.67
CA VAL B 107 3.06 21.99 36.20
C VAL B 107 2.55 21.22 37.41
N TYR B 108 1.22 21.09 37.51
CA TYR B 108 0.57 20.32 38.55
C TYR B 108 0.11 18.99 37.96
N ARG B 109 0.48 17.89 38.61
CA ARG B 109 0.25 16.55 38.08
C ARG B 109 -0.87 15.81 38.81
N THR B 110 -1.88 16.54 39.27
CA THR B 110 -3.04 15.94 39.91
C THR B 110 -4.31 16.59 39.37
N HIS B 111 -5.44 15.92 39.61
CA HIS B 111 -6.72 16.42 39.14
C HIS B 111 -7.05 17.75 39.82
N THR B 112 -7.44 18.73 39.02
CA THR B 112 -7.67 20.09 39.50
C THR B 112 -9.15 20.42 39.44
N ARG B 113 -9.71 20.87 40.56
CA ARG B 113 -11.10 21.25 40.66
C ARG B 113 -11.21 22.77 40.80
N PHE B 114 -12.36 23.30 40.39
CA PHE B 114 -12.64 24.72 40.57
C PHE B 114 -13.02 25.00 42.02
N GLY B 115 -12.61 26.15 42.52
CA GLY B 115 -13.01 26.59 43.84
C GLY B 115 -13.93 27.79 43.76
N PRO B 116 -14.31 28.33 44.92
CA PRO B 116 -15.14 29.54 44.93
C PRO B 116 -14.35 30.72 44.38
N VAL B 117 -15.01 31.54 43.58
CA VAL B 117 -14.36 32.71 43.01
C VAL B 117 -13.90 33.63 44.14
N GLN B 118 -12.62 34.01 44.09
CA GLN B 118 -12.03 34.80 45.15
C GLN B 118 -12.61 36.22 45.16
N ALA B 119 -12.36 36.93 46.27
CA ALA B 119 -12.89 38.28 46.42
C ALA B 119 -12.35 39.21 45.35
N ASP B 120 -11.09 39.04 44.96
CA ASP B 120 -10.45 39.88 43.96
C ASP B 120 -10.83 39.53 42.54
N GLY B 121 -11.82 38.64 42.35
CA GLY B 121 -12.27 38.28 41.03
C GLY B 121 -11.50 37.14 40.40
N ARG B 122 -10.41 36.69 41.04
CA ARG B 122 -9.59 35.61 40.51
C ARG B 122 -10.18 34.26 40.90
N TYR B 123 -9.87 33.24 40.09
CA TYR B 123 -10.43 31.91 40.27
C TYR B 123 -9.50 31.05 41.11
N LEU B 124 -10.08 30.35 42.09
CA LEU B 124 -9.32 29.44 42.94
C LEU B 124 -9.38 28.03 42.39
N LEU B 125 -8.23 27.37 42.30
CA LEU B 125 -8.13 26.00 41.83
C LEU B 125 -7.39 25.18 42.88
N ARG B 126 -7.91 23.98 43.15
CA ARG B 126 -7.33 23.09 44.14
C ARG B 126 -7.13 21.69 43.54
N THR B 127 -6.01 21.07 43.89
CA THR B 127 -5.65 19.76 43.41
C THR B 127 -5.87 18.71 44.50
N ASP B 128 -5.95 17.45 44.07
CA ASP B 128 -6.10 16.36 45.05
C ASP B 128 -4.86 16.17 45.91
N ALA B 129 -3.75 16.81 45.57
CA ALA B 129 -2.55 16.73 46.38
C ALA B 129 -2.56 17.72 47.54
N GLY B 130 -3.61 18.54 47.67
CA GLY B 130 -3.72 19.49 48.75
C GLY B 130 -3.36 20.91 48.41
N GLU B 131 -2.76 21.15 47.24
CA GLU B 131 -2.33 22.48 46.86
C GLU B 131 -3.50 23.36 46.46
N GLU B 132 -3.38 24.66 46.74
CA GLU B 132 -4.36 25.65 46.34
C GLU B 132 -3.64 26.86 45.76
N PHE B 133 -4.17 27.39 44.66
CA PHE B 133 -3.58 28.55 44.03
C PHE B 133 -4.67 29.31 43.28
N THR B 134 -4.36 30.54 42.92
CA THR B 134 -5.29 31.42 42.23
C THR B 134 -4.77 31.76 40.84
N ALA B 135 -5.70 32.14 39.96
CA ALA B 135 -5.36 32.49 38.59
C ALA B 135 -6.35 33.54 38.09
N GLU B 136 -5.86 34.46 37.27
CA GLU B 136 -6.72 35.50 36.72
C GLU B 136 -7.54 34.99 35.54
N GLN B 137 -6.88 34.34 34.58
CA GLN B 137 -7.55 33.66 33.49
C GLN B 137 -7.41 32.16 33.64
N VAL B 138 -8.38 31.42 33.11
CA VAL B 138 -8.41 29.96 33.20
C VAL B 138 -8.83 29.42 31.84
N VAL B 139 -8.10 28.40 31.37
CA VAL B 139 -8.41 27.72 30.11
C VAL B 139 -8.79 26.29 30.42
N ILE B 140 -9.97 25.87 29.93
CA ILE B 140 -10.52 24.55 30.20
C ILE B 140 -10.30 23.69 28.96
N ALA B 141 -9.45 22.66 29.09
CA ALA B 141 -9.21 21.70 28.02
C ALA B 141 -9.14 20.29 28.62
N ALA B 142 -10.18 19.91 29.34
CA ALA B 142 -10.19 18.64 30.07
C ALA B 142 -10.47 17.43 29.20
N GLY B 143 -10.84 17.62 27.94
CA GLY B 143 -11.06 16.50 27.04
C GLY B 143 -12.25 15.64 27.44
N SER B 144 -12.19 14.36 27.06
CA SER B 144 -13.25 13.40 27.30
C SER B 144 -12.66 12.10 27.85
N ARG B 145 -13.54 11.23 28.29
CA ARG B 145 -13.17 9.93 28.84
C ARG B 145 -14.10 8.86 28.27
N PRO B 146 -13.64 7.61 28.17
CA PRO B 146 -14.49 6.56 27.61
C PRO B 146 -15.72 6.30 28.46
N VAL B 147 -16.79 5.85 27.79
CA VAL B 147 -18.05 5.52 28.43
C VAL B 147 -18.27 4.01 28.32
N ILE B 148 -18.51 3.37 29.46
CA ILE B 148 -18.71 1.93 29.53
C ILE B 148 -20.18 1.68 29.85
N PRO B 149 -20.87 0.80 29.13
CA PRO B 149 -22.27 0.49 29.44
C PRO B 149 -22.40 -0.01 30.88
N PRO B 150 -23.48 0.38 31.56
CA PRO B 150 -23.63 -0.03 32.97
C PRO B 150 -23.71 -1.52 33.17
N ALA B 151 -24.28 -2.25 32.21
CA ALA B 151 -24.34 -3.70 32.33
C ALA B 151 -22.94 -4.32 32.33
N ILE B 152 -22.01 -3.72 31.60
CA ILE B 152 -20.64 -4.22 31.56
C ILE B 152 -19.91 -3.91 32.86
N LEU B 153 -20.17 -2.73 33.44
CA LEU B 153 -19.58 -2.38 34.72
C LEU B 153 -20.11 -3.28 35.84
N ALA B 154 -21.42 -3.59 35.81
CA ALA B 154 -22.01 -4.43 36.84
C ALA B 154 -21.43 -5.84 36.82
N SER B 155 -21.12 -6.36 35.64
CA SER B 155 -20.59 -7.72 35.54
C SER B 155 -19.22 -7.82 36.18
N GLY B 156 -18.45 -6.74 36.18
CA GLY B 156 -17.11 -6.77 36.72
C GLY B 156 -16.11 -7.56 35.90
N VAL B 157 -16.37 -7.72 34.61
CA VAL B 157 -15.47 -8.48 33.75
C VAL B 157 -14.27 -7.62 33.38
N ASP B 158 -13.14 -8.28 33.13
CA ASP B 158 -11.95 -7.60 32.65
C ASP B 158 -12.17 -7.17 31.21
N TYR B 159 -12.15 -5.86 30.96
CA TYR B 159 -12.38 -5.29 29.64
C TYR B 159 -11.30 -4.27 29.34
N HIS B 160 -11.22 -3.90 28.06
CA HIS B 160 -10.25 -2.93 27.58
C HIS B 160 -10.97 -1.82 26.83
N THR B 161 -10.39 -0.63 26.88
CA THR B 161 -10.85 0.51 26.10
C THR B 161 -9.73 0.98 25.17
N SER B 162 -10.02 2.03 24.39
CA SER B 162 -9.02 2.58 23.49
C SER B 162 -7.79 3.11 24.23
N ASP B 163 -7.92 3.40 25.53
CA ASP B 163 -6.79 3.92 26.29
C ASP B 163 -5.78 2.84 26.62
N THR B 164 -6.21 1.57 26.71
CA THR B 164 -5.36 0.50 27.21
C THR B 164 -5.21 -0.67 26.26
N VAL B 165 -5.97 -0.73 25.17
CA VAL B 165 -5.94 -1.91 24.31
C VAL B 165 -4.69 -1.96 23.45
N MET B 166 -4.04 -0.83 23.18
CA MET B 166 -2.88 -0.80 22.30
C MET B 166 -1.60 -1.27 22.97
N ARG B 167 -1.61 -1.46 24.29
CA ARG B 167 -0.44 -1.91 25.02
C ARG B 167 -0.59 -3.35 25.51
N ILE B 168 -1.36 -4.17 24.79
CA ILE B 168 -1.52 -5.55 25.19
C ILE B 168 -0.24 -6.33 24.89
N ALA B 169 0.02 -7.35 25.71
CA ALA B 169 1.28 -8.08 25.61
C ALA B 169 1.30 -8.96 24.37
N GLU B 170 0.23 -9.71 24.14
CA GLU B 170 0.16 -10.67 23.06
C GLU B 170 -1.13 -10.48 22.28
N LEU B 171 -1.06 -10.78 20.99
CA LEU B 171 -2.21 -10.63 20.13
C LEU B 171 -3.22 -11.74 20.44
N PRO B 172 -4.48 -11.41 20.68
CA PRO B 172 -5.46 -12.44 21.04
C PRO B 172 -5.89 -13.25 19.83
N GLU B 173 -6.46 -14.42 20.13
CA GLU B 173 -6.97 -15.28 19.07
C GLU B 173 -8.34 -14.83 18.59
N HIS B 174 -9.20 -14.41 19.53
CA HIS B 174 -10.55 -13.96 19.21
C HIS B 174 -10.86 -12.75 20.09
N ILE B 175 -11.34 -11.68 19.46
CA ILE B 175 -11.67 -10.44 20.16
C ILE B 175 -13.13 -10.10 19.90
N VAL B 176 -13.81 -9.63 20.94
CA VAL B 176 -15.18 -9.12 20.83
C VAL B 176 -15.14 -7.63 21.10
N ILE B 177 -15.58 -6.83 20.12
CA ILE B 177 -15.62 -5.39 20.24
C ILE B 177 -17.07 -4.95 20.40
N VAL B 178 -17.36 -4.26 21.50
CA VAL B 178 -18.69 -3.75 21.78
C VAL B 178 -18.69 -2.28 21.37
N GLY B 179 -19.49 -1.94 20.37
CA GLY B 179 -19.56 -0.59 19.85
C GLY B 179 -19.62 -0.60 18.33
N SER B 180 -20.15 0.48 17.78
CA SER B 180 -20.32 0.61 16.33
C SER B 180 -19.82 1.97 15.84
N GLY B 181 -18.89 2.57 16.57
CA GLY B 181 -18.41 3.91 16.30
C GLY B 181 -17.09 3.94 15.55
N PHE B 182 -16.48 5.13 15.56
CA PHE B 182 -15.23 5.32 14.84
C PHE B 182 -14.11 4.46 15.42
N ILE B 183 -14.02 4.39 16.74
CA ILE B 183 -12.98 3.58 17.38
C ILE B 183 -13.21 2.10 17.12
N ALA B 184 -14.47 1.66 17.19
CA ALA B 184 -14.77 0.23 17.02
C ALA B 184 -14.43 -0.23 15.61
N ALA B 185 -14.71 0.59 14.60
CA ALA B 185 -14.40 0.19 13.23
C ALA B 185 -12.89 0.18 12.98
N GLU B 186 -12.18 1.15 13.53
CA GLU B 186 -10.74 1.25 13.26
C GLU B 186 -9.97 0.08 13.86
N PHE B 187 -10.28 -0.29 15.11
CA PHE B 187 -9.56 -1.38 15.74
C PHE B 187 -9.98 -2.73 15.16
N ALA B 188 -11.22 -2.86 14.71
CA ALA B 188 -11.63 -4.09 14.04
C ALA B 188 -10.80 -4.30 12.77
N HIS B 189 -10.50 -3.21 12.06
CA HIS B 189 -9.64 -3.31 10.89
C HIS B 189 -8.20 -3.64 11.28
N VAL B 190 -7.74 -3.09 12.40
CA VAL B 190 -6.36 -3.32 12.83
C VAL B 190 -6.14 -4.79 13.20
N PHE B 191 -7.02 -5.33 14.05
CA PHE B 191 -6.79 -6.66 14.59
C PHE B 191 -7.07 -7.74 13.56
N SER B 192 -8.12 -7.58 12.76
CA SER B 192 -8.44 -8.60 11.75
C SER B 192 -7.36 -8.68 10.68
N ALA B 193 -6.76 -7.54 10.33
CA ALA B 193 -5.68 -7.55 9.35
C ALA B 193 -4.42 -8.21 9.88
N LEU B 194 -4.25 -8.27 11.20
CA LEU B 194 -3.09 -8.94 11.80
C LEU B 194 -3.37 -10.40 12.12
N GLY B 195 -4.52 -10.93 11.70
CA GLY B 195 -4.82 -12.34 11.87
C GLY B 195 -5.71 -12.69 13.04
N VAL B 196 -6.37 -11.71 13.66
CA VAL B 196 -7.23 -11.94 14.81
C VAL B 196 -8.67 -12.10 14.36
N ARG B 197 -9.38 -13.04 14.96
CA ARG B 197 -10.80 -13.22 14.69
C ARG B 197 -11.57 -12.14 15.44
N VAL B 198 -12.31 -11.32 14.69
CA VAL B 198 -12.97 -10.13 15.22
C VAL B 198 -14.47 -10.36 15.21
N THR B 199 -15.12 -10.10 16.34
CA THR B 199 -16.58 -10.21 16.47
C THR B 199 -17.12 -8.88 16.96
N LEU B 200 -18.01 -8.26 16.17
CA LEU B 200 -18.67 -7.02 16.56
C LEU B 200 -20.03 -7.33 17.15
N VAL B 201 -20.33 -6.70 18.28
CA VAL B 201 -21.64 -6.81 18.93
C VAL B 201 -22.17 -5.39 19.06
N ILE B 202 -23.04 -4.99 18.14
CA ILE B 202 -23.57 -3.63 18.11
C ILE B 202 -25.06 -3.68 18.40
N ARG B 203 -25.56 -2.62 19.03
CA ARG B 203 -26.98 -2.53 19.38
C ARG B 203 -27.81 -1.95 18.26
N GLY B 204 -27.20 -1.23 17.32
CA GLY B 204 -27.90 -0.65 16.20
C GLY B 204 -28.00 -1.59 15.02
N SER B 205 -28.22 -1.01 13.84
CA SER B 205 -28.36 -1.76 12.60
C SER B 205 -27.24 -1.47 11.62
N CYS B 206 -26.44 -0.43 11.84
CA CYS B 206 -25.34 -0.09 10.94
C CYS B 206 -24.10 0.28 11.73
N LEU B 207 -22.95 0.01 11.14
CA LEU B 207 -21.69 0.51 11.67
C LEU B 207 -21.53 1.94 11.17
N LEU B 208 -20.99 2.81 12.02
CA LEU B 208 -20.87 4.23 11.70
C LEU B 208 -22.21 4.78 11.25
N ARG B 209 -23.18 4.75 12.18
CA ARG B 209 -24.54 5.15 11.82
C ARG B 209 -24.64 6.66 11.59
N HIS B 210 -23.80 7.45 12.26
CA HIS B 210 -23.79 8.89 12.10
C HIS B 210 -23.13 9.34 10.80
N CYS B 211 -22.98 8.44 9.84
CA CYS B 211 -22.47 8.74 8.52
C CYS B 211 -23.60 8.60 7.49
N ASP B 212 -23.30 9.01 6.26
CA ASP B 212 -24.27 8.89 5.18
C ASP B 212 -24.73 7.46 5.03
N ASP B 213 -26.02 7.29 4.77
CA ASP B 213 -26.60 5.95 4.72
C ASP B 213 -26.01 5.10 3.58
N THR B 214 -25.60 5.74 2.48
CA THR B 214 -24.94 5.00 1.41
C THR B 214 -23.64 4.38 1.91
N ILE B 215 -22.91 5.10 2.77
CA ILE B 215 -21.67 4.56 3.32
C ILE B 215 -21.96 3.48 4.34
N CYS B 216 -22.90 3.73 5.26
CA CYS B 216 -23.21 2.76 6.30
C CYS B 216 -23.70 1.45 5.71
N GLU B 217 -24.58 1.51 4.72
CA GLU B 217 -25.13 0.29 4.15
C GLU B 217 -24.05 -0.53 3.44
N ARG B 218 -23.22 0.13 2.61
CA ARG B 218 -22.24 -0.60 1.83
C ARG B 218 -21.07 -1.06 2.70
N PHE B 219 -20.64 -0.23 3.66
CA PHE B 219 -19.52 -0.62 4.51
C PHE B 219 -19.92 -1.76 5.45
N THR B 220 -21.14 -1.73 5.97
CA THR B 220 -21.59 -2.78 6.87
C THR B 220 -21.68 -4.13 6.15
N ARG B 221 -22.10 -4.12 4.88
CA ARG B 221 -22.13 -5.36 4.11
C ARG B 221 -20.72 -5.91 3.90
N ILE B 222 -19.77 -5.04 3.58
CA ILE B 222 -18.40 -5.47 3.39
C ILE B 222 -17.78 -5.94 4.70
N ALA B 223 -18.00 -5.18 5.78
CA ALA B 223 -17.42 -5.56 7.07
C ALA B 223 -18.00 -6.86 7.59
N SER B 224 -19.28 -7.12 7.33
CA SER B 224 -19.92 -8.32 7.83
C SER B 224 -19.41 -9.59 7.16
N THR B 225 -18.76 -9.48 6.00
CA THR B 225 -18.24 -10.64 5.29
C THR B 225 -16.86 -11.04 5.76
N LYS B 226 -16.12 -10.15 6.42
CA LYS B 226 -14.80 -10.47 6.94
C LYS B 226 -14.71 -10.42 8.46
N TRP B 227 -15.68 -9.81 9.14
CA TRP B 227 -15.81 -9.87 10.58
C TRP B 227 -17.16 -10.45 10.95
N GLU B 228 -17.24 -11.07 12.11
CA GLU B 228 -18.51 -11.63 12.61
C GLU B 228 -19.30 -10.50 13.24
N LEU B 229 -20.31 -10.00 12.53
CA LEU B 229 -21.12 -8.88 12.97
C LEU B 229 -22.44 -9.38 13.56
N ARG B 230 -22.65 -9.10 14.84
CA ARG B 230 -23.90 -9.43 15.51
C ARG B 230 -24.67 -8.12 15.75
N THR B 231 -25.71 -7.89 14.95
CA THR B 231 -26.49 -6.66 15.03
C THR B 231 -27.66 -6.83 16.00
N HIS B 232 -28.12 -5.70 16.52
CA HIS B 232 -29.27 -5.64 17.44
C HIS B 232 -29.02 -6.48 18.69
N ARG B 233 -27.81 -6.39 19.23
CA ARG B 233 -27.41 -7.18 20.40
C ARG B 233 -26.72 -6.28 21.41
N ASN B 234 -26.99 -6.54 22.70
CA ASN B 234 -26.32 -5.86 23.79
C ASN B 234 -25.78 -6.89 24.76
N VAL B 235 -24.64 -6.56 25.38
CA VAL B 235 -24.07 -7.40 26.43
C VAL B 235 -24.75 -7.06 27.74
N VAL B 236 -25.27 -8.07 28.43
CA VAL B 236 -25.99 -7.86 29.67
C VAL B 236 -25.24 -8.39 30.89
N ASP B 237 -24.40 -9.41 30.72
CA ASP B 237 -23.64 -9.95 31.84
C ASP B 237 -22.39 -10.64 31.30
N GLY B 238 -21.56 -11.09 32.23
CA GLY B 238 -20.35 -11.81 31.84
C GLY B 238 -19.59 -12.24 33.08
N GLN B 239 -18.64 -13.15 32.85
CA GLN B 239 -17.75 -13.61 33.91
C GLN B 239 -16.45 -14.06 33.27
N GLN B 240 -15.43 -14.24 34.10
CA GLN B 240 -14.11 -14.64 33.62
C GLN B 240 -14.10 -16.13 33.27
N ARG B 241 -13.40 -16.45 32.18
CA ARG B 241 -13.18 -17.82 31.73
C ARG B 241 -11.68 -17.98 31.48
N GLY B 242 -10.93 -18.19 32.56
CA GLY B 242 -9.49 -18.22 32.47
C GLY B 242 -8.94 -16.85 32.09
N SER B 243 -7.99 -16.84 31.17
CA SER B 243 -7.46 -15.57 30.68
C SER B 243 -8.48 -14.79 29.86
N GLY B 244 -9.47 -15.47 29.27
CA GLY B 244 -10.47 -14.83 28.46
C GLY B 244 -11.72 -14.48 29.25
N VAL B 245 -12.78 -14.16 28.51
CA VAL B 245 -14.04 -13.75 29.09
C VAL B 245 -15.18 -14.39 28.30
N ALA B 246 -16.30 -14.61 28.98
CA ALA B 246 -17.54 -15.08 28.37
C ALA B 246 -18.65 -14.07 28.62
N LEU B 247 -19.32 -13.65 27.54
CA LEU B 247 -20.30 -12.58 27.61
C LEU B 247 -21.66 -13.12 27.19
N ARG B 248 -22.67 -12.94 28.04
CA ARG B 248 -24.04 -13.31 27.72
C ARG B 248 -24.75 -12.11 27.09
N LEU B 249 -25.42 -12.35 25.96
CA LEU B 249 -26.11 -11.30 25.23
C LEU B 249 -27.58 -11.23 25.64
N ASP B 250 -28.26 -10.20 25.12
CA ASP B 250 -29.66 -9.93 25.44
C ASP B 250 -30.63 -10.91 24.78
N ASP B 251 -30.12 -11.93 24.09
CA ASP B 251 -30.96 -12.96 23.47
C ASP B 251 -30.73 -14.33 24.08
N GLY B 252 -29.97 -14.42 25.17
CA GLY B 252 -29.67 -15.67 25.83
C GLY B 252 -28.36 -16.30 25.41
N CYS B 253 -27.84 -15.95 24.23
CA CYS B 253 -26.61 -16.53 23.75
C CYS B 253 -25.42 -16.02 24.57
N THR B 254 -24.36 -16.83 24.60
CA THR B 254 -23.12 -16.48 25.29
C THR B 254 -21.97 -16.55 24.30
N ILE B 255 -21.09 -15.55 24.37
CA ILE B 255 -19.94 -15.45 23.47
C ILE B 255 -18.67 -15.57 24.30
N ASN B 256 -17.81 -16.52 23.94
CA ASN B 256 -16.51 -16.70 24.55
C ASN B 256 -15.46 -15.99 23.71
N ALA B 257 -14.57 -15.25 24.36
CA ALA B 257 -13.57 -14.49 23.65
C ALA B 257 -12.33 -14.34 24.53
N ASP B 258 -11.23 -13.94 23.89
CA ASP B 258 -9.97 -13.73 24.59
C ASP B 258 -9.77 -12.30 25.06
N LEU B 259 -10.47 -11.34 24.47
CA LEU B 259 -10.28 -9.94 24.81
C LEU B 259 -11.56 -9.18 24.51
N LEU B 260 -11.92 -8.27 25.39
CA LEU B 260 -13.11 -7.42 25.24
C LEU B 260 -12.67 -5.98 25.03
N LEU B 261 -13.19 -5.35 23.98
CA LEU B 261 -12.90 -3.96 23.66
C LEU B 261 -14.20 -3.17 23.65
N VAL B 262 -14.26 -2.12 24.46
CA VAL B 262 -15.45 -1.27 24.56
C VAL B 262 -15.19 0.03 23.80
N ALA B 263 -16.09 0.36 22.88
CA ALA B 263 -15.98 1.58 22.09
C ALA B 263 -17.38 2.15 21.87
N THR B 264 -18.04 2.51 22.99
CA THR B 264 -19.43 2.94 22.98
C THR B 264 -19.56 4.46 23.14
N GLY B 265 -18.53 5.22 22.84
CA GLY B 265 -18.59 6.66 22.88
C GLY B 265 -17.82 7.25 24.06
N ARG B 266 -17.66 8.57 24.01
CA ARG B 266 -16.96 9.31 25.04
C ARG B 266 -17.85 10.45 25.54
N VAL B 267 -17.55 10.91 26.75
CA VAL B 267 -18.27 12.01 27.38
C VAL B 267 -17.24 12.99 27.93
N SER B 268 -17.55 14.29 27.82
CA SER B 268 -16.65 15.34 28.28
C SER B 268 -16.38 15.22 29.77
N ASN B 269 -15.21 15.69 30.17
CA ASN B 269 -14.79 15.68 31.57
C ASN B 269 -15.25 16.91 32.33
N ALA B 270 -16.26 17.62 31.82
CA ALA B 270 -16.72 18.84 32.48
C ALA B 270 -17.38 18.53 33.83
N ASP B 271 -18.02 17.37 33.96
CA ASP B 271 -18.73 17.01 35.18
C ASP B 271 -17.79 16.72 36.35
N LEU B 272 -16.47 16.73 36.13
CA LEU B 272 -15.49 16.52 37.19
C LEU B 272 -14.72 17.79 37.52
N LEU B 273 -15.30 18.96 37.24
CA LEU B 273 -14.59 20.22 37.37
C LEU B 273 -15.12 21.12 38.49
N ASP B 274 -16.33 20.88 38.99
CA ASP B 274 -17.01 21.79 39.91
C ASP B 274 -17.10 23.19 39.31
N ALA B 275 -17.33 23.24 37.99
CA ALA B 275 -17.31 24.51 37.27
C ALA B 275 -18.54 25.36 37.60
N GLU B 276 -19.70 24.74 37.77
CA GLU B 276 -20.90 25.49 38.12
C GLU B 276 -20.77 26.17 39.47
N GLN B 277 -20.00 25.58 40.39
CA GLN B 277 -19.73 26.22 41.67
C GLN B 277 -18.85 27.46 41.51
N ALA B 278 -18.15 27.60 40.38
CA ALA B 278 -17.29 28.75 40.13
C ALA B 278 -17.81 29.65 39.03
N GLY B 279 -19.00 29.40 38.51
CA GLY B 279 -19.63 30.30 37.57
C GLY B 279 -19.59 29.89 36.11
N VAL B 280 -19.15 28.67 35.81
CA VAL B 280 -19.07 28.19 34.44
C VAL B 280 -20.31 27.32 34.19
N ASP B 281 -21.09 27.68 33.17
CA ASP B 281 -22.32 26.97 32.87
C ASP B 281 -22.03 25.61 32.23
N VAL B 282 -22.87 24.63 32.58
CA VAL B 282 -22.73 23.27 32.08
C VAL B 282 -24.11 22.77 31.69
N GLU B 283 -24.33 22.56 30.39
CA GLU B 283 -25.52 21.89 29.90
C GLU B 283 -25.14 20.52 29.36
N ASP B 284 -25.99 19.53 29.61
CA ASP B 284 -25.69 18.11 29.34
C ASP B 284 -24.42 17.79 30.11
N GLY B 285 -23.35 17.33 29.47
CA GLY B 285 -22.09 17.15 30.15
C GLY B 285 -20.98 17.99 29.53
N ARG B 286 -21.35 19.09 28.88
CA ARG B 286 -20.43 19.91 28.11
C ARG B 286 -20.37 21.31 28.69
N VAL B 287 -19.26 21.99 28.42
CA VAL B 287 -19.09 23.38 28.84
C VAL B 287 -19.71 24.29 27.79
N ILE B 288 -20.53 25.22 28.23
CA ILE B 288 -21.20 26.13 27.31
C ILE B 288 -20.19 27.20 26.88
N VAL B 289 -20.00 27.35 25.57
CA VAL B 289 -19.14 28.38 25.01
C VAL B 289 -19.85 29.04 23.84
N ASP B 290 -19.44 30.27 23.56
CA ASP B 290 -19.97 31.02 22.44
C ASP B 290 -19.05 30.88 21.22
N GLU B 291 -19.27 31.72 20.21
CA GLU B 291 -18.44 31.69 19.02
C GLU B 291 -17.03 32.22 19.27
N TYR B 292 -16.77 32.79 20.44
CA TYR B 292 -15.44 33.26 20.81
C TYR B 292 -14.78 32.34 21.84
N GLN B 293 -15.33 31.15 22.05
CA GLN B 293 -14.83 30.18 23.02
C GLN B 293 -14.86 30.73 24.45
N ARG B 294 -15.79 31.64 24.74
CA ARG B 294 -15.95 32.19 26.07
C ARG B 294 -17.05 31.45 26.81
N THR B 295 -16.80 31.16 28.08
CA THR B 295 -17.77 30.48 28.93
C THR B 295 -18.65 31.52 29.63
N SER B 296 -19.49 31.05 30.56
CA SER B 296 -20.35 31.93 31.33
C SER B 296 -19.62 32.66 32.45
N ALA B 297 -18.32 32.41 32.62
CA ALA B 297 -17.52 33.06 33.64
C ALA B 297 -16.52 34.00 32.99
N ARG B 298 -16.41 35.21 33.52
CA ARG B 298 -15.51 36.21 32.95
C ARG B 298 -14.05 35.73 33.03
N GLY B 299 -13.34 35.83 31.91
CA GLY B 299 -11.95 35.45 31.84
C GLY B 299 -11.68 33.97 31.72
N VAL B 300 -12.70 33.14 31.59
CA VAL B 300 -12.55 31.69 31.50
C VAL B 300 -12.94 31.25 30.10
N PHE B 301 -12.01 30.60 29.40
CA PHE B 301 -12.23 30.05 28.08
C PHE B 301 -12.26 28.53 28.15
N ALA B 302 -12.72 27.92 27.06
CA ALA B 302 -12.79 26.46 26.98
C ALA B 302 -12.58 26.04 25.53
N LEU B 303 -12.08 24.82 25.35
CA LEU B 303 -11.76 24.31 24.03
C LEU B 303 -11.66 22.79 24.10
N GLY B 304 -11.74 22.16 22.93
CA GLY B 304 -11.56 20.73 22.84
C GLY B 304 -12.83 19.95 23.14
N ASP B 305 -12.62 18.69 23.53
CA ASP B 305 -13.74 17.78 23.77
C ASP B 305 -14.60 18.22 24.96
N VAL B 306 -14.06 19.05 25.85
CA VAL B 306 -14.83 19.46 27.03
C VAL B 306 -16.00 20.35 26.65
N SER B 307 -15.96 20.96 25.47
CA SER B 307 -17.01 21.88 25.05
C SER B 307 -17.46 21.70 23.60
N SER B 308 -16.59 21.29 22.69
CA SER B 308 -16.90 21.27 21.28
C SER B 308 -17.92 20.18 20.96
N PRO B 309 -18.80 20.41 20.00
CA PRO B 309 -19.67 19.32 19.50
C PRO B 309 -18.92 18.30 18.68
N TYR B 310 -17.75 18.64 18.15
CA TYR B 310 -16.92 17.73 17.37
C TYR B 310 -15.79 17.23 18.26
N LEU B 311 -15.72 15.91 18.46
CA LEU B 311 -14.63 15.32 19.23
C LEU B 311 -13.50 14.92 18.28
N LEU B 312 -12.92 15.94 17.66
CA LEU B 312 -11.85 15.78 16.69
C LEU B 312 -10.69 16.69 17.04
N LYS B 313 -9.47 16.21 16.74
CA LYS B 313 -8.28 16.97 17.12
C LYS B 313 -8.11 18.22 16.26
N HIS B 314 -8.31 18.09 14.95
CA HIS B 314 -8.19 19.27 14.09
C HIS B 314 -9.24 20.33 14.41
N VAL B 315 -10.37 19.93 14.99
CA VAL B 315 -11.33 20.92 15.49
C VAL B 315 -10.88 21.48 16.83
N ALA B 316 -10.37 20.62 17.71
CA ALA B 316 -9.87 21.09 19.01
C ALA B 316 -8.68 22.02 18.85
N ASN B 317 -7.87 21.81 17.82
CA ASN B 317 -6.73 22.71 17.57
C ASN B 317 -7.21 24.06 17.06
N HIS B 318 -8.25 24.08 16.23
CA HIS B 318 -8.79 25.35 15.74
C HIS B 318 -9.39 26.15 16.89
N GLU B 319 -10.10 25.49 17.80
CA GLU B 319 -10.65 26.18 18.97
C GLU B 319 -9.55 26.65 19.90
N ALA B 320 -8.46 25.89 20.01
CA ALA B 320 -7.33 26.33 20.82
C ALA B 320 -6.68 27.57 20.23
N ARG B 321 -6.68 27.70 18.90
CA ARG B 321 -6.16 28.89 18.26
C ARG B 321 -7.03 30.10 18.54
N VAL B 322 -8.34 29.91 18.62
CA VAL B 322 -9.24 31.01 18.94
C VAL B 322 -9.02 31.47 20.38
N VAL B 323 -8.89 30.53 21.31
CA VAL B 323 -8.62 30.87 22.70
C VAL B 323 -7.28 31.59 22.82
N GLN B 324 -6.27 31.12 22.08
CA GLN B 324 -4.95 31.73 22.12
C GLN B 324 -5.00 33.20 21.70
N HIS B 325 -5.82 33.52 20.70
CA HIS B 325 -5.92 34.90 20.23
C HIS B 325 -6.83 35.74 21.12
N ASN B 326 -7.98 35.19 21.51
CA ASN B 326 -8.95 35.96 22.27
C ASN B 326 -8.53 36.19 23.72
N LEU B 327 -7.56 35.42 24.22
CA LEU B 327 -7.06 35.65 25.57
C LEU B 327 -6.35 36.99 25.68
N LEU B 328 -5.69 37.43 24.61
CA LEU B 328 -4.96 38.70 24.62
C LEU B 328 -5.86 39.90 24.39
N CYS B 329 -7.14 39.69 24.09
CA CYS B 329 -8.10 40.77 23.89
C CYS B 329 -8.86 41.04 25.18
N ASP B 330 -9.45 42.22 25.26
CA ASP B 330 -10.31 42.54 26.39
C ASP B 330 -11.55 41.67 26.38
N TRP B 331 -12.04 41.34 27.58
CA TRP B 331 -13.15 40.39 27.68
C TRP B 331 -14.43 40.95 27.07
N GLU B 332 -14.59 42.27 27.05
CA GLU B 332 -15.76 42.89 26.47
C GLU B 332 -15.53 43.36 25.04
N ASP B 333 -14.29 43.31 24.56
CA ASP B 333 -13.96 43.74 23.20
C ASP B 333 -14.17 42.59 22.21
N THR B 334 -15.44 42.17 22.10
CA THR B 334 -15.78 41.05 21.23
C THR B 334 -15.52 41.34 19.76
N GLN B 335 -15.51 42.61 19.37
CA GLN B 335 -15.26 42.95 17.96
C GLN B 335 -13.80 42.77 17.57
N SER B 336 -12.88 42.75 18.54
CA SER B 336 -11.48 42.47 18.26
C SER B 336 -11.12 41.01 18.40
N MET B 337 -12.09 40.16 18.75
CA MET B 337 -11.85 38.74 18.90
C MET B 337 -12.09 38.02 17.58
N ILE B 338 -11.62 36.78 17.51
CA ILE B 338 -11.80 35.94 16.33
C ILE B 338 -12.90 34.92 16.63
N VAL B 339 -13.64 34.55 15.59
CA VAL B 339 -14.77 33.65 15.71
C VAL B 339 -14.35 32.25 15.32
N THR B 340 -14.80 31.25 16.08
CA THR B 340 -14.51 29.87 15.75
C THR B 340 -15.33 29.44 14.54
N ASP B 341 -14.67 28.83 13.56
CA ASP B 341 -15.30 28.43 12.32
C ASP B 341 -15.58 26.93 12.37
N HIS B 342 -16.86 26.56 12.39
CA HIS B 342 -17.26 25.15 12.37
C HIS B 342 -17.94 24.79 11.05
N ARG B 343 -17.71 25.55 10.00
CA ARG B 343 -18.34 25.28 8.71
C ARG B 343 -17.54 24.23 7.97
N TYR B 344 -18.24 23.19 7.50
CA TYR B 344 -17.63 22.07 6.77
C TYR B 344 -16.50 21.44 7.58
N VAL B 345 -16.90 20.76 8.64
CA VAL B 345 -15.98 20.03 9.50
C VAL B 345 -15.85 18.62 8.91
N PRO B 346 -14.66 18.19 8.52
CA PRO B 346 -14.48 16.84 7.99
C PRO B 346 -14.03 15.85 9.05
N ALA B 347 -14.14 14.58 8.71
CA ALA B 347 -13.73 13.49 9.58
C ALA B 347 -13.43 12.26 8.74
N ALA B 348 -12.54 11.42 9.23
CA ALA B 348 -12.14 10.21 8.53
C ALA B 348 -12.19 9.03 9.48
N VAL B 349 -12.43 7.85 8.93
CA VAL B 349 -12.44 6.60 9.67
C VAL B 349 -11.43 5.68 9.01
N PHE B 350 -10.36 5.34 9.72
CA PHE B 350 -9.25 4.59 9.15
C PHE B 350 -9.51 3.09 9.29
N THR B 351 -10.49 2.64 8.53
CA THR B 351 -10.88 1.24 8.42
C THR B 351 -10.56 0.76 7.00
N ASP B 352 -10.89 -0.49 6.72
CA ASP B 352 -10.82 -1.04 5.37
C ASP B 352 -12.22 -1.45 4.96
N PRO B 353 -12.85 -0.78 3.99
CA PRO B 353 -12.35 0.38 3.23
C PRO B 353 -12.28 1.66 4.07
N GLN B 354 -11.45 2.60 3.67
CA GLN B 354 -11.31 3.85 4.40
C GLN B 354 -12.48 4.78 4.10
N ILE B 355 -12.91 5.53 5.09
CA ILE B 355 -14.07 6.41 4.99
C ILE B 355 -13.64 7.83 5.34
N ALA B 356 -14.08 8.80 4.54
CA ALA B 356 -13.84 10.21 4.80
C ALA B 356 -15.03 11.00 4.29
N ALA B 357 -15.49 11.96 5.09
CA ALA B 357 -16.70 12.69 4.77
C ALA B 357 -16.60 14.13 5.26
N VAL B 358 -17.31 15.03 4.60
CA VAL B 358 -17.40 16.43 5.00
C VAL B 358 -18.71 17.00 4.48
N GLY B 359 -19.36 17.81 5.30
CA GLY B 359 -20.60 18.45 4.90
C GLY B 359 -21.85 17.67 5.26
N LEU B 360 -22.90 17.84 4.46
CA LEU B 360 -24.19 17.22 4.74
C LEU B 360 -24.33 15.90 3.98
N THR B 361 -25.13 15.00 4.55
CA THR B 361 -25.50 13.78 3.86
C THR B 361 -26.74 14.04 2.99
N GLU B 362 -27.07 13.05 2.16
CA GLU B 362 -28.23 13.20 1.28
C GLU B 362 -29.52 13.39 2.07
N ASN B 363 -29.71 12.60 3.13
CA ASN B 363 -30.93 12.71 3.92
C ASN B 363 -30.97 14.02 4.71
N GLN B 364 -29.83 14.52 5.17
CA GLN B 364 -29.80 15.80 5.87
C GLN B 364 -30.17 16.94 4.93
N ALA B 365 -29.75 16.86 3.67
CA ALA B 365 -30.11 17.88 2.70
C ALA B 365 -31.60 17.83 2.38
N VAL B 366 -32.16 16.61 2.33
CA VAL B 366 -33.60 16.48 2.08
C VAL B 366 -34.39 17.04 3.26
N ALA B 367 -33.91 16.81 4.48
CA ALA B 367 -34.60 17.35 5.66
C ALA B 367 -34.62 18.86 5.66
N LYS B 368 -33.62 19.49 5.03
CA LYS B 368 -33.58 20.94 4.91
C LYS B 368 -34.31 21.45 3.68
N GLY B 369 -34.99 20.57 2.93
CA GLY B 369 -35.75 20.98 1.77
C GLY B 369 -34.93 21.61 0.67
N LEU B 370 -33.72 21.09 0.44
CA LEU B 370 -32.83 21.62 -0.58
C LEU B 370 -32.97 20.82 -1.86
N ASP B 371 -32.95 21.52 -3.00
CA ASP B 371 -32.97 20.87 -4.31
C ASP B 371 -31.55 20.42 -4.64
N ILE B 372 -31.31 19.12 -4.60
CA ILE B 372 -29.95 18.58 -4.63
C ILE B 372 -29.78 17.62 -5.81
N SER B 373 -28.54 17.51 -6.28
CA SER B 373 -28.12 16.48 -7.22
C SER B 373 -27.11 15.56 -6.55
N VAL B 374 -27.22 14.27 -6.83
CA VAL B 374 -26.39 13.25 -6.17
C VAL B 374 -25.79 12.34 -7.24
N LYS B 375 -24.49 12.09 -7.13
CA LYS B 375 -23.78 11.16 -7.99
C LYS B 375 -22.92 10.23 -7.16
N ILE B 376 -22.96 8.93 -7.47
CA ILE B 376 -22.16 7.92 -6.79
C ILE B 376 -21.24 7.31 -7.85
N GLN B 377 -19.97 7.71 -7.84
CA GLN B 377 -18.99 7.26 -8.79
C GLN B 377 -18.18 6.11 -8.20
N ASP B 378 -17.98 5.06 -8.98
CA ASP B 378 -17.24 3.89 -8.53
C ASP B 378 -15.76 4.03 -8.85
N TYR B 379 -14.92 3.54 -7.92
CA TYR B 379 -13.48 3.51 -8.15
C TYR B 379 -13.15 2.72 -9.41
N GLY B 380 -13.87 1.64 -9.66
CA GLY B 380 -13.58 0.76 -10.78
C GLY B 380 -13.82 1.36 -12.15
N ASP B 381 -14.49 2.51 -12.22
CA ASP B 381 -14.71 3.20 -13.49
C ASP B 381 -13.61 4.20 -13.81
N VAL B 382 -12.45 4.08 -13.16
CA VAL B 382 -11.32 4.98 -13.36
C VAL B 382 -10.09 4.14 -13.60
N ALA B 383 -9.18 4.64 -14.44
CA ALA B 383 -7.99 3.89 -14.81
C ALA B 383 -7.19 3.46 -13.58
N TYR B 384 -7.12 4.31 -12.56
CA TYR B 384 -6.41 3.93 -11.35
C TYR B 384 -7.15 2.81 -10.61
N GLY B 385 -8.49 2.82 -10.65
CA GLY B 385 -9.24 1.73 -10.07
C GLY B 385 -9.03 0.40 -10.78
N TRP B 386 -8.72 0.45 -12.08
CA TRP B 386 -8.41 -0.78 -12.80
C TRP B 386 -7.14 -1.42 -12.26
N ALA B 387 -6.10 -0.62 -12.01
CA ALA B 387 -4.87 -1.14 -11.45
C ALA B 387 -5.09 -1.72 -10.06
N MET B 388 -6.03 -1.15 -9.30
CA MET B 388 -6.38 -1.67 -7.99
C MET B 388 -7.31 -2.88 -8.05
N GLU B 389 -7.95 -3.11 -9.20
CA GLU B 389 -9.02 -4.10 -9.32
C GLU B 389 -10.10 -3.84 -8.26
N ASP B 390 -10.40 -2.56 -8.05
CA ASP B 390 -11.36 -2.16 -7.04
C ASP B 390 -12.78 -2.45 -7.51
N THR B 391 -13.61 -2.96 -6.61
CA THR B 391 -14.98 -3.32 -6.95
C THR B 391 -15.98 -2.87 -5.89
N SER B 392 -15.62 -1.90 -5.04
CA SER B 392 -16.50 -1.49 -3.96
C SER B 392 -16.30 -0.02 -3.58
N GLY B 393 -15.15 0.54 -3.96
CA GLY B 393 -14.86 1.92 -3.59
C GLY B 393 -15.77 2.88 -4.33
N ILE B 394 -16.31 3.86 -3.58
CA ILE B 394 -17.22 4.84 -4.15
C ILE B 394 -16.91 6.22 -3.57
N VAL B 395 -17.27 7.25 -4.34
CA VAL B 395 -17.24 8.63 -3.87
C VAL B 395 -18.59 9.26 -4.18
N LYS B 396 -19.23 9.83 -3.17
CA LYS B 396 -20.59 10.36 -3.30
C LYS B 396 -20.57 11.86 -3.08
N LEU B 397 -21.11 12.60 -4.04
CA LEU B 397 -21.12 14.06 -4.01
C LEU B 397 -22.56 14.56 -4.08
N ILE B 398 -22.87 15.56 -3.26
CA ILE B 398 -24.18 16.19 -3.22
C ILE B 398 -24.00 17.69 -3.45
N THR B 399 -24.67 18.22 -4.46
CA THR B 399 -24.62 19.63 -4.77
C THR B 399 -26.03 20.20 -4.83
N GLU B 400 -26.16 21.48 -4.48
CA GLU B 400 -27.43 22.19 -4.64
C GLU B 400 -27.60 22.58 -6.11
N ARG B 401 -28.71 22.14 -6.71
CA ARG B 401 -28.89 22.35 -8.14
C ARG B 401 -28.95 23.83 -8.51
N GLY B 402 -29.48 24.66 -7.61
CA GLY B 402 -29.58 26.08 -7.88
C GLY B 402 -28.23 26.76 -7.98
N SER B 403 -27.47 26.77 -6.89
CA SER B 403 -26.19 27.47 -6.89
C SER B 403 -25.09 26.67 -7.58
N GLY B 404 -25.22 25.35 -7.64
CA GLY B 404 -24.16 24.52 -8.19
C GLY B 404 -23.00 24.29 -7.26
N ARG B 405 -23.16 24.59 -5.97
CA ARG B 405 -22.12 24.45 -4.98
C ARG B 405 -22.22 23.10 -4.27
N LEU B 406 -21.07 22.62 -3.80
CA LEU B 406 -21.04 21.34 -3.10
C LEU B 406 -21.73 21.45 -1.75
N LEU B 407 -22.64 20.53 -1.47
CA LEU B 407 -23.30 20.45 -0.18
C LEU B 407 -22.69 19.40 0.73
N GLY B 408 -22.24 18.28 0.16
CA GLY B 408 -21.60 17.25 0.94
C GLY B 408 -20.76 16.35 0.06
N ALA B 409 -19.75 15.73 0.67
CA ALA B 409 -18.86 14.81 -0.03
C ALA B 409 -18.58 13.62 0.87
N HIS B 410 -18.77 12.42 0.35
CA HIS B 410 -18.59 11.19 1.12
C HIS B 410 -17.85 10.17 0.27
N ILE B 411 -16.66 9.77 0.72
CA ILE B 411 -15.82 8.83 0.01
C ILE B 411 -15.59 7.60 0.89
N MET B 412 -15.77 6.43 0.30
CA MET B 412 -15.48 5.15 0.96
C MET B 412 -14.60 4.33 0.02
N GLY B 413 -13.30 4.30 0.30
CA GLY B 413 -12.38 3.55 -0.55
C GLY B 413 -10.94 3.92 -0.23
N TYR B 414 -10.06 3.45 -1.11
CA TYR B 414 -8.63 3.66 -0.93
C TYR B 414 -8.29 5.14 -0.94
N GLN B 415 -7.45 5.56 0.01
CA GLN B 415 -7.01 6.96 0.14
C GLN B 415 -8.19 7.91 0.28
N ALA B 416 -9.18 7.50 1.07
CA ALA B 416 -10.37 8.33 1.23
C ALA B 416 -10.04 9.66 1.91
N SER B 417 -9.19 9.62 2.93
CA SER B 417 -8.84 10.84 3.66
C SER B 417 -7.96 11.78 2.84
N SER B 418 -7.32 11.28 1.79
CA SER B 418 -6.48 12.12 0.94
C SER B 418 -7.27 12.69 -0.23
N LEU B 419 -8.18 11.91 -0.81
CA LEU B 419 -8.98 12.38 -1.93
C LEU B 419 -9.99 13.44 -1.52
N ILE B 420 -10.39 13.46 -0.25
CA ILE B 420 -11.42 14.38 0.21
C ILE B 420 -10.90 15.80 0.36
N GLN B 421 -9.58 15.99 0.40
CA GLN B 421 -9.03 17.32 0.64
C GLN B 421 -9.38 18.32 -0.45
N PRO B 422 -9.30 18.01 -1.75
CA PRO B 422 -9.79 18.97 -2.75
C PRO B 422 -11.25 19.32 -2.59
N LEU B 423 -12.08 18.37 -2.16
CA LEU B 423 -13.49 18.66 -1.93
C LEU B 423 -13.69 19.54 -0.71
N ILE B 424 -12.87 19.33 0.33
CA ILE B 424 -12.90 20.22 1.49
C ILE B 424 -12.51 21.63 1.09
N GLN B 425 -11.54 21.75 0.18
CA GLN B 425 -11.10 23.06 -0.27
C GLN B 425 -12.19 23.79 -1.06
N ALA B 426 -12.87 23.08 -1.97
CA ALA B 426 -13.92 23.71 -2.76
C ALA B 426 -15.08 24.15 -1.88
N MET B 427 -15.46 23.33 -0.90
CA MET B 427 -16.57 23.69 -0.03
C MET B 427 -16.19 24.86 0.88
N SER B 428 -14.97 24.85 1.42
CA SER B 428 -14.57 25.89 2.35
C SER B 428 -14.46 27.25 1.69
N PHE B 429 -14.15 27.30 0.39
CA PHE B 429 -13.96 28.56 -0.31
C PHE B 429 -15.05 28.84 -1.34
N GLY B 430 -16.11 28.05 -1.35
CA GLY B 430 -17.24 28.33 -2.21
C GLY B 430 -17.00 28.13 -3.69
N LEU B 431 -16.38 27.01 -4.07
CA LEU B 431 -16.14 26.68 -5.46
C LEU B 431 -17.23 25.73 -5.96
N THR B 432 -17.84 26.07 -7.08
CA THR B 432 -18.91 25.25 -7.62
C THR B 432 -18.37 23.94 -8.20
N ALA B 433 -19.26 22.97 -8.34
CA ALA B 433 -18.86 21.67 -8.86
C ALA B 433 -18.38 21.78 -10.30
N ALA B 434 -19.03 22.61 -11.10
CA ALA B 434 -18.62 22.78 -12.49
C ALA B 434 -17.23 23.38 -12.59
N GLU B 435 -16.94 24.39 -11.78
CA GLU B 435 -15.62 25.00 -11.78
C GLU B 435 -14.55 23.99 -11.39
N MET B 436 -14.79 23.26 -10.31
CA MET B 436 -13.80 22.31 -9.82
C MET B 436 -13.53 21.19 -10.82
N ALA B 437 -14.54 20.79 -11.60
CA ALA B 437 -14.38 19.66 -12.50
C ALA B 437 -13.58 20.02 -13.74
N ARG B 438 -13.84 21.18 -14.33
CA ARG B 438 -13.25 21.53 -15.62
C ARG B 438 -12.41 22.80 -15.58
N GLY B 439 -12.33 23.49 -14.45
CA GLY B 439 -11.50 24.68 -14.35
C GLY B 439 -10.10 24.38 -13.85
N GLN B 440 -9.68 23.11 -13.92
CA GLN B 440 -8.37 22.70 -13.44
C GLN B 440 -8.04 21.35 -14.04
N TYR B 441 -6.74 21.03 -14.04
CA TYR B 441 -6.25 19.78 -14.58
C TYR B 441 -6.24 18.69 -13.51
N TRP B 442 -6.49 17.46 -13.96
CA TRP B 442 -6.36 16.27 -13.11
C TRP B 442 -5.35 15.33 -13.75
N ILE B 443 -4.38 14.88 -12.95
CA ILE B 443 -3.30 14.06 -13.50
C ILE B 443 -3.85 12.71 -13.92
N HIS B 444 -3.51 12.29 -15.15
CA HIS B 444 -3.89 11.00 -15.69
C HIS B 444 -2.72 10.03 -15.59
N PRO B 445 -2.92 8.80 -15.11
CA PRO B 445 -4.16 8.25 -14.56
C PRO B 445 -4.12 8.18 -13.04
N ALA B 446 -4.07 9.33 -12.36
CA ALA B 446 -3.97 9.35 -10.92
C ALA B 446 -5.32 9.01 -10.28
N LEU B 447 -5.31 8.87 -8.96
CA LEU B 447 -6.48 8.50 -8.20
C LEU B 447 -7.55 9.61 -8.15
N PRO B 448 -7.19 10.89 -7.99
CA PRO B 448 -8.24 11.93 -7.97
C PRO B 448 -9.13 11.97 -9.20
N GLU B 449 -8.84 11.20 -10.25
CA GLU B 449 -9.74 11.11 -11.38
C GLU B 449 -11.12 10.58 -10.96
N VAL B 450 -11.17 9.80 -9.89
CA VAL B 450 -12.46 9.32 -9.39
C VAL B 450 -13.28 10.47 -8.84
N VAL B 451 -12.62 11.52 -8.33
CA VAL B 451 -13.34 12.70 -7.87
C VAL B 451 -13.76 13.57 -9.05
N GLU B 452 -12.89 13.67 -10.07
CA GLU B 452 -13.24 14.43 -11.26
C GLU B 452 -14.45 13.85 -11.96
N ASN B 453 -14.43 12.53 -12.20
CA ASN B 453 -15.56 11.89 -12.89
C ASN B 453 -16.81 11.89 -12.03
N ALA B 454 -16.67 11.91 -10.71
CA ALA B 454 -17.82 12.07 -9.84
C ALA B 454 -18.45 13.45 -10.00
N LEU B 455 -17.61 14.47 -10.22
CA LEU B 455 -18.12 15.83 -10.41
C LEU B 455 -18.83 15.97 -11.76
N LEU B 456 -18.34 15.27 -12.79
CA LEU B 456 -18.93 15.39 -14.12
C LEU B 456 -20.32 14.76 -14.16
N GLY B 457 -20.52 13.67 -13.43
CA GLY B 457 -21.75 12.90 -13.42
C GLY B 457 -22.94 13.46 -12.67
N LEU B 458 -22.83 14.61 -12.01
CA LEU B 458 -23.96 15.14 -11.24
C LEU B 458 -25.11 15.66 -12.09
N ARG B 459 -25.39 15.02 -13.23
CA ARG B 459 -26.52 15.36 -14.11
C ARG B 459 -27.76 15.84 -13.37
N MET C 1 48.38 -5.88 69.30
CA MET C 1 47.51 -5.07 68.45
C MET C 1 48.36 -4.38 67.39
N GLU C 2 47.77 -4.09 66.23
CA GLU C 2 48.50 -3.51 65.12
C GLU C 2 48.32 -1.99 65.08
N THR C 3 49.28 -1.33 64.46
CA THR C 3 49.29 0.13 64.34
C THR C 3 49.66 0.51 62.91
N TYR C 4 48.91 1.45 62.33
CA TYR C 4 49.18 1.92 60.98
C TYR C 4 49.12 3.44 60.95
N ASP C 5 49.92 4.04 60.07
CA ASP C 5 49.88 5.48 59.88
C ASP C 5 48.74 5.90 58.97
N ILE C 6 48.28 5.01 58.10
CA ILE C 6 47.21 5.31 57.16
C ILE C 6 46.53 4.00 56.77
N ALA C 7 45.21 4.05 56.62
CA ALA C 7 44.43 2.90 56.19
C ALA C 7 43.54 3.31 55.03
N ILE C 8 43.49 2.47 54.01
CA ILE C 8 42.71 2.73 52.80
C ILE C 8 41.73 1.59 52.62
N ILE C 9 40.46 1.93 52.44
CA ILE C 9 39.40 0.96 52.20
C ILE C 9 39.05 1.03 50.72
N GLY C 10 39.39 -0.02 49.98
CA GLY C 10 39.10 -0.06 48.56
C GLY C 10 40.32 0.04 47.67
N THR C 11 40.48 -0.93 46.77
CA THR C 11 41.63 -0.98 45.86
C THR C 11 41.29 -0.50 44.46
N GLY C 12 40.32 0.42 44.34
CA GLY C 12 40.00 0.98 43.04
C GLY C 12 40.87 2.17 42.72
N SER C 13 40.30 3.37 42.83
CA SER C 13 41.10 4.59 42.71
C SER C 13 41.89 4.89 43.97
N GLY C 14 41.51 4.29 45.11
CA GLY C 14 42.26 4.46 46.33
C GLY C 14 43.64 3.82 46.30
N ASN C 15 43.84 2.80 45.47
CA ASN C 15 45.15 2.18 45.34
C ASN C 15 46.20 3.13 44.80
N SER C 16 45.78 4.19 44.11
CA SER C 16 46.71 5.18 43.54
C SER C 16 47.04 6.29 44.53
N ILE C 17 47.26 5.96 45.79
CA ILE C 17 47.57 6.94 46.83
C ILE C 17 48.95 6.70 47.43
N LEU C 18 49.27 5.45 47.74
CA LEU C 18 50.53 5.10 48.40
C LEU C 18 51.75 5.32 47.50
N ASP C 19 52.38 6.50 47.60
CA ASP C 19 53.59 6.81 46.86
C ASP C 19 54.81 6.32 47.64
N GLU C 20 55.99 6.80 47.24
CA GLU C 20 57.19 6.59 48.04
C GLU C 20 57.23 7.52 49.24
N ARG C 21 56.35 8.52 49.29
CA ARG C 21 56.23 9.40 50.44
C ARG C 21 55.76 8.66 51.67
N TYR C 22 55.11 7.52 51.51
CA TYR C 22 54.63 6.73 52.62
C TYR C 22 55.61 5.63 53.02
N ALA C 23 56.82 5.65 52.48
CA ALA C 23 57.82 4.70 52.90
C ALA C 23 58.18 4.97 54.36
N SER C 24 58.70 3.93 55.03
CA SER C 24 59.04 3.95 56.46
C SER C 24 57.80 4.06 57.33
N LYS C 25 56.62 4.19 56.74
CA LYS C 25 55.35 4.24 57.47
C LYS C 25 54.58 2.95 57.20
N ARG C 26 53.59 2.69 58.05
CA ARG C 26 52.76 1.51 57.92
C ARG C 26 51.43 1.88 57.28
N ALA C 27 51.02 1.10 56.27
CA ALA C 27 49.79 1.36 55.55
C ALA C 27 48.98 0.06 55.50
N ALA C 28 47.66 0.19 55.57
CA ALA C 28 46.76 -0.95 55.50
C ALA C 28 45.74 -0.74 54.41
N ILE C 29 45.63 -1.70 53.48
CA ILE C 29 44.66 -1.65 52.41
C ILE C 29 43.65 -2.77 52.65
N CYS C 30 42.37 -2.43 52.48
CA CYS C 30 41.27 -3.37 52.70
C CYS C 30 40.54 -3.58 51.39
N GLU C 31 40.30 -4.85 51.04
CA GLU C 31 39.62 -5.19 49.80
C GLU C 31 38.85 -6.49 50.03
N GLN C 32 37.54 -6.36 50.28
CA GLN C 32 36.73 -7.55 50.55
C GLN C 32 36.49 -8.37 49.28
N GLY C 33 36.43 -7.71 48.13
CA GLY C 33 36.19 -8.37 46.86
C GLY C 33 37.47 -8.67 46.11
N THR C 34 37.36 -8.65 44.79
CA THR C 34 38.51 -8.90 43.93
C THR C 34 39.41 -7.68 43.88
N PHE C 35 40.72 -7.92 43.83
CA PHE C 35 41.70 -6.84 43.84
C PHE C 35 41.67 -6.08 42.53
N GLY C 36 41.83 -4.76 42.62
CA GLY C 36 41.88 -3.89 41.45
C GLY C 36 40.71 -2.95 41.31
N GLY C 37 39.63 -3.16 42.05
CA GLY C 37 38.47 -2.30 41.96
C GLY C 37 37.42 -2.84 41.00
N THR C 38 36.39 -2.01 40.80
CA THR C 38 35.27 -2.42 39.96
C THR C 38 35.55 -2.17 38.48
N CYS C 39 36.11 -1.00 38.16
CA CYS C 39 36.28 -0.64 36.75
C CYS C 39 37.21 -1.58 36.01
N LEU C 40 38.24 -2.10 36.70
CA LEU C 40 39.17 -3.00 36.04
C LEU C 40 38.56 -4.38 35.83
N ASN C 41 37.85 -4.89 36.82
CA ASN C 41 37.40 -6.29 36.80
C ASN C 41 36.00 -6.46 36.22
N VAL C 42 35.06 -5.62 36.62
CA VAL C 42 33.67 -5.76 36.18
C VAL C 42 33.08 -4.40 35.82
N GLY C 43 33.90 -3.52 35.26
CA GLY C 43 33.44 -2.16 34.98
C GLY C 43 33.76 -1.65 33.59
N CYS C 44 34.52 -0.56 33.52
CA CYS C 44 34.78 0.11 32.25
C CYS C 44 35.59 -0.77 31.32
N ILE C 45 36.71 -1.33 31.82
CA ILE C 45 37.63 -2.04 30.95
C ILE C 45 37.01 -3.30 30.34
N PRO C 46 36.38 -4.19 31.11
CA PRO C 46 35.76 -5.37 30.46
C PRO C 46 34.61 -5.01 29.54
N THR C 47 33.75 -4.08 29.95
CA THR C 47 32.58 -3.73 29.15
C THR C 47 32.99 -3.17 27.80
N LYS C 48 33.90 -2.19 27.79
CA LYS C 48 34.30 -1.57 26.53
C LYS C 48 35.02 -2.54 25.61
N MET C 49 35.61 -3.61 26.15
CA MET C 49 36.17 -4.64 25.30
C MET C 49 35.07 -5.42 24.59
N PHE C 50 34.02 -5.79 25.33
CA PHE C 50 32.88 -6.45 24.70
C PHE C 50 32.18 -5.51 23.73
N VAL C 51 32.17 -4.20 24.03
CA VAL C 51 31.53 -3.24 23.14
C VAL C 51 32.20 -3.25 21.77
N TYR C 52 33.53 -3.24 21.75
CA TYR C 52 34.24 -3.23 20.48
C TYR C 52 33.97 -4.51 19.70
N ALA C 53 33.92 -5.65 20.39
CA ALA C 53 33.60 -6.90 19.71
C ALA C 53 32.19 -6.85 19.14
N ALA C 54 31.27 -6.22 19.86
CA ALA C 54 29.90 -6.08 19.36
C ALA C 54 29.86 -5.16 18.14
N GLU C 55 30.66 -4.09 18.14
CA GLU C 55 30.68 -3.20 17.00
C GLU C 55 31.26 -3.88 15.78
N VAL C 56 32.21 -4.80 15.97
CA VAL C 56 32.73 -5.57 14.85
C VAL C 56 31.64 -6.44 14.26
N ALA C 57 30.86 -7.10 15.11
CA ALA C 57 29.76 -7.93 14.62
C ALA C 57 28.70 -7.08 13.93
N LYS C 58 28.37 -5.92 14.49
CA LYS C 58 27.37 -5.06 13.86
C LYS C 58 27.86 -4.50 12.53
N THR C 59 29.17 -4.24 12.40
CA THR C 59 29.70 -3.80 11.12
C THR C 59 29.53 -4.87 10.06
N ILE C 60 29.76 -6.13 10.42
CA ILE C 60 29.55 -7.23 9.48
C ILE C 60 28.07 -7.34 9.12
N ARG C 61 27.20 -7.17 10.11
CA ARG C 61 25.78 -7.42 9.92
C ARG C 61 25.13 -6.41 8.99
N GLY C 62 25.60 -5.16 8.99
CA GLY C 62 25.03 -4.14 8.14
C GLY C 62 25.94 -3.70 7.03
N ALA C 63 26.80 -4.60 6.55
CA ALA C 63 27.77 -4.25 5.52
C ALA C 63 27.15 -4.15 4.14
N SER C 64 26.03 -4.84 3.90
CA SER C 64 25.37 -4.77 2.59
C SER C 64 24.89 -3.36 2.27
N ARG C 65 24.66 -2.53 3.31
CA ARG C 65 24.27 -1.14 3.08
C ARG C 65 25.32 -0.38 2.29
N TYR C 66 26.58 -0.80 2.36
CA TYR C 66 27.68 -0.12 1.70
C TYR C 66 28.17 -0.86 0.46
N GLY C 67 27.55 -1.99 0.11
CA GLY C 67 27.93 -2.72 -1.08
C GLY C 67 28.74 -3.98 -0.84
N ILE C 68 28.97 -4.36 0.41
CA ILE C 68 29.73 -5.55 0.74
C ILE C 68 28.77 -6.55 1.38
N ASP C 69 28.53 -7.67 0.72
CA ASP C 69 27.66 -8.71 1.23
C ASP C 69 28.49 -9.71 2.04
N ALA C 70 28.25 -9.75 3.35
CA ALA C 70 28.94 -10.65 4.25
C ALA C 70 27.96 -11.19 5.26
N HIS C 71 28.41 -12.17 6.05
CA HIS C 71 27.57 -12.78 7.05
C HIS C 71 28.46 -13.36 8.15
N ILE C 72 27.94 -13.36 9.37
CA ILE C 72 28.67 -13.92 10.51
C ILE C 72 28.42 -15.42 10.55
N ASP C 73 29.50 -16.20 10.46
CA ASP C 73 29.36 -17.65 10.54
C ASP C 73 29.24 -18.12 11.97
N ARG C 74 29.90 -17.44 12.91
CA ARG C 74 29.93 -17.90 14.29
C ARG C 74 30.40 -16.76 15.18
N VAL C 75 29.87 -16.75 16.41
CA VAL C 75 30.32 -15.81 17.45
C VAL C 75 30.90 -16.68 18.55
N ARG C 76 32.22 -16.76 18.60
CA ARG C 76 32.90 -17.59 19.60
C ARG C 76 32.90 -16.86 20.94
N TRP C 77 31.77 -16.96 21.62
CA TRP C 77 31.61 -16.28 22.91
C TRP C 77 32.61 -16.80 23.93
N ASP C 78 32.94 -18.09 23.88
CA ASP C 78 33.92 -18.65 24.81
C ASP C 78 35.27 -17.98 24.64
N ASP C 79 35.68 -17.74 23.39
CA ASP C 79 36.96 -17.09 23.13
C ASP C 79 36.93 -15.59 23.42
N VAL C 80 35.77 -14.96 23.30
CA VAL C 80 35.69 -13.53 23.59
C VAL C 80 35.87 -13.27 25.08
N VAL C 81 35.22 -14.08 25.92
CA VAL C 81 35.36 -13.90 27.36
C VAL C 81 36.79 -14.19 27.79
N SER C 82 37.37 -15.28 27.29
CA SER C 82 38.74 -15.63 27.67
C SER C 82 39.74 -14.59 27.17
N ARG C 83 39.48 -13.98 26.01
CA ARG C 83 40.37 -12.94 25.50
C ARG C 83 40.29 -11.69 26.36
N VAL C 84 39.08 -11.32 26.80
CA VAL C 84 38.90 -10.10 27.57
C VAL C 84 39.55 -10.24 28.94
N PHE C 85 39.17 -11.28 29.68
CA PHE C 85 39.69 -11.48 31.03
C PHE C 85 41.09 -12.06 31.06
N GLY C 86 41.58 -12.60 29.95
CA GLY C 86 42.99 -12.95 29.86
C GLY C 86 43.89 -11.74 29.97
N ARG C 87 43.37 -10.56 29.68
CA ARG C 87 44.07 -9.28 29.86
C ARG C 87 43.84 -8.71 31.25
N ILE C 88 42.64 -8.88 31.79
CA ILE C 88 42.26 -8.21 33.04
C ILE C 88 42.79 -8.98 34.25
N ASP C 89 42.60 -10.30 34.26
CA ASP C 89 42.98 -11.08 35.43
C ASP C 89 44.46 -10.94 35.81
N PRO C 90 45.42 -10.94 34.88
CA PRO C 90 46.82 -10.72 35.30
C PRO C 90 47.05 -9.35 35.91
N ILE C 91 46.31 -8.33 35.49
CA ILE C 91 46.47 -7.01 36.09
C ILE C 91 46.02 -7.02 37.54
N ALA C 92 44.90 -7.69 37.83
CA ALA C 92 44.44 -7.79 39.20
C ALA C 92 45.39 -8.64 40.05
N LEU C 93 46.03 -9.63 39.44
CA LEU C 93 46.93 -10.52 40.16
C LEU C 93 48.28 -9.87 40.41
N SER C 94 48.85 -9.22 39.39
CA SER C 94 50.15 -8.58 39.54
C SER C 94 50.07 -7.37 40.46
N GLY C 95 48.98 -6.61 40.38
CA GLY C 95 48.81 -5.48 41.28
C GLY C 95 48.69 -5.91 42.73
N GLU C 96 48.13 -7.10 42.97
CA GLU C 96 48.04 -7.60 44.33
C GLU C 96 49.41 -8.01 44.86
N ASP C 97 50.23 -8.63 44.00
CA ASP C 97 51.59 -8.99 44.41
C ASP C 97 52.43 -7.77 44.74
N TYR C 98 52.15 -6.64 44.08
CA TYR C 98 52.91 -5.43 44.32
C TYR C 98 52.70 -4.91 45.74
N ARG C 99 51.55 -5.19 46.34
CA ARG C 99 51.27 -4.71 47.69
C ARG C 99 51.75 -5.69 48.76
N ARG C 100 51.60 -6.99 48.53
CA ARG C 100 52.12 -7.96 49.50
C ARG C 100 53.64 -7.86 49.59
N CYS C 101 54.32 -7.77 48.44
CA CYS C 101 55.77 -7.70 48.42
C CYS C 101 56.29 -6.42 49.07
N ALA C 102 55.46 -5.38 49.15
CA ALA C 102 55.85 -4.18 49.87
C ALA C 102 55.87 -4.45 51.37
N PRO C 103 56.99 -4.23 52.06
CA PRO C 103 57.02 -4.50 53.50
C PRO C 103 56.22 -3.51 54.33
N ASN C 104 55.99 -2.30 53.82
CA ASN C 104 55.28 -1.27 54.57
C ASN C 104 53.77 -1.45 54.55
N ILE C 105 53.24 -2.31 53.70
CA ILE C 105 51.79 -2.42 53.50
C ILE C 105 51.32 -3.83 53.86
N ASP C 106 50.26 -3.89 54.66
CA ASP C 106 49.54 -5.12 54.94
C ASP C 106 48.15 -5.03 54.30
N VAL C 107 47.72 -6.11 53.68
CA VAL C 107 46.48 -6.14 52.92
C VAL C 107 45.48 -7.05 53.63
N TYR C 108 44.31 -6.52 53.95
CA TYR C 108 43.22 -7.27 54.53
C TYR C 108 42.19 -7.53 53.46
N ARG C 109 41.82 -8.79 53.27
CA ARG C 109 40.97 -9.21 52.16
C ARG C 109 39.55 -9.56 52.61
N THR C 110 39.06 -8.87 53.63
CA THR C 110 37.69 -9.04 54.12
C THR C 110 37.08 -7.68 54.39
N HIS C 111 35.75 -7.67 54.53
CA HIS C 111 35.03 -6.43 54.76
C HIS C 111 35.46 -5.76 56.05
N THR C 112 35.79 -4.47 55.97
CA THR C 112 36.31 -3.71 57.09
C THR C 112 35.30 -2.64 57.49
N ARG C 113 34.94 -2.63 58.77
CA ARG C 113 34.02 -1.66 59.34
C ARG C 113 34.73 -0.74 60.31
N PHE C 114 34.17 0.45 60.51
CA PHE C 114 34.70 1.38 61.48
C PHE C 114 34.31 0.94 62.89
N GLY C 115 35.21 1.18 63.84
CA GLY C 115 34.94 0.96 65.23
C GLY C 115 34.83 2.28 65.96
N PRO C 116 34.68 2.23 67.29
CA PRO C 116 34.65 3.46 68.06
C PRO C 116 36.01 4.15 68.03
N VAL C 117 35.99 5.48 67.88
CA VAL C 117 37.22 6.25 67.85
C VAL C 117 37.94 6.09 69.17
N GLN C 118 39.23 5.75 69.10
CA GLN C 118 39.99 5.47 70.31
C GLN C 118 40.20 6.75 71.12
N ALA C 119 40.59 6.57 72.39
CA ALA C 119 40.77 7.71 73.29
C ALA C 119 41.87 8.63 72.80
N ASP C 120 42.93 8.08 72.22
CA ASP C 120 44.06 8.84 71.73
C ASP C 120 43.81 9.49 70.37
N GLY C 121 42.58 9.48 69.88
CA GLY C 121 42.23 10.13 68.64
C GLY C 121 42.39 9.31 67.38
N ARG C 122 42.97 8.12 67.47
CA ARG C 122 43.14 7.27 66.30
C ARG C 122 41.88 6.43 66.07
N TYR C 123 41.67 6.04 64.81
CA TYR C 123 40.46 5.35 64.42
C TYR C 123 40.66 3.84 64.49
N LEU C 124 39.69 3.14 65.07
CA LEU C 124 39.71 1.69 65.13
C LEU C 124 38.93 1.11 63.98
N LEU C 125 39.52 0.12 63.30
CA LEU C 125 38.86 -0.57 62.20
C LEU C 125 38.91 -2.06 62.47
N ARG C 126 37.79 -2.74 62.24
CA ARG C 126 37.68 -4.17 62.48
C ARG C 126 37.12 -4.85 61.24
N THR C 127 37.65 -6.02 60.94
CA THR C 127 37.26 -6.79 59.77
C THR C 127 36.37 -7.96 60.14
N ASP C 128 35.65 -8.49 59.14
CA ASP C 128 34.78 -9.64 59.35
C ASP C 128 35.53 -10.91 59.66
N ALA C 129 36.85 -10.93 59.47
CA ALA C 129 37.66 -12.08 59.84
C ALA C 129 38.06 -12.08 61.31
N GLY C 130 37.68 -11.04 62.05
CA GLY C 130 37.99 -10.92 63.45
C GLY C 130 39.14 -9.99 63.78
N GLU C 131 39.89 -9.54 62.78
CA GLU C 131 41.02 -8.67 63.03
C GLU C 131 40.57 -7.25 63.34
N GLU C 132 41.33 -6.58 64.20
CA GLU C 132 41.10 -5.18 64.54
C GLU C 132 42.45 -4.47 64.56
N PHE C 133 42.47 -3.25 64.02
CA PHE C 133 43.70 -2.46 63.99
C PHE C 133 43.34 -0.99 64.00
N THR C 134 44.33 -0.16 64.28
CA THR C 134 44.15 1.28 64.39
C THR C 134 44.94 1.99 63.29
N ALA C 135 44.50 3.21 62.97
CA ALA C 135 45.14 4.01 61.95
C ALA C 135 45.00 5.48 62.30
N GLU C 136 46.03 6.25 61.97
CA GLU C 136 46.00 7.70 62.24
C GLU C 136 45.20 8.43 61.17
N GLN C 137 45.48 8.14 59.91
CA GLN C 137 44.68 8.63 58.79
C GLN C 137 43.91 7.47 58.17
N VAL C 138 42.77 7.79 57.57
CA VAL C 138 41.90 6.80 56.94
C VAL C 138 41.42 7.36 55.62
N VAL C 139 41.47 6.55 54.56
CA VAL C 139 40.98 6.92 53.25
C VAL C 139 39.80 6.02 52.90
N ILE C 140 38.67 6.62 52.59
CA ILE C 140 37.45 5.88 52.28
C ILE C 140 37.28 5.90 50.76
N ALA C 141 37.38 4.73 50.14
CA ALA C 141 37.17 4.57 48.70
C ALA C 141 36.38 3.28 48.47
N ALA C 142 35.22 3.18 49.13
CA ALA C 142 34.43 1.97 49.13
C ALA C 142 33.63 1.76 47.84
N GLY C 143 33.59 2.75 46.96
CA GLY C 143 32.89 2.58 45.70
C GLY C 143 31.39 2.43 45.89
N SER C 144 30.76 1.74 44.94
CA SER C 144 29.32 1.52 44.94
C SER C 144 29.02 0.06 44.66
N ARG C 145 27.76 -0.30 44.85
CA ARG C 145 27.27 -1.66 44.61
C ARG C 145 25.94 -1.58 43.88
N PRO C 146 25.61 -2.60 43.07
CA PRO C 146 24.35 -2.56 42.32
C PRO C 146 23.14 -2.58 43.25
N VAL C 147 22.05 -1.98 42.77
CA VAL C 147 20.78 -1.95 43.48
C VAL C 147 19.77 -2.79 42.71
N ILE C 148 19.16 -3.75 43.39
CA ILE C 148 18.18 -4.66 42.79
C ILE C 148 16.81 -4.30 43.36
N PRO C 149 15.78 -4.15 42.53
CA PRO C 149 14.44 -3.85 43.03
C PRO C 149 13.96 -4.90 44.03
N PRO C 150 13.24 -4.49 45.07
CA PRO C 150 12.82 -5.46 46.10
C PRO C 150 11.93 -6.55 45.56
N ALA C 151 11.12 -6.26 44.53
CA ALA C 151 10.25 -7.28 43.97
C ALA C 151 11.05 -8.42 43.35
N ILE C 152 12.22 -8.11 42.78
CA ILE C 152 13.05 -9.15 42.20
C ILE C 152 13.72 -9.97 43.28
N LEU C 153 14.12 -9.32 44.38
CA LEU C 153 14.69 -10.05 45.50
C LEU C 153 13.67 -10.97 46.14
N ALA C 154 12.42 -10.50 46.29
CA ALA C 154 11.38 -11.32 46.90
C ALA C 154 11.05 -12.54 46.05
N SER C 155 11.10 -12.40 44.72
CA SER C 155 10.78 -13.52 43.85
C SER C 155 11.80 -14.63 43.95
N GLY C 156 13.05 -14.31 44.26
CA GLY C 156 14.08 -15.32 44.34
C GLY C 156 14.49 -15.90 42.99
N VAL C 157 14.30 -15.16 41.92
CA VAL C 157 14.66 -15.64 40.59
C VAL C 157 16.16 -15.52 40.39
N ASP C 158 16.69 -16.39 39.54
CA ASP C 158 18.09 -16.30 39.16
C ASP C 158 18.29 -15.09 38.26
N TYR C 159 19.09 -14.13 38.72
CA TYR C 159 19.32 -12.90 37.98
C TYR C 159 20.82 -12.61 37.91
N HIS C 160 21.18 -11.72 36.99
CA HIS C 160 22.56 -11.31 36.80
C HIS C 160 22.66 -9.79 36.86
N THR C 161 23.81 -9.31 37.29
CA THR C 161 24.14 -7.89 37.26
C THR C 161 25.38 -7.70 36.39
N SER C 162 25.80 -6.44 36.25
CA SER C 162 27.02 -6.15 35.49
C SER C 162 28.24 -6.82 36.10
N ASP C 163 28.19 -7.18 37.38
CA ASP C 163 29.33 -7.79 38.05
C ASP C 163 29.53 -9.24 37.63
N THR C 164 28.47 -9.92 37.21
CA THR C 164 28.54 -11.36 36.96
C THR C 164 28.09 -11.76 35.56
N VAL C 165 27.50 -10.84 34.78
CA VAL C 165 26.95 -11.23 33.48
C VAL C 165 28.02 -11.45 32.43
N MET C 166 29.21 -10.84 32.58
CA MET C 166 30.22 -10.91 31.55
C MET C 166 31.00 -12.22 31.56
N ARG C 167 30.84 -13.06 32.58
CA ARG C 167 31.53 -14.34 32.66
C ARG C 167 30.57 -15.52 32.48
N ILE C 168 29.50 -15.31 31.71
CA ILE C 168 28.54 -16.37 31.44
C ILE C 168 29.14 -17.38 30.48
N ALA C 169 28.73 -18.65 30.63
CA ALA C 169 29.34 -19.73 29.86
C ALA C 169 28.97 -19.66 28.38
N GLU C 170 27.69 -19.49 28.08
CA GLU C 170 27.21 -19.49 26.71
C GLU C 170 26.27 -18.32 26.51
N LEU C 171 26.27 -17.77 25.29
CA LEU C 171 25.44 -16.62 25.00
C LEU C 171 23.98 -17.04 24.92
N PRO C 172 23.08 -16.40 25.67
CA PRO C 172 21.68 -16.78 25.66
C PRO C 172 20.94 -16.29 24.41
N GLU C 173 19.78 -16.90 24.18
CA GLU C 173 18.95 -16.51 23.04
C GLU C 173 18.11 -15.28 23.34
N HIS C 174 17.61 -15.14 24.57
CA HIS C 174 16.76 -14.03 24.94
C HIS C 174 17.13 -13.52 26.32
N ILE C 175 17.33 -12.22 26.45
CA ILE C 175 17.66 -11.57 27.72
C ILE C 175 16.65 -10.48 28.00
N VAL C 176 16.26 -10.36 29.26
CA VAL C 176 15.42 -9.26 29.73
C VAL C 176 16.28 -8.41 30.65
N ILE C 177 16.46 -7.14 30.29
CA ILE C 177 17.24 -6.19 31.06
C ILE C 177 16.28 -5.21 31.71
N VAL C 178 16.31 -5.13 33.04
CA VAL C 178 15.48 -4.20 33.79
C VAL C 178 16.35 -2.99 34.15
N GLY C 179 15.99 -1.84 33.62
CA GLY C 179 16.74 -0.62 33.81
C GLY C 179 16.81 0.17 32.51
N SER C 180 17.08 1.47 32.65
CA SER C 180 17.13 2.39 31.52
C SER C 180 18.37 3.26 31.57
N GLY C 181 19.43 2.78 32.22
CA GLY C 181 20.62 3.57 32.45
C GLY C 181 21.78 3.24 31.52
N PHE C 182 22.96 3.69 31.92
CA PHE C 182 24.16 3.52 31.11
C PHE C 182 24.50 2.05 30.96
N ILE C 183 24.40 1.29 32.04
CA ILE C 183 24.69 -0.14 31.99
C ILE C 183 23.68 -0.87 31.12
N ALA C 184 22.40 -0.51 31.26
CA ALA C 184 21.36 -1.18 30.49
C ALA C 184 21.50 -0.92 28.99
N ALA C 185 21.84 0.31 28.62
CA ALA C 185 21.99 0.61 27.19
C ALA C 185 23.24 -0.04 26.61
N GLU C 186 24.34 -0.04 27.37
CA GLU C 186 25.59 -0.58 26.86
C GLU C 186 25.50 -2.10 26.67
N PHE C 187 24.93 -2.81 27.64
CA PHE C 187 24.83 -4.26 27.54
C PHE C 187 23.77 -4.68 26.53
N ALA C 188 22.71 -3.90 26.37
CA ALA C 188 21.73 -4.19 25.33
C ALA C 188 22.38 -4.10 23.95
N HIS C 189 23.27 -3.12 23.76
CA HIS C 189 23.98 -3.00 22.49
C HIS C 189 24.96 -4.15 22.29
N VAL C 190 25.61 -4.59 23.38
CA VAL C 190 26.60 -5.66 23.26
C VAL C 190 25.93 -6.97 22.86
N PHE C 191 24.86 -7.34 23.56
CA PHE C 191 24.26 -8.65 23.34
C PHE C 191 23.48 -8.70 22.03
N SER C 192 22.75 -7.63 21.71
CA SER C 192 21.97 -7.64 20.47
C SER C 192 22.86 -7.66 19.25
N ALA C 193 24.01 -6.99 19.31
CA ALA C 193 24.94 -7.01 18.18
C ALA C 193 25.58 -8.38 17.99
N LEU C 194 25.63 -9.20 19.03
CA LEU C 194 26.17 -10.55 18.94
C LEU C 194 25.10 -11.59 18.61
N GLY C 195 23.88 -11.16 18.30
CA GLY C 195 22.83 -12.05 17.87
C GLY C 195 21.79 -12.42 18.90
N VAL C 196 21.72 -11.73 20.03
CA VAL C 196 20.78 -12.04 21.10
C VAL C 196 19.57 -11.14 20.96
N ARG C 197 18.38 -11.70 21.16
CA ARG C 197 17.16 -10.90 21.19
C ARG C 197 17.06 -10.22 22.54
N VAL C 198 17.02 -8.89 22.54
CA VAL C 198 17.13 -8.07 23.75
C VAL C 198 15.78 -7.40 24.02
N THR C 199 15.31 -7.51 25.26
CA THR C 199 14.08 -6.86 25.70
C THR C 199 14.39 -5.98 26.90
N LEU C 200 14.11 -4.68 26.76
CA LEU C 200 14.27 -3.72 27.85
C LEU C 200 12.93 -3.53 28.55
N VAL C 201 12.94 -3.56 29.87
CA VAL C 201 11.75 -3.31 30.68
C VAL C 201 12.08 -2.13 31.59
N ILE C 202 11.63 -0.93 31.19
CA ILE C 202 11.92 0.29 31.94
C ILE C 202 10.61 0.84 32.48
N ARG C 203 10.69 1.48 33.65
CA ARG C 203 9.51 2.06 34.26
C ARG C 203 9.27 3.50 33.83
N GLY C 204 10.27 4.17 33.26
CA GLY C 204 10.12 5.52 32.75
C GLY C 204 9.58 5.55 31.34
N SER C 205 9.82 6.66 30.65
CA SER C 205 9.33 6.83 29.29
C SER C 205 10.41 6.91 28.24
N CYS C 206 11.66 7.14 28.63
CA CYS C 206 12.75 7.19 27.67
C CYS C 206 13.97 6.52 28.27
N LEU C 207 14.83 6.00 27.40
CA LEU C 207 16.12 5.48 27.84
C LEU C 207 17.11 6.61 28.01
N LEU C 208 17.99 6.47 28.99
CA LEU C 208 18.99 7.49 29.33
C LEU C 208 18.32 8.84 29.57
N ARG C 209 17.48 8.89 30.61
CA ARG C 209 16.73 10.12 30.88
C ARG C 209 17.62 11.23 31.42
N HIS C 210 18.70 10.88 32.13
CA HIS C 210 19.60 11.88 32.69
C HIS C 210 20.51 12.52 31.63
N CYS C 211 20.15 12.41 30.37
CA CYS C 211 20.82 13.08 29.27
C CYS C 211 19.89 14.13 28.70
N ASP C 212 20.43 14.95 27.79
CA ASP C 212 19.63 15.98 27.13
C ASP C 212 18.43 15.32 26.46
N ASP C 213 17.28 16.00 26.52
CA ASP C 213 16.03 15.42 26.03
C ASP C 213 16.09 15.15 24.53
N THR C 214 16.87 15.94 23.78
CA THR C 214 17.04 15.65 22.37
C THR C 214 17.71 14.29 22.16
N ILE C 215 18.65 13.93 23.05
CA ILE C 215 19.31 12.63 22.95
C ILE C 215 18.38 11.52 23.41
N CYS C 216 17.71 11.71 24.55
CA CYS C 216 16.84 10.66 25.08
C CYS C 216 15.70 10.35 24.11
N GLU C 217 15.09 11.38 23.53
CA GLU C 217 13.98 11.17 22.61
C GLU C 217 14.42 10.43 21.36
N ARG C 218 15.53 10.86 20.75
CA ARG C 218 15.96 10.26 19.49
C ARG C 218 16.59 8.89 19.70
N PHE C 219 17.34 8.70 20.79
CA PHE C 219 17.97 7.41 21.03
C PHE C 219 16.94 6.35 21.38
N THR C 220 15.93 6.72 22.18
CA THR C 220 14.91 5.75 22.57
C THR C 220 14.10 5.29 21.37
N ARG C 221 13.81 6.19 20.43
CA ARG C 221 13.11 5.80 19.21
C ARG C 221 13.94 4.84 18.38
N ILE C 222 15.25 5.12 18.24
CA ILE C 222 16.12 4.25 17.48
C ILE C 222 16.26 2.89 18.17
N ALA C 223 16.46 2.90 19.49
CA ALA C 223 16.64 1.65 20.21
C ALA C 223 15.38 0.79 20.17
N SER C 224 14.20 1.42 20.14
CA SER C 224 12.95 0.68 20.17
C SER C 224 12.71 -0.11 18.89
N THR C 225 13.40 0.22 17.80
CA THR C 225 13.22 -0.48 16.54
C THR C 225 14.08 -1.74 16.43
N LYS C 226 15.12 -1.87 17.25
CA LYS C 226 15.97 -3.04 17.22
C LYS C 226 15.92 -3.86 18.51
N TRP C 227 15.42 -3.29 19.60
CA TRP C 227 15.16 -4.02 20.83
C TRP C 227 13.69 -3.87 21.20
N GLU C 228 13.18 -4.86 21.94
CA GLU C 228 11.80 -4.83 22.41
C GLU C 228 11.76 -3.98 23.68
N LEU C 229 11.28 -2.75 23.55
CA LEU C 229 11.24 -1.80 24.66
C LEU C 229 9.86 -1.76 25.27
N ARG C 230 9.75 -2.13 26.54
CA ARG C 230 8.50 -2.07 27.30
C ARG C 230 8.62 -0.92 28.29
N THR C 231 7.95 0.19 27.99
CA THR C 231 8.00 1.37 28.83
C THR C 231 6.87 1.35 29.86
N HIS C 232 7.09 2.07 30.95
CA HIS C 232 6.10 2.19 32.04
C HIS C 232 5.73 0.83 32.62
N ARG C 233 6.73 -0.03 32.80
CA ARG C 233 6.51 -1.38 33.29
C ARG C 233 7.50 -1.70 34.40
N ASN C 234 7.04 -2.43 35.40
CA ASN C 234 7.88 -2.91 36.49
C ASN C 234 7.66 -4.40 36.69
N VAL C 235 8.73 -5.08 37.09
CA VAL C 235 8.65 -6.50 37.42
C VAL C 235 8.18 -6.64 38.86
N VAL C 236 7.12 -7.42 39.08
CA VAL C 236 6.54 -7.59 40.40
C VAL C 236 6.77 -9.00 40.96
N ASP C 237 6.93 -10.00 40.11
CA ASP C 237 7.15 -11.36 40.58
C ASP C 237 7.87 -12.14 39.48
N GLY C 238 8.25 -13.37 39.80
CA GLY C 238 8.91 -14.22 38.83
C GLY C 238 9.17 -15.58 39.45
N GLN C 239 9.49 -16.53 38.58
CA GLN C 239 9.85 -17.87 39.02
C GLN C 239 10.77 -18.49 37.97
N GLN C 240 11.41 -19.58 38.38
CA GLN C 240 12.34 -20.28 37.49
C GLN C 240 11.56 -21.08 36.45
N ARG C 241 12.06 -21.07 35.21
CA ARG C 241 11.47 -21.82 34.10
C ARG C 241 12.61 -22.62 33.46
N GLY C 242 12.95 -23.75 34.08
CA GLY C 242 14.10 -24.51 33.63
C GLY C 242 15.39 -23.72 33.82
N SER C 243 16.24 -23.74 32.80
CA SER C 243 17.44 -22.91 32.84
C SER C 243 17.10 -21.43 32.74
N GLY C 244 15.95 -21.10 32.16
CA GLY C 244 15.54 -19.72 32.00
C GLY C 244 14.68 -19.23 33.14
N VAL C 245 14.02 -18.09 32.91
CA VAL C 245 13.20 -17.43 33.91
C VAL C 245 11.92 -16.93 33.27
N ALA C 246 10.87 -16.84 34.09
CA ALA C 246 9.60 -16.25 33.69
C ALA C 246 9.30 -15.08 34.62
N LEU C 247 9.05 -13.92 34.04
CA LEU C 247 8.90 -12.68 34.80
C LEU C 247 7.50 -12.11 34.62
N ARG C 248 6.82 -11.86 35.74
CA ARG C 248 5.50 -11.23 35.74
C ARG C 248 5.64 -9.72 35.89
N LEU C 249 4.97 -8.97 35.03
CA LEU C 249 5.05 -7.52 35.06
C LEU C 249 3.89 -6.95 35.88
N ASP C 250 3.97 -5.63 36.13
CA ASP C 250 2.97 -4.94 36.95
C ASP C 250 1.63 -4.74 36.25
N ASP C 251 1.46 -5.23 35.03
CA ASP C 251 0.18 -5.14 34.33
C ASP C 251 -0.41 -6.51 34.02
N GLY C 252 0.12 -7.57 34.61
CA GLY C 252 -0.35 -8.91 34.37
C GLY C 252 0.43 -9.69 33.33
N CYS C 253 1.18 -9.01 32.46
CA CYS C 253 1.92 -9.68 31.42
C CYS C 253 3.06 -10.50 32.01
N THR C 254 3.44 -11.57 31.32
CA THR C 254 4.56 -12.40 31.71
C THR C 254 5.54 -12.48 30.54
N ILE C 255 6.82 -12.33 30.83
CA ILE C 255 7.87 -12.37 29.82
C ILE C 255 8.76 -13.57 30.12
N ASN C 256 8.91 -14.46 29.14
CA ASN C 256 9.80 -15.59 29.24
C ASN C 256 11.14 -15.24 28.59
N ALA C 257 12.23 -15.61 29.26
CA ALA C 257 13.55 -15.26 28.79
C ALA C 257 14.55 -16.29 29.27
N ASP C 258 15.74 -16.26 28.66
CA ASP C 258 16.81 -17.17 29.01
C ASP C 258 17.73 -16.60 30.08
N LEU C 259 17.71 -15.28 30.28
CA LEU C 259 18.62 -14.62 31.21
C LEU C 259 18.00 -13.33 31.70
N LEU C 260 18.19 -13.04 32.99
CA LEU C 260 17.72 -11.82 33.61
C LEU C 260 18.92 -10.95 33.98
N LEU C 261 18.90 -9.70 33.54
CA LEU C 261 19.97 -8.75 33.83
C LEU C 261 19.35 -7.54 34.53
N VAL C 262 19.86 -7.22 35.72
CA VAL C 262 19.37 -6.10 36.51
C VAL C 262 20.36 -4.95 36.39
N ALA C 263 19.87 -3.78 35.98
CA ALA C 263 20.68 -2.58 35.84
C ALA C 263 19.85 -1.37 36.27
N THR C 264 19.45 -1.37 37.54
CA THR C 264 18.56 -0.36 38.09
C THR C 264 19.28 0.66 38.96
N GLY C 265 20.59 0.81 38.77
CA GLY C 265 21.36 1.81 39.48
C GLY C 265 22.27 1.19 40.53
N ARG C 266 23.17 2.04 41.03
CA ARG C 266 24.13 1.65 42.06
C ARG C 266 24.02 2.62 43.24
N VAL C 267 24.45 2.15 44.41
CA VAL C 267 24.42 2.93 45.63
C VAL C 267 25.77 2.83 46.32
N SER C 268 26.19 3.93 46.94
CA SER C 268 27.47 3.96 47.64
C SER C 268 27.47 2.96 48.80
N ASN C 269 28.67 2.46 49.13
CA ASN C 269 28.86 1.51 50.21
C ASN C 269 29.06 2.17 51.56
N ALA C 270 28.66 3.44 51.71
CA ALA C 270 28.87 4.14 52.97
C ALA C 270 28.03 3.56 54.10
N ASP C 271 26.84 3.04 53.78
CA ASP C 271 25.95 2.50 54.81
C ASP C 271 26.45 1.20 55.42
N LEU C 272 27.55 0.64 54.92
CA LEU C 272 28.14 -0.58 55.45
C LEU C 272 29.46 -0.32 56.17
N LEU C 273 29.67 0.92 56.65
CA LEU C 273 30.95 1.31 57.22
C LEU C 273 30.92 1.60 58.71
N ASP C 274 29.74 1.82 59.29
CA ASP C 274 29.63 2.31 60.68
C ASP C 274 30.41 3.61 60.85
N ALA C 275 30.39 4.43 59.80
CA ALA C 275 31.18 5.66 59.80
C ALA C 275 30.59 6.70 60.75
N GLU C 276 29.26 6.74 60.87
CA GLU C 276 28.63 7.69 61.78
C GLU C 276 29.04 7.44 63.22
N GLN C 277 29.29 6.18 63.58
CA GLN C 277 29.81 5.87 64.92
C GLN C 277 31.23 6.38 65.12
N ALA C 278 31.95 6.67 64.04
CA ALA C 278 33.33 7.13 64.12
C ALA C 278 33.47 8.60 63.75
N GLY C 279 32.37 9.31 63.52
CA GLY C 279 32.41 10.73 63.30
C GLY C 279 32.27 11.19 61.86
N VAL C 280 31.97 10.30 60.93
CA VAL C 280 31.82 10.65 59.53
C VAL C 280 30.33 10.79 59.22
N ASP C 281 29.94 11.98 58.76
CA ASP C 281 28.54 12.24 58.46
C ASP C 281 28.15 11.58 57.14
N VAL C 282 26.89 11.12 57.08
CA VAL C 282 26.38 10.41 55.91
C VAL C 282 24.99 10.97 55.60
N GLU C 283 24.86 11.65 54.47
CA GLU C 283 23.57 12.05 53.93
C GLU C 283 23.26 11.20 52.70
N ASP C 284 21.99 10.86 52.52
CA ASP C 284 21.54 9.89 51.53
C ASP C 284 22.26 8.59 51.85
N GLY C 285 22.99 7.99 50.92
CA GLY C 285 23.81 6.83 51.25
C GLY C 285 25.28 7.07 50.95
N ARG C 286 25.69 8.33 50.95
CA ARG C 286 27.02 8.75 50.54
C ARG C 286 27.75 9.45 51.68
N VAL C 287 29.07 9.43 51.60
CA VAL C 287 29.91 10.13 52.57
C VAL C 287 30.03 11.59 52.13
N ILE C 288 29.75 12.51 53.04
CA ILE C 288 29.83 13.93 52.72
C ILE C 288 31.28 14.38 52.76
N VAL C 289 31.73 15.02 51.68
CA VAL C 289 33.07 15.58 51.59
C VAL C 289 32.97 17.01 51.10
N ASP C 290 34.00 17.79 51.40
CA ASP C 290 34.07 19.17 50.96
C ASP C 290 34.85 19.25 49.66
N GLU C 291 35.25 20.47 49.27
CA GLU C 291 36.02 20.63 48.05
C GLU C 291 37.43 20.10 48.19
N TYR C 292 37.86 19.73 49.39
CA TYR C 292 39.16 19.12 49.62
C TYR C 292 39.06 17.63 49.92
N GLN C 293 37.90 17.02 49.68
CA GLN C 293 37.67 15.59 49.95
C GLN C 293 37.85 15.25 51.42
N ARG C 294 37.57 16.21 52.31
CA ARG C 294 37.66 15.99 53.74
C ARG C 294 36.30 15.62 54.31
N THR C 295 36.28 14.64 55.21
CA THR C 295 35.06 14.24 55.88
C THR C 295 34.89 15.07 57.16
N SER C 296 33.89 14.73 57.97
CA SER C 296 33.66 15.41 59.23
C SER C 296 34.59 14.92 60.33
N ALA C 297 35.44 13.94 60.05
CA ALA C 297 36.38 13.39 61.02
C ALA C 297 37.80 13.75 60.61
N ARG C 298 38.59 14.20 61.58
CA ARG C 298 39.95 14.63 61.30
C ARG C 298 40.78 13.46 60.79
N GLY C 299 41.52 13.70 59.70
CA GLY C 299 42.38 12.70 59.11
C GLY C 299 41.69 11.66 58.27
N VAL C 300 40.39 11.78 58.04
CA VAL C 300 39.63 10.83 57.24
C VAL C 300 39.20 11.51 55.95
N PHE C 301 39.66 10.98 54.82
CA PHE C 301 39.29 11.47 53.50
C PHE C 301 38.40 10.46 52.80
N ALA C 302 37.79 10.89 51.70
CA ALA C 302 36.95 10.01 50.91
C ALA C 302 37.04 10.41 49.44
N LEU C 303 36.80 9.44 48.56
CA LEU C 303 36.90 9.65 47.13
C LEU C 303 36.15 8.54 46.42
N GLY C 304 35.84 8.79 45.14
CA GLY C 304 35.20 7.78 44.32
C GLY C 304 33.69 7.75 44.51
N ASP C 305 33.11 6.59 44.19
CA ASP C 305 31.65 6.45 44.23
C ASP C 305 31.09 6.56 45.64
N VAL C 306 31.90 6.35 46.67
CA VAL C 306 31.43 6.39 48.05
C VAL C 306 31.02 7.80 48.46
N SER C 307 31.52 8.82 47.77
CA SER C 307 31.26 10.22 48.13
C SER C 307 30.91 11.09 46.93
N SER C 308 31.48 10.85 45.75
CA SER C 308 31.30 11.77 44.62
C SER C 308 29.87 11.71 44.08
N PRO C 309 29.35 12.85 43.60
CA PRO C 309 28.07 12.80 42.87
C PRO C 309 28.21 12.18 41.49
N TYR C 310 29.41 12.13 40.94
CA TYR C 310 29.66 11.51 39.64
C TYR C 310 30.25 10.12 39.86
N LEU C 311 29.57 9.10 39.35
CA LEU C 311 30.07 7.72 39.43
C LEU C 311 30.88 7.41 38.18
N LEU C 312 31.99 8.11 38.04
CA LEU C 312 32.86 7.99 36.88
C LEU C 312 34.29 7.77 37.33
N LYS C 313 35.04 7.00 36.53
CA LYS C 313 36.41 6.65 36.92
C LYS C 313 37.35 7.83 36.80
N HIS C 314 37.25 8.60 35.70
CA HIS C 314 38.12 9.76 35.55
C HIS C 314 37.88 10.81 36.62
N VAL C 315 36.69 10.82 37.23
CA VAL C 315 36.46 11.68 38.38
C VAL C 315 37.06 11.07 39.64
N ALA C 316 36.90 9.75 39.83
CA ALA C 316 37.48 9.11 40.99
C ALA C 316 39.00 9.17 40.98
N ASN C 317 39.61 9.16 39.79
CA ASN C 317 41.06 9.32 39.72
C ASN C 317 41.46 10.75 40.03
N HIS C 318 40.68 11.73 39.57
CA HIS C 318 40.94 13.12 39.91
C HIS C 318 40.74 13.36 41.40
N GLU C 319 39.70 12.76 41.98
CA GLU C 319 39.47 12.88 43.42
C GLU C 319 40.55 12.16 44.23
N ALA C 320 41.08 11.06 43.70
CA ALA C 320 42.17 10.37 44.38
C ALA C 320 43.44 11.21 44.38
N ARG C 321 43.67 12.01 43.33
CA ARG C 321 44.82 12.89 43.30
C ARG C 321 44.70 14.00 44.33
N VAL C 322 43.48 14.50 44.55
CA VAL C 322 43.27 15.53 45.56
C VAL C 322 43.51 14.96 46.96
N VAL C 323 42.99 13.75 47.22
CA VAL C 323 43.25 13.10 48.50
C VAL C 323 44.74 12.83 48.65
N GLN C 324 45.39 12.43 47.56
CA GLN C 324 46.83 12.15 47.60
C GLN C 324 47.63 13.38 48.04
N HIS C 325 47.22 14.56 47.59
CA HIS C 325 47.92 15.78 47.95
C HIS C 325 47.52 16.27 49.35
N ASN C 326 46.23 16.24 49.66
CA ASN C 326 45.76 16.79 50.92
C ASN C 326 46.11 15.91 52.11
N LEU C 327 46.45 14.64 51.89
CA LEU C 327 46.89 13.79 52.99
C LEU C 327 48.21 14.25 53.58
N LEU C 328 49.10 14.78 52.75
CA LEU C 328 50.41 15.24 53.21
C LEU C 328 50.35 16.64 53.83
N CYS C 329 49.23 17.33 53.75
CA CYS C 329 49.06 18.65 54.35
C CYS C 329 48.40 18.51 55.71
N ASP C 330 48.53 19.56 56.52
CA ASP C 330 47.83 19.60 57.79
C ASP C 330 46.33 19.68 57.55
N TRP C 331 45.56 19.10 58.48
CA TRP C 331 44.12 18.99 58.29
C TRP C 331 43.46 20.36 58.21
N GLU C 332 44.05 21.36 58.86
CA GLU C 332 43.51 22.70 58.89
C GLU C 332 44.21 23.64 57.90
N ASP C 333 45.26 23.19 57.23
CA ASP C 333 45.97 24.00 56.24
C ASP C 333 45.23 23.96 54.90
N THR C 334 43.98 24.46 54.94
CA THR C 334 43.13 24.42 53.75
C THR C 334 43.69 25.29 52.64
N GLN C 335 44.46 26.33 52.99
CA GLN C 335 45.04 27.19 51.97
C GLN C 335 46.19 26.53 51.24
N SER C 336 46.79 25.50 51.83
CA SER C 336 47.85 24.72 51.18
C SER C 336 47.31 23.48 50.47
N MET C 337 46.01 23.24 50.53
CA MET C 337 45.39 22.08 49.89
C MET C 337 44.95 22.43 48.47
N ILE C 338 44.67 21.39 47.69
CA ILE C 338 44.19 21.53 46.32
C ILE C 338 42.70 21.22 46.28
N VAL C 339 42.00 21.88 45.36
CA VAL C 339 40.55 21.79 45.27
C VAL C 339 40.15 20.78 44.19
N THR C 340 39.12 20.00 44.48
CA THR C 340 38.58 19.04 43.52
C THR C 340 37.78 19.77 42.45
N ASP C 341 38.02 19.43 41.18
CA ASP C 341 37.39 20.11 40.05
C ASP C 341 36.24 19.26 39.53
N HIS C 342 35.01 19.73 39.77
CA HIS C 342 33.79 19.12 39.26
C HIS C 342 33.07 20.05 38.27
N ARG C 343 33.84 20.90 37.58
CA ARG C 343 33.25 21.95 36.76
C ARG C 343 32.69 21.41 35.45
N TYR C 344 33.53 20.80 34.62
CA TYR C 344 33.13 20.31 33.30
C TYR C 344 33.39 18.81 33.22
N VAL C 345 32.55 18.04 33.90
CA VAL C 345 32.66 16.58 33.90
C VAL C 345 31.93 15.99 32.70
N PRO C 346 32.63 15.27 31.83
CA PRO C 346 31.98 14.63 30.68
C PRO C 346 31.65 13.17 30.97
N ALA C 347 30.82 12.56 30.13
CA ALA C 347 30.47 11.16 30.27
C ALA C 347 30.06 10.62 28.91
N ALA C 348 30.26 9.32 28.71
CA ALA C 348 29.94 8.67 27.46
C ALA C 348 29.15 7.40 27.73
N VAL C 349 28.30 7.04 26.76
CA VAL C 349 27.51 5.82 26.81
C VAL C 349 27.86 5.03 25.55
N PHE C 350 28.50 3.88 25.72
CA PHE C 350 29.01 3.11 24.58
C PHE C 350 27.92 2.17 24.07
N THR C 351 26.90 2.79 23.48
CA THR C 351 25.78 2.11 22.83
C THR C 351 25.85 2.38 21.33
N ASP C 352 24.86 1.87 20.61
CA ASP C 352 24.69 2.15 19.18
C ASP C 352 23.37 2.89 18.99
N PRO C 353 23.38 4.18 18.65
CA PRO C 353 24.53 5.06 18.41
C PRO C 353 25.27 5.43 19.69
N GLN C 354 26.53 5.82 19.59
CA GLN C 354 27.32 6.19 20.76
C GLN C 354 26.93 7.59 21.22
N ILE C 355 26.92 7.79 22.54
CA ILE C 355 26.51 9.04 23.16
C ILE C 355 27.64 9.57 24.03
N ALA C 356 27.90 10.87 23.93
CA ALA C 356 28.88 11.54 24.78
C ALA C 356 28.40 12.97 25.03
N ALA C 357 28.50 13.40 26.29
CA ALA C 357 27.96 14.71 26.67
C ALA C 357 28.83 15.34 27.74
N VAL C 358 28.82 16.67 27.77
CA VAL C 358 29.52 17.45 28.79
C VAL C 358 28.81 18.78 28.94
N GLY C 359 28.71 19.25 30.18
CA GLY C 359 28.11 20.54 30.45
C GLY C 359 26.61 20.48 30.72
N LEU C 360 25.91 21.55 30.39
CA LEU C 360 24.49 21.67 30.69
C LEU C 360 23.65 21.22 29.50
N THR C 361 22.45 20.75 29.81
CA THR C 361 21.46 20.45 28.79
C THR C 361 20.66 21.71 28.47
N GLU C 362 19.86 21.63 27.39
CA GLU C 362 19.04 22.78 27.02
C GLU C 362 18.08 23.16 28.14
N ASN C 363 17.43 22.15 28.74
CA ASN C 363 16.47 22.43 29.81
C ASN C 363 17.16 22.91 31.07
N GLN C 364 18.36 22.41 31.36
CA GLN C 364 19.10 22.88 32.52
C GLN C 364 19.50 24.34 32.37
N ALA C 365 19.87 24.75 31.14
CA ALA C 365 20.23 26.14 30.91
C ALA C 365 19.01 27.06 31.01
N VAL C 366 17.84 26.57 30.57
CA VAL C 366 16.62 27.36 30.67
C VAL C 366 16.23 27.53 32.14
N ALA C 367 16.41 26.49 32.94
CA ALA C 367 16.08 26.58 34.37
C ALA C 367 16.94 27.61 35.07
N LYS C 368 18.15 27.85 34.58
CA LYS C 368 19.03 28.86 35.14
C LYS C 368 18.81 30.24 34.53
N GLY C 369 17.80 30.39 33.68
CA GLY C 369 17.47 31.68 33.09
C GLY C 369 18.58 32.26 32.23
N LEU C 370 19.27 31.40 31.47
CA LEU C 370 20.36 31.83 30.62
C LEU C 370 19.86 32.06 29.20
N ASP C 371 20.35 33.13 28.56
CA ASP C 371 20.03 33.41 27.17
C ASP C 371 20.95 32.55 26.30
N ILE C 372 20.39 31.54 25.65
CA ILE C 372 21.16 30.49 25.02
C ILE C 372 20.82 30.38 23.54
N SER C 373 21.80 29.92 22.77
CA SER C 373 21.61 29.51 21.38
C SER C 373 21.85 28.01 21.27
N VAL C 374 21.02 27.35 20.46
CA VAL C 374 21.06 25.89 20.33
C VAL C 374 21.13 25.54 18.86
N LYS C 375 22.05 24.64 18.51
CA LYS C 375 22.19 24.14 17.14
C LYS C 375 22.29 22.62 17.17
N ILE C 376 21.56 21.98 16.26
CA ILE C 376 21.58 20.53 16.13
C ILE C 376 22.08 20.23 14.72
N GLN C 377 23.34 19.82 14.61
CA GLN C 377 23.98 19.54 13.33
C GLN C 377 23.92 18.05 13.04
N ASP C 378 23.56 17.71 11.80
CA ASP C 378 23.44 16.31 11.38
C ASP C 378 24.76 15.80 10.83
N TYR C 379 25.08 14.54 11.15
CA TYR C 379 26.24 13.89 10.55
C TYR C 379 26.12 13.87 9.03
N GLY C 380 24.90 13.65 8.52
CA GLY C 380 24.67 13.52 7.09
C GLY C 380 24.91 14.79 6.29
N ASP C 381 25.09 15.93 6.95
CA ASP C 381 25.40 17.17 6.27
C ASP C 381 26.91 17.40 6.16
N VAL C 382 27.70 16.36 6.33
CA VAL C 382 29.15 16.43 6.28
C VAL C 382 29.65 15.32 5.35
N ALA C 383 30.73 15.61 4.63
CA ALA C 383 31.27 14.66 3.66
C ALA C 383 31.56 13.32 4.30
N TYR C 384 32.04 13.32 5.55
CA TYR C 384 32.29 12.06 6.24
C TYR C 384 30.99 11.32 6.53
N GLY C 385 29.92 12.07 6.83
CA GLY C 385 28.62 11.44 6.99
C GLY C 385 28.10 10.83 5.69
N TRP C 386 28.49 11.42 4.56
CA TRP C 386 28.12 10.84 3.26
C TRP C 386 28.75 9.47 3.07
N ALA C 387 30.05 9.35 3.39
CA ALA C 387 30.70 8.06 3.29
C ALA C 387 30.08 7.04 4.24
N MET C 388 29.57 7.51 5.39
CA MET C 388 28.88 6.65 6.33
C MET C 388 27.45 6.37 5.94
N GLU C 389 26.88 7.17 5.03
CA GLU C 389 25.45 7.13 4.73
C GLU C 389 24.65 7.27 6.02
N ASP C 390 25.12 8.15 6.90
CA ASP C 390 24.53 8.33 8.22
C ASP C 390 23.21 9.10 8.10
N THR C 391 22.21 8.66 8.86
CA THR C 391 20.88 9.27 8.82
C THR C 391 20.30 9.49 10.21
N SER C 392 21.13 9.50 11.24
CA SER C 392 20.61 9.61 12.60
C SER C 392 21.58 10.32 13.54
N GLY C 393 22.85 10.38 13.16
CA GLY C 393 23.85 11.00 14.02
C GLY C 393 23.64 12.51 14.11
N ILE C 394 23.71 13.04 15.33
CA ILE C 394 23.51 14.45 15.59
C ILE C 394 24.52 14.93 16.63
N VAL C 395 24.83 16.22 16.58
CA VAL C 395 25.61 16.89 17.60
C VAL C 395 24.88 18.15 18.03
N LYS C 396 24.64 18.29 19.33
CA LYS C 396 23.84 19.38 19.88
C LYS C 396 24.72 20.27 20.74
N LEU C 397 24.74 21.57 20.43
CA LEU C 397 25.56 22.54 21.12
C LEU C 397 24.70 23.65 21.71
N ILE C 398 24.99 24.01 22.95
CA ILE C 398 24.31 25.09 23.65
C ILE C 398 25.37 26.09 24.10
N THR C 399 25.21 27.34 23.69
CA THR C 399 26.14 28.40 24.04
C THR C 399 25.39 29.56 24.70
N GLU C 400 26.08 30.27 25.58
CA GLU C 400 25.53 31.48 26.16
C GLU C 400 25.66 32.60 25.13
N ARG C 401 24.53 33.21 24.77
CA ARG C 401 24.53 34.18 23.68
C ARG C 401 25.36 35.42 24.02
N GLY C 402 25.40 35.81 25.29
CA GLY C 402 26.16 36.97 25.69
C GLY C 402 27.65 36.80 25.53
N SER C 403 28.23 35.87 26.29
CA SER C 403 29.67 35.67 26.26
C SER C 403 30.14 34.88 25.04
N GLY C 404 29.27 34.06 24.45
CA GLY C 404 29.66 33.24 23.34
C GLY C 404 30.41 31.96 23.69
N ARG C 405 30.37 31.56 24.96
CA ARG C 405 31.08 30.36 25.39
C ARG C 405 30.15 29.15 25.37
N LEU C 406 30.74 27.98 25.20
CA LEU C 406 29.96 26.74 25.17
C LEU C 406 29.40 26.45 26.56
N LEU C 407 28.10 26.19 26.63
CA LEU C 407 27.45 25.79 27.87
C LEU C 407 27.28 24.29 28.00
N GLY C 408 27.03 23.61 26.88
CA GLY C 408 26.90 22.16 26.89
C GLY C 408 27.12 21.61 25.50
N ALA C 409 27.56 20.35 25.45
CA ALA C 409 27.79 19.67 24.19
C ALA C 409 27.30 18.24 24.33
N HIS C 410 26.48 17.81 23.38
CA HIS C 410 25.88 16.48 23.41
C HIS C 410 25.95 15.88 22.02
N ILE C 411 26.66 14.76 21.89
CA ILE C 411 26.87 14.09 20.62
C ILE C 411 26.24 12.70 20.71
N MET C 412 25.46 12.34 19.69
CA MET C 412 24.87 11.02 19.57
C MET C 412 25.18 10.51 18.16
N GLY C 413 26.20 9.67 18.05
CA GLY C 413 26.59 9.16 16.76
C GLY C 413 27.96 8.51 16.82
N TYR C 414 28.50 8.24 15.64
CA TYR C 414 29.79 7.58 15.52
C TYR C 414 30.89 8.43 16.16
N GLN C 415 31.76 7.78 16.92
CA GLN C 415 32.91 8.44 17.56
C GLN C 415 32.48 9.57 18.47
N ALA C 416 31.40 9.35 19.24
CA ALA C 416 30.88 10.41 20.10
C ALA C 416 31.88 10.77 21.17
N SER C 417 32.54 9.78 21.76
CA SER C 417 33.51 10.06 22.83
C SER C 417 34.78 10.71 22.31
N SER C 418 35.06 10.60 21.01
CA SER C 418 36.26 11.22 20.45
C SER C 418 36.02 12.63 19.94
N LEU C 419 34.86 12.87 19.32
CA LEU C 419 34.55 14.21 18.82
C LEU C 419 34.27 15.19 19.95
N ILE C 420 33.84 14.70 21.11
CA ILE C 420 33.47 15.59 22.21
C ILE C 420 34.70 16.17 22.91
N GLN C 421 35.87 15.58 22.73
CA GLN C 421 37.05 16.05 23.42
C GLN C 421 37.46 17.48 23.05
N PRO C 422 37.47 17.88 21.77
CA PRO C 422 37.72 19.30 21.47
C PRO C 422 36.70 20.23 22.11
N LEU C 423 35.45 19.81 22.25
CA LEU C 423 34.46 20.64 22.91
C LEU C 423 34.70 20.70 24.41
N ILE C 424 35.14 19.59 25.00
CA ILE C 424 35.53 19.59 26.41
C ILE C 424 36.70 20.54 26.63
N GLN C 425 37.63 20.57 25.67
CA GLN C 425 38.81 21.43 25.79
C GLN C 425 38.43 22.90 25.74
N ALA C 426 37.52 23.27 24.83
CA ALA C 426 37.11 24.66 24.74
C ALA C 426 36.38 25.11 26.00
N MET C 427 35.53 24.23 26.54
CA MET C 427 34.79 24.57 27.76
C MET C 427 35.71 24.65 28.97
N SER C 428 36.66 23.72 29.09
CA SER C 428 37.54 23.68 30.25
C SER C 428 38.48 24.87 30.30
N PHE C 429 38.84 25.43 29.14
CA PHE C 429 39.80 26.52 29.06
C PHE C 429 39.15 27.84 28.63
N GLY C 430 37.83 27.89 28.54
CA GLY C 430 37.12 29.13 28.28
C GLY C 430 37.30 29.67 26.87
N LEU C 431 37.17 28.80 25.87
CA LEU C 431 37.27 29.20 24.47
C LEU C 431 35.86 29.39 23.91
N THR C 432 35.62 30.54 23.28
CA THR C 432 34.31 30.83 22.74
C THR C 432 34.02 29.97 21.51
N ALA C 433 32.73 29.86 21.19
CA ALA C 433 32.31 29.05 20.05
C ALA C 433 32.85 29.62 18.74
N ALA C 434 32.83 30.95 18.61
CA ALA C 434 33.33 31.56 17.38
C ALA C 434 34.82 31.31 17.22
N GLU C 435 35.59 31.45 18.30
CA GLU C 435 37.03 31.20 18.24
C GLU C 435 37.31 29.75 17.86
N MET C 436 36.61 28.81 18.50
CA MET C 436 36.86 27.39 18.23
C MET C 436 36.55 27.03 16.79
N ALA C 437 35.55 27.69 16.19
CA ALA C 437 35.11 27.33 14.85
C ALA C 437 36.08 27.83 13.78
N ARG C 438 36.60 29.05 13.93
CA ARG C 438 37.38 29.68 12.89
C ARG C 438 38.81 30.02 13.31
N GLY C 439 39.19 29.77 14.56
CA GLY C 439 40.55 30.03 14.98
C GLY C 439 41.46 28.82 14.85
N GLN C 440 41.04 27.84 14.05
CA GLN C 440 41.82 26.62 13.87
C GLN C 440 41.32 25.91 12.62
N TYR C 441 42.17 25.05 12.08
CA TYR C 441 41.85 24.28 10.88
C TYR C 441 41.19 22.95 11.26
N TRP C 442 40.28 22.51 10.40
CA TRP C 442 39.66 21.19 10.51
C TRP C 442 39.94 20.41 9.23
N ILE C 443 40.44 19.19 9.39
CA ILE C 443 40.86 18.39 8.25
C ILE C 443 39.64 17.98 7.43
N HIS C 444 39.72 18.19 6.11
CA HIS C 444 38.69 17.79 5.17
C HIS C 444 39.08 16.50 4.48
N PRO C 445 38.18 15.51 4.37
CA PRO C 445 36.82 15.48 4.91
C PRO C 445 36.70 14.61 6.15
N ALA C 446 37.36 14.99 7.25
CA ALA C 446 37.34 14.18 8.46
C ALA C 446 35.99 14.31 9.18
N LEU C 447 35.84 13.49 10.22
CA LEU C 447 34.61 13.46 11.01
C LEU C 447 34.43 14.71 11.86
N PRO C 448 35.46 15.27 12.50
CA PRO C 448 35.25 16.50 13.30
C PRO C 448 34.64 17.66 12.54
N GLU C 449 34.47 17.54 11.21
CA GLU C 449 33.75 18.58 10.47
C GLU C 449 32.32 18.75 10.96
N VAL C 450 31.73 17.69 11.53
CA VAL C 450 30.39 17.80 12.07
C VAL C 450 30.37 18.70 13.31
N VAL C 451 31.49 18.77 14.03
CA VAL C 451 31.59 19.69 15.16
C VAL C 451 31.84 21.11 14.66
N GLU C 452 32.64 21.23 13.60
CA GLU C 452 32.89 22.54 13.01
C GLU C 452 31.59 23.19 12.52
N ASN C 453 30.81 22.43 11.74
CA ASN C 453 29.56 22.99 11.21
C ASN C 453 28.53 23.22 12.30
N ALA C 454 28.60 22.45 13.38
CA ALA C 454 27.72 22.70 14.53
C ALA C 454 28.05 24.05 15.17
N LEU C 455 29.33 24.41 15.21
CA LEU C 455 29.72 25.69 15.76
C LEU C 455 29.34 26.84 14.82
N LEU C 456 29.43 26.60 13.50
CA LEU C 456 29.11 27.65 12.55
C LEU C 456 27.62 27.96 12.54
N GLY C 457 26.79 26.94 12.72
CA GLY C 457 25.34 27.12 12.72
C GLY C 457 24.76 27.74 13.96
N LEU C 458 25.58 28.04 14.96
CA LEU C 458 25.08 28.63 16.20
C LEU C 458 24.67 30.08 15.98
N ARG C 459 23.45 30.41 16.40
CA ARG C 459 22.92 31.77 16.31
C ARG C 459 21.64 31.90 17.13
N MET D 1 30.55 43.07 -27.16
CA MET D 1 31.26 42.42 -26.06
C MET D 1 30.53 42.60 -24.74
N GLU D 2 30.76 41.67 -23.82
CA GLU D 2 30.08 41.66 -22.53
C GLU D 2 30.94 42.33 -21.47
N THR D 3 30.29 42.79 -20.40
CA THR D 3 30.98 43.48 -19.31
C THR D 3 30.51 42.91 -17.98
N TYR D 4 31.45 42.63 -17.08
CA TYR D 4 31.16 42.08 -15.77
C TYR D 4 31.97 42.83 -14.72
N ASP D 5 31.42 42.88 -13.51
CA ASP D 5 32.13 43.50 -12.38
C ASP D 5 33.18 42.59 -11.78
N ILE D 6 33.04 41.28 -11.93
CA ILE D 6 33.98 40.32 -11.36
C ILE D 6 33.91 39.03 -12.17
N ALA D 7 35.06 38.39 -12.35
CA ALA D 7 35.14 37.12 -13.03
C ALA D 7 35.92 36.13 -12.18
N ILE D 8 35.41 34.90 -12.09
CA ILE D 8 36.02 33.85 -11.29
C ILE D 8 36.30 32.66 -12.20
N ILE D 9 37.53 32.17 -12.19
CA ILE D 9 37.94 31.02 -12.98
C ILE D 9 38.03 29.81 -12.05
N GLY D 10 37.10 28.87 -12.20
CA GLY D 10 37.09 27.69 -11.37
C GLY D 10 35.93 27.64 -10.40
N THR D 11 35.17 26.55 -10.42
CA THR D 11 34.00 26.38 -9.56
C THR D 11 34.29 25.46 -8.37
N GLY D 12 35.54 25.42 -7.91
CA GLY D 12 35.88 24.66 -6.73
C GLY D 12 35.67 25.50 -5.49
N SER D 13 36.76 25.99 -4.91
CA SER D 13 36.64 26.95 -3.82
C SER D 13 36.29 28.34 -4.32
N GLY D 14 36.52 28.62 -5.61
CA GLY D 14 36.15 29.91 -6.15
C GLY D 14 34.65 30.11 -6.24
N ASN D 15 33.89 29.01 -6.34
CA ASN D 15 32.44 29.11 -6.35
C ASN D 15 31.89 29.63 -5.03
N SER D 16 32.64 29.50 -3.94
CA SER D 16 32.21 29.96 -2.63
C SER D 16 32.62 31.40 -2.37
N ILE D 17 32.49 32.27 -3.37
CA ILE D 17 32.83 33.68 -3.26
C ILE D 17 31.62 34.58 -3.49
N LEU D 18 30.83 34.29 -4.51
CA LEU D 18 29.68 35.12 -4.84
C LEU D 18 28.59 34.98 -3.78
N ASP D 19 28.60 35.88 -2.81
CA ASP D 19 27.59 35.89 -1.76
C ASP D 19 26.36 36.66 -2.24
N GLU D 20 25.46 36.99 -1.31
CA GLU D 20 24.35 37.87 -1.65
C GLU D 20 24.78 39.33 -1.75
N ARG D 21 25.98 39.67 -1.28
CA ARG D 21 26.51 41.01 -1.42
C ARG D 21 26.83 41.36 -2.86
N TYR D 22 27.04 40.35 -3.71
CA TYR D 22 27.32 40.57 -5.13
C TYR D 22 26.07 40.48 -5.99
N ALA D 23 24.89 40.44 -5.39
CA ALA D 23 23.65 40.37 -6.15
C ALA D 23 23.40 41.61 -6.98
N SER D 24 24.04 42.73 -6.65
CA SER D 24 23.84 43.98 -7.39
C SER D 24 24.85 44.17 -8.51
N LYS D 25 25.83 43.28 -8.63
CA LYS D 25 26.83 43.33 -9.69
C LYS D 25 26.64 42.15 -10.63
N ARG D 26 27.26 42.25 -11.80
CA ARG D 26 27.22 41.20 -12.80
C ARG D 26 28.53 40.42 -12.74
N ALA D 27 28.43 39.09 -12.70
CA ALA D 27 29.60 38.22 -12.57
C ALA D 27 29.59 37.14 -13.63
N ALA D 28 30.78 36.75 -14.06
CA ALA D 28 30.97 35.66 -15.03
C ALA D 28 31.88 34.63 -14.39
N ILE D 29 31.43 33.39 -14.33
CA ILE D 29 32.19 32.29 -13.75
C ILE D 29 32.52 31.30 -14.85
N CYS D 30 33.77 30.82 -14.85
CA CYS D 30 34.29 29.93 -15.89
C CYS D 30 34.67 28.58 -15.31
N GLU D 31 34.23 27.51 -15.96
CA GLU D 31 34.51 26.15 -15.52
C GLU D 31 34.60 25.26 -16.76
N GLN D 32 35.83 24.92 -17.15
CA GLN D 32 36.02 24.11 -18.34
C GLN D 32 35.63 22.64 -18.11
N GLY D 33 35.74 22.16 -16.89
CA GLY D 33 35.43 20.78 -16.55
C GLY D 33 34.04 20.64 -15.96
N THR D 34 33.90 19.65 -15.09
CA THR D 34 32.63 19.41 -14.42
C THR D 34 32.43 20.43 -13.30
N PHE D 35 31.18 20.85 -13.11
CA PHE D 35 30.88 21.88 -12.12
C PHE D 35 31.06 21.32 -10.72
N GLY D 36 31.60 22.14 -9.83
CA GLY D 36 31.80 21.77 -8.44
C GLY D 36 33.25 21.63 -8.03
N GLY D 37 34.17 21.58 -8.98
CA GLY D 37 35.58 21.46 -8.67
C GLY D 37 36.06 20.03 -8.66
N THR D 38 37.31 19.88 -8.24
CA THR D 38 37.95 18.56 -8.23
C THR D 38 37.61 17.78 -6.97
N CYS D 39 37.67 18.44 -5.80
CA CYS D 39 37.50 17.71 -4.54
C CYS D 39 36.12 17.10 -4.42
N LEU D 40 35.10 17.78 -4.95
CA LEU D 40 33.75 17.25 -4.85
C LEU D 40 33.54 16.09 -5.81
N ASN D 41 34.07 16.19 -7.02
CA ASN D 41 33.75 15.25 -8.09
C ASN D 41 34.75 14.09 -8.15
N VAL D 42 36.05 14.38 -8.08
CA VAL D 42 37.06 13.34 -8.19
C VAL D 42 38.17 13.58 -7.17
N GLY D 43 37.79 14.05 -5.98
CA GLY D 43 38.79 14.39 -4.99
C GLY D 43 38.53 13.84 -3.61
N CYS D 44 38.38 14.73 -2.62
CA CYS D 44 38.27 14.30 -1.23
C CYS D 44 37.00 13.49 -0.99
N ILE D 45 35.86 14.01 -1.39
CA ILE D 45 34.57 13.42 -1.05
C ILE D 45 34.39 12.05 -1.70
N PRO D 46 34.59 11.88 -3.02
CA PRO D 46 34.42 10.54 -3.58
C PRO D 46 35.44 9.53 -3.07
N THR D 47 36.72 9.92 -2.98
CA THR D 47 37.76 8.98 -2.58
C THR D 47 37.52 8.45 -1.16
N LYS D 48 37.27 9.36 -0.21
CA LYS D 48 37.05 8.96 1.17
C LYS D 48 35.78 8.13 1.32
N MET D 49 34.85 8.24 0.38
CA MET D 49 33.68 7.37 0.40
C MET D 49 34.06 5.93 0.12
N PHE D 50 34.91 5.72 -0.90
CA PHE D 50 35.42 4.38 -1.18
C PHE D 50 36.27 3.85 -0.04
N VAL D 51 36.97 4.73 0.67
CA VAL D 51 37.79 4.31 1.80
C VAL D 51 36.92 3.66 2.87
N TYR D 52 35.78 4.28 3.18
CA TYR D 52 34.90 3.74 4.22
C TYR D 52 34.36 2.37 3.82
N ALA D 53 34.00 2.20 2.55
CA ALA D 53 33.55 0.88 2.10
C ALA D 53 34.67 -0.15 2.17
N ALA D 54 35.90 0.28 1.87
CA ALA D 54 37.03 -0.64 1.94
C ALA D 54 37.34 -1.02 3.38
N GLU D 55 37.24 -0.07 4.31
CA GLU D 55 37.49 -0.39 5.72
C GLU D 55 36.42 -1.30 6.30
N VAL D 56 35.19 -1.20 5.82
CA VAL D 56 34.14 -2.11 6.27
C VAL D 56 34.50 -3.54 5.85
N ALA D 57 34.96 -3.72 4.62
CA ALA D 57 35.38 -5.04 4.18
C ALA D 57 36.57 -5.55 4.98
N LYS D 58 37.52 -4.65 5.30
CA LYS D 58 38.67 -5.06 6.09
C LYS D 58 38.27 -5.43 7.51
N THR D 59 37.27 -4.74 8.06
CA THR D 59 36.78 -5.11 9.39
C THR D 59 36.20 -6.52 9.38
N ILE D 60 35.45 -6.87 8.33
CA ILE D 60 34.89 -8.21 8.23
C ILE D 60 36.00 -9.25 8.07
N ARG D 61 37.03 -8.92 7.29
CA ARG D 61 38.06 -9.89 6.97
C ARG D 61 38.93 -10.21 8.18
N GLY D 62 39.10 -9.25 9.08
CA GLY D 62 39.92 -9.46 10.25
C GLY D 62 39.10 -9.55 11.53
N ALA D 63 37.88 -10.06 11.40
CA ALA D 63 36.97 -10.16 12.54
C ALA D 63 37.31 -11.33 13.45
N SER D 64 37.99 -12.37 12.94
CA SER D 64 38.37 -13.50 13.77
C SER D 64 39.31 -13.08 14.90
N ARG D 65 40.02 -11.96 14.74
CA ARG D 65 40.87 -11.44 15.79
C ARG D 65 40.08 -11.13 17.06
N TYR D 66 38.80 -10.82 16.94
CA TYR D 66 37.98 -10.41 18.07
C TYR D 66 36.99 -11.47 18.52
N GLY D 67 36.97 -12.64 17.88
CA GLY D 67 36.10 -13.72 18.29
C GLY D 67 34.88 -13.93 17.43
N ILE D 68 34.74 -13.19 16.33
CA ILE D 68 33.60 -13.30 15.42
C ILE D 68 34.10 -13.86 14.10
N ASP D 69 33.65 -15.06 13.75
CA ASP D 69 34.02 -15.68 12.48
C ASP D 69 32.99 -15.29 11.43
N ALA D 70 33.42 -14.52 10.44
CA ALA D 70 32.54 -14.05 9.38
C ALA D 70 33.28 -14.12 8.06
N HIS D 71 32.54 -13.92 6.97
CA HIS D 71 33.14 -13.98 5.65
C HIS D 71 32.32 -13.16 4.67
N ILE D 72 33.02 -12.55 3.71
CA ILE D 72 32.40 -11.74 2.66
C ILE D 72 31.98 -12.66 1.52
N ASP D 73 30.69 -12.66 1.19
CA ASP D 73 30.20 -13.50 0.11
C ASP D 73 30.48 -12.87 -1.25
N ARG D 74 30.36 -11.55 -1.36
CA ARG D 74 30.57 -10.86 -2.62
C ARG D 74 30.74 -9.38 -2.34
N VAL D 75 31.52 -8.71 -3.17
CA VAL D 75 31.73 -7.27 -3.09
C VAL D 75 31.12 -6.67 -4.36
N ARG D 76 29.93 -6.08 -4.21
CA ARG D 76 29.20 -5.50 -5.33
C ARG D 76 29.81 -4.15 -5.69
N TRP D 77 30.91 -4.22 -6.47
CA TRP D 77 31.62 -3.01 -6.86
C TRP D 77 30.75 -2.08 -7.69
N ASP D 78 29.89 -2.66 -8.54
CA ASP D 78 29.01 -1.85 -9.37
C ASP D 78 28.07 -0.99 -8.53
N ASP D 79 27.53 -1.56 -7.46
CA ASP D 79 26.62 -0.80 -6.60
C ASP D 79 27.38 0.21 -5.74
N VAL D 80 28.65 -0.06 -5.45
CA VAL D 80 29.44 0.89 -4.68
C VAL D 80 29.71 2.14 -5.50
N VAL D 81 30.06 1.97 -6.78
CA VAL D 81 30.31 3.11 -7.64
C VAL D 81 29.04 3.91 -7.87
N SER D 82 27.93 3.22 -8.15
CA SER D 82 26.67 3.91 -8.39
C SER D 82 26.16 4.62 -7.14
N ARG D 83 26.42 4.07 -5.95
CA ARG D 83 25.98 4.73 -4.73
C ARG D 83 26.74 6.02 -4.48
N VAL D 84 28.06 6.00 -4.72
CA VAL D 84 28.87 7.19 -4.46
C VAL D 84 28.54 8.29 -5.46
N PHE D 85 28.66 7.98 -6.75
CA PHE D 85 28.46 9.00 -7.77
C PHE D 85 27.00 9.29 -8.05
N GLY D 86 26.09 8.41 -7.63
CA GLY D 86 24.69 8.76 -7.65
C GLY D 86 24.34 9.90 -6.71
N ARG D 87 25.17 10.13 -5.70
CA ARG D 87 25.01 11.26 -4.79
C ARG D 87 25.76 12.49 -5.29
N ILE D 88 26.93 12.29 -5.91
CA ILE D 88 27.80 13.40 -6.26
C ILE D 88 27.37 14.04 -7.57
N ASP D 89 27.10 13.23 -8.59
CA ASP D 89 26.80 13.77 -9.91
C ASP D 89 25.60 14.71 -9.95
N PRO D 90 24.49 14.45 -9.26
CA PRO D 90 23.39 15.44 -9.28
C PRO D 90 23.77 16.78 -8.67
N ILE D 91 24.74 16.81 -7.76
CA ILE D 91 25.18 18.08 -7.18
C ILE D 91 25.80 18.96 -8.25
N ALA D 92 26.52 18.34 -9.20
CA ALA D 92 27.10 19.11 -10.29
C ALA D 92 26.02 19.76 -11.16
N LEU D 93 24.86 19.11 -11.30
CA LEU D 93 23.80 19.69 -12.11
C LEU D 93 23.05 20.78 -11.36
N SER D 94 22.69 20.51 -10.09
CA SER D 94 21.95 21.50 -9.32
C SER D 94 22.83 22.69 -8.97
N GLY D 95 24.10 22.45 -8.63
CA GLY D 95 25.01 23.55 -8.36
C GLY D 95 25.29 24.41 -9.56
N GLU D 96 25.31 23.81 -10.75
CA GLU D 96 25.50 24.59 -11.98
C GLU D 96 24.26 25.40 -12.32
N ASP D 97 23.07 24.80 -12.17
CA ASP D 97 21.84 25.53 -12.46
C ASP D 97 21.65 26.70 -11.52
N TYR D 98 22.18 26.62 -10.30
CA TYR D 98 22.05 27.71 -9.34
C TYR D 98 22.76 28.96 -9.84
N ARG D 99 23.81 28.81 -10.66
CA ARG D 99 24.55 29.95 -11.16
C ARG D 99 24.02 30.46 -12.50
N ARG D 100 23.67 29.58 -13.43
CA ARG D 100 23.17 30.03 -14.73
C ARG D 100 21.82 30.73 -14.60
N CYS D 101 20.89 30.11 -13.87
CA CYS D 101 19.54 30.65 -13.76
C CYS D 101 19.52 32.01 -13.07
N ALA D 102 20.56 32.34 -12.32
CA ALA D 102 20.67 33.68 -11.77
C ALA D 102 20.92 34.67 -12.90
N PRO D 103 20.10 35.73 -13.03
CA PRO D 103 20.29 36.65 -14.15
C PRO D 103 21.57 37.46 -14.08
N ASN D 104 22.12 37.66 -12.89
CA ASN D 104 23.36 38.43 -12.73
C ASN D 104 24.60 37.63 -13.06
N ILE D 105 24.50 36.30 -13.19
CA ILE D 105 25.65 35.43 -13.37
C ILE D 105 25.55 34.74 -14.73
N ASP D 106 26.65 34.78 -15.49
CA ASP D 106 26.78 34.02 -16.73
C ASP D 106 27.88 32.98 -16.55
N VAL D 107 27.63 31.77 -17.05
CA VAL D 107 28.53 30.64 -16.86
C VAL D 107 29.12 30.27 -18.21
N TYR D 108 30.46 30.28 -18.28
CA TYR D 108 31.19 29.85 -19.47
C TYR D 108 31.82 28.48 -19.20
N ARG D 109 31.56 27.52 -20.08
CA ARG D 109 31.95 26.14 -19.88
C ARG D 109 33.11 25.72 -20.78
N THR D 110 34.02 26.63 -21.07
CA THR D 110 35.20 26.34 -21.86
C THR D 110 36.43 26.95 -21.21
N HIS D 111 37.60 26.51 -21.65
CA HIS D 111 38.85 27.01 -21.08
C HIS D 111 38.98 28.50 -21.32
N THR D 112 39.27 29.25 -20.26
CA THR D 112 39.34 30.70 -20.30
C THR D 112 40.78 31.13 -20.07
N ARG D 113 41.34 31.89 -21.00
CA ARG D 113 42.69 32.42 -20.89
C ARG D 113 42.64 33.94 -20.75
N PHE D 114 43.70 34.48 -20.17
CA PHE D 114 43.82 35.92 -20.05
C PHE D 114 44.18 36.55 -21.39
N GLY D 115 43.64 37.74 -21.63
CA GLY D 115 43.98 38.52 -22.80
C GLY D 115 44.75 39.76 -22.40
N PRO D 116 45.06 40.62 -23.38
CA PRO D 116 45.73 41.88 -23.05
C PRO D 116 44.81 42.79 -22.24
N VAL D 117 45.38 43.42 -21.21
CA VAL D 117 44.61 44.32 -20.38
C VAL D 117 44.11 45.48 -21.22
N GLN D 118 42.81 45.76 -21.12
CA GLN D 118 42.19 46.77 -21.97
C GLN D 118 42.69 48.17 -21.58
N ALA D 119 42.43 49.12 -22.49
CA ALA D 119 42.91 50.49 -22.28
C ALA D 119 42.28 51.11 -21.05
N ASP D 120 41.02 50.80 -20.77
CA ASP D 120 40.31 51.35 -19.62
C ASP D 120 40.66 50.67 -18.31
N GLY D 121 41.69 49.82 -18.29
CA GLY D 121 42.16 49.18 -17.09
C GLY D 121 41.49 47.87 -16.74
N ARG D 122 40.42 47.49 -17.44
CA ARG D 122 39.74 46.23 -17.17
C ARG D 122 40.42 45.08 -17.89
N TYR D 123 40.26 43.88 -17.36
CA TYR D 123 40.95 42.70 -17.87
C TYR D 123 40.10 42.00 -18.92
N LEU D 124 40.71 41.63 -20.03
CA LEU D 124 40.05 40.91 -21.10
C LEU D 124 40.28 39.41 -20.92
N LEU D 125 39.21 38.63 -21.04
CA LEU D 125 39.26 37.18 -20.94
C LEU D 125 38.61 36.58 -22.18
N ARG D 126 39.26 35.54 -22.73
CA ARG D 126 38.79 34.88 -23.93
C ARG D 126 38.70 33.38 -23.68
N THR D 127 37.66 32.76 -24.21
CA THR D 127 37.42 31.34 -24.03
C THR D 127 37.77 30.58 -25.30
N ASP D 128 37.98 29.26 -25.15
CA ASP D 128 38.26 28.41 -26.30
C ASP D 128 37.08 28.27 -27.24
N ALA D 129 35.89 28.69 -26.81
CA ALA D 129 34.71 28.66 -27.67
C ALA D 129 34.60 29.90 -28.55
N GLY D 130 35.52 30.86 -28.41
CA GLY D 130 35.51 32.06 -29.22
C GLY D 130 34.96 33.29 -28.53
N GLU D 131 34.38 33.14 -27.35
CA GLU D 131 33.76 34.27 -26.66
C GLU D 131 34.82 35.19 -26.07
N GLU D 132 34.50 36.48 -26.01
CA GLU D 132 35.35 37.47 -25.39
C GLU D 132 34.49 38.39 -24.53
N PHE D 133 34.99 38.70 -23.33
CA PHE D 133 34.30 39.60 -22.41
C PHE D 133 35.32 40.25 -21.49
N THR D 134 34.89 41.29 -20.81
CA THR D 134 35.75 42.06 -19.92
C THR D 134 35.25 41.95 -18.48
N ALA D 135 36.15 42.18 -17.54
CA ALA D 135 35.84 42.10 -16.12
C ALA D 135 36.72 43.08 -15.36
N GLU D 136 36.15 43.68 -14.31
CA GLU D 136 36.89 44.65 -13.52
C GLU D 136 37.80 43.96 -12.50
N GLN D 137 37.25 43.01 -11.74
CA GLN D 137 38.03 42.18 -10.84
C GLN D 137 38.04 40.75 -11.36
N VAL D 138 39.11 40.02 -11.04
CA VAL D 138 39.28 38.64 -11.50
C VAL D 138 39.79 37.80 -10.33
N VAL D 139 39.20 36.63 -10.14
CA VAL D 139 39.62 35.67 -9.13
C VAL D 139 40.15 34.44 -9.83
N ILE D 140 41.37 34.04 -9.50
CA ILE D 140 42.03 32.90 -10.12
C ILE D 140 41.94 31.73 -9.15
N ALA D 141 41.17 30.70 -9.53
CA ALA D 141 41.05 29.48 -8.75
C ALA D 141 41.08 28.28 -9.70
N ALA D 142 42.14 28.19 -10.50
CA ALA D 142 42.23 27.17 -11.53
C ALA D 142 42.63 25.80 -10.99
N GLY D 143 43.00 25.70 -9.71
CA GLY D 143 43.32 24.40 -9.15
C GLY D 143 44.58 23.80 -9.75
N SER D 144 44.64 22.47 -9.75
CA SER D 144 45.79 21.74 -10.26
C SER D 144 45.31 20.62 -11.18
N ARG D 145 46.26 20.01 -11.88
CA ARG D 145 45.99 18.93 -12.81
C ARG D 145 47.00 17.81 -12.61
N PRO D 146 46.62 16.57 -12.91
CA PRO D 146 47.55 15.46 -12.73
C PRO D 146 48.76 15.55 -13.66
N VAL D 147 49.87 15.01 -13.19
CA VAL D 147 51.11 14.95 -13.97
C VAL D 147 51.42 13.49 -14.26
N ILE D 148 51.63 13.19 -15.54
CA ILE D 148 51.90 11.83 -16.00
C ILE D 148 53.38 11.75 -16.38
N PRO D 149 54.11 10.74 -15.93
CA PRO D 149 55.52 10.60 -16.30
C PRO D 149 55.68 10.54 -17.81
N PRO D 150 56.74 11.16 -18.34
CA PRO D 150 56.90 11.19 -19.81
C PRO D 150 57.10 9.81 -20.42
N ALA D 151 57.77 8.90 -19.71
CA ALA D 151 57.96 7.55 -20.25
C ALA D 151 56.64 6.82 -20.39
N ILE D 152 55.68 7.09 -19.51
CA ILE D 152 54.38 6.46 -19.60
C ILE D 152 53.58 7.02 -20.76
N LEU D 153 53.70 8.32 -21.01
CA LEU D 153 53.04 8.93 -22.16
C LEU D 153 53.60 8.40 -23.46
N ALA D 154 54.91 8.21 -23.55
CA ALA D 154 55.53 7.72 -24.78
C ALA D 154 55.10 6.29 -25.08
N SER D 155 54.92 5.47 -24.04
CA SER D 155 54.53 4.07 -24.26
C SER D 155 53.14 3.95 -24.86
N GLY D 156 52.25 4.91 -24.57
CA GLY D 156 50.89 4.85 -25.07
C GLY D 156 50.03 3.79 -24.43
N VAL D 157 50.38 3.35 -23.24
CA VAL D 157 49.60 2.33 -22.55
C VAL D 157 48.36 2.95 -21.93
N ASP D 158 47.33 2.13 -21.76
CA ASP D 158 46.12 2.57 -21.07
C ASP D 158 46.43 2.77 -19.60
N TYR D 159 46.26 3.99 -19.10
CA TYR D 159 46.55 4.31 -17.72
C TYR D 159 45.37 5.09 -17.12
N HIS D 160 45.34 5.15 -15.80
CA HIS D 160 44.28 5.84 -15.08
C HIS D 160 44.89 6.83 -14.10
N THR D 161 44.15 7.89 -13.83
CA THR D 161 44.47 8.87 -12.80
C THR D 161 43.33 8.91 -11.79
N SER D 162 43.46 9.76 -10.78
CA SER D 162 42.40 9.91 -9.80
C SER D 162 41.09 10.38 -10.43
N ASP D 163 41.15 10.98 -11.62
CA ASP D 163 39.95 11.49 -12.27
C ASP D 163 39.11 10.37 -12.88
N THR D 164 39.74 9.24 -13.26
CA THR D 164 39.07 8.20 -14.02
C THR D 164 39.11 6.82 -13.39
N VAL D 165 39.89 6.60 -12.34
CA VAL D 165 40.03 5.26 -11.79
C VAL D 165 38.79 4.86 -10.99
N MET D 166 38.04 5.83 -10.46
CA MET D 166 36.88 5.54 -9.64
C MET D 166 35.65 5.16 -10.46
N ARG D 167 35.72 5.31 -11.78
CA ARG D 167 34.61 4.97 -12.67
C ARG D 167 34.89 3.70 -13.47
N ILE D 168 35.71 2.81 -12.92
CA ILE D 168 36.02 1.56 -13.59
C ILE D 168 34.83 0.61 -13.48
N ALA D 169 34.65 -0.24 -14.49
CA ALA D 169 33.48 -1.10 -14.55
C ALA D 169 33.59 -2.26 -13.56
N GLU D 170 34.75 -2.93 -13.54
CA GLU D 170 34.95 -4.11 -12.74
C GLU D 170 36.24 -4.00 -11.95
N LEU D 171 36.25 -4.63 -10.78
CA LEU D 171 37.43 -4.59 -9.93
C LEU D 171 38.53 -5.45 -10.54
N PRO D 172 39.74 -4.93 -10.71
CA PRO D 172 40.81 -5.73 -11.33
C PRO D 172 41.41 -6.72 -10.35
N GLU D 173 42.11 -7.70 -10.91
CA GLU D 173 42.76 -8.70 -10.06
C GLU D 173 44.08 -8.18 -9.51
N HIS D 174 44.85 -7.45 -10.32
CA HIS D 174 46.15 -6.92 -9.90
C HIS D 174 46.30 -5.52 -10.48
N ILE D 175 46.66 -4.57 -9.62
CA ILE D 175 46.83 -3.17 -10.03
C ILE D 175 48.24 -2.71 -9.65
N VAL D 176 48.85 -1.91 -10.52
CA VAL D 176 50.11 -1.24 -10.25
C VAL D 176 49.87 0.26 -10.14
N ILE D 177 50.24 0.82 -8.99
CA ILE D 177 50.11 2.24 -8.71
C ILE D 177 51.52 2.84 -8.75
N VAL D 178 51.72 3.83 -9.62
CA VAL D 178 53.00 4.51 -9.74
C VAL D 178 52.91 5.83 -8.97
N GLY D 179 53.70 5.97 -7.93
CA GLY D 179 53.68 7.14 -7.07
C GLY D 179 53.82 6.73 -5.61
N SER D 180 54.23 7.68 -4.79
CA SER D 180 54.46 7.42 -3.38
C SER D 180 53.81 8.47 -2.47
N GLY D 181 52.75 9.12 -2.94
CA GLY D 181 52.10 10.18 -2.20
C GLY D 181 50.84 9.71 -1.51
N PHE D 182 50.06 10.68 -1.04
CA PHE D 182 48.84 10.34 -0.31
C PHE D 182 47.83 9.67 -1.23
N ILE D 183 47.71 10.13 -2.48
CA ILE D 183 46.77 9.50 -3.40
C ILE D 183 47.16 8.05 -3.67
N ALA D 184 48.46 7.81 -3.85
CA ALA D 184 48.91 6.44 -4.09
C ALA D 184 48.66 5.55 -2.88
N ALA D 185 48.88 6.07 -1.68
CA ALA D 185 48.66 5.27 -0.47
C ALA D 185 47.17 5.06 -0.22
N GLU D 186 46.34 6.08 -0.46
CA GLU D 186 44.92 5.96 -0.19
C GLU D 186 44.27 4.94 -1.13
N PHE D 187 44.63 4.96 -2.42
CA PHE D 187 44.04 4.01 -3.34
C PHE D 187 44.56 2.60 -3.13
N ALA D 188 45.82 2.47 -2.68
CA ALA D 188 46.33 1.16 -2.32
C ALA D 188 45.54 0.56 -1.16
N HIS D 189 45.13 1.39 -0.20
CA HIS D 189 44.32 0.90 0.91
C HIS D 189 42.91 0.53 0.43
N VAL D 190 42.36 1.30 -0.52
CA VAL D 190 41.02 1.03 -1.00
C VAL D 190 40.96 -0.30 -1.74
N PHE D 191 41.88 -0.51 -2.68
CA PHE D 191 41.79 -1.69 -3.54
C PHE D 191 42.23 -2.96 -2.82
N SER D 192 43.28 -2.88 -1.99
CA SER D 192 43.73 -4.08 -1.30
C SER D 192 42.69 -4.58 -0.30
N ALA D 193 41.96 -3.66 0.34
CA ALA D 193 40.90 -4.05 1.26
C ALA D 193 39.72 -4.65 0.53
N LEU D 194 39.55 -4.35 -0.76
CA LEU D 194 38.47 -4.91 -1.56
C LEU D 194 38.90 -6.18 -2.29
N GLY D 195 40.08 -6.71 -2.00
CA GLY D 195 40.52 -7.97 -2.57
C GLY D 195 41.45 -7.89 -3.75
N VAL D 196 42.01 -6.73 -4.04
CA VAL D 196 42.89 -6.54 -5.20
C VAL D 196 44.34 -6.65 -4.74
N ARG D 197 45.15 -7.34 -5.55
CA ARG D 197 46.58 -7.42 -5.31
C ARG D 197 47.24 -6.13 -5.79
N VAL D 198 47.92 -5.43 -4.88
CA VAL D 198 48.43 -4.09 -5.12
C VAL D 198 49.95 -4.13 -5.21
N THR D 199 50.49 -3.50 -6.26
CA THR D 199 51.92 -3.36 -6.45
C THR D 199 52.25 -1.87 -6.58
N LEU D 200 53.10 -1.38 -5.68
CA LEU D 200 53.54 0.00 -5.70
C LEU D 200 54.90 0.10 -6.39
N VAL D 201 55.05 1.08 -7.26
CA VAL D 201 56.31 1.38 -7.93
C VAL D 201 56.67 2.81 -7.57
N ILE D 202 57.58 2.97 -6.61
CA ILE D 202 57.96 4.27 -6.08
C ILE D 202 59.41 4.54 -6.45
N ARG D 203 59.72 5.83 -6.62
CA ARG D 203 61.06 6.25 -6.98
C ARG D 203 61.96 6.44 -5.76
N GLY D 204 61.38 6.65 -4.58
CA GLY D 204 62.13 6.80 -3.35
C GLY D 204 62.38 5.46 -2.67
N SER D 205 62.63 5.54 -1.37
CA SER D 205 62.89 4.37 -0.55
C SER D 205 61.80 4.13 0.49
N CYS D 206 60.93 5.12 0.72
CA CYS D 206 59.85 5.00 1.68
C CYS D 206 58.58 5.60 1.09
N LEU D 207 57.44 5.09 1.53
CA LEU D 207 56.16 5.67 1.17
C LEU D 207 55.85 6.86 2.07
N LEU D 208 55.20 7.86 1.49
CA LEU D 208 54.87 9.11 2.17
C LEU D 208 56.11 9.74 2.80
N ARG D 209 57.04 10.14 1.93
CA ARG D 209 58.30 10.72 2.41
C ARG D 209 58.05 12.10 3.02
N HIS D 210 57.00 12.79 2.58
CA HIS D 210 56.63 14.10 3.08
C HIS D 210 55.99 14.06 4.47
N CYS D 211 56.15 12.97 5.21
CA CYS D 211 55.65 12.85 6.57
C CYS D 211 56.82 12.75 7.55
N ASP D 212 56.49 12.82 8.83
CA ASP D 212 57.50 12.66 9.87
C ASP D 212 58.21 11.31 9.70
N ASP D 213 59.52 11.30 9.94
CA ASP D 213 60.32 10.11 9.66
C ASP D 213 59.91 8.94 10.56
N THR D 214 59.50 9.21 11.80
CA THR D 214 59.03 8.12 12.64
C THR D 214 57.78 7.48 12.06
N ILE D 215 56.90 8.29 11.48
CA ILE D 215 55.72 7.77 10.81
C ILE D 215 56.11 7.15 9.47
N CYS D 216 56.99 7.83 8.73
CA CYS D 216 57.37 7.35 7.40
C CYS D 216 58.05 5.99 7.46
N GLU D 217 58.98 5.79 8.39
CA GLU D 217 59.65 4.50 8.48
C GLU D 217 58.68 3.39 8.90
N ARG D 218 57.84 3.67 9.90
CA ARG D 218 56.95 2.62 10.40
C ARG D 218 55.83 2.31 9.40
N PHE D 219 55.32 3.33 8.71
CA PHE D 219 54.23 3.10 7.77
C PHE D 219 54.71 2.28 6.57
N THR D 220 55.92 2.55 6.09
CA THR D 220 56.46 1.80 4.96
C THR D 220 56.68 0.33 5.33
N ARG D 221 57.11 0.08 6.57
CA ARG D 221 57.27 -1.30 7.02
C ARG D 221 55.93 -2.02 7.04
N ILE D 222 54.88 -1.36 7.51
CA ILE D 222 53.56 -1.96 7.52
C ILE D 222 53.06 -2.18 6.11
N ALA D 223 53.24 -1.17 5.24
CA ALA D 223 52.78 -1.29 3.87
C ALA D 223 53.51 -2.39 3.10
N SER D 224 54.79 -2.62 3.42
CA SER D 224 55.57 -3.62 2.71
C SER D 224 55.12 -5.04 3.00
N THR D 225 54.37 -5.25 4.08
CA THR D 225 53.91 -6.59 4.42
C THR D 225 52.62 -6.98 3.73
N LYS D 226 51.83 -6.02 3.25
CA LYS D 226 50.58 -6.32 2.57
C LYS D 226 50.53 -5.91 1.11
N TRP D 227 51.42 -5.02 0.66
CA TRP D 227 51.54 -4.68 -0.75
C TRP D 227 52.95 -4.96 -1.24
N GLU D 228 53.08 -5.25 -2.54
CA GLU D 228 54.36 -5.48 -3.16
C GLU D 228 54.98 -4.13 -3.52
N LEU D 229 55.97 -3.70 -2.75
CA LEU D 229 56.61 -2.40 -2.92
C LEU D 229 57.89 -2.56 -3.71
N ARG D 230 57.96 -1.90 -4.86
CA ARG D 230 59.17 -1.87 -5.67
C ARG D 230 59.76 -0.46 -5.52
N THR D 231 60.79 -0.35 -4.69
CA THR D 231 61.40 0.93 -4.38
C THR D 231 62.55 1.23 -5.34
N HIS D 232 62.84 2.54 -5.48
CA HIS D 232 63.93 3.02 -6.34
C HIS D 232 63.74 2.56 -7.78
N ARG D 233 62.50 2.62 -8.26
CA ARG D 233 62.14 2.14 -9.58
C ARG D 233 61.29 3.17 -10.30
N ASN D 234 61.50 3.28 -11.60
CA ASN D 234 60.70 4.12 -12.48
C ASN D 234 60.24 3.30 -13.68
N VAL D 235 59.07 3.63 -14.18
CA VAL D 235 58.57 2.98 -15.38
C VAL D 235 59.19 3.66 -16.60
N VAL D 236 59.80 2.87 -17.47
CA VAL D 236 60.48 3.40 -18.64
C VAL D 236 59.76 3.06 -19.94
N ASP D 237 59.01 1.96 -19.98
CA ASP D 237 58.29 1.58 -21.20
C ASP D 237 57.12 0.69 -20.78
N GLY D 238 56.30 0.35 -21.76
CA GLY D 238 55.16 -0.52 -21.51
C GLY D 238 54.40 -0.80 -22.79
N GLN D 239 53.56 -1.83 -22.71
CA GLN D 239 52.70 -2.19 -23.83
C GLN D 239 51.46 -2.90 -23.29
N GLN D 240 50.46 -3.03 -24.16
CA GLN D 240 49.21 -3.67 -23.79
C GLN D 240 49.35 -5.19 -23.78
N ARG D 241 48.69 -5.83 -22.81
CA ARG D 241 48.60 -7.28 -22.71
C ARG D 241 47.11 -7.63 -22.56
N GLY D 242 46.39 -7.62 -23.68
CA GLY D 242 44.96 -7.79 -23.60
C GLY D 242 44.35 -6.60 -22.88
N SER D 243 43.43 -6.88 -21.95
CA SER D 243 42.86 -5.83 -21.13
C SER D 243 43.88 -5.22 -20.17
N GLY D 244 44.94 -5.95 -19.82
CA GLY D 244 45.94 -5.47 -18.90
C GLY D 244 47.10 -4.78 -19.58
N VAL D 245 48.17 -4.58 -18.81
CA VAL D 245 49.36 -3.87 -19.27
C VAL D 245 50.60 -4.60 -18.78
N ALA D 246 51.69 -4.45 -19.54
CA ALA D 246 53.00 -4.95 -19.15
C ALA D 246 53.95 -3.77 -19.09
N LEU D 247 54.63 -3.60 -17.96
CA LEU D 247 55.43 -2.42 -17.68
C LEU D 247 56.88 -2.82 -17.49
N ARG D 248 57.77 -2.19 -18.26
CA ARG D 248 59.21 -2.40 -18.11
C ARG D 248 59.79 -1.37 -17.14
N LEU D 249 60.57 -1.85 -16.18
CA LEU D 249 61.17 -1.00 -15.17
C LEU D 249 62.59 -0.61 -15.58
N ASP D 250 63.18 0.31 -14.82
CA ASP D 250 64.51 0.82 -15.15
C ASP D 250 65.63 -0.16 -14.81
N ASP D 251 65.30 -1.37 -14.34
CA ASP D 251 66.31 -2.39 -14.05
C ASP D 251 66.13 -3.62 -14.93
N GLY D 252 65.28 -3.55 -15.94
CA GLY D 252 65.02 -4.67 -16.82
C GLY D 252 63.83 -5.52 -16.44
N CYS D 253 63.42 -5.47 -15.18
CA CYS D 253 62.28 -6.26 -14.73
C CYS D 253 60.98 -5.73 -15.33
N THR D 254 60.01 -6.61 -15.48
CA THR D 254 58.69 -6.26 -16.00
C THR D 254 57.62 -6.69 -15.02
N ILE D 255 56.60 -5.84 -14.85
CA ILE D 255 55.48 -6.11 -13.95
C ILE D 255 54.23 -6.26 -14.81
N ASN D 256 53.56 -7.40 -14.67
CA ASN D 256 52.31 -7.68 -15.37
C ASN D 256 51.13 -7.32 -14.46
N ALA D 257 50.14 -6.64 -15.03
CA ALA D 257 49.00 -6.20 -14.26
C ALA D 257 47.77 -6.02 -15.14
N ASP D 258 46.62 -5.89 -14.49
CA ASP D 258 45.36 -5.67 -15.16
C ASP D 258 44.99 -4.20 -15.30
N LEU D 259 45.58 -3.32 -14.49
CA LEU D 259 45.23 -1.90 -14.48
C LEU D 259 46.41 -1.07 -14.01
N LEU D 260 46.60 0.08 -14.64
CA LEU D 260 47.66 1.02 -14.30
C LEU D 260 47.05 2.29 -13.73
N LEU D 261 47.55 2.71 -12.56
CA LEU D 261 47.12 3.94 -11.92
C LEU D 261 48.33 4.83 -11.69
N VAL D 262 48.26 6.07 -12.18
CA VAL D 262 49.34 7.04 -12.04
C VAL D 262 49.00 8.03 -10.94
N ALA D 263 49.89 8.17 -9.96
CA ALA D 263 49.72 9.11 -8.87
C ALA D 263 51.08 9.71 -8.52
N THR D 264 51.69 10.40 -9.48
CA THR D 264 53.04 10.92 -9.34
C THR D 264 53.07 12.41 -9.08
N GLY D 265 51.99 12.98 -8.58
CA GLY D 265 51.94 14.39 -8.22
C GLY D 265 51.10 15.20 -9.19
N ARG D 266 50.82 16.43 -8.78
CA ARG D 266 50.03 17.37 -9.54
C ARG D 266 50.80 18.67 -9.72
N VAL D 267 50.41 19.44 -10.73
CA VAL D 267 51.01 20.73 -11.04
C VAL D 267 49.89 21.75 -11.21
N SER D 268 50.14 22.97 -10.72
CA SER D 268 49.13 24.03 -10.80
C SER D 268 48.77 24.32 -12.25
N ASN D 269 47.53 24.76 -12.45
CA ASN D 269 47.02 25.11 -13.77
C ASN D 269 47.31 26.54 -14.15
N ALA D 270 48.26 27.19 -13.47
CA ALA D 270 48.56 28.59 -13.77
C ALA D 270 49.23 28.74 -15.13
N ASP D 271 50.01 27.74 -15.56
CA ASP D 271 50.73 27.82 -16.82
C ASP D 271 49.82 27.75 -18.04
N LEU D 272 48.52 27.52 -17.86
CA LEU D 272 47.56 27.49 -18.96
C LEU D 272 46.63 28.68 -18.93
N LEU D 273 47.05 29.79 -18.31
CA LEU D 273 46.19 30.94 -18.11
C LEU D 273 46.60 32.17 -18.90
N ASP D 274 47.84 32.22 -19.40
CA ASP D 274 48.40 33.43 -20.01
C ASP D 274 48.34 34.60 -19.04
N ALA D 275 48.52 34.31 -17.74
CA ALA D 275 48.36 35.33 -16.72
C ALA D 275 49.51 36.34 -16.74
N GLU D 276 50.72 35.86 -17.00
CA GLU D 276 51.86 36.78 -17.11
C GLU D 276 51.69 37.73 -18.28
N GLN D 277 51.00 37.28 -19.34
CA GLN D 277 50.68 38.17 -20.44
C GLN D 277 49.71 39.28 -20.04
N ALA D 278 49.01 39.11 -18.92
CA ALA D 278 48.05 40.09 -18.43
C ALA D 278 48.50 40.77 -17.14
N GLY D 279 49.72 40.50 -16.67
CA GLY D 279 50.27 41.19 -15.53
C GLY D 279 50.32 40.41 -14.23
N VAL D 280 50.03 39.11 -14.24
CA VAL D 280 50.05 38.29 -13.04
C VAL D 280 51.38 37.54 -13.00
N ASP D 281 52.12 37.69 -11.90
CA ASP D 281 53.41 37.05 -11.79
C ASP D 281 53.27 35.55 -11.54
N VAL D 282 54.20 34.78 -12.12
CA VAL D 282 54.19 33.32 -12.03
C VAL D 282 55.62 32.87 -11.71
N GLU D 283 55.82 32.32 -10.53
CA GLU D 283 57.07 31.67 -10.16
C GLU D 283 56.85 30.16 -10.12
N ASP D 284 57.84 29.40 -10.58
CA ASP D 284 57.70 27.97 -10.80
C ASP D 284 56.52 27.77 -11.75
N GLY D 285 55.49 27.02 -11.37
CA GLY D 285 54.28 26.95 -12.17
C GLY D 285 53.08 27.44 -11.39
N ARG D 286 53.34 28.30 -10.41
CA ARG D 286 52.35 28.74 -9.46
C ARG D 286 52.16 30.25 -9.56
N VAL D 287 50.99 30.72 -9.15
CA VAL D 287 50.68 32.14 -9.12
C VAL D 287 51.17 32.71 -7.80
N ILE D 288 51.94 33.78 -7.86
CA ILE D 288 52.48 34.42 -6.66
C ILE D 288 51.41 35.29 -6.03
N VAL D 289 51.17 35.08 -4.74
CA VAL D 289 50.23 35.88 -3.97
C VAL D 289 50.89 36.28 -2.66
N ASP D 290 50.39 37.36 -2.08
CA ASP D 290 50.86 37.86 -0.80
C ASP D 290 49.96 37.33 0.32
N GLU D 291 50.11 37.91 1.51
CA GLU D 291 49.30 37.50 2.65
C GLU D 291 47.84 37.90 2.53
N TYR D 292 47.49 38.71 1.53
CA TYR D 292 46.12 39.11 1.28
C TYR D 292 45.54 38.42 0.04
N GLN D 293 46.22 37.39 -0.46
CA GLN D 293 45.81 36.65 -1.66
C GLN D 293 45.74 37.54 -2.89
N ARG D 294 46.56 38.59 -2.91
CA ARG D 294 46.62 39.50 -4.04
C ARG D 294 47.76 39.09 -4.99
N THR D 295 47.48 39.16 -6.29
CA THR D 295 48.49 38.88 -7.30
C THR D 295 49.22 40.16 -7.65
N SER D 296 50.07 40.11 -8.67
CA SER D 296 50.79 41.30 -9.11
C SER D 296 49.95 42.22 -9.98
N ALA D 297 48.69 41.88 -10.24
CA ALA D 297 47.79 42.69 -11.06
C ALA D 297 46.69 43.24 -10.17
N ARG D 298 46.41 44.53 -10.31
CA ARG D 298 45.40 45.18 -9.48
C ARG D 298 44.03 44.56 -9.73
N GLY D 299 43.33 44.25 -8.63
CA GLY D 299 42.01 43.67 -8.70
C GLY D 299 41.98 42.19 -9.02
N VAL D 300 43.12 41.52 -9.09
CA VAL D 300 43.20 40.10 -9.40
C VAL D 300 43.66 39.36 -8.15
N PHE D 301 42.83 38.46 -7.67
CA PHE D 301 43.15 37.60 -6.53
C PHE D 301 43.35 36.18 -7.00
N ALA D 302 43.89 35.36 -6.11
CA ALA D 302 44.10 33.95 -6.41
C ALA D 302 43.94 33.13 -5.14
N LEU D 303 43.55 31.88 -5.30
CA LEU D 303 43.29 30.99 -4.17
C LEU D 303 43.31 29.55 -4.67
N GLY D 304 43.46 28.63 -3.73
CA GLY D 304 43.41 27.22 -4.05
C GLY D 304 44.74 26.68 -4.56
N ASP D 305 44.65 25.57 -5.28
CA ASP D 305 45.85 24.89 -5.76
C ASP D 305 46.63 25.72 -6.77
N VAL D 306 45.99 26.71 -7.40
CA VAL D 306 46.68 27.50 -8.41
C VAL D 306 47.76 28.39 -7.79
N SER D 307 47.67 28.67 -6.49
CA SER D 307 48.62 29.55 -5.83
C SER D 307 49.12 29.07 -4.48
N SER D 308 48.31 28.37 -3.69
CA SER D 308 48.67 28.04 -2.32
C SER D 308 49.80 27.01 -2.30
N PRO D 309 50.68 27.08 -1.31
CA PRO D 309 51.67 26.01 -1.13
C PRO D 309 51.07 24.72 -0.57
N TYR D 310 49.90 24.80 0.05
CA TYR D 310 49.20 23.63 0.58
C TYR D 310 48.08 23.26 -0.38
N LEU D 311 48.13 22.04 -0.91
CA LEU D 311 47.07 21.54 -1.80
C LEU D 311 46.00 20.81 -1.00
N LEU D 312 45.33 21.58 -0.14
CA LEU D 312 44.30 21.06 0.74
C LEU D 312 43.06 21.93 0.63
N LYS D 313 41.89 21.30 0.76
CA LYS D 313 40.64 22.04 0.59
C LYS D 313 40.38 22.98 1.76
N HIS D 314 40.60 22.52 2.99
CA HIS D 314 40.38 23.38 4.15
C HIS D 314 41.30 24.59 4.15
N VAL D 315 42.46 24.49 3.48
CA VAL D 315 43.29 25.67 3.28
C VAL D 315 42.77 26.50 2.13
N ALA D 316 42.35 25.84 1.03
CA ALA D 316 41.80 26.57 -0.10
C ALA D 316 40.51 27.28 0.26
N ASN D 317 39.72 26.72 1.18
CA ASN D 317 38.50 27.39 1.62
C ASN D 317 38.83 28.62 2.46
N HIS D 318 39.87 28.53 3.30
CA HIS D 318 40.29 29.69 4.07
C HIS D 318 40.81 30.79 3.15
N GLU D 319 41.55 30.42 2.10
CA GLU D 319 42.01 31.40 1.13
C GLU D 319 40.85 31.98 0.34
N ALA D 320 39.82 31.17 0.05
CA ALA D 320 38.63 31.70 -0.60
C ALA D 320 37.88 32.66 0.29
N ARG D 321 37.90 32.43 1.61
CA ARG D 321 37.27 33.34 2.54
C ARG D 321 38.00 34.68 2.59
N VAL D 322 39.33 34.64 2.49
CA VAL D 322 40.11 35.88 2.48
C VAL D 322 39.85 36.66 1.19
N VAL D 323 39.83 35.96 0.05
CA VAL D 323 39.52 36.62 -1.22
C VAL D 323 38.11 37.18 -1.19
N GLN D 324 37.17 36.43 -0.61
CA GLN D 324 35.78 36.89 -0.55
C GLN D 324 35.67 38.22 0.21
N HIS D 325 36.44 38.37 1.29
CA HIS D 325 36.39 39.60 2.07
C HIS D 325 37.25 40.69 1.43
N ASN D 326 38.44 40.34 0.96
CA ASN D 326 39.36 41.34 0.43
C ASN D 326 38.92 41.86 -0.94
N LEU D 327 38.00 41.17 -1.62
CA LEU D 327 37.49 41.67 -2.88
C LEU D 327 36.68 42.94 -2.68
N LEU D 328 35.97 43.05 -1.56
CA LEU D 328 35.15 44.22 -1.27
C LEU D 328 35.96 45.37 -0.70
N CYS D 329 37.25 45.16 -0.42
CA CYS D 329 38.11 46.21 0.09
C CYS D 329 38.85 46.90 -1.05
N ASP D 330 39.34 48.10 -0.77
CA ASP D 330 40.18 48.80 -1.73
C ASP D 330 41.49 48.04 -1.92
N TRP D 331 42.04 48.14 -3.14
CA TRP D 331 43.22 47.35 -3.48
C TRP D 331 44.42 47.75 -2.62
N GLU D 332 44.48 49.00 -2.19
CA GLU D 332 45.57 49.51 -1.36
C GLU D 332 45.22 49.56 0.11
N ASP D 333 43.97 49.26 0.49
CA ASP D 333 43.53 49.27 1.88
C ASP D 333 43.91 47.96 2.56
N THR D 334 45.22 47.71 2.62
CA THR D 334 45.71 46.46 3.19
C THR D 334 45.41 46.34 4.67
N GLN D 335 45.28 47.46 5.38
CA GLN D 335 44.98 47.41 6.81
C GLN D 335 43.52 47.04 7.07
N SER D 336 42.65 47.24 6.10
CA SER D 336 41.26 46.80 6.21
C SER D 336 41.04 45.41 5.62
N MET D 337 42.09 44.79 5.10
CA MET D 337 42.03 43.46 4.52
C MET D 337 42.32 42.41 5.59
N ILE D 338 42.03 41.15 5.24
CA ILE D 338 42.27 40.03 6.13
C ILE D 338 43.53 39.31 5.67
N VAL D 339 44.27 38.78 6.63
CA VAL D 339 45.56 38.12 6.37
C VAL D 339 45.33 36.61 6.34
N THR D 340 45.98 35.94 5.39
CA THR D 340 45.88 34.49 5.31
C THR D 340 46.71 33.85 6.41
N ASP D 341 46.10 32.92 7.15
CA ASP D 341 46.74 32.26 8.29
C ASP D 341 47.15 30.86 7.86
N HIS D 342 48.46 30.61 7.78
CA HIS D 342 48.98 29.29 7.46
C HIS D 342 49.68 28.64 8.64
N ARG D 343 49.34 29.06 9.86
CA ARG D 343 49.99 28.51 11.05
C ARG D 343 49.31 27.20 11.42
N TYR D 344 50.12 26.15 11.58
CA TYR D 344 49.65 24.81 11.94
C TYR D 344 48.58 24.32 10.96
N VAL D 345 49.06 24.02 9.75
CA VAL D 345 48.22 23.46 8.70
C VAL D 345 48.23 21.94 8.86
N PRO D 346 47.08 21.31 9.07
CA PRO D 346 47.05 19.85 9.22
C PRO D 346 46.74 19.15 7.89
N ALA D 347 46.99 17.85 7.88
CA ALA D 347 46.71 17.02 6.72
C ALA D 347 46.55 15.59 7.17
N ALA D 348 45.75 14.83 6.43
CA ALA D 348 45.48 13.44 6.76
C ALA D 348 45.68 12.57 5.53
N VAL D 349 46.04 11.31 5.77
CA VAL D 349 46.20 10.32 4.72
C VAL D 349 45.33 9.14 5.09
N PHE D 350 44.30 8.88 4.29
CA PHE D 350 43.29 7.86 4.61
C PHE D 350 43.71 6.50 4.07
N THR D 351 44.77 5.97 4.69
CA THR D 351 45.30 4.64 4.42
C THR D 351 45.12 3.80 5.69
N ASP D 352 45.62 2.57 5.64
CA ASP D 352 45.66 1.69 6.82
C ASP D 352 47.12 1.40 7.12
N PRO D 353 47.67 1.91 8.23
CA PRO D 353 47.03 2.73 9.26
C PRO D 353 46.75 4.15 8.77
N GLN D 354 45.79 4.83 9.39
CA GLN D 354 45.47 6.20 9.00
C GLN D 354 46.49 7.15 9.60
N ILE D 355 46.84 8.19 8.84
CA ILE D 355 47.89 9.13 9.23
C ILE D 355 47.28 10.53 9.26
N ALA D 356 47.57 11.27 10.33
CA ALA D 356 47.16 12.66 10.45
C ALA D 356 48.24 13.40 11.23
N ALA D 357 48.61 14.58 10.74
CA ALA D 357 49.73 15.30 11.32
C ALA D 357 49.48 16.81 11.24
N VAL D 358 50.09 17.53 12.16
CA VAL D 358 50.04 18.99 12.18
C VAL D 358 51.30 19.50 12.87
N GLY D 359 51.86 20.58 12.34
CA GLY D 359 53.04 21.18 12.94
C GLY D 359 54.36 20.64 12.40
N LEU D 360 55.38 20.66 13.24
CA LEU D 360 56.73 20.29 12.83
C LEU D 360 57.01 18.82 13.12
N THR D 361 57.89 18.23 12.32
CA THR D 361 58.40 16.89 12.57
C THR D 361 59.61 16.97 13.50
N GLU D 362 60.06 15.81 13.97
CA GLU D 362 61.22 15.78 14.86
C GLU D 362 62.44 16.36 14.17
N ASN D 363 62.66 15.99 12.90
CA ASN D 363 63.82 16.50 12.18
C ASN D 363 63.68 17.98 11.86
N GLN D 364 62.46 18.44 11.59
CA GLN D 364 62.26 19.87 11.32
C GLN D 364 62.54 20.72 12.56
N ALA D 365 62.15 20.23 13.74
CA ALA D 365 62.43 20.96 14.96
C ALA D 365 63.92 20.94 15.30
N VAL D 366 64.58 19.81 15.03
CA VAL D 366 66.02 19.71 15.28
C VAL D 366 66.79 20.62 14.33
N ALA D 367 66.34 20.73 13.08
CA ALA D 367 67.01 21.60 12.13
C ALA D 367 66.98 23.06 12.57
N LYS D 368 65.97 23.44 13.33
CA LYS D 368 65.85 24.80 13.86
C LYS D 368 66.57 24.96 15.20
N GLY D 369 67.29 23.94 15.66
CA GLY D 369 68.04 24.04 16.90
C GLY D 369 67.18 24.26 18.13
N LEU D 370 66.03 23.59 18.18
CA LEU D 370 65.10 23.73 19.30
C LEU D 370 65.33 22.62 20.31
N ASP D 371 65.26 22.97 21.60
CA ASP D 371 65.36 21.99 22.67
C ASP D 371 64.00 21.32 22.82
N ILE D 372 63.92 20.05 22.42
CA ILE D 372 62.63 19.39 22.28
C ILE D 372 62.60 18.12 23.13
N SER D 373 61.39 17.75 23.54
CA SER D 373 61.09 16.45 24.13
C SER D 373 60.14 15.72 23.20
N VAL D 374 60.35 14.42 23.04
CA VAL D 374 59.58 13.62 22.10
C VAL D 374 59.08 12.36 22.82
N LYS D 375 57.79 12.06 22.64
CA LYS D 375 57.19 10.85 23.18
C LYS D 375 56.36 10.16 22.11
N ILE D 376 56.50 8.85 22.03
CA ILE D 376 55.75 8.01 21.10
C ILE D 376 54.91 7.07 21.94
N GLN D 377 53.62 7.35 22.04
CA GLN D 377 52.70 6.58 22.86
C GLN D 377 52.01 5.54 22.00
N ASP D 378 51.94 4.31 22.51
CA ASP D 378 51.32 3.21 21.79
C ASP D 378 49.84 3.11 22.11
N TYR D 379 49.04 2.77 21.09
CA TYR D 379 47.63 2.50 21.33
C TYR D 379 47.44 1.38 22.34
N GLY D 380 48.30 0.35 22.27
CA GLY D 380 48.19 -0.82 23.13
C GLY D 380 48.43 -0.55 24.59
N ASP D 381 48.95 0.62 24.95
CA ASP D 381 49.14 1.00 26.35
C ASP D 381 47.96 1.79 26.90
N VAL D 382 46.80 1.73 26.23
CA VAL D 382 45.61 2.45 26.66
C VAL D 382 44.44 1.46 26.65
N ALA D 383 43.51 1.66 27.60
CA ALA D 383 42.40 0.73 27.76
C ALA D 383 41.62 0.56 26.46
N TYR D 384 41.44 1.64 25.70
CA TYR D 384 40.74 1.52 24.43
C TYR D 384 41.56 0.70 23.43
N GLY D 385 42.88 0.83 23.45
CA GLY D 385 43.71 0.01 22.59
C GLY D 385 43.64 -1.46 22.94
N TRP D 386 43.38 -1.78 24.22
CA TRP D 386 43.19 -3.17 24.61
C TRP D 386 41.98 -3.78 23.91
N ALA D 387 40.87 -3.03 23.88
CA ALA D 387 39.66 -3.54 23.23
C ALA D 387 39.89 -3.80 21.75
N MET D 388 40.73 -3.01 21.10
CA MET D 388 41.06 -3.23 19.70
C MET D 388 42.12 -4.29 19.48
N GLU D 389 42.84 -4.68 20.52
CA GLU D 389 44.03 -5.52 20.39
C GLU D 389 45.01 -4.88 19.39
N ASP D 390 45.13 -3.56 19.49
CA ASP D 390 45.98 -2.81 18.58
C ASP D 390 47.44 -3.01 18.94
N THR D 391 48.28 -3.17 17.92
CA THR D 391 49.70 -3.44 18.13
C THR D 391 50.61 -2.60 17.22
N SER D 392 50.11 -1.50 16.68
CA SER D 392 50.90 -0.72 15.73
C SER D 392 50.56 0.76 15.77
N GLY D 393 49.38 1.09 16.30
CA GLY D 393 48.98 2.50 16.34
C GLY D 393 49.83 3.27 17.33
N ILE D 394 50.29 4.45 16.91
CA ILE D 394 51.14 5.30 17.73
C ILE D 394 50.74 6.75 17.54
N VAL D 395 51.01 7.56 18.57
CA VAL D 395 50.86 9.02 18.50
C VAL D 395 52.16 9.64 18.97
N LYS D 396 52.72 10.54 18.15
CA LYS D 396 54.02 11.13 18.40
C LYS D 396 53.86 12.63 18.62
N LEU D 397 54.38 13.11 19.76
CA LEU D 397 54.28 14.51 20.14
C LEU D 397 55.67 15.11 20.30
N ILE D 398 55.84 16.33 19.79
CA ILE D 398 57.09 17.07 19.91
C ILE D 398 56.77 18.40 20.57
N THR D 399 57.43 18.69 21.69
CA THR D 399 57.21 19.91 22.44
C THR D 399 58.51 20.67 22.60
N GLU D 400 58.40 21.99 22.69
CA GLU D 400 59.55 22.83 23.01
C GLU D 400 59.83 22.71 24.50
N ARG D 401 61.05 22.30 24.85
CA ARG D 401 61.37 21.97 26.24
C ARG D 401 61.28 23.19 27.15
N GLY D 402 61.60 24.37 26.63
CA GLY D 402 61.54 25.59 27.42
C GLY D 402 60.12 25.99 27.80
N SER D 403 59.30 26.32 26.80
CA SER D 403 57.94 26.79 27.07
C SER D 403 56.97 25.66 27.40
N GLY D 404 57.26 24.44 26.94
CA GLY D 404 56.35 23.34 27.16
C GLY D 404 55.18 23.30 26.20
N ARG D 405 55.23 24.05 25.11
CA ARG D 405 54.13 24.09 24.15
C ARG D 405 54.36 23.09 23.02
N LEU D 406 53.26 22.64 22.43
CA LEU D 406 53.31 21.65 21.36
C LEU D 406 53.94 22.26 20.10
N LEU D 407 54.93 21.56 19.55
CA LEU D 407 55.56 21.93 18.29
C LEU D 407 55.03 21.14 17.11
N GLY D 408 54.73 19.85 17.32
CA GLY D 408 54.17 19.02 16.26
C GLY D 408 53.49 17.81 16.85
N ALA D 409 52.53 17.27 16.09
CA ALA D 409 51.79 16.10 16.51
C ALA D 409 51.59 15.20 15.31
N HIS D 410 51.91 13.92 15.47
CA HIS D 410 51.82 12.95 14.38
C HIS D 410 51.18 11.68 14.91
N ILE D 411 50.04 11.32 14.35
CA ILE D 411 49.28 10.15 14.77
C ILE D 411 49.19 9.19 13.60
N MET D 412 49.48 7.92 13.86
CA MET D 412 49.33 6.85 12.87
C MET D 412 48.53 5.72 13.52
N GLY D 413 47.25 5.65 13.21
CA GLY D 413 46.41 4.63 13.80
C GLY D 413 44.93 4.93 13.58
N TYR D 414 44.11 4.19 14.31
CA TYR D 414 42.66 4.32 14.18
C TYR D 414 42.22 5.72 14.53
N GLN D 415 41.31 6.27 13.71
CA GLN D 415 40.73 7.59 13.93
C GLN D 415 41.80 8.67 14.02
N ALA D 416 42.80 8.60 13.14
CA ALA D 416 43.90 9.55 13.22
C ALA D 416 43.43 10.98 12.96
N SER D 417 42.52 11.16 11.99
CA SER D 417 42.04 12.50 11.67
C SER D 417 41.12 13.05 12.75
N SER D 418 40.56 12.20 13.61
CA SER D 418 39.70 12.67 14.69
C SER D 418 40.48 12.92 15.98
N LEU D 419 41.49 12.09 16.26
CA LEU D 419 42.29 12.27 17.46
C LEU D 419 43.19 13.49 17.36
N ILE D 420 43.54 13.90 16.13
CA ILE D 420 44.47 15.01 15.95
C ILE D 420 43.79 16.36 16.18
N GLN D 421 42.46 16.42 16.15
CA GLN D 421 41.77 17.69 16.29
C GLN D 421 42.01 18.38 17.63
N PRO D 422 41.95 17.71 18.78
CA PRO D 422 42.31 18.40 20.03
C PRO D 422 43.72 18.96 20.03
N LEU D 423 44.66 18.29 19.36
CA LEU D 423 46.02 18.81 19.27
C LEU D 423 46.08 20.03 18.37
N ILE D 424 45.30 20.04 17.28
CA ILE D 424 45.23 21.22 16.42
C ILE D 424 44.69 22.40 17.20
N GLN D 425 43.70 22.16 18.07
CA GLN D 425 43.13 23.24 18.87
C GLN D 425 44.15 23.78 19.87
N ALA D 426 44.89 22.90 20.54
CA ALA D 426 45.88 23.34 21.52
C ALA D 426 47.01 24.11 20.86
N MET D 427 47.47 23.66 19.70
CA MET D 427 48.55 24.36 19.01
C MET D 427 48.08 25.71 18.47
N SER D 428 46.88 25.75 17.89
CA SER D 428 46.40 26.98 17.27
C SER D 428 46.16 28.08 18.29
N PHE D 429 45.87 27.70 19.55
CA PHE D 429 45.55 28.68 20.58
C PHE D 429 46.62 28.76 21.67
N GLY D 430 47.77 28.12 21.48
CA GLY D 430 48.88 28.26 22.39
C GLY D 430 48.66 27.61 23.75
N LEU D 431 48.19 26.36 23.74
CA LEU D 431 47.97 25.61 24.97
C LEU D 431 49.17 24.70 25.22
N THR D 432 49.72 24.77 26.43
CA THR D 432 50.86 23.94 26.76
C THR D 432 50.43 22.48 26.90
N ALA D 433 51.41 21.58 26.78
CA ALA D 433 51.12 20.16 26.91
C ALA D 433 50.64 19.83 28.31
N ALA D 434 51.24 20.46 29.33
CA ALA D 434 50.83 20.20 30.71
C ALA D 434 49.42 20.68 30.97
N GLU D 435 49.06 21.87 30.47
CA GLU D 435 47.71 22.37 30.65
C GLU D 435 46.69 21.47 29.95
N MET D 436 46.98 21.09 28.70
CA MET D 436 46.04 20.28 27.94
C MET D 436 45.87 18.89 28.55
N ALA D 437 46.92 18.35 29.19
CA ALA D 437 46.85 16.99 29.70
C ALA D 437 46.02 16.90 30.97
N ARG D 438 46.18 17.85 31.90
CA ARG D 438 45.56 17.75 33.21
C ARG D 438 44.60 18.90 33.52
N GLY D 439 44.46 19.88 32.64
CA GLY D 439 43.53 20.97 32.87
C GLY D 439 42.17 20.68 32.28
N GLN D 440 41.90 19.41 32.00
CA GLN D 440 40.64 19.00 31.39
C GLN D 440 40.45 17.50 31.62
N TYR D 441 39.20 17.07 31.52
CA TYR D 441 38.85 15.68 31.73
C TYR D 441 38.92 14.90 30.42
N TRP D 442 39.30 13.64 30.52
CA TRP D 442 39.29 12.70 29.40
C TRP D 442 38.39 11.52 29.76
N ILE D 443 37.46 11.20 28.86
CA ILE D 443 36.48 10.16 29.15
C ILE D 443 37.17 8.80 29.22
N HIS D 444 36.90 8.07 30.29
CA HIS D 444 37.42 6.72 30.47
C HIS D 444 36.35 5.70 30.12
N PRO D 445 36.68 4.66 29.35
CA PRO D 445 37.97 4.41 28.70
C PRO D 445 37.92 4.73 27.20
N ALA D 446 37.73 5.99 26.85
CA ALA D 446 37.61 6.37 25.44
C ALA D 446 38.97 6.33 24.74
N LEU D 447 38.94 6.54 23.42
CA LEU D 447 40.13 6.51 22.57
C LEU D 447 41.07 7.69 22.80
N PRO D 448 40.58 8.93 22.95
CA PRO D 448 41.53 10.05 23.17
C PRO D 448 42.43 9.88 24.38
N GLU D 449 42.23 8.84 25.21
CA GLU D 449 43.18 8.58 26.29
C GLU D 449 44.59 8.33 25.76
N VAL D 450 44.71 7.86 24.52
CA VAL D 450 46.04 7.67 23.94
C VAL D 450 46.71 9.02 23.73
N VAL D 451 45.92 10.07 23.51
CA VAL D 451 46.49 11.41 23.42
C VAL D 451 46.80 11.95 24.80
N GLU D 452 45.94 11.67 25.78
CA GLU D 452 46.19 12.10 27.15
C GLU D 452 47.50 11.51 27.68
N ASN D 453 47.67 10.19 27.55
CA ASN D 453 48.88 9.56 28.06
C ASN D 453 50.10 9.98 27.26
N ALA D 454 49.93 10.32 25.98
CA ALA D 454 51.05 10.85 25.21
C ALA D 454 51.46 12.22 25.73
N LEU D 455 50.50 13.04 26.16
CA LEU D 455 50.84 14.34 26.73
C LEU D 455 51.45 14.21 28.12
N LEU D 456 50.94 13.28 28.92
CA LEU D 456 51.46 13.11 30.27
C LEU D 456 52.88 12.55 30.26
N GLY D 457 53.16 11.64 29.32
CA GLY D 457 54.47 11.05 29.24
C GLY D 457 55.55 11.93 28.66
N LEU D 458 55.20 13.13 28.20
CA LEU D 458 56.21 14.03 27.64
C LEU D 458 57.11 14.57 28.73
N ARG D 459 56.55 14.86 29.90
CA ARG D 459 57.32 15.33 31.03
C ARG D 459 57.53 14.18 32.02
N MET E 1 -53.86 18.14 17.47
CA MET E 1 -53.87 16.85 16.79
C MET E 1 -53.43 17.03 15.34
N GLU E 2 -52.88 15.98 14.74
CA GLU E 2 -52.30 16.05 13.41
C GLU E 2 -53.30 15.64 12.33
N THR E 3 -53.02 16.08 11.10
CA THR E 3 -53.87 15.82 9.95
C THR E 3 -53.01 15.35 8.79
N TYR E 4 -53.44 14.28 8.11
CA TYR E 4 -52.72 13.71 6.99
C TYR E 4 -53.69 13.43 5.85
N ASP E 5 -53.17 13.49 4.62
CA ASP E 5 -53.97 13.16 3.44
C ASP E 5 -54.06 11.66 3.20
N ILE E 6 -53.11 10.88 3.69
CA ILE E 6 -53.09 9.44 3.47
C ILE E 6 -52.27 8.81 4.58
N ALA E 7 -52.73 7.63 5.03
CA ALA E 7 -52.04 6.87 6.07
C ALA E 7 -51.85 5.44 5.58
N ILE E 8 -50.65 4.90 5.81
CA ILE E 8 -50.30 3.56 5.39
C ILE E 8 -49.86 2.77 6.62
N ILE E 9 -50.44 1.60 6.81
CA ILE E 9 -50.09 0.71 7.92
C ILE E 9 -49.25 -0.43 7.36
N GLY E 10 -47.96 -0.43 7.68
CA GLY E 10 -47.07 -1.47 7.20
C GLY E 10 -46.08 -1.01 6.16
N THR E 11 -44.79 -1.26 6.40
CA THR E 11 -43.74 -0.86 5.48
C THR E 11 -43.23 -2.02 4.63
N GLY E 12 -44.08 -3.01 4.37
CA GLY E 12 -43.71 -4.10 3.50
C GLY E 12 -44.00 -3.77 2.05
N SER E 13 -45.07 -4.36 1.50
CA SER E 13 -45.53 -3.96 0.18
C SER E 13 -46.25 -2.62 0.21
N GLY E 14 -46.72 -2.19 1.38
CA GLY E 14 -47.32 -0.88 1.53
C GLY E 14 -46.32 0.25 1.38
N ASN E 15 -45.04 -0.02 1.64
CA ASN E 15 -44.00 0.99 1.44
C ASN E 15 -43.84 1.35 -0.02
N SER E 16 -44.24 0.47 -0.94
CA SER E 16 -44.13 0.72 -2.38
C SER E 16 -45.36 1.42 -2.95
N ILE E 17 -45.90 2.39 -2.21
CA ILE E 17 -47.09 3.14 -2.64
C ILE E 17 -46.77 4.63 -2.78
N LEU E 18 -46.09 5.19 -1.80
CA LEU E 18 -45.78 6.61 -1.82
C LEU E 18 -44.75 6.92 -2.91
N ASP E 19 -45.24 7.26 -4.10
CA ASP E 19 -44.39 7.63 -5.22
C ASP E 19 -44.08 9.12 -5.15
N GLU E 20 -43.56 9.68 -6.25
CA GLU E 20 -43.40 11.13 -6.34
C GLU E 20 -44.72 11.82 -6.63
N ARG E 21 -45.74 11.05 -7.05
CA ARG E 21 -47.07 11.60 -7.27
C ARG E 21 -47.73 12.05 -5.98
N TYR E 22 -47.29 11.52 -4.84
CA TYR E 22 -47.85 11.89 -3.55
C TYR E 22 -47.10 13.03 -2.88
N ALA E 23 -46.19 13.70 -3.58
CA ALA E 23 -45.49 14.83 -3.01
C ALA E 23 -46.45 15.99 -2.76
N SER E 24 -45.96 16.97 -2.00
CA SER E 24 -46.74 18.15 -1.67
C SER E 24 -47.90 17.79 -0.74
N LYS E 25 -48.07 16.51 -0.46
CA LYS E 25 -49.09 16.04 0.46
C LYS E 25 -48.42 15.51 1.72
N ARG E 26 -49.22 15.38 2.77
CA ARG E 26 -48.75 14.86 4.05
C ARG E 26 -49.17 13.40 4.18
N ALA E 27 -48.21 12.56 4.56
CA ALA E 27 -48.43 11.13 4.67
C ALA E 27 -47.93 10.64 6.03
N ALA E 28 -48.61 9.64 6.57
CA ALA E 28 -48.24 9.02 7.83
C ALA E 28 -48.05 7.52 7.61
N ILE E 29 -46.89 7.01 7.99
CA ILE E 29 -46.55 5.61 7.82
C ILE E 29 -46.44 4.97 9.20
N CYS E 30 -47.03 3.79 9.35
CA CYS E 30 -47.03 3.07 10.62
C CYS E 30 -46.30 1.75 10.45
N GLU E 31 -45.37 1.47 11.36
CA GLU E 31 -44.59 0.23 11.32
C GLU E 31 -44.21 -0.14 12.75
N GLN E 32 -44.95 -1.07 13.33
CA GLN E 32 -44.68 -1.46 14.72
C GLN E 32 -43.41 -2.29 14.83
N GLY E 33 -43.06 -3.05 13.81
CA GLY E 33 -41.88 -3.88 13.80
C GLY E 33 -40.70 -3.23 13.09
N THR E 34 -39.85 -4.07 12.50
CA THR E 34 -38.70 -3.58 11.77
C THR E 34 -39.10 -3.07 10.39
N PHE E 35 -38.42 -2.03 9.94
CA PHE E 35 -38.76 -1.38 8.68
C PHE E 35 -38.39 -2.28 7.50
N GLY E 36 -39.26 -2.29 6.49
CA GLY E 36 -39.03 -3.05 5.28
C GLY E 36 -39.98 -4.20 5.09
N GLY E 37 -40.72 -4.58 6.11
CA GLY E 37 -41.67 -5.68 6.00
C GLY E 37 -41.09 -7.01 6.43
N THR E 38 -41.88 -8.04 6.19
CA THR E 38 -41.49 -9.39 6.60
C THR E 38 -40.57 -10.05 5.58
N CYS E 39 -40.91 -9.91 4.29
CA CYS E 39 -40.17 -10.64 3.26
C CYS E 39 -38.72 -10.18 3.19
N LEU E 40 -38.47 -8.88 3.40
CA LEU E 40 -37.10 -8.38 3.34
C LEU E 40 -36.30 -8.77 4.59
N ASN E 41 -36.93 -8.70 5.76
CA ASN E 41 -36.20 -8.84 7.02
C ASN E 41 -36.15 -10.26 7.54
N VAL E 42 -37.27 -10.98 7.51
CA VAL E 42 -37.33 -12.35 8.03
C VAL E 42 -38.16 -13.21 7.09
N GLY E 43 -38.06 -12.97 5.80
CA GLY E 43 -38.91 -13.65 4.84
C GLY E 43 -38.21 -14.26 3.65
N CYS E 44 -38.57 -13.80 2.44
CA CYS E 44 -38.08 -14.43 1.22
C CYS E 44 -36.57 -14.28 1.08
N ILE E 45 -36.08 -13.05 1.20
CA ILE E 45 -34.67 -12.75 0.92
C ILE E 45 -33.77 -13.43 1.95
N PRO E 46 -34.01 -13.31 3.26
CA PRO E 46 -33.11 -14.02 4.20
C PRO E 46 -33.16 -15.52 4.07
N THR E 47 -34.35 -16.11 3.92
CA THR E 47 -34.46 -17.57 3.85
C THR E 47 -33.74 -18.10 2.61
N LYS E 48 -34.03 -17.51 1.45
CA LYS E 48 -33.42 -17.98 0.21
C LYS E 48 -31.92 -17.77 0.17
N MET E 49 -31.40 -16.83 0.96
CA MET E 49 -29.95 -16.69 1.09
C MET E 49 -29.35 -17.87 1.83
N PHE E 50 -29.98 -18.26 2.95
CA PHE E 50 -29.53 -19.44 3.68
C PHE E 50 -29.71 -20.70 2.84
N VAL E 51 -30.75 -20.74 2.00
CA VAL E 51 -30.98 -21.91 1.15
C VAL E 51 -29.81 -22.13 0.21
N TYR E 52 -29.33 -21.05 -0.43
CA TYR E 52 -28.25 -21.18 -1.40
C TYR E 52 -26.98 -21.70 -0.76
N ALA E 53 -26.67 -21.23 0.45
CA ALA E 53 -25.50 -21.74 1.16
C ALA E 53 -25.69 -23.22 1.48
N ALA E 54 -26.91 -23.63 1.80
CA ALA E 54 -27.18 -25.03 2.07
C ALA E 54 -27.03 -25.87 0.81
N GLU E 55 -27.44 -25.34 -0.34
CA GLU E 55 -27.30 -26.07 -1.59
C GLU E 55 -25.83 -26.24 -1.97
N VAL E 56 -25.00 -25.25 -1.62
CA VAL E 56 -23.56 -25.37 -1.84
C VAL E 56 -22.99 -26.52 -1.00
N ALA E 57 -23.42 -26.61 0.25
CA ALA E 57 -22.96 -27.69 1.11
C ALA E 57 -23.40 -29.05 0.60
N LYS E 58 -24.65 -29.14 0.12
CA LYS E 58 -25.13 -30.42 -0.39
C LYS E 58 -24.43 -30.82 -1.68
N THR E 59 -24.06 -29.85 -2.52
CA THR E 59 -23.31 -30.18 -3.73
C THR E 59 -21.95 -30.78 -3.38
N ILE E 60 -21.28 -30.22 -2.37
CA ILE E 60 -19.99 -30.75 -1.94
C ILE E 60 -20.15 -32.16 -1.37
N ARG E 61 -21.21 -32.39 -0.59
CA ARG E 61 -21.36 -33.64 0.12
C ARG E 61 -21.63 -34.80 -0.82
N GLY E 62 -22.29 -34.54 -1.96
CA GLY E 62 -22.60 -35.57 -2.91
C GLY E 62 -21.80 -35.46 -4.19
N ALA E 63 -20.57 -34.94 -4.08
CA ALA E 63 -19.73 -34.73 -5.24
C ALA E 63 -19.11 -36.02 -5.76
N SER E 64 -18.96 -37.03 -4.90
CA SER E 64 -18.39 -38.31 -5.34
C SER E 64 -19.23 -38.97 -6.41
N ARG E 65 -20.52 -38.64 -6.46
CA ARG E 65 -21.40 -39.18 -7.49
C ARG E 65 -20.92 -38.84 -8.90
N TYR E 66 -20.18 -37.75 -9.05
CA TYR E 66 -19.72 -37.30 -10.35
C TYR E 66 -18.24 -37.53 -10.58
N GLY E 67 -17.54 -38.12 -9.61
CA GLY E 67 -16.13 -38.41 -9.76
C GLY E 67 -15.19 -37.49 -9.01
N ILE E 68 -15.70 -36.57 -8.20
CA ILE E 68 -14.88 -35.64 -7.43
C ILE E 68 -15.06 -35.97 -5.96
N ASP E 69 -13.98 -36.41 -5.32
CA ASP E 69 -13.99 -36.72 -3.90
C ASP E 69 -13.62 -35.47 -3.11
N ALA E 70 -14.57 -34.96 -2.32
CA ALA E 70 -14.36 -33.76 -1.55
C ALA E 70 -14.97 -33.94 -0.16
N HIS E 71 -14.68 -32.97 0.72
CA HIS E 71 -15.17 -33.02 2.09
C HIS E 71 -15.25 -31.61 2.64
N ILE E 72 -16.26 -31.38 3.48
CA ILE E 72 -16.46 -30.09 4.13
C ILE E 72 -15.60 -30.04 5.39
N ASP E 73 -14.70 -29.07 5.45
CA ASP E 73 -13.84 -28.94 6.63
C ASP E 73 -14.56 -28.24 7.78
N ARG E 74 -15.40 -27.25 7.47
CA ARG E 74 -16.08 -26.49 8.51
C ARG E 74 -17.22 -25.71 7.87
N VAL E 75 -18.28 -25.53 8.65
CA VAL E 75 -19.43 -24.71 8.26
C VAL E 75 -19.48 -23.54 9.22
N ARG E 76 -18.98 -22.39 8.79
CA ARG E 76 -18.92 -21.19 9.64
C ARG E 76 -20.31 -20.54 9.67
N TRP E 77 -21.18 -21.10 10.51
CA TRP E 77 -22.55 -20.59 10.61
C TRP E 77 -22.57 -19.14 11.11
N ASP E 78 -21.66 -18.80 12.02
CA ASP E 78 -21.61 -17.43 12.52
C ASP E 78 -21.34 -16.44 11.40
N ASP E 79 -20.45 -16.79 10.48
CA ASP E 79 -20.15 -15.92 9.35
C ASP E 79 -21.26 -15.95 8.32
N VAL E 80 -22.01 -17.05 8.24
CA VAL E 80 -23.14 -17.12 7.32
C VAL E 80 -24.25 -16.18 7.78
N VAL E 81 -24.54 -16.19 9.08
CA VAL E 81 -25.56 -15.29 9.61
C VAL E 81 -25.11 -13.84 9.48
N SER E 82 -23.85 -13.56 9.81
CA SER E 82 -23.33 -12.21 9.70
C SER E 82 -23.29 -11.72 8.26
N ARG E 83 -23.03 -12.63 7.31
CA ARG E 83 -23.01 -12.23 5.91
C ARG E 83 -24.41 -11.89 5.41
N VAL E 84 -25.40 -12.71 5.78
CA VAL E 84 -26.76 -12.49 5.29
C VAL E 84 -27.37 -11.25 5.92
N PHE E 85 -27.41 -11.21 7.25
CA PHE E 85 -28.06 -10.11 7.94
C PHE E 85 -27.18 -8.86 8.02
N GLY E 86 -25.88 -9.00 7.78
CA GLY E 86 -25.05 -7.83 7.62
C GLY E 86 -25.40 -7.01 6.40
N ARG E 87 -26.02 -7.64 5.40
CA ARG E 87 -26.51 -6.93 4.23
C ARG E 87 -27.95 -6.45 4.40
N ILE E 88 -28.78 -7.22 5.10
CA ILE E 88 -30.21 -6.94 5.15
C ILE E 88 -30.53 -5.84 6.16
N ASP E 89 -29.99 -5.96 7.37
CA ASP E 89 -30.33 -4.99 8.42
C ASP E 89 -30.00 -3.55 8.06
N PRO E 90 -28.88 -3.22 7.39
CA PRO E 90 -28.66 -1.81 7.02
C PRO E 90 -29.69 -1.27 6.06
N ILE E 91 -30.33 -2.12 5.26
CA ILE E 91 -31.39 -1.65 4.36
C ILE E 91 -32.56 -1.11 5.17
N ALA E 92 -32.86 -1.78 6.29
CA ALA E 92 -33.94 -1.31 7.15
C ALA E 92 -33.65 0.06 7.74
N LEU E 93 -32.38 0.36 7.99
CA LEU E 93 -32.02 1.65 8.56
C LEU E 93 -32.06 2.74 7.50
N SER E 94 -31.47 2.48 6.33
CA SER E 94 -31.45 3.48 5.26
C SER E 94 -32.85 3.68 4.67
N GLY E 95 -33.63 2.61 4.53
CA GLY E 95 -34.99 2.74 4.04
C GLY E 95 -35.89 3.48 5.00
N GLU E 96 -35.64 3.34 6.30
CA GLU E 96 -36.41 4.08 7.30
C GLU E 96 -36.05 5.57 7.28
N ASP E 97 -34.75 5.88 7.20
CA ASP E 97 -34.33 7.27 7.16
C ASP E 97 -34.85 7.98 5.92
N TYR E 98 -35.06 7.23 4.83
CA TYR E 98 -35.58 7.84 3.60
C TYR E 98 -36.98 8.40 3.81
N ARG E 99 -37.74 7.82 4.74
CA ARG E 99 -39.09 8.30 5.00
C ARG E 99 -39.16 9.36 6.09
N ARG E 100 -38.38 9.22 7.17
CA ARG E 100 -38.42 10.21 8.23
C ARG E 100 -37.90 11.56 7.77
N CYS E 101 -36.74 11.58 7.11
CA CYS E 101 -36.12 12.84 6.71
C CYS E 101 -36.95 13.58 5.68
N ALA E 102 -37.84 12.90 4.97
CA ALA E 102 -38.75 13.58 4.07
C ALA E 102 -39.76 14.39 4.88
N PRO E 103 -39.88 15.70 4.62
CA PRO E 103 -40.82 16.52 5.40
C PRO E 103 -42.28 16.16 5.15
N ASN E 104 -42.59 15.57 3.99
CA ASN E 104 -43.96 15.20 3.68
C ASN E 104 -44.39 13.91 4.37
N ILE E 105 -43.46 13.16 4.93
CA ILE E 105 -43.73 11.84 5.49
C ILE E 105 -43.40 11.85 6.98
N ASP E 106 -44.34 11.37 7.80
CA ASP E 106 -44.12 11.10 9.21
C ASP E 106 -44.21 9.61 9.45
N VAL E 107 -43.29 9.09 10.27
CA VAL E 107 -43.18 7.65 10.51
C VAL E 107 -43.56 7.39 11.96
N TYR E 108 -44.57 6.55 12.17
CA TYR E 108 -44.99 6.11 13.48
C TYR E 108 -44.54 4.67 13.69
N ARG E 109 -43.83 4.42 14.79
CA ARG E 109 -43.20 3.12 15.03
C ARG E 109 -43.89 2.36 16.17
N THR E 110 -45.21 2.51 16.29
CA THR E 110 -45.98 1.76 17.27
C THR E 110 -47.24 1.21 16.61
N HIS E 111 -47.85 0.24 17.27
CA HIS E 111 -49.05 -0.40 16.72
C HIS E 111 -50.19 0.61 16.61
N THR E 112 -50.81 0.67 15.44
CA THR E 112 -51.84 1.65 15.12
C THR E 112 -53.19 0.96 14.94
N ARG E 113 -54.19 1.42 15.69
CA ARG E 113 -55.55 0.91 15.60
C ARG E 113 -56.47 1.98 15.02
N PHE E 114 -57.58 1.53 14.45
CA PHE E 114 -58.59 2.45 13.94
C PHE E 114 -59.42 3.05 15.07
N GLY E 115 -59.80 4.30 14.91
CA GLY E 115 -60.70 4.95 15.83
C GLY E 115 -62.04 5.24 15.19
N PRO E 116 -62.93 5.90 15.93
CA PRO E 116 -64.22 6.28 15.35
C PRO E 116 -64.05 7.33 14.26
N VAL E 117 -64.77 7.14 13.15
CA VAL E 117 -64.71 8.09 12.04
C VAL E 117 -65.21 9.45 12.50
N GLN E 118 -64.42 10.49 12.24
CA GLN E 118 -64.74 11.83 12.68
C GLN E 118 -65.93 12.38 11.89
N ALA E 119 -66.48 13.49 12.38
CA ALA E 119 -67.69 14.06 11.79
C ALA E 119 -67.47 14.44 10.32
N ASP E 120 -66.29 14.93 9.98
CA ASP E 120 -66.01 15.34 8.61
C ASP E 120 -65.71 14.17 7.68
N GLY E 121 -65.93 12.93 8.12
CA GLY E 121 -65.73 11.78 7.27
C GLY E 121 -64.34 11.20 7.27
N ARG E 122 -63.38 11.86 7.91
CA ARG E 122 -62.00 11.37 7.93
C ARG E 122 -61.81 10.36 9.05
N TYR E 123 -60.82 9.48 8.87
CA TYR E 123 -60.59 8.37 9.77
C TYR E 123 -59.61 8.75 10.86
N LEU E 124 -59.96 8.40 12.10
CA LEU E 124 -59.08 8.62 13.25
C LEU E 124 -58.25 7.38 13.51
N LEU E 125 -56.95 7.58 13.72
CA LEU E 125 -56.04 6.49 14.03
C LEU E 125 -55.28 6.83 15.30
N ARG E 126 -55.18 5.85 16.20
CA ARG E 126 -54.50 6.03 17.46
C ARG E 126 -53.48 4.91 17.65
N THR E 127 -52.31 5.27 18.15
CA THR E 127 -51.20 4.34 18.32
C THR E 127 -51.03 3.98 19.79
N ASP E 128 -50.32 2.87 20.02
CA ASP E 128 -50.03 2.43 21.38
C ASP E 128 -49.09 3.38 22.12
N ALA E 129 -48.46 4.32 21.41
CA ALA E 129 -47.61 5.32 22.04
C ALA E 129 -48.41 6.53 22.52
N GLY E 130 -49.72 6.56 22.30
CA GLY E 130 -50.55 7.65 22.74
C GLY E 130 -50.92 8.65 21.67
N GLU E 131 -50.32 8.56 20.50
CA GLU E 131 -50.57 9.53 19.44
C GLU E 131 -51.94 9.31 18.80
N GLU E 132 -52.56 10.41 18.38
CA GLU E 132 -53.81 10.37 17.64
C GLU E 132 -53.71 11.34 16.47
N PHE E 133 -54.17 10.90 15.30
CA PHE E 133 -54.15 11.73 14.10
C PHE E 133 -55.24 11.27 13.17
N THR E 134 -55.54 12.12 12.18
CA THR E 134 -56.59 11.83 11.20
C THR E 134 -55.98 11.69 9.81
N ALA E 135 -56.69 10.99 8.94
CA ALA E 135 -56.24 10.76 7.58
C ALA E 135 -57.44 10.66 6.66
N GLU E 136 -57.26 11.17 5.42
CA GLU E 136 -58.34 11.13 4.44
C GLU E 136 -58.43 9.76 3.77
N GLN E 137 -57.31 9.25 3.30
CA GLN E 137 -57.22 7.89 2.77
C GLN E 137 -56.41 7.02 3.72
N VAL E 138 -56.69 5.72 3.71
CA VAL E 138 -56.00 4.76 4.56
C VAL E 138 -55.70 3.52 3.74
N VAL E 139 -54.45 3.05 3.82
CA VAL E 139 -54.03 1.83 3.16
C VAL E 139 -53.65 0.81 4.22
N ILE E 140 -54.27 -0.37 4.15
CA ILE E 140 -54.03 -1.43 5.12
C ILE E 140 -53.12 -2.47 4.48
N ALA E 141 -51.91 -2.59 5.00
CA ALA E 141 -50.95 -3.60 4.55
C ALA E 141 -50.28 -4.20 5.78
N ALA E 142 -51.10 -4.72 6.70
CA ALA E 142 -50.62 -5.21 7.98
C ALA E 142 -49.98 -6.59 7.88
N GLY E 143 -50.08 -7.26 6.73
CA GLY E 143 -49.43 -8.55 6.59
C GLY E 143 -50.06 -9.60 7.47
N SER E 144 -49.25 -10.59 7.85
CA SER E 144 -49.69 -11.70 8.67
C SER E 144 -48.68 -11.94 9.78
N ARG E 145 -49.07 -12.78 10.74
CA ARG E 145 -48.22 -13.14 11.87
C ARG E 145 -48.31 -14.64 12.09
N PRO E 146 -47.25 -15.25 12.63
CA PRO E 146 -47.27 -16.71 12.83
C PRO E 146 -48.32 -17.11 13.85
N VAL E 147 -48.82 -18.34 13.68
CA VAL E 147 -49.79 -18.93 14.59
C VAL E 147 -49.12 -20.10 15.30
N ILE E 148 -49.16 -20.09 16.62
CA ILE E 148 -48.55 -21.12 17.46
C ILE E 148 -49.66 -21.95 18.07
N PRO E 149 -49.59 -23.27 18.02
CA PRO E 149 -50.61 -24.12 18.64
C PRO E 149 -50.75 -23.80 20.11
N PRO E 150 -51.98 -23.81 20.64
CA PRO E 150 -52.16 -23.48 22.06
C PRO E 150 -51.46 -24.44 23.01
N ALA E 151 -51.35 -25.71 22.63
CA ALA E 151 -50.66 -26.67 23.49
C ALA E 151 -49.18 -26.32 23.63
N ILE E 152 -48.58 -25.75 22.58
CA ILE E 152 -47.18 -25.35 22.67
C ILE E 152 -47.04 -24.09 23.51
N LEU E 153 -47.99 -23.16 23.37
CA LEU E 153 -47.99 -21.97 24.20
C LEU E 153 -48.24 -22.31 25.67
N ALA E 154 -49.15 -23.24 25.93
CA ALA E 154 -49.46 -23.62 27.31
C ALA E 154 -48.25 -24.28 27.98
N SER E 155 -47.46 -25.05 27.23
CA SER E 155 -46.30 -25.70 27.82
C SER E 155 -45.26 -24.70 28.28
N GLY E 156 -45.20 -23.54 27.64
CA GLY E 156 -44.21 -22.54 27.98
C GLY E 156 -42.80 -22.92 27.60
N VAL E 157 -42.64 -23.82 26.63
CA VAL E 157 -41.32 -24.24 26.19
C VAL E 157 -40.72 -23.18 25.28
N ASP E 158 -39.39 -23.12 25.26
CA ASP E 158 -38.70 -22.22 24.35
C ASP E 158 -38.84 -22.74 22.93
N TYR E 159 -39.44 -21.93 22.06
CA TYR E 159 -39.67 -22.29 20.68
C TYR E 159 -39.21 -21.15 19.77
N HIS E 160 -39.05 -21.47 18.49
CA HIS E 160 -38.63 -20.50 17.49
C HIS E 160 -39.61 -20.51 16.33
N THR E 161 -39.73 -19.35 15.68
CA THR E 161 -40.47 -19.20 14.45
C THR E 161 -39.52 -18.72 13.36
N SER E 162 -40.06 -18.51 12.16
CA SER E 162 -39.24 -18.00 11.07
C SER E 162 -38.67 -16.62 11.39
N ASP E 163 -39.26 -15.90 12.34
CA ASP E 163 -38.78 -14.57 12.68
C ASP E 163 -37.48 -14.62 13.49
N THR E 164 -37.25 -15.72 14.23
CA THR E 164 -36.14 -15.79 15.16
C THR E 164 -35.20 -16.97 14.94
N VAL E 165 -35.56 -17.92 14.08
CA VAL E 165 -34.74 -19.11 13.95
C VAL E 165 -33.49 -18.84 13.11
N MET E 166 -33.50 -17.84 12.25
CA MET E 166 -32.39 -17.60 11.34
C MET E 166 -31.22 -16.88 12.00
N ARG E 167 -31.39 -16.35 13.20
CA ARG E 167 -30.32 -15.67 13.91
C ARG E 167 -29.84 -16.44 15.13
N ILE E 168 -29.96 -17.78 15.10
CA ILE E 168 -29.47 -18.58 16.22
C ILE E 168 -27.95 -18.62 16.19
N ALA E 169 -27.35 -18.76 17.38
CA ALA E 169 -25.89 -18.67 17.49
C ALA E 169 -25.21 -19.91 16.91
N GLU E 170 -25.70 -21.10 17.26
CA GLU E 170 -25.05 -22.34 16.86
C GLU E 170 -26.05 -23.33 16.30
N LEU E 171 -25.58 -24.16 15.38
CA LEU E 171 -26.41 -25.20 14.77
C LEU E 171 -26.66 -26.33 15.76
N PRO E 172 -27.91 -26.72 15.97
CA PRO E 172 -28.20 -27.82 16.90
C PRO E 172 -27.87 -29.17 16.26
N GLU E 173 -27.78 -30.18 17.11
CA GLU E 173 -27.55 -31.53 16.60
C GLU E 173 -28.84 -32.12 16.06
N HIS E 174 -29.97 -31.83 16.70
CA HIS E 174 -31.27 -32.33 16.29
C HIS E 174 -32.30 -31.21 16.40
N ILE E 175 -33.07 -31.02 15.34
CA ILE E 175 -34.10 -29.98 15.29
C ILE E 175 -35.44 -30.64 14.98
N VAL E 176 -36.49 -30.17 15.64
CA VAL E 176 -37.86 -30.58 15.36
C VAL E 176 -38.63 -29.39 14.82
N ILE E 177 -39.18 -29.55 13.61
CA ILE E 177 -39.98 -28.53 12.95
C ILE E 177 -41.43 -29.01 12.97
N VAL E 178 -42.31 -28.21 13.57
CA VAL E 178 -43.74 -28.49 13.63
C VAL E 178 -44.43 -27.69 12.53
N GLY E 179 -45.03 -28.39 11.59
CA GLY E 179 -45.67 -27.78 10.44
C GLY E 179 -45.41 -28.58 9.19
N SER E 180 -46.28 -28.40 8.18
CA SER E 180 -46.19 -29.14 6.94
C SER E 180 -46.28 -28.25 5.71
N GLY E 181 -45.93 -26.98 5.82
CA GLY E 181 -46.04 -26.04 4.72
C GLY E 181 -44.71 -25.78 4.04
N PHE E 182 -44.70 -24.75 3.21
CA PHE E 182 -43.48 -24.43 2.46
C PHE E 182 -42.37 -23.96 3.39
N ILE E 183 -42.71 -23.20 4.43
CA ILE E 183 -41.70 -22.75 5.38
C ILE E 183 -41.06 -23.93 6.08
N ALA E 184 -41.88 -24.91 6.49
CA ALA E 184 -41.35 -26.07 7.20
C ALA E 184 -40.42 -26.88 6.31
N ALA E 185 -40.78 -27.04 5.03
CA ALA E 185 -39.92 -27.80 4.13
C ALA E 185 -38.64 -27.03 3.79
N GLU E 186 -38.75 -25.72 3.63
CA GLU E 186 -37.58 -24.92 3.25
C GLU E 186 -36.53 -24.93 4.35
N PHE E 187 -36.94 -24.78 5.61
CA PHE E 187 -35.97 -24.79 6.69
C PHE E 187 -35.45 -26.21 6.94
N ALA E 188 -36.27 -27.23 6.70
CA ALA E 188 -35.78 -28.61 6.79
C ALA E 188 -34.68 -28.85 5.76
N HIS E 189 -34.81 -28.25 4.58
CA HIS E 189 -33.76 -28.38 3.57
C HIS E 189 -32.51 -27.61 3.98
N VAL E 190 -32.67 -26.46 4.63
CA VAL E 190 -31.53 -25.66 5.05
C VAL E 190 -30.72 -26.38 6.11
N PHE E 191 -31.38 -26.87 7.17
CA PHE E 191 -30.65 -27.41 8.30
C PHE E 191 -30.07 -28.79 7.98
N SER E 192 -30.83 -29.62 7.28
CA SER E 192 -30.33 -30.96 6.96
C SER E 192 -29.13 -30.90 6.02
N ALA E 193 -29.11 -29.93 5.10
CA ALA E 193 -27.95 -29.77 4.22
C ALA E 193 -26.71 -29.28 4.95
N LEU E 194 -26.89 -28.61 6.09
CA LEU E 194 -25.78 -28.16 6.89
C LEU E 194 -25.37 -29.14 7.97
N GLY E 195 -25.95 -30.35 7.97
CA GLY E 195 -25.54 -31.40 8.88
C GLY E 195 -26.41 -31.59 10.11
N VAL E 196 -27.62 -31.02 10.14
CA VAL E 196 -28.51 -31.13 11.29
C VAL E 196 -29.50 -32.26 11.05
N ARG E 197 -29.77 -33.03 12.10
CA ARG E 197 -30.78 -34.07 12.03
C ARG E 197 -32.16 -33.42 12.16
N VAL E 198 -33.00 -33.62 11.15
CA VAL E 198 -34.26 -32.90 11.02
C VAL E 198 -35.41 -33.86 11.27
N THR E 199 -36.34 -33.45 12.14
CA THR E 199 -37.55 -34.22 12.44
C THR E 199 -38.75 -33.32 12.20
N LEU E 200 -39.64 -33.75 11.31
CA LEU E 200 -40.88 -33.04 11.05
C LEU E 200 -41.99 -33.68 11.86
N VAL E 201 -42.83 -32.84 12.48
CA VAL E 201 -43.98 -33.30 13.24
C VAL E 201 -45.20 -32.65 12.60
N ILE E 202 -45.90 -33.40 11.75
CA ILE E 202 -47.04 -32.88 11.01
C ILE E 202 -48.29 -33.58 11.49
N ARG E 203 -49.41 -32.86 11.47
CA ARG E 203 -50.68 -33.42 11.88
C ARG E 203 -51.43 -34.08 10.73
N GLY E 204 -51.08 -33.75 9.49
CA GLY E 204 -51.68 -34.36 8.33
C GLY E 204 -50.97 -35.65 7.95
N SER E 205 -51.13 -36.03 6.68
CA SER E 205 -50.52 -37.25 6.16
C SER E 205 -49.45 -36.99 5.12
N CYS E 206 -49.38 -35.78 4.56
CA CYS E 206 -48.37 -35.46 3.56
C CYS E 206 -47.82 -34.06 3.82
N LEU E 207 -46.56 -33.88 3.47
CA LEU E 207 -45.90 -32.59 3.51
C LEU E 207 -46.17 -31.84 2.20
N LEU E 208 -46.32 -30.52 2.28
CA LEU E 208 -46.70 -29.70 1.11
C LEU E 208 -47.95 -30.24 0.44
N ARG E 209 -49.06 -30.23 1.19
CA ARG E 209 -50.30 -30.75 0.64
C ARG E 209 -50.89 -29.80 -0.40
N HIS E 210 -50.62 -28.51 -0.28
CA HIS E 210 -51.12 -27.51 -1.22
C HIS E 210 -50.36 -27.56 -2.55
N CYS E 211 -50.16 -28.75 -3.09
CA CYS E 211 -49.53 -28.93 -4.39
C CYS E 211 -50.15 -30.12 -5.10
N ASP E 212 -49.76 -30.29 -6.37
CA ASP E 212 -50.24 -31.43 -7.16
C ASP E 212 -49.95 -32.74 -6.45
N ASP E 213 -50.89 -33.68 -6.55
CA ASP E 213 -50.77 -34.94 -5.82
C ASP E 213 -49.57 -35.75 -6.30
N THR E 214 -49.24 -35.67 -7.59
CA THR E 214 -48.04 -36.34 -8.08
C THR E 214 -46.78 -35.76 -7.45
N ILE E 215 -46.74 -34.44 -7.27
CA ILE E 215 -45.59 -33.81 -6.64
C ILE E 215 -45.61 -34.06 -5.14
N CYS E 216 -46.78 -33.87 -4.51
CA CYS E 216 -46.89 -34.03 -3.07
C CYS E 216 -46.55 -35.46 -2.65
N GLU E 217 -47.07 -36.46 -3.36
CA GLU E 217 -46.79 -37.85 -3.00
C GLU E 217 -45.31 -38.19 -3.18
N ARG E 218 -44.72 -37.78 -4.30
CA ARG E 218 -43.34 -38.14 -4.57
C ARG E 218 -42.37 -37.38 -3.67
N PHE E 219 -42.67 -36.11 -3.37
CA PHE E 219 -41.78 -35.32 -2.53
C PHE E 219 -41.76 -35.83 -1.10
N THR E 220 -42.93 -36.23 -0.58
CA THR E 220 -42.99 -36.75 0.78
C THR E 220 -42.22 -38.06 0.91
N ARG E 221 -42.26 -38.89 -0.14
CA ARG E 221 -41.49 -40.12 -0.13
C ARG E 221 -39.99 -39.84 -0.04
N ILE E 222 -39.52 -38.85 -0.79
CA ILE E 222 -38.11 -38.48 -0.74
C ILE E 222 -37.76 -37.92 0.63
N ALA E 223 -38.61 -37.05 1.17
CA ALA E 223 -38.34 -36.44 2.47
C ALA E 223 -38.28 -37.48 3.59
N SER E 224 -39.09 -38.54 3.48
CA SER E 224 -39.12 -39.54 4.53
C SER E 224 -37.83 -40.36 4.61
N THR E 225 -37.03 -40.35 3.54
CA THR E 225 -35.79 -41.11 3.53
C THR E 225 -34.62 -40.35 4.13
N LYS E 226 -34.69 -39.02 4.21
CA LYS E 226 -33.62 -38.22 4.78
C LYS E 226 -34.02 -37.45 6.04
N TRP E 227 -35.30 -37.26 6.30
CA TRP E 227 -35.77 -36.69 7.56
C TRP E 227 -36.70 -37.66 8.26
N GLU E 228 -36.76 -37.56 9.58
CA GLU E 228 -37.67 -38.37 10.38
C GLU E 228 -39.05 -37.73 10.34
N LEU E 229 -39.96 -38.33 9.58
CA LEU E 229 -41.30 -37.79 9.39
C LEU E 229 -42.26 -38.49 10.34
N ARG E 230 -42.86 -37.72 11.24
CA ARG E 230 -43.89 -38.22 12.15
C ARG E 230 -45.22 -37.63 11.69
N THR E 231 -46.01 -38.44 10.99
CA THR E 231 -47.28 -38.01 10.44
C THR E 231 -48.42 -38.27 11.42
N HIS E 232 -49.50 -37.51 11.26
CA HIS E 232 -50.71 -37.64 12.07
C HIS E 232 -50.41 -37.45 13.56
N ARG E 233 -49.57 -36.48 13.87
CA ARG E 233 -49.14 -36.25 15.24
C ARG E 233 -49.25 -34.77 15.59
N ASN E 234 -49.62 -34.50 16.84
CA ASN E 234 -49.68 -33.16 17.38
C ASN E 234 -48.91 -33.13 18.69
N VAL E 235 -48.30 -31.98 18.97
CA VAL E 235 -47.63 -31.79 20.26
C VAL E 235 -48.68 -31.38 21.28
N VAL E 236 -48.73 -32.09 22.40
CA VAL E 236 -49.73 -31.85 23.43
C VAL E 236 -49.12 -31.24 24.69
N ASP E 237 -47.85 -31.49 24.96
CA ASP E 237 -47.19 -30.93 26.12
C ASP E 237 -45.69 -30.90 25.85
N GLY E 238 -44.96 -30.29 26.78
CA GLY E 238 -43.52 -30.22 26.65
C GLY E 238 -42.90 -29.56 27.86
N GLN E 239 -41.59 -29.73 27.98
CA GLN E 239 -40.83 -29.13 29.05
C GLN E 239 -39.39 -28.97 28.58
N GLN E 240 -38.63 -28.18 29.34
CA GLN E 240 -37.23 -27.95 28.99
C GLN E 240 -36.42 -29.20 29.30
N ARG E 241 -35.46 -29.50 28.43
CA ARG E 241 -34.53 -30.62 28.59
C ARG E 241 -33.13 -30.06 28.43
N GLY E 242 -32.63 -29.43 29.50
CA GLY E 242 -31.37 -28.72 29.39
C GLY E 242 -31.50 -27.56 28.44
N SER E 243 -30.51 -27.41 27.55
CA SER E 243 -30.62 -26.41 26.50
C SER E 243 -31.68 -26.77 25.47
N GLY E 244 -32.02 -28.05 25.35
CA GLY E 244 -33.01 -28.51 24.40
C GLY E 244 -34.40 -28.59 24.99
N VAL E 245 -35.28 -29.30 24.28
CA VAL E 245 -36.68 -29.43 24.65
C VAL E 245 -37.11 -30.87 24.48
N ALA E 246 -38.09 -31.29 25.29
CA ALA E 246 -38.72 -32.59 25.17
C ALA E 246 -40.21 -32.39 24.92
N LEU E 247 -40.72 -33.01 23.85
CA LEU E 247 -42.07 -32.78 23.38
C LEU E 247 -42.87 -34.08 23.45
N ARG E 248 -44.02 -34.03 24.12
CA ARG E 248 -44.93 -35.16 24.16
C ARG E 248 -45.95 -35.05 23.03
N LEU E 249 -46.13 -36.14 22.29
CA LEU E 249 -47.06 -36.18 21.17
C LEU E 249 -48.42 -36.74 21.63
N ASP E 250 -49.39 -36.67 20.72
CA ASP E 250 -50.75 -37.11 21.01
C ASP E 250 -50.90 -38.62 21.06
N ASP E 251 -49.82 -39.39 20.92
CA ASP E 251 -49.87 -40.84 21.00
C ASP E 251 -49.08 -41.38 22.18
N GLY E 252 -48.60 -40.51 23.06
CA GLY E 252 -47.79 -40.92 24.19
C GLY E 252 -46.30 -40.85 23.94
N CYS E 253 -45.88 -40.86 22.69
CA CYS E 253 -44.45 -40.81 22.38
C CYS E 253 -43.87 -39.45 22.74
N THR E 254 -42.58 -39.45 23.04
CA THR E 254 -41.86 -38.23 23.38
C THR E 254 -40.67 -38.07 22.46
N ILE E 255 -40.44 -36.85 21.99
CA ILE E 255 -39.35 -36.53 21.08
C ILE E 255 -38.40 -35.59 21.79
N ASN E 256 -37.14 -35.99 21.88
CA ASN E 256 -36.08 -35.16 22.44
C ASN E 256 -35.35 -34.43 21.32
N ALA E 257 -35.09 -33.14 21.53
CA ALA E 257 -34.45 -32.35 20.50
C ALA E 257 -33.71 -31.18 21.12
N ASP E 258 -32.83 -30.58 20.32
CA ASP E 258 -32.05 -29.42 20.73
C ASP E 258 -32.70 -28.09 20.36
N LEU E 259 -33.66 -28.10 19.43
CA LEU E 259 -34.26 -26.87 18.96
C LEU E 259 -35.67 -27.17 18.48
N LEU E 260 -36.60 -26.27 18.81
CA LEU E 260 -37.99 -26.37 18.39
C LEU E 260 -38.29 -25.21 17.44
N LEU E 261 -38.80 -25.54 16.26
CA LEU E 261 -39.19 -24.54 15.28
C LEU E 261 -40.64 -24.73 14.91
N VAL E 262 -41.44 -23.68 15.05
CA VAL E 262 -42.86 -23.72 14.77
C VAL E 262 -43.11 -23.08 13.42
N ALA E 263 -43.74 -23.82 12.52
CA ALA E 263 -44.09 -23.34 11.19
C ALA E 263 -45.44 -23.93 10.78
N THR E 264 -46.47 -23.62 11.57
CA THR E 264 -47.80 -24.19 11.38
C THR E 264 -48.77 -23.22 10.72
N GLY E 265 -48.26 -22.22 10.01
CA GLY E 265 -49.09 -21.29 9.27
C GLY E 265 -49.14 -19.92 9.93
N ARG E 266 -49.68 -18.97 9.17
CA ARG E 266 -49.82 -17.59 9.61
C ARG E 266 -51.26 -17.14 9.43
N VAL E 267 -51.62 -16.10 10.18
CA VAL E 267 -52.96 -15.51 10.14
C VAL E 267 -52.81 -14.00 9.98
N SER E 268 -53.70 -13.40 9.20
CA SER E 268 -53.65 -11.96 8.94
C SER E 268 -53.79 -11.16 10.24
N ASN E 269 -53.19 -9.97 10.24
CA ASN E 269 -53.21 -9.06 11.38
C ASN E 269 -54.45 -8.17 11.40
N ALA E 270 -55.50 -8.53 10.67
CA ALA E 270 -56.70 -7.69 10.61
C ALA E 270 -57.44 -7.68 11.94
N ASP E 271 -57.40 -8.78 12.70
CA ASP E 271 -58.13 -8.88 13.96
C ASP E 271 -57.55 -8.01 15.06
N LEU E 272 -56.42 -7.33 14.81
CA LEU E 272 -55.82 -6.44 15.79
C LEU E 272 -55.93 -4.98 15.38
N LEU E 273 -56.91 -4.64 14.54
CA LEU E 273 -57.02 -3.31 13.96
C LEU E 273 -58.23 -2.52 14.42
N ASP E 274 -59.25 -3.17 14.97
CA ASP E 274 -60.54 -2.52 15.24
C ASP E 274 -61.12 -1.90 13.97
N ALA E 275 -60.94 -2.61 12.85
CA ALA E 275 -61.35 -2.06 11.57
C ALA E 275 -62.87 -2.03 11.43
N GLU E 276 -63.56 -3.04 11.96
CA GLU E 276 -65.02 -3.01 11.95
C GLU E 276 -65.56 -1.85 12.76
N GLN E 277 -64.82 -1.44 13.80
CA GLN E 277 -65.19 -0.25 14.57
C GLN E 277 -65.08 1.02 13.72
N ALA E 278 -64.35 0.97 12.61
CA ALA E 278 -64.21 2.10 11.71
C ALA E 278 -64.89 1.86 10.36
N GLY E 279 -65.60 0.75 10.19
CA GLY E 279 -66.36 0.51 9.00
C GLY E 279 -65.78 -0.46 7.99
N VAL E 280 -64.71 -1.17 8.32
CA VAL E 280 -64.06 -2.11 7.41
C VAL E 280 -64.52 -3.52 7.75
N ASP E 281 -65.05 -4.23 6.76
CA ASP E 281 -65.55 -5.58 6.96
C ASP E 281 -64.40 -6.56 7.13
N VAL E 282 -64.63 -7.58 7.96
CA VAL E 282 -63.61 -8.57 8.28
C VAL E 282 -64.24 -9.96 8.23
N GLU E 283 -63.78 -10.79 7.30
CA GLU E 283 -64.15 -12.19 7.25
C GLU E 283 -62.97 -13.03 7.73
N ASP E 284 -63.26 -14.09 8.49
CA ASP E 284 -62.22 -14.84 9.17
C ASP E 284 -61.40 -13.88 10.02
N GLY E 285 -60.10 -13.81 9.75
CA GLY E 285 -59.23 -12.82 10.34
C GLY E 285 -58.64 -11.94 9.25
N ARG E 286 -59.35 -11.83 8.14
CA ARG E 286 -58.87 -11.19 6.94
C ARG E 286 -59.74 -9.97 6.59
N VAL E 287 -59.14 -9.03 5.87
CA VAL E 287 -59.83 -7.84 5.39
C VAL E 287 -60.50 -8.16 4.06
N ILE E 288 -61.79 -7.86 3.96
CA ILE E 288 -62.55 -8.11 2.73
C ILE E 288 -62.26 -6.99 1.74
N VAL E 289 -61.85 -7.36 0.53
CA VAL E 289 -61.59 -6.41 -0.54
C VAL E 289 -62.27 -6.89 -1.82
N ASP E 290 -62.53 -5.93 -2.71
CA ASP E 290 -63.13 -6.23 -4.00
C ASP E 290 -62.04 -6.37 -5.07
N GLU E 291 -62.46 -6.35 -6.34
CA GLU E 291 -61.52 -6.47 -7.44
C GLU E 291 -60.66 -5.23 -7.63
N TYR E 292 -60.96 -4.13 -6.95
CA TYR E 292 -60.17 -2.92 -7.00
C TYR E 292 -59.38 -2.68 -5.71
N GLN E 293 -59.27 -3.69 -4.86
CA GLN E 293 -58.57 -3.58 -3.57
C GLN E 293 -59.23 -2.54 -2.67
N ARG E 294 -60.53 -2.35 -2.81
CA ARG E 294 -61.30 -1.44 -1.97
C ARG E 294 -61.95 -2.21 -0.82
N THR E 295 -61.91 -1.61 0.37
CA THR E 295 -62.55 -2.21 1.53
C THR E 295 -63.99 -1.69 1.62
N SER E 296 -64.67 -2.01 2.72
CA SER E 296 -66.03 -1.55 2.93
C SER E 296 -66.11 -0.10 3.39
N ALA E 297 -64.97 0.56 3.55
CA ALA E 297 -64.91 1.96 4.00
C ALA E 297 -64.42 2.83 2.85
N ARG E 298 -65.08 3.96 2.64
CA ARG E 298 -64.72 4.85 1.55
C ARG E 298 -63.30 5.39 1.74
N GLY E 299 -62.50 5.31 0.68
CA GLY E 299 -61.15 5.81 0.71
C GLY E 299 -60.14 4.91 1.40
N VAL E 300 -60.54 3.71 1.81
CA VAL E 300 -59.66 2.78 2.51
C VAL E 300 -59.40 1.59 1.61
N PHE E 301 -58.13 1.36 1.30
CA PHE E 301 -57.70 0.21 0.52
C PHE E 301 -56.95 -0.78 1.40
N ALA E 302 -56.73 -1.97 0.86
CA ALA E 302 -55.99 -3.00 1.56
C ALA E 302 -55.24 -3.86 0.54
N LEU E 303 -54.14 -4.45 0.98
CA LEU E 303 -53.29 -5.24 0.10
C LEU E 303 -52.38 -6.14 0.93
N GLY E 304 -51.83 -7.15 0.27
CA GLY E 304 -50.88 -8.02 0.92
C GLY E 304 -51.55 -9.13 1.72
N ASP E 305 -50.79 -9.64 2.69
CA ASP E 305 -51.25 -10.77 3.49
C ASP E 305 -52.46 -10.42 4.34
N VAL E 306 -52.70 -9.13 4.60
CA VAL E 306 -53.83 -8.75 5.45
C VAL E 306 -55.16 -9.00 4.75
N SER E 307 -55.17 -9.10 3.43
CA SER E 307 -56.40 -9.27 2.67
C SER E 307 -56.33 -10.32 1.58
N SER E 308 -55.19 -10.49 0.92
CA SER E 308 -55.12 -11.35 -0.26
C SER E 308 -55.27 -12.82 0.14
N PRO E 309 -55.88 -13.63 -0.72
CA PRO E 309 -55.88 -15.08 -0.49
C PRO E 309 -54.53 -15.73 -0.73
N TYR E 310 -53.64 -15.06 -1.47
CA TYR E 310 -52.30 -15.55 -1.74
C TYR E 310 -51.30 -14.85 -0.83
N LEU E 311 -50.59 -15.64 -0.02
CA LEU E 311 -49.54 -15.09 0.85
C LEU E 311 -48.19 -15.13 0.13
N LEU E 312 -48.12 -14.37 -0.95
CA LEU E 312 -46.93 -14.32 -1.80
C LEU E 312 -46.55 -12.86 -2.03
N LYS E 313 -45.25 -12.62 -2.14
CA LYS E 313 -44.77 -11.24 -2.29
C LYS E 313 -45.07 -10.70 -3.68
N HIS E 314 -44.84 -11.50 -4.74
CA HIS E 314 -45.13 -11.03 -6.08
C HIS E 314 -46.61 -10.75 -6.29
N VAL E 315 -47.47 -11.39 -5.51
CA VAL E 315 -48.89 -11.05 -5.52
C VAL E 315 -49.14 -9.79 -4.71
N ALA E 316 -48.52 -9.68 -3.53
CA ALA E 316 -48.68 -8.49 -2.71
C ALA E 316 -48.17 -7.24 -3.39
N ASN E 317 -47.13 -7.37 -4.21
CA ASN E 317 -46.63 -6.22 -4.96
C ASN E 317 -47.61 -5.81 -6.05
N HIS E 318 -48.23 -6.79 -6.71
CA HIS E 318 -49.24 -6.48 -7.72
C HIS E 318 -50.46 -5.80 -7.09
N GLU E 319 -50.88 -6.26 -5.91
CA GLU E 319 -51.99 -5.63 -5.22
C GLU E 319 -51.62 -4.22 -4.77
N ALA E 320 -50.37 -4.00 -4.38
CA ALA E 320 -49.91 -2.67 -4.04
C ALA E 320 -49.87 -1.78 -5.27
N ARG E 321 -49.57 -2.34 -6.43
CA ARG E 321 -49.57 -1.57 -7.67
C ARG E 321 -50.99 -1.14 -8.03
N VAL E 322 -51.96 -2.00 -7.77
CA VAL E 322 -53.36 -1.64 -8.00
C VAL E 322 -53.79 -0.54 -7.04
N VAL E 323 -53.42 -0.68 -5.76
CA VAL E 323 -53.73 0.35 -4.77
C VAL E 323 -53.06 1.66 -5.15
N GLN E 324 -51.82 1.60 -5.62
CA GLN E 324 -51.09 2.81 -6.01
C GLN E 324 -51.82 3.57 -7.10
N HIS E 325 -52.41 2.85 -8.06
CA HIS E 325 -53.14 3.52 -9.14
C HIS E 325 -54.54 3.92 -8.72
N ASN E 326 -55.25 3.05 -7.99
CA ASN E 326 -56.64 3.32 -7.64
C ASN E 326 -56.77 4.38 -6.56
N LEU E 327 -55.70 4.70 -5.84
CA LEU E 327 -55.76 5.80 -4.87
C LEU E 327 -55.93 7.14 -5.57
N LEU E 328 -55.35 7.29 -6.76
CA LEU E 328 -55.44 8.55 -7.49
C LEU E 328 -56.76 8.70 -8.24
N CYS E 329 -57.59 7.67 -8.27
CA CYS E 329 -58.90 7.72 -8.91
C CYS E 329 -59.98 8.03 -7.89
N ASP E 330 -61.13 8.48 -8.38
CA ASP E 330 -62.28 8.71 -7.51
C ASP E 330 -62.76 7.37 -6.96
N TRP E 331 -63.30 7.42 -5.73
CA TRP E 331 -63.66 6.19 -5.04
C TRP E 331 -64.76 5.42 -5.76
N GLU E 332 -65.64 6.10 -6.47
CA GLU E 332 -66.72 5.47 -7.21
C GLU E 332 -66.44 5.34 -8.70
N ASP E 333 -65.32 5.90 -9.18
CA ASP E 333 -64.96 5.83 -10.59
C ASP E 333 -64.27 4.49 -10.89
N THR E 334 -65.03 3.41 -10.67
CA THR E 334 -64.50 2.06 -10.85
C THR E 334 -64.13 1.78 -12.30
N GLN E 335 -64.77 2.48 -13.25
CA GLN E 335 -64.47 2.25 -14.66
C GLN E 335 -63.12 2.82 -15.06
N SER E 336 -62.58 3.78 -14.31
CA SER E 336 -61.25 4.31 -14.54
C SER E 336 -60.19 3.61 -13.70
N MET E 337 -60.58 2.66 -12.85
CA MET E 337 -59.65 1.94 -12.00
C MET E 337 -59.15 0.69 -12.70
N ILE E 338 -58.07 0.12 -12.15
CA ILE E 338 -57.48 -1.12 -12.66
C ILE E 338 -57.85 -2.26 -11.73
N VAL E 339 -57.99 -3.45 -12.31
CA VAL E 339 -58.42 -4.64 -11.59
C VAL E 339 -57.21 -5.49 -11.25
N THR E 340 -57.20 -6.05 -10.04
CA THR E 340 -56.12 -6.93 -9.62
C THR E 340 -56.23 -8.27 -10.33
N ASP E 341 -55.11 -8.76 -10.85
CA ASP E 341 -55.08 -9.98 -11.64
C ASP E 341 -54.56 -11.12 -10.77
N HIS E 342 -55.45 -12.06 -10.45
CA HIS E 342 -55.12 -13.26 -9.67
C HIS E 342 -55.26 -14.53 -10.50
N ARG E 343 -55.02 -14.43 -11.82
CA ARG E 343 -55.28 -15.56 -12.71
C ARG E 343 -54.21 -16.63 -12.57
N TYR E 344 -53.09 -16.48 -13.27
CA TYR E 344 -52.04 -17.48 -13.28
C TYR E 344 -50.96 -17.10 -12.26
N VAL E 345 -51.32 -17.28 -10.99
CA VAL E 345 -50.42 -16.98 -9.88
C VAL E 345 -49.52 -18.19 -9.62
N PRO E 346 -48.19 -18.04 -9.76
CA PRO E 346 -47.28 -19.16 -9.47
C PRO E 346 -46.71 -19.11 -8.06
N ALA E 347 -46.10 -20.21 -7.64
CA ALA E 347 -45.45 -20.27 -6.34
C ALA E 347 -44.38 -21.34 -6.38
N ALA E 348 -43.33 -21.16 -5.58
CA ALA E 348 -42.21 -22.08 -5.54
C ALA E 348 -41.88 -22.42 -4.10
N VAL E 349 -41.31 -23.61 -3.91
CA VAL E 349 -40.84 -24.09 -2.60
C VAL E 349 -39.38 -24.45 -2.74
N PHE E 350 -38.51 -23.71 -2.04
CA PHE E 350 -37.07 -23.88 -2.20
C PHE E 350 -36.56 -24.95 -1.25
N THR E 351 -36.94 -26.19 -1.56
CA THR E 351 -36.52 -27.39 -0.87
C THR E 351 -35.66 -28.23 -1.81
N ASP E 352 -35.24 -29.40 -1.34
CA ASP E 352 -34.54 -30.37 -2.18
C ASP E 352 -35.37 -31.64 -2.26
N PRO E 353 -35.95 -31.98 -3.42
CA PRO E 353 -35.87 -31.26 -4.70
C PRO E 353 -36.69 -29.98 -4.70
N GLN E 354 -36.36 -29.02 -5.57
CA GLN E 354 -37.10 -27.77 -5.62
C GLN E 354 -38.42 -27.97 -6.34
N ILE E 355 -39.45 -27.28 -5.87
CA ILE E 355 -40.80 -27.42 -6.39
C ILE E 355 -41.28 -26.06 -6.87
N ALA E 356 -41.90 -26.04 -8.05
CA ALA E 356 -42.50 -24.84 -8.60
C ALA E 356 -43.73 -25.24 -9.38
N ALA E 357 -44.82 -24.48 -9.19
CA ALA E 357 -46.10 -24.85 -9.78
C ALA E 357 -46.86 -23.59 -10.20
N VAL E 358 -47.71 -23.74 -11.21
CA VAL E 358 -48.60 -22.69 -11.65
C VAL E 358 -49.82 -23.33 -12.32
N GLY E 359 -51.00 -22.76 -12.07
CA GLY E 359 -52.21 -23.26 -12.67
C GLY E 359 -52.92 -24.32 -11.83
N LEU E 360 -53.64 -25.21 -12.51
CA LEU E 360 -54.45 -26.21 -11.83
C LEU E 360 -53.69 -27.54 -11.69
N THR E 361 -54.04 -28.29 -10.66
CA THR E 361 -53.55 -29.65 -10.51
C THR E 361 -54.46 -30.62 -11.25
N GLU E 362 -54.00 -31.88 -11.33
CA GLU E 362 -54.80 -32.90 -12.02
C GLU E 362 -56.16 -33.06 -11.38
N ASN E 363 -56.23 -33.10 -10.05
CA ASN E 363 -57.51 -33.27 -9.38
C ASN E 363 -58.38 -32.03 -9.54
N GLN E 364 -57.78 -30.84 -9.55
CA GLN E 364 -58.55 -29.63 -9.75
C GLN E 364 -59.14 -29.58 -11.16
N ALA E 365 -58.37 -30.03 -12.16
CA ALA E 365 -58.89 -30.07 -13.52
C ALA E 365 -59.97 -31.12 -13.68
N VAL E 366 -59.81 -32.27 -13.01
CA VAL E 366 -60.83 -33.32 -13.06
C VAL E 366 -62.09 -32.87 -12.34
N ALA E 367 -61.93 -32.15 -11.22
CA ALA E 367 -63.08 -31.64 -10.49
C ALA E 367 -63.88 -30.65 -11.32
N LYS E 368 -63.23 -29.97 -12.26
CA LYS E 368 -63.89 -29.03 -13.15
C LYS E 368 -64.45 -29.70 -14.39
N GLY E 369 -64.37 -31.02 -14.49
CA GLY E 369 -64.93 -31.74 -15.62
C GLY E 369 -64.29 -31.40 -16.95
N LEU E 370 -62.98 -31.19 -16.96
CA LEU E 370 -62.25 -30.85 -18.17
C LEU E 370 -61.65 -32.10 -18.80
N ASP E 371 -61.70 -32.18 -20.12
CA ASP E 371 -61.06 -33.27 -20.86
C ASP E 371 -59.58 -32.94 -20.99
N ILE E 372 -58.74 -33.67 -20.26
CA ILE E 372 -57.35 -33.27 -20.06
C ILE E 372 -56.40 -34.35 -20.55
N SER E 373 -55.20 -33.93 -20.93
CA SER E 373 -54.06 -34.79 -21.17
C SER E 373 -52.98 -34.49 -20.13
N VAL E 374 -52.30 -35.53 -19.66
CA VAL E 374 -51.31 -35.40 -18.60
C VAL E 374 -50.02 -36.06 -19.06
N LYS E 375 -48.91 -35.36 -18.89
CA LYS E 375 -47.58 -35.88 -19.22
C LYS E 375 -46.64 -35.60 -18.05
N ILE E 376 -45.87 -36.61 -17.67
CA ILE E 376 -44.87 -36.50 -16.62
C ILE E 376 -43.52 -36.83 -17.26
N GLN E 377 -42.74 -35.79 -17.52
CA GLN E 377 -41.44 -35.95 -18.18
C GLN E 377 -40.35 -36.02 -17.12
N ASP E 378 -39.45 -36.98 -17.27
CA ASP E 378 -38.35 -37.16 -16.32
C ASP E 378 -37.13 -36.37 -16.74
N TYR E 379 -36.44 -35.80 -15.75
CA TYR E 379 -35.15 -35.15 -16.02
C TYR E 379 -34.17 -36.14 -16.65
N GLY E 380 -34.18 -37.38 -16.19
CA GLY E 380 -33.23 -38.38 -16.66
C GLY E 380 -33.40 -38.79 -18.10
N ASP E 381 -34.49 -38.42 -18.74
CA ASP E 381 -34.70 -38.69 -20.16
C ASP E 381 -34.26 -37.52 -21.03
N VAL E 382 -33.44 -36.62 -20.50
CA VAL E 382 -32.97 -35.44 -21.22
C VAL E 382 -31.45 -35.36 -21.06
N ALA E 383 -30.79 -34.85 -22.11
CA ALA E 383 -29.34 -34.81 -22.13
C ALA E 383 -28.76 -34.08 -20.91
N TYR E 384 -29.43 -33.00 -20.48
CA TYR E 384 -28.94 -32.31 -19.29
C TYR E 384 -29.11 -33.15 -18.04
N GLY E 385 -30.19 -33.95 -17.97
CA GLY E 385 -30.35 -34.86 -16.85
C GLY E 385 -29.28 -35.93 -16.81
N TRP E 386 -28.75 -36.31 -17.97
CA TRP E 386 -27.65 -37.26 -18.00
C TRP E 386 -26.42 -36.70 -17.31
N ALA E 387 -26.09 -35.44 -17.61
CA ALA E 387 -24.95 -34.79 -16.96
C ALA E 387 -25.17 -34.66 -15.46
N MET E 388 -26.42 -34.49 -15.04
CA MET E 388 -26.75 -34.43 -13.62
C MET E 388 -26.86 -35.80 -12.97
N GLU E 389 -26.97 -36.86 -13.77
CA GLU E 389 -27.31 -38.20 -13.26
C GLU E 389 -28.58 -38.13 -12.43
N ASP E 390 -29.55 -37.35 -12.91
CA ASP E 390 -30.80 -37.15 -12.18
C ASP E 390 -31.69 -38.37 -12.30
N THR E 391 -32.33 -38.73 -11.18
CA THR E 391 -33.18 -39.91 -11.13
C THR E 391 -34.50 -39.64 -10.43
N SER E 392 -34.91 -38.38 -10.31
CA SER E 392 -36.12 -38.07 -9.54
C SER E 392 -36.82 -36.82 -10.06
N GLY E 393 -36.12 -35.98 -10.81
CA GLY E 393 -36.72 -34.76 -11.31
C GLY E 393 -37.79 -35.06 -12.34
N ILE E 394 -38.94 -34.38 -12.20
CA ILE E 394 -40.08 -34.58 -13.09
C ILE E 394 -40.72 -33.23 -13.42
N VAL E 395 -41.37 -33.18 -14.58
CA VAL E 395 -42.17 -32.03 -14.99
C VAL E 395 -43.56 -32.54 -15.39
N LYS E 396 -44.60 -31.99 -14.78
CA LYS E 396 -45.97 -32.44 -14.98
C LYS E 396 -46.77 -31.33 -15.63
N LEU E 397 -47.39 -31.65 -16.78
CA LEU E 397 -48.19 -30.70 -17.54
C LEU E 397 -49.59 -31.25 -17.76
N ILE E 398 -50.59 -30.39 -17.59
CA ILE E 398 -51.99 -30.73 -17.83
C ILE E 398 -52.54 -29.76 -18.86
N THR E 399 -53.07 -30.29 -19.97
CA THR E 399 -53.62 -29.47 -21.04
C THR E 399 -55.06 -29.90 -21.34
N GLU E 400 -55.85 -28.94 -21.82
CA GLU E 400 -57.20 -29.23 -22.29
C GLU E 400 -57.11 -29.87 -23.67
N ARG E 401 -57.70 -31.06 -23.82
CA ARG E 401 -57.54 -31.80 -25.06
C ARG E 401 -58.16 -31.08 -26.24
N GLY E 402 -59.27 -30.38 -26.04
CA GLY E 402 -59.92 -29.66 -27.11
C GLY E 402 -59.13 -28.48 -27.62
N SER E 403 -58.95 -27.47 -26.78
CA SER E 403 -58.29 -26.23 -27.17
C SER E 403 -56.78 -26.36 -27.25
N GLY E 404 -56.18 -27.30 -26.52
CA GLY E 404 -54.75 -27.40 -26.48
C GLY E 404 -54.07 -26.41 -25.57
N ARG E 405 -54.81 -25.80 -24.65
CA ARG E 405 -54.26 -24.79 -23.76
C ARG E 405 -53.75 -25.42 -22.48
N LEU E 406 -52.73 -24.78 -21.89
CA LEU E 406 -52.16 -25.26 -20.64
C LEU E 406 -53.11 -25.00 -19.48
N LEU E 407 -53.39 -26.04 -18.70
CA LEU E 407 -54.20 -25.89 -17.49
C LEU E 407 -53.34 -25.81 -16.23
N GLY E 408 -52.24 -26.54 -16.18
CA GLY E 408 -51.36 -26.50 -15.03
C GLY E 408 -49.98 -27.00 -15.39
N ALA E 409 -49.00 -26.55 -14.62
CA ALA E 409 -47.61 -26.95 -14.80
C ALA E 409 -47.00 -27.19 -13.43
N HIS E 410 -46.38 -28.35 -13.25
CA HIS E 410 -45.82 -28.73 -11.96
C HIS E 410 -44.43 -29.32 -12.16
N ILE E 411 -43.42 -28.68 -11.59
CA ILE E 411 -42.03 -29.10 -11.72
C ILE E 411 -41.49 -29.41 -10.33
N MET E 412 -40.87 -30.58 -10.19
CA MET E 412 -40.20 -30.98 -8.95
C MET E 412 -38.80 -31.46 -9.34
N GLY E 413 -37.81 -30.60 -9.17
CA GLY E 413 -36.46 -30.97 -9.53
C GLY E 413 -35.57 -29.74 -9.56
N TYR E 414 -34.37 -29.95 -10.12
CA TYR E 414 -33.36 -28.90 -10.18
C TYR E 414 -33.86 -27.71 -11.00
N GLN E 415 -33.63 -26.50 -10.45
CA GLN E 415 -33.97 -25.25 -11.12
C GLN E 415 -35.45 -25.18 -11.48
N ALA E 416 -36.30 -25.66 -10.57
CA ALA E 416 -37.74 -25.70 -10.84
C ALA E 416 -38.31 -24.29 -11.00
N SER E 417 -37.88 -23.35 -10.17
CA SER E 417 -38.40 -21.99 -10.21
C SER E 417 -37.94 -21.23 -11.45
N SER E 418 -36.88 -21.69 -12.11
CA SER E 418 -36.40 -21.04 -13.32
C SER E 418 -36.99 -21.66 -14.58
N LEU E 419 -37.16 -22.99 -14.60
CA LEU E 419 -37.71 -23.65 -15.79
C LEU E 419 -39.19 -23.35 -15.97
N ILE E 420 -39.90 -23.04 -14.89
CA ILE E 420 -41.35 -22.87 -14.98
C ILE E 420 -41.73 -21.52 -15.59
N GLN E 421 -40.81 -20.57 -15.66
CA GLN E 421 -41.16 -19.25 -16.17
C GLN E 421 -41.64 -19.27 -17.62
N PRO E 422 -41.01 -20.01 -18.56
CA PRO E 422 -41.61 -20.11 -19.90
C PRO E 422 -43.02 -20.66 -19.88
N LEU E 423 -43.33 -21.58 -18.96
CA LEU E 423 -44.68 -22.11 -18.85
C LEU E 423 -45.64 -21.07 -18.27
N ILE E 424 -45.16 -20.26 -17.34
CA ILE E 424 -45.97 -19.16 -16.82
C ILE E 424 -46.29 -18.18 -17.93
N GLN E 425 -45.33 -17.94 -18.83
CA GLN E 425 -45.53 -17.01 -19.93
C GLN E 425 -46.57 -17.54 -20.90
N ALA E 426 -46.51 -18.84 -21.25
CA ALA E 426 -47.46 -19.40 -22.19
C ALA E 426 -48.88 -19.37 -21.64
N MET E 427 -49.04 -19.67 -20.35
CA MET E 427 -50.38 -19.64 -19.74
C MET E 427 -50.90 -18.22 -19.63
N SER E 428 -50.04 -17.27 -19.26
CA SER E 428 -50.48 -15.90 -19.06
C SER E 428 -50.95 -15.25 -20.37
N PHE E 429 -50.39 -15.68 -21.50
CA PHE E 429 -50.72 -15.08 -22.79
C PHE E 429 -51.49 -16.04 -23.69
N GLY E 430 -51.91 -17.19 -23.18
CA GLY E 430 -52.75 -18.09 -23.95
C GLY E 430 -52.07 -18.76 -25.12
N LEU E 431 -50.85 -19.26 -24.91
CA LEU E 431 -50.11 -19.97 -25.95
C LEU E 431 -50.29 -21.47 -25.74
N THR E 432 -50.70 -22.17 -26.80
CA THR E 432 -50.93 -23.60 -26.70
C THR E 432 -49.62 -24.37 -26.57
N ALA E 433 -49.73 -25.60 -26.09
CA ALA E 433 -48.55 -26.44 -25.90
C ALA E 433 -47.88 -26.75 -27.23
N ALA E 434 -48.67 -26.97 -28.29
CA ALA E 434 -48.08 -27.30 -29.59
C ALA E 434 -47.25 -26.15 -30.13
N GLU E 435 -47.75 -24.92 -30.02
CA GLU E 435 -46.98 -23.77 -30.47
C GLU E 435 -45.70 -23.62 -29.66
N MET E 436 -45.81 -23.75 -28.34
CA MET E 436 -44.64 -23.58 -27.47
C MET E 436 -43.57 -24.63 -27.75
N ALA E 437 -43.96 -25.84 -28.15
CA ALA E 437 -43.00 -26.92 -28.31
C ALA E 437 -42.20 -26.77 -29.60
N ARG E 438 -42.87 -26.44 -30.71
CA ARG E 438 -42.23 -26.44 -32.02
C ARG E 438 -42.24 -25.10 -32.73
N GLY E 439 -42.87 -24.07 -32.15
CA GLY E 439 -42.86 -22.76 -32.75
C GLY E 439 -41.74 -21.88 -32.22
N GLN E 440 -40.73 -22.51 -31.63
CA GLN E 440 -39.60 -21.79 -31.05
C GLN E 440 -38.44 -22.77 -30.88
N TYR E 441 -37.24 -22.21 -30.78
CA TYR E 441 -36.04 -23.00 -30.60
C TYR E 441 -35.75 -23.23 -29.12
N TRP E 442 -35.18 -24.40 -28.83
CA TRP E 442 -34.71 -24.74 -27.50
C TRP E 442 -33.22 -25.09 -27.59
N ILE E 443 -32.41 -24.48 -26.73
CA ILE E 443 -30.97 -24.64 -26.82
C ILE E 443 -30.60 -26.08 -26.45
N HIS E 444 -29.80 -26.71 -27.32
CA HIS E 444 -29.31 -28.06 -27.06
C HIS E 444 -27.88 -28.01 -26.57
N PRO E 445 -27.53 -28.74 -25.50
CA PRO E 445 -28.40 -29.56 -24.66
C PRO E 445 -28.72 -28.90 -23.32
N ALA E 446 -29.44 -27.76 -23.33
CA ALA E 446 -29.71 -27.06 -22.10
C ALA E 446 -30.78 -27.78 -21.29
N LEU E 447 -31.01 -27.28 -20.07
CA LEU E 447 -31.97 -27.87 -19.14
C LEU E 447 -33.42 -27.68 -19.58
N PRO E 448 -33.84 -26.52 -20.10
CA PRO E 448 -35.24 -26.37 -20.52
C PRO E 448 -35.70 -27.39 -21.55
N GLU E 449 -34.81 -28.23 -22.08
CA GLU E 449 -35.24 -29.31 -22.96
C GLU E 449 -36.18 -30.27 -22.25
N VAL E 450 -36.08 -30.37 -20.91
CA VAL E 450 -37.00 -31.23 -20.18
C VAL E 450 -38.41 -30.67 -20.24
N VAL E 451 -38.55 -29.35 -20.39
CA VAL E 451 -39.86 -28.75 -20.58
C VAL E 451 -40.33 -28.95 -22.02
N GLU E 452 -39.40 -28.87 -22.97
CA GLU E 452 -39.73 -29.11 -24.38
C GLU E 452 -40.30 -30.50 -24.58
N ASN E 453 -39.61 -31.52 -24.06
CA ASN E 453 -40.08 -32.89 -24.24
C ASN E 453 -41.36 -33.14 -23.46
N ALA E 454 -41.58 -32.40 -22.36
CA ALA E 454 -42.84 -32.49 -21.66
C ALA E 454 -44.00 -31.98 -22.51
N LEU E 455 -43.75 -30.92 -23.29
CA LEU E 455 -44.78 -30.41 -24.19
C LEU E 455 -45.00 -31.36 -25.36
N LEU E 456 -43.93 -31.95 -25.87
CA LEU E 456 -44.07 -32.87 -27.01
C LEU E 456 -44.76 -34.15 -26.60
N GLY E 457 -44.50 -34.63 -25.37
CA GLY E 457 -45.10 -35.87 -24.93
C GLY E 457 -46.56 -35.79 -24.60
N LEU E 458 -47.16 -34.59 -24.64
CA LEU E 458 -48.58 -34.45 -24.35
C LEU E 458 -49.42 -35.00 -25.51
N ARG E 459 -49.11 -34.58 -26.73
CA ARG E 459 -49.80 -35.05 -27.92
C ARG E 459 -48.95 -36.09 -28.65
N MET F 1 -24.53 -54.61 -59.43
CA MET F 1 -24.64 -53.34 -58.71
C MET F 1 -25.95 -53.22 -57.94
N GLU F 2 -25.92 -52.43 -56.87
CA GLU F 2 -27.08 -52.24 -56.01
C GLU F 2 -27.82 -50.98 -56.40
N THR F 3 -29.11 -50.93 -56.04
CA THR F 3 -29.97 -49.80 -56.31
C THR F 3 -30.77 -49.45 -55.06
N TYR F 4 -30.87 -48.15 -54.78
CA TYR F 4 -31.57 -47.67 -53.60
C TYR F 4 -32.51 -46.54 -53.97
N ASP F 5 -33.61 -46.42 -53.24
CA ASP F 5 -34.56 -45.32 -53.47
C ASP F 5 -34.10 -44.02 -52.83
N ILE F 6 -33.27 -44.09 -51.80
CA ILE F 6 -32.79 -42.89 -51.11
C ILE F 6 -31.47 -43.25 -50.42
N ALA F 7 -30.55 -42.29 -50.42
CA ALA F 7 -29.26 -42.46 -49.77
C ALA F 7 -29.00 -41.27 -48.85
N ILE F 8 -28.53 -41.56 -47.64
CA ILE F 8 -28.27 -40.55 -46.63
C ILE F 8 -26.80 -40.67 -46.22
N ILE F 9 -26.09 -39.55 -46.26
CA ILE F 9 -24.68 -39.49 -45.88
C ILE F 9 -24.62 -38.82 -44.51
N GLY F 10 -24.28 -39.60 -43.48
CA GLY F 10 -24.18 -39.06 -42.13
C GLY F 10 -25.27 -39.54 -41.21
N THR F 11 -24.88 -40.08 -40.06
CA THR F 11 -25.83 -40.62 -39.08
C THR F 11 -26.04 -39.67 -37.90
N GLY F 12 -25.90 -38.37 -38.13
CA GLY F 12 -26.18 -37.40 -37.09
C GLY F 12 -27.64 -37.04 -37.08
N SER F 13 -27.97 -35.86 -37.59
CA SER F 13 -29.37 -35.51 -37.80
C SER F 13 -29.95 -36.18 -39.02
N GLY F 14 -29.10 -36.65 -39.94
CA GLY F 14 -29.59 -37.39 -41.09
C GLY F 14 -30.15 -38.75 -40.74
N ASN F 15 -29.69 -39.33 -39.63
CA ASN F 15 -30.24 -40.60 -39.18
C ASN F 15 -31.69 -40.49 -38.77
N SER F 16 -32.15 -39.29 -38.42
CA SER F 16 -33.54 -39.07 -38.01
C SER F 16 -34.45 -38.72 -39.18
N ILE F 17 -34.28 -39.40 -40.32
CA ILE F 17 -35.10 -39.16 -41.50
C ILE F 17 -35.88 -40.40 -41.91
N LEU F 18 -35.22 -41.55 -41.94
CA LEU F 18 -35.87 -42.78 -42.37
C LEU F 18 -36.86 -43.27 -41.32
N ASP F 19 -38.11 -42.85 -41.45
CA ASP F 19 -39.18 -43.33 -40.59
C ASP F 19 -39.80 -44.57 -41.22
N GLU F 20 -40.99 -44.96 -40.78
CA GLU F 20 -41.69 -46.06 -41.42
C GLU F 20 -42.29 -45.69 -42.78
N ARG F 21 -42.31 -44.41 -43.14
CA ARG F 21 -42.80 -44.05 -44.47
C ARG F 21 -41.89 -44.59 -45.57
N TYR F 22 -40.62 -44.85 -45.26
CA TYR F 22 -39.69 -45.44 -46.21
C TYR F 22 -39.55 -46.94 -46.01
N ALA F 23 -40.42 -47.55 -45.21
CA ALA F 23 -40.34 -49.00 -44.98
C ALA F 23 -40.62 -49.81 -46.23
N SER F 24 -41.26 -49.22 -47.25
CA SER F 24 -41.54 -49.91 -48.49
C SER F 24 -40.49 -49.66 -49.57
N LYS F 25 -39.54 -48.77 -49.30
CA LYS F 25 -38.43 -48.46 -50.19
C LYS F 25 -37.13 -48.93 -49.58
N ARG F 26 -36.09 -49.00 -50.42
CA ARG F 26 -34.76 -49.40 -49.98
C ARG F 26 -33.89 -48.16 -49.79
N ALA F 27 -33.18 -48.10 -48.67
CA ALA F 27 -32.37 -46.94 -48.31
C ALA F 27 -30.96 -47.38 -47.95
N ALA F 28 -29.99 -46.51 -48.25
CA ALA F 28 -28.59 -46.74 -47.95
C ALA F 28 -28.06 -45.58 -47.10
N ILE F 29 -27.46 -45.92 -45.96
CA ILE F 29 -26.89 -44.94 -45.04
C ILE F 29 -25.38 -45.10 -45.03
N CYS F 30 -24.68 -43.98 -45.06
CA CYS F 30 -23.22 -43.96 -45.10
C CYS F 30 -22.70 -43.25 -43.84
N GLU F 31 -21.73 -43.90 -43.17
CA GLU F 31 -21.16 -43.34 -41.94
C GLU F 31 -19.71 -43.82 -41.85
N GLN F 32 -18.76 -42.96 -42.21
CA GLN F 32 -17.36 -43.35 -42.21
C GLN F 32 -16.80 -43.45 -40.79
N GLY F 33 -17.30 -42.65 -39.86
CA GLY F 33 -16.83 -42.63 -38.50
C GLY F 33 -17.67 -43.48 -37.57
N THR F 34 -17.74 -43.05 -36.31
CA THR F 34 -18.54 -43.76 -35.33
C THR F 34 -20.02 -43.44 -35.52
N PHE F 35 -20.87 -44.44 -35.30
CA PHE F 35 -22.29 -44.29 -35.54
C PHE F 35 -22.91 -43.34 -34.52
N GLY F 36 -23.84 -42.51 -34.98
CA GLY F 36 -24.53 -41.58 -34.11
C GLY F 36 -24.23 -40.12 -34.38
N GLY F 37 -23.18 -39.82 -35.14
CA GLY F 37 -22.85 -38.44 -35.42
C GLY F 37 -21.83 -37.87 -34.47
N THR F 38 -21.62 -36.56 -34.61
CA THR F 38 -20.62 -35.88 -33.79
C THR F 38 -21.17 -35.48 -32.43
N CYS F 39 -22.40 -34.94 -32.40
CA CYS F 39 -22.94 -34.42 -31.16
C CYS F 39 -23.12 -35.51 -30.11
N LEU F 40 -23.47 -36.72 -30.54
CA LEU F 40 -23.66 -37.80 -29.57
C LEU F 40 -22.33 -38.30 -29.02
N ASN F 41 -21.33 -38.45 -29.89
CA ASN F 41 -20.09 -39.13 -29.52
C ASN F 41 -19.00 -38.17 -29.05
N VAL F 42 -18.79 -37.05 -29.74
CA VAL F 42 -17.72 -36.12 -29.38
C VAL F 42 -18.21 -34.69 -29.49
N GLY F 43 -19.47 -34.45 -29.14
CA GLY F 43 -20.05 -33.13 -29.31
C GLY F 43 -20.78 -32.58 -28.09
N CYS F 44 -22.08 -32.32 -28.26
CA CYS F 44 -22.85 -31.64 -27.22
C CYS F 44 -22.96 -32.49 -25.96
N ILE F 45 -23.37 -33.74 -26.11
CA ILE F 45 -23.70 -34.60 -24.97
C ILE F 45 -22.47 -34.89 -24.12
N PRO F 46 -21.32 -35.31 -24.68
CA PRO F 46 -20.15 -35.54 -23.83
C PRO F 46 -19.63 -34.27 -23.17
N THR F 47 -19.59 -33.16 -23.92
CA THR F 47 -19.02 -31.93 -23.38
C THR F 47 -19.81 -31.43 -22.17
N LYS F 48 -21.13 -31.35 -22.29
CA LYS F 48 -21.94 -30.83 -21.19
C LYS F 48 -21.91 -31.75 -19.97
N MET F 49 -21.59 -33.03 -20.15
CA MET F 49 -21.41 -33.90 -19.00
C MET F 49 -20.14 -33.52 -18.24
N PHE F 50 -19.05 -33.30 -18.96
CA PHE F 50 -17.82 -32.83 -18.33
C PHE F 50 -18.00 -31.44 -17.73
N VAL F 51 -18.81 -30.59 -18.36
CA VAL F 51 -19.03 -29.24 -17.84
C VAL F 51 -19.68 -29.30 -16.47
N TYR F 52 -20.72 -30.12 -16.31
CA TYR F 52 -21.39 -30.21 -15.02
C TYR F 52 -20.46 -30.77 -13.94
N ALA F 53 -19.66 -31.77 -14.29
CA ALA F 53 -18.69 -32.29 -13.33
C ALA F 53 -17.67 -31.23 -12.96
N ALA F 54 -17.30 -30.38 -13.93
CA ALA F 54 -16.37 -29.29 -13.64
C ALA F 54 -17.01 -28.24 -12.75
N GLU F 55 -18.30 -27.95 -12.96
CA GLU F 55 -18.97 -26.97 -12.12
C GLU F 55 -19.13 -27.47 -10.69
N VAL F 56 -19.30 -28.79 -10.51
CA VAL F 56 -19.35 -29.34 -9.17
C VAL F 56 -18.02 -29.13 -8.45
N ALA F 57 -16.92 -29.37 -9.15
CA ALA F 57 -15.60 -29.16 -8.56
C ALA F 57 -15.39 -27.68 -8.24
N LYS F 58 -15.83 -26.80 -9.14
CA LYS F 58 -15.67 -25.37 -8.90
C LYS F 58 -16.54 -24.89 -7.74
N THR F 59 -17.71 -25.51 -7.55
CA THR F 59 -18.56 -25.16 -6.42
C THR F 59 -17.84 -25.43 -5.10
N ILE F 60 -17.09 -26.54 -5.04
CA ILE F 60 -16.32 -26.85 -3.85
C ILE F 60 -15.23 -25.80 -3.63
N ARG F 61 -14.61 -25.34 -4.72
CA ARG F 61 -13.45 -24.46 -4.61
C ARG F 61 -13.83 -23.08 -4.09
N GLY F 62 -15.03 -22.59 -4.40
CA GLY F 62 -15.43 -21.28 -3.95
C GLY F 62 -16.50 -21.31 -2.88
N ALA F 63 -16.54 -22.38 -2.09
CA ALA F 63 -17.58 -22.51 -1.08
C ALA F 63 -17.29 -21.66 0.16
N SER F 64 -16.02 -21.34 0.41
CA SER F 64 -15.67 -20.50 1.56
C SER F 64 -16.29 -19.11 1.43
N ARG F 65 -16.58 -18.68 0.20
CA ARG F 65 -17.24 -17.39 -0.02
C ARG F 65 -18.58 -17.33 0.70
N TYR F 66 -19.22 -18.47 0.91
CA TYR F 66 -20.55 -18.55 1.50
C TYR F 66 -20.52 -19.07 2.93
N GLY F 67 -19.35 -19.38 3.48
CA GLY F 67 -19.23 -19.85 4.84
C GLY F 67 -18.99 -21.33 5.01
N ILE F 68 -18.81 -22.07 3.92
CA ILE F 68 -18.57 -23.51 3.97
C ILE F 68 -17.13 -23.74 3.50
N ASP F 69 -16.28 -24.21 4.39
CA ASP F 69 -14.89 -24.51 4.06
C ASP F 69 -14.80 -25.97 3.63
N ALA F 70 -14.47 -26.19 2.36
CA ALA F 70 -14.33 -27.54 1.82
C ALA F 70 -13.13 -27.59 0.89
N HIS F 71 -12.76 -28.81 0.50
CA HIS F 71 -11.61 -29.00 -0.37
C HIS F 71 -11.77 -30.29 -1.14
N ILE F 72 -11.23 -30.31 -2.36
CA ILE F 72 -11.26 -31.48 -3.22
C ILE F 72 -10.06 -32.36 -2.89
N ASP F 73 -10.34 -33.61 -2.51
CA ASP F 73 -9.24 -34.52 -2.20
C ASP F 73 -8.62 -35.11 -3.46
N ARG F 74 -9.42 -35.39 -4.47
CA ARG F 74 -8.94 -36.01 -5.70
C ARG F 74 -10.01 -35.87 -6.77
N VAL F 75 -9.57 -35.81 -8.02
CA VAL F 75 -10.45 -35.78 -9.18
C VAL F 75 -10.22 -37.09 -9.93
N ARG F 76 -11.14 -38.03 -9.77
CA ARG F 76 -11.03 -39.36 -10.38
C ARG F 76 -11.39 -39.24 -11.87
N TRP F 77 -10.40 -38.78 -12.65
CA TRP F 77 -10.62 -38.58 -14.08
C TRP F 77 -10.95 -39.89 -14.78
N ASP F 78 -10.34 -41.00 -14.35
CA ASP F 78 -10.65 -42.29 -14.95
C ASP F 78 -12.12 -42.64 -14.76
N ASP F 79 -12.67 -42.35 -13.58
CA ASP F 79 -14.07 -42.66 -13.31
C ASP F 79 -15.00 -41.67 -14.00
N VAL F 80 -14.53 -40.43 -14.23
CA VAL F 80 -15.37 -39.45 -14.91
C VAL F 80 -15.53 -39.81 -16.38
N VAL F 81 -14.43 -40.20 -17.03
CA VAL F 81 -14.50 -40.56 -18.45
C VAL F 81 -15.37 -41.80 -18.64
N SER F 82 -15.16 -42.82 -17.82
CA SER F 82 -15.95 -44.04 -17.95
C SER F 82 -17.42 -43.81 -17.65
N ARG F 83 -17.71 -42.90 -16.72
CA ARG F 83 -19.12 -42.59 -16.40
C ARG F 83 -19.79 -41.87 -17.55
N VAL F 84 -19.08 -40.93 -18.20
CA VAL F 84 -19.68 -40.15 -19.27
C VAL F 84 -19.96 -41.04 -20.49
N PHE F 85 -18.93 -41.73 -20.96
CA PHE F 85 -19.07 -42.56 -22.15
C PHE F 85 -19.77 -43.88 -21.88
N GLY F 86 -19.90 -44.29 -20.62
CA GLY F 86 -20.76 -45.42 -20.29
C GLY F 86 -22.21 -45.18 -20.63
N ARG F 87 -22.63 -43.91 -20.72
CA ARG F 87 -23.96 -43.53 -21.16
C ARG F 87 -24.02 -43.37 -22.67
N ILE F 88 -22.94 -42.86 -23.28
CA ILE F 88 -22.96 -42.51 -24.70
C ILE F 88 -22.75 -43.73 -25.57
N ASP F 89 -21.75 -44.55 -25.23
CA ASP F 89 -21.39 -45.68 -26.08
C ASP F 89 -22.54 -46.66 -26.33
N PRO F 90 -23.37 -47.03 -25.34
CA PRO F 90 -24.50 -47.92 -25.68
C PRO F 90 -25.52 -47.27 -26.61
N ILE F 91 -25.68 -45.94 -26.53
CA ILE F 91 -26.61 -45.28 -27.45
C ILE F 91 -26.10 -45.34 -28.87
N ALA F 92 -24.80 -45.13 -29.06
CA ALA F 92 -24.22 -45.25 -30.40
C ALA F 92 -24.23 -46.68 -30.90
N LEU F 93 -24.08 -47.65 -30.00
CA LEU F 93 -24.05 -49.05 -30.40
C LEU F 93 -25.44 -49.59 -30.70
N SER F 94 -26.40 -49.29 -29.83
CA SER F 94 -27.76 -49.79 -30.03
C SER F 94 -28.41 -49.11 -31.23
N GLY F 95 -28.15 -47.82 -31.43
CA GLY F 95 -28.68 -47.13 -32.60
C GLY F 95 -28.15 -47.68 -33.90
N GLU F 96 -26.93 -48.20 -33.89
CA GLU F 96 -26.37 -48.82 -35.08
C GLU F 96 -27.05 -50.15 -35.38
N ASP F 97 -27.33 -50.94 -34.35
CA ASP F 97 -28.03 -52.22 -34.55
C ASP F 97 -29.43 -52.01 -35.10
N TYR F 98 -30.06 -50.88 -34.78
CA TYR F 98 -31.41 -50.61 -35.27
C TYR F 98 -31.46 -50.48 -36.78
N ARG F 99 -30.34 -50.09 -37.41
CA ARG F 99 -30.31 -49.93 -38.86
C ARG F 99 -29.96 -51.24 -39.56
N ARG F 100 -29.05 -52.03 -38.97
CA ARG F 100 -28.72 -53.32 -39.57
C ARG F 100 -29.92 -54.25 -39.56
N CYS F 101 -30.65 -54.30 -38.44
CA CYS F 101 -31.77 -55.22 -38.32
C CYS F 101 -32.88 -54.92 -39.31
N ALA F 102 -32.95 -53.70 -39.83
CA ALA F 102 -33.90 -53.41 -40.89
C ALA F 102 -33.47 -54.08 -42.18
N PRO F 103 -34.29 -54.95 -42.78
CA PRO F 103 -33.86 -55.61 -44.02
C PRO F 103 -33.82 -54.69 -45.22
N ASN F 104 -34.61 -53.61 -45.20
CA ASN F 104 -34.67 -52.67 -46.32
C ASN F 104 -33.51 -51.68 -46.33
N ILE F 105 -32.71 -51.59 -45.27
CA ILE F 105 -31.66 -50.60 -45.15
C ILE F 105 -30.32 -51.32 -45.08
N ASP F 106 -29.37 -50.87 -45.88
CA ASP F 106 -27.98 -51.31 -45.81
C ASP F 106 -27.11 -50.14 -45.36
N VAL F 107 -26.15 -50.43 -44.49
CA VAL F 107 -25.31 -49.41 -43.88
C VAL F 107 -23.89 -49.59 -44.39
N TYR F 108 -23.34 -48.52 -44.98
CA TYR F 108 -21.96 -48.50 -45.44
C TYR F 108 -21.12 -47.70 -44.45
N ARG F 109 -20.04 -48.30 -43.98
CA ARG F 109 -19.22 -47.72 -42.91
C ARG F 109 -17.89 -47.19 -43.42
N THR F 110 -17.87 -46.64 -44.64
CA THR F 110 -16.68 -46.03 -45.22
C THR F 110 -17.06 -44.71 -45.86
N HIS F 111 -16.04 -43.89 -46.14
CA HIS F 111 -16.26 -42.58 -46.73
C HIS F 111 -16.90 -42.72 -48.10
N THR F 112 -17.96 -41.96 -48.34
CA THR F 112 -18.75 -42.06 -49.56
C THR F 112 -18.61 -40.79 -50.39
N ARG F 113 -18.24 -40.96 -51.66
CA ARG F 113 -18.10 -39.87 -52.60
C ARG F 113 -19.19 -39.94 -53.66
N PHE F 114 -19.48 -38.77 -54.25
CA PHE F 114 -20.41 -38.71 -55.36
C PHE F 114 -19.74 -39.20 -56.63
N GLY F 115 -20.51 -39.87 -57.49
CA GLY F 115 -20.04 -40.26 -58.78
C GLY F 115 -20.71 -39.47 -59.89
N PRO F 116 -20.40 -39.80 -61.13
CA PRO F 116 -21.08 -39.12 -62.25
C PRO F 116 -22.55 -39.49 -62.30
N VAL F 117 -23.38 -38.48 -62.55
CA VAL F 117 -24.82 -38.72 -62.63
C VAL F 117 -25.10 -39.69 -63.77
N GLN F 118 -25.83 -40.75 -63.46
CA GLN F 118 -26.07 -41.79 -64.45
C GLN F 118 -27.02 -41.30 -65.53
N ALA F 119 -27.06 -42.06 -66.64
CA ALA F 119 -27.88 -41.66 -67.79
C ALA F 119 -29.35 -41.60 -67.42
N ASP F 120 -29.81 -42.51 -66.58
CA ASP F 120 -31.23 -42.56 -66.18
C ASP F 120 -31.60 -41.51 -65.14
N GLY F 121 -30.69 -40.57 -64.84
CA GLY F 121 -30.98 -39.49 -63.93
C GLY F 121 -30.74 -39.78 -62.47
N ARG F 122 -30.47 -41.03 -62.11
CA ARG F 122 -30.23 -41.40 -60.73
C ARG F 122 -28.75 -41.18 -60.40
N TYR F 123 -28.47 -40.96 -59.12
CA TYR F 123 -27.14 -40.58 -58.68
C TYR F 123 -26.31 -41.79 -58.31
N LEU F 124 -25.06 -41.79 -58.76
CA LEU F 124 -24.10 -42.85 -58.44
C LEU F 124 -23.28 -42.42 -57.23
N LEU F 125 -23.14 -43.33 -56.27
CA LEU F 125 -22.36 -43.08 -55.07
C LEU F 125 -21.35 -44.21 -54.89
N ARG F 126 -20.11 -43.85 -54.56
CA ARG F 126 -19.04 -44.83 -54.39
C ARG F 126 -18.35 -44.60 -53.06
N THR F 127 -17.97 -45.71 -52.41
CA THR F 127 -17.34 -45.67 -51.10
C THR F 127 -15.84 -45.94 -51.22
N ASP F 128 -15.10 -45.54 -50.17
CA ASP F 128 -13.67 -45.79 -50.13
C ASP F 128 -13.33 -47.26 -49.99
N ALA F 129 -14.31 -48.12 -49.69
CA ALA F 129 -14.08 -49.55 -49.62
C ALA F 129 -14.18 -50.22 -50.99
N GLY F 130 -14.49 -49.47 -52.04
CA GLY F 130 -14.60 -50.01 -53.38
C GLY F 130 -16.01 -50.24 -53.86
N GLU F 131 -17.01 -50.15 -52.97
CA GLU F 131 -18.38 -50.42 -53.34
C GLU F 131 -18.96 -49.26 -54.14
N GLU F 132 -19.87 -49.59 -55.07
CA GLU F 132 -20.58 -48.60 -55.87
C GLU F 132 -22.04 -48.95 -55.92
N PHE F 133 -22.89 -47.93 -55.79
CA PHE F 133 -24.34 -48.13 -55.84
C PHE F 133 -24.98 -46.85 -56.33
N THR F 134 -26.25 -46.96 -56.72
CA THR F 134 -27.03 -45.85 -57.24
C THR F 134 -28.19 -45.54 -56.31
N ALA F 135 -28.68 -44.30 -56.39
CA ALA F 135 -29.76 -43.84 -55.55
C ALA F 135 -30.58 -42.80 -56.29
N GLU F 136 -31.89 -42.81 -56.05
CA GLU F 136 -32.78 -41.86 -56.70
C GLU F 136 -32.76 -40.50 -55.99
N GLN F 137 -32.92 -40.50 -54.68
CA GLN F 137 -32.77 -39.30 -53.86
C GLN F 137 -31.53 -39.43 -52.98
N VAL F 138 -30.95 -38.29 -52.63
CA VAL F 138 -29.73 -38.25 -51.81
C VAL F 138 -29.90 -37.16 -50.77
N VAL F 139 -29.57 -37.48 -49.52
CA VAL F 139 -29.60 -36.51 -48.42
C VAL F 139 -28.17 -36.32 -47.95
N ILE F 140 -27.71 -35.07 -47.94
CA ILE F 140 -26.35 -34.73 -47.57
C ILE F 140 -26.38 -34.18 -46.14
N ALA F 141 -25.77 -34.93 -45.22
CA ALA F 141 -25.66 -34.51 -43.82
C ALA F 141 -24.25 -34.85 -43.34
N ALA F 142 -23.24 -34.34 -44.05
CA ALA F 142 -21.86 -34.68 -43.77
C ALA F 142 -21.29 -33.94 -42.56
N GLY F 143 -22.01 -32.98 -42.00
CA GLY F 143 -21.53 -32.30 -40.82
C GLY F 143 -20.29 -31.47 -41.11
N SER F 144 -19.47 -31.30 -40.07
CA SER F 144 -18.25 -30.51 -40.16
C SER F 144 -17.09 -31.30 -39.54
N ARG F 145 -15.89 -30.81 -39.75
CA ARG F 145 -14.67 -31.41 -39.22
C ARG F 145 -13.78 -30.31 -38.66
N PRO F 146 -12.94 -30.63 -37.67
CA PRO F 146 -12.09 -29.61 -37.06
C PRO F 146 -11.09 -29.05 -38.06
N VAL F 147 -10.71 -27.80 -37.85
CA VAL F 147 -9.74 -27.10 -38.67
C VAL F 147 -8.48 -26.87 -37.84
N ILE F 148 -7.35 -27.31 -38.34
CA ILE F 148 -6.06 -27.21 -37.66
C ILE F 148 -5.22 -26.18 -38.40
N PRO F 149 -4.61 -25.22 -37.71
CA PRO F 149 -3.76 -24.25 -38.38
C PRO F 149 -2.62 -24.94 -39.12
N PRO F 150 -2.26 -24.44 -40.31
CA PRO F 150 -1.21 -25.12 -41.09
C PRO F 150 0.14 -25.16 -40.41
N ALA F 151 0.47 -24.14 -39.61
CA ALA F 151 1.74 -24.15 -38.90
C ALA F 151 1.81 -25.28 -37.88
N ILE F 152 0.68 -25.61 -37.26
CA ILE F 152 0.65 -26.70 -36.29
C ILE F 152 0.70 -28.05 -37.01
N LEU F 153 0.05 -28.15 -38.17
CA LEU F 153 0.11 -29.38 -38.96
C LEU F 153 1.51 -29.65 -39.46
N ALA F 154 2.21 -28.60 -39.91
CA ALA F 154 3.57 -28.78 -40.42
C ALA F 154 4.53 -29.21 -39.33
N SER F 155 4.33 -28.75 -38.09
CA SER F 155 5.25 -29.09 -37.00
C SER F 155 5.20 -30.58 -36.67
N GLY F 156 4.06 -31.23 -36.88
CA GLY F 156 3.96 -32.63 -36.53
C GLY F 156 3.94 -32.92 -35.05
N VAL F 157 3.53 -31.95 -34.24
CA VAL F 157 3.47 -32.14 -32.80
C VAL F 157 2.21 -32.93 -32.45
N ASP F 158 2.27 -33.65 -31.33
CA ASP F 158 1.09 -34.35 -30.84
C ASP F 158 0.09 -33.34 -30.29
N TYR F 159 -1.09 -33.29 -30.90
CA TYR F 159 -2.14 -32.37 -30.51
C TYR F 159 -3.46 -33.14 -30.41
N HIS F 160 -4.43 -32.52 -29.74
CA HIS F 160 -5.75 -33.10 -29.57
C HIS F 160 -6.80 -32.09 -30.02
N THR F 161 -7.93 -32.61 -30.49
CA THR F 161 -9.10 -31.83 -30.80
C THR F 161 -10.25 -32.30 -29.93
N SER F 162 -11.42 -31.69 -30.12
CA SER F 162 -12.60 -32.12 -29.38
C SER F 162 -12.95 -33.58 -29.66
N ASP F 163 -12.46 -34.12 -30.77
CA ASP F 163 -12.76 -35.50 -31.13
C ASP F 163 -11.98 -36.50 -30.28
N THR F 164 -10.81 -36.10 -29.78
CA THR F 164 -9.93 -37.04 -29.08
C THR F 164 -9.51 -36.60 -27.69
N VAL F 165 -9.77 -35.37 -27.28
CA VAL F 165 -9.26 -34.91 -25.99
C VAL F 165 -10.07 -35.44 -24.82
N MET F 166 -11.34 -35.82 -25.04
CA MET F 166 -12.20 -36.23 -23.95
C MET F 166 -11.97 -37.66 -23.51
N ARG F 167 -11.20 -38.45 -24.27
CA ARG F 167 -10.89 -39.83 -23.91
C ARG F 167 -9.42 -39.99 -23.54
N ILE F 168 -8.80 -38.94 -23.00
CA ILE F 168 -7.41 -39.01 -22.61
C ILE F 168 -7.27 -39.85 -21.35
N ALA F 169 -6.12 -40.51 -21.20
CA ALA F 169 -5.94 -41.47 -20.11
C ALA F 169 -5.86 -40.76 -18.77
N GLU F 170 -5.05 -39.72 -18.67
CA GLU F 170 -4.85 -39.02 -17.42
C GLU F 170 -4.95 -37.51 -17.67
N LEU F 171 -5.44 -36.80 -16.67
CA LEU F 171 -5.59 -35.36 -16.80
C LEU F 171 -4.22 -34.69 -16.74
N PRO F 172 -3.88 -33.84 -17.70
CA PRO F 172 -2.55 -33.22 -17.71
C PRO F 172 -2.43 -32.11 -16.69
N GLU F 173 -1.17 -31.77 -16.39
CA GLU F 173 -0.87 -30.69 -15.46
C GLU F 173 -0.97 -29.33 -16.14
N HIS F 174 -0.58 -29.25 -17.41
CA HIS F 174 -0.60 -28.01 -18.16
C HIS F 174 -1.18 -28.25 -19.54
N ILE F 175 -2.15 -27.43 -19.91
CA ILE F 175 -2.83 -27.52 -21.20
C ILE F 175 -2.67 -26.19 -21.93
N VAL F 176 -2.41 -26.27 -23.23
CA VAL F 176 -2.39 -25.10 -24.11
C VAL F 176 -3.53 -25.26 -25.09
N ILE F 177 -4.46 -24.30 -25.08
CA ILE F 177 -5.61 -24.29 -25.97
C ILE F 177 -5.40 -23.17 -26.98
N VAL F 178 -5.35 -23.54 -28.27
CA VAL F 178 -5.23 -22.58 -29.36
C VAL F 178 -6.61 -22.38 -29.96
N GLY F 179 -7.13 -21.17 -29.85
CA GLY F 179 -8.46 -20.85 -30.34
C GLY F 179 -9.19 -19.96 -29.35
N SER F 180 -10.20 -19.25 -29.86
CA SER F 180 -10.98 -18.30 -29.07
C SER F 180 -12.47 -18.50 -29.28
N GLY F 181 -12.88 -19.72 -29.64
CA GLY F 181 -14.26 -20.01 -29.97
C GLY F 181 -15.01 -20.69 -28.85
N PHE F 182 -16.16 -21.26 -29.21
CA PHE F 182 -17.02 -21.90 -28.22
C PHE F 182 -16.34 -23.11 -27.60
N ILE F 183 -15.67 -23.92 -28.44
CA ILE F 183 -15.00 -25.11 -27.93
C ILE F 183 -13.85 -24.73 -27.00
N ALA F 184 -13.08 -23.71 -27.37
CA ALA F 184 -11.93 -23.31 -26.56
C ALA F 184 -12.36 -22.82 -25.18
N ALA F 185 -13.45 -22.06 -25.11
CA ALA F 185 -13.91 -21.57 -23.82
C ALA F 185 -14.47 -22.68 -22.96
N GLU F 186 -15.20 -23.62 -23.57
CA GLU F 186 -15.83 -24.69 -22.80
C GLU F 186 -14.78 -25.62 -22.20
N PHE F 187 -13.77 -26.00 -22.97
CA PHE F 187 -12.74 -26.89 -22.44
C PHE F 187 -11.82 -26.18 -21.46
N ALA F 188 -11.59 -24.88 -21.65
CA ALA F 188 -10.85 -24.12 -20.65
C ALA F 188 -11.61 -24.11 -19.33
N HIS F 189 -12.93 -24.01 -19.38
CA HIS F 189 -13.72 -24.08 -18.17
C HIS F 189 -13.71 -25.49 -17.57
N VAL F 190 -13.72 -26.52 -18.43
CA VAL F 190 -13.71 -27.89 -17.95
C VAL F 190 -12.39 -28.21 -17.27
N PHE F 191 -11.28 -27.91 -17.95
CA PHE F 191 -9.99 -28.35 -17.45
C PHE F 191 -9.53 -27.53 -16.25
N SER F 192 -9.75 -26.22 -16.27
CA SER F 192 -9.31 -25.39 -15.16
C SER F 192 -10.09 -25.70 -13.88
N ALA F 193 -11.39 -26.01 -14.02
CA ALA F 193 -12.20 -26.38 -12.86
C ALA F 193 -11.81 -27.75 -12.32
N LEU F 194 -11.20 -28.60 -13.14
CA LEU F 194 -10.75 -29.91 -12.71
C LEU F 194 -9.31 -29.91 -12.21
N GLY F 195 -8.69 -28.73 -12.09
CA GLY F 195 -7.37 -28.61 -11.53
C GLY F 195 -6.23 -28.48 -12.51
N VAL F 196 -6.52 -28.22 -13.79
CA VAL F 196 -5.49 -28.10 -14.82
C VAL F 196 -5.17 -26.62 -15.03
N ARG F 197 -3.88 -26.32 -15.17
CA ARG F 197 -3.46 -24.96 -15.50
C ARG F 197 -3.68 -24.73 -17.00
N VAL F 198 -4.49 -23.73 -17.32
CA VAL F 198 -4.97 -23.51 -18.69
C VAL F 198 -4.32 -22.26 -19.25
N THR F 199 -3.78 -22.38 -20.46
CA THR F 199 -3.18 -21.26 -21.19
C THR F 199 -3.87 -21.14 -22.54
N LEU F 200 -4.48 -19.99 -22.80
CA LEU F 200 -5.11 -19.71 -24.08
C LEU F 200 -4.16 -18.91 -24.95
N VAL F 201 -4.03 -19.31 -26.22
CA VAL F 201 -3.23 -18.61 -27.21
C VAL F 201 -4.17 -18.26 -28.36
N ILE F 202 -4.67 -17.03 -28.36
CA ILE F 202 -5.65 -16.58 -29.35
C ILE F 202 -5.03 -15.51 -30.22
N ARG F 203 -5.48 -15.45 -31.47
CA ARG F 203 -4.98 -14.45 -32.42
C ARG F 203 -5.75 -13.14 -32.36
N GLY F 204 -6.96 -13.14 -31.80
CA GLY F 204 -7.75 -11.93 -31.65
C GLY F 204 -7.44 -11.21 -30.36
N SER F 205 -8.38 -10.37 -29.92
CA SER F 205 -8.20 -9.62 -28.69
C SER F 205 -9.21 -9.96 -27.59
N CYS F 206 -10.32 -10.64 -27.92
CA CYS F 206 -11.27 -11.05 -26.89
C CYS F 206 -11.75 -12.45 -27.22
N LEU F 207 -12.16 -13.18 -26.18
CA LEU F 207 -12.76 -14.48 -26.35
C LEU F 207 -14.24 -14.35 -26.72
N LEU F 208 -14.71 -15.29 -27.56
CA LEU F 208 -16.07 -15.29 -28.07
C LEU F 208 -16.42 -13.96 -28.74
N ARG F 209 -15.70 -13.70 -29.83
CA ARG F 209 -15.87 -12.41 -30.52
C ARG F 209 -17.21 -12.29 -31.21
N HIS F 210 -17.77 -13.42 -31.66
CA HIS F 210 -19.04 -13.35 -32.40
C HIS F 210 -20.22 -13.06 -31.50
N CYS F 211 -20.04 -13.04 -30.19
CA CYS F 211 -21.11 -12.61 -29.31
C CYS F 211 -21.08 -11.08 -29.20
N ASP F 212 -22.10 -10.53 -28.53
CA ASP F 212 -22.16 -9.09 -28.32
C ASP F 212 -20.89 -8.62 -27.65
N ASP F 213 -20.40 -7.45 -28.07
CA ASP F 213 -19.13 -6.97 -27.57
C ASP F 213 -19.17 -6.74 -26.06
N THR F 214 -20.33 -6.41 -25.51
CA THR F 214 -20.46 -6.32 -24.07
C THR F 214 -20.15 -7.65 -23.41
N ILE F 215 -20.57 -8.75 -24.06
CA ILE F 215 -20.29 -10.07 -23.51
C ILE F 215 -18.83 -10.45 -23.72
N CYS F 216 -18.30 -10.26 -24.93
CA CYS F 216 -16.92 -10.64 -25.21
C CYS F 216 -15.94 -9.86 -24.35
N GLU F 217 -16.15 -8.55 -24.21
CA GLU F 217 -15.24 -7.72 -23.44
C GLU F 217 -15.26 -8.11 -21.96
N ARG F 218 -16.44 -8.28 -21.38
CA ARG F 218 -16.53 -8.58 -19.96
C ARG F 218 -16.09 -10.01 -19.66
N PHE F 219 -16.42 -10.95 -20.54
CA PHE F 219 -16.02 -12.34 -20.32
C PHE F 219 -14.52 -12.52 -20.46
N THR F 220 -13.91 -11.81 -21.42
CA THR F 220 -12.47 -11.92 -21.61
C THR F 220 -11.70 -11.38 -20.40
N ARG F 221 -12.20 -10.32 -19.79
CA ARG F 221 -11.57 -9.79 -18.58
C ARG F 221 -11.63 -10.81 -17.45
N ILE F 222 -12.78 -11.45 -17.27
CA ILE F 222 -12.91 -12.47 -16.23
C ILE F 222 -12.05 -13.68 -16.54
N ALA F 223 -12.07 -14.14 -17.80
CA ALA F 223 -11.31 -15.32 -18.17
C ALA F 223 -9.81 -15.11 -18.02
N SER F 224 -9.33 -13.88 -18.28
CA SER F 224 -7.90 -13.60 -18.22
C SER F 224 -7.36 -13.62 -16.80
N THR F 225 -8.23 -13.50 -15.78
CA THR F 225 -7.77 -13.50 -14.39
C THR F 225 -7.63 -14.90 -13.82
N LYS F 226 -8.28 -15.90 -14.41
CA LYS F 226 -8.18 -17.27 -13.93
C LYS F 226 -7.50 -18.21 -14.91
N TRP F 227 -7.40 -17.84 -16.19
CA TRP F 227 -6.61 -18.57 -17.16
C TRP F 227 -5.57 -17.63 -17.74
N GLU F 228 -4.44 -18.20 -18.17
CA GLU F 228 -3.37 -17.40 -18.78
C GLU F 228 -3.74 -17.15 -20.24
N LEU F 229 -4.18 -15.94 -20.53
CA LEU F 229 -4.64 -15.56 -21.86
C LEU F 229 -3.54 -14.79 -22.59
N ARG F 230 -3.08 -15.34 -23.71
CA ARG F 230 -2.09 -14.71 -24.57
C ARG F 230 -2.82 -14.23 -25.83
N THR F 231 -3.08 -12.93 -25.90
CA THR F 231 -3.80 -12.35 -27.02
C THR F 231 -2.84 -11.94 -28.13
N HIS F 232 -3.37 -11.89 -29.36
CA HIS F 232 -2.62 -11.49 -30.55
C HIS F 232 -1.40 -12.39 -30.76
N ARG F 233 -1.58 -13.69 -30.56
CA ARG F 233 -0.48 -14.65 -30.67
C ARG F 233 -0.92 -15.84 -31.51
N ASN F 234 0.02 -16.35 -32.31
CA ASN F 234 -0.17 -17.56 -33.10
C ASN F 234 0.99 -18.51 -32.88
N VAL F 235 0.70 -19.80 -32.94
CA VAL F 235 1.73 -20.82 -32.86
C VAL F 235 2.33 -21.03 -34.25
N VAL F 236 3.66 -20.94 -34.34
CA VAL F 236 4.34 -21.05 -35.61
C VAL F 236 5.15 -22.33 -35.75
N ASP F 237 5.58 -22.94 -34.64
CA ASP F 237 6.36 -24.17 -34.69
C ASP F 237 6.18 -24.91 -33.37
N GLY F 238 6.74 -26.11 -33.31
CA GLY F 238 6.66 -26.90 -32.09
C GLY F 238 7.48 -28.16 -32.24
N GLN F 239 7.74 -28.80 -31.10
CA GLN F 239 8.47 -30.06 -31.09
C GLN F 239 8.07 -30.86 -29.86
N GLN F 240 8.44 -32.14 -29.87
CA GLN F 240 8.13 -33.05 -28.78
C GLN F 240 9.06 -32.81 -27.59
N ARG F 241 8.48 -32.85 -26.38
CA ARG F 241 9.25 -32.76 -25.13
C ARG F 241 8.81 -33.93 -24.26
N GLY F 242 9.32 -35.12 -24.57
CA GLY F 242 8.85 -36.30 -23.86
C GLY F 242 7.38 -36.52 -24.15
N SER F 243 6.61 -36.79 -23.09
CA SER F 243 5.17 -36.88 -23.23
C SER F 243 4.53 -35.54 -23.53
N GLY F 244 5.18 -34.44 -23.19
CA GLY F 244 4.64 -33.11 -23.42
C GLY F 244 5.08 -32.50 -24.73
N VAL F 245 4.82 -31.20 -24.86
CA VAL F 245 5.07 -30.45 -26.09
C VAL F 245 5.68 -29.10 -25.73
N ALA F 246 6.50 -28.57 -26.64
CA ALA F 246 7.03 -27.22 -26.56
C ALA F 246 6.57 -26.46 -27.79
N LEU F 247 5.95 -25.30 -27.59
CA LEU F 247 5.31 -24.55 -28.66
C LEU F 247 6.01 -23.21 -28.84
N ARG F 248 6.44 -22.94 -30.06
CA ARG F 248 7.02 -21.65 -30.42
C ARG F 248 5.92 -20.72 -30.92
N LEU F 249 5.86 -19.52 -30.36
CA LEU F 249 4.84 -18.54 -30.74
C LEU F 249 5.40 -17.58 -31.78
N ASP F 250 4.50 -16.76 -32.33
CA ASP F 250 4.87 -15.82 -33.39
C ASP F 250 5.69 -14.61 -32.89
N ASP F 251 6.07 -14.57 -31.61
CA ASP F 251 6.90 -13.50 -31.08
C ASP F 251 8.25 -13.99 -30.59
N GLY F 252 8.61 -15.24 -30.88
CA GLY F 252 9.88 -15.81 -30.45
C GLY F 252 9.81 -16.59 -29.16
N CYS F 253 8.81 -16.34 -28.32
CA CYS F 253 8.69 -17.04 -27.06
C CYS F 253 8.31 -18.51 -27.28
N THR F 254 8.66 -19.34 -26.31
CA THR F 254 8.34 -20.76 -26.34
C THR F 254 7.55 -21.13 -25.09
N ILE F 255 6.50 -21.92 -25.29
CA ILE F 255 5.61 -22.36 -24.21
C ILE F 255 5.72 -23.87 -24.09
N ASN F 256 6.06 -24.34 -22.90
CA ASN F 256 6.09 -25.77 -22.60
C ASN F 256 4.77 -26.19 -21.95
N ALA F 257 4.24 -27.33 -22.39
CA ALA F 257 2.97 -27.82 -21.90
C ALA F 257 2.95 -29.34 -22.00
N ASP F 258 1.98 -29.94 -21.30
CA ASP F 258 1.83 -31.39 -21.31
C ASP F 258 0.88 -31.88 -22.39
N LEU F 259 0.02 -31.02 -22.92
CA LEU F 259 -0.97 -31.42 -23.89
C LEU F 259 -1.35 -30.21 -24.73
N LEU F 260 -1.57 -30.43 -26.03
CA LEU F 260 -1.98 -29.39 -26.96
C LEU F 260 -3.41 -29.64 -27.40
N LEU F 261 -4.26 -28.63 -27.30
CA LEU F 261 -5.65 -28.71 -27.73
C LEU F 261 -5.91 -27.63 -28.76
N VAL F 262 -6.39 -28.03 -29.94
CA VAL F 262 -6.67 -27.12 -31.04
C VAL F 262 -8.17 -26.90 -31.13
N ALA F 263 -8.60 -25.64 -31.09
CA ALA F 263 -10.02 -25.28 -31.18
C ALA F 263 -10.15 -23.99 -31.99
N THR F 264 -9.73 -24.03 -33.25
CA THR F 264 -9.70 -22.86 -34.12
C THR F 264 -10.83 -22.87 -35.14
N GLY F 265 -11.91 -23.59 -34.88
CA GLY F 265 -13.06 -23.61 -35.76
C GLY F 265 -13.18 -24.93 -36.52
N ARG F 266 -14.34 -25.09 -37.15
CA ARG F 266 -14.65 -26.27 -37.93
C ARG F 266 -15.08 -25.86 -39.34
N VAL F 267 -14.95 -26.80 -40.27
CA VAL F 267 -15.34 -26.58 -41.66
C VAL F 267 -16.19 -27.76 -42.13
N SER F 268 -17.19 -27.46 -42.95
CA SER F 268 -18.07 -28.50 -43.47
C SER F 268 -17.30 -29.51 -44.31
N ASN F 269 -17.80 -30.74 -44.35
CA ASN F 269 -17.20 -31.81 -45.13
C ASN F 269 -17.69 -31.84 -46.57
N ALA F 270 -18.26 -30.74 -47.06
CA ALA F 270 -18.78 -30.73 -48.42
C ALA F 270 -17.66 -30.83 -49.45
N ASP F 271 -16.48 -30.30 -49.15
CA ASP F 271 -15.36 -30.33 -50.08
C ASP F 271 -14.79 -31.73 -50.30
N LEU F 272 -15.28 -32.73 -49.56
CA LEU F 272 -14.85 -34.11 -49.72
C LEU F 272 -15.94 -34.98 -50.35
N LEU F 273 -16.87 -34.36 -51.09
CA LEU F 273 -18.03 -35.06 -51.61
C LEU F 273 -18.07 -35.21 -53.12
N ASP F 274 -17.29 -34.42 -53.86
CA ASP F 274 -17.39 -34.34 -55.32
C ASP F 274 -18.82 -33.95 -55.72
N ALA F 275 -19.42 -33.03 -54.95
CA ALA F 275 -20.82 -32.68 -55.17
C ALA F 275 -21.01 -31.89 -56.46
N GLU F 276 -20.06 -31.00 -56.80
CA GLU F 276 -20.15 -30.27 -58.05
C GLU F 276 -20.07 -31.22 -59.24
N GLN F 277 -19.35 -32.33 -59.09
CA GLN F 277 -19.29 -33.35 -60.13
C GLN F 277 -20.63 -34.04 -60.33
N ALA F 278 -21.54 -33.94 -59.37
CA ALA F 278 -22.87 -34.53 -59.47
C ALA F 278 -23.98 -33.49 -59.58
N GLY F 279 -23.64 -32.21 -59.69
CA GLY F 279 -24.62 -31.17 -59.92
C GLY F 279 -25.01 -30.34 -58.72
N VAL F 280 -24.31 -30.48 -57.60
CA VAL F 280 -24.62 -29.74 -56.37
C VAL F 280 -23.66 -28.56 -56.26
N ASP F 281 -24.22 -27.36 -56.11
CA ASP F 281 -23.40 -26.16 -56.03
C ASP F 281 -22.72 -26.07 -54.67
N VAL F 282 -21.50 -25.54 -54.67
CA VAL F 282 -20.69 -25.42 -53.45
C VAL F 282 -20.06 -24.03 -53.43
N GLU F 283 -20.47 -23.20 -52.48
CA GLU F 283 -19.83 -21.92 -52.19
C GLU F 283 -19.11 -22.02 -50.85
N ASP F 284 -17.94 -21.39 -50.77
CA ASP F 284 -17.02 -21.55 -49.63
C ASP F 284 -16.72 -23.04 -49.54
N GLY F 285 -16.99 -23.69 -48.41
CA GLY F 285 -16.88 -25.13 -48.34
C GLY F 285 -18.20 -25.77 -47.97
N ARG F 286 -19.29 -25.08 -48.30
CA ARG F 286 -20.63 -25.47 -47.90
C ARG F 286 -21.50 -25.73 -49.12
N VAL F 287 -22.52 -26.56 -48.92
CA VAL F 287 -23.53 -26.84 -49.93
C VAL F 287 -24.61 -25.78 -49.86
N ILE F 288 -24.93 -25.17 -50.99
CA ILE F 288 -25.97 -24.14 -51.01
C ILE F 288 -27.34 -24.82 -51.02
N VAL F 289 -28.22 -24.39 -50.13
CA VAL F 289 -29.59 -24.86 -50.07
C VAL F 289 -30.50 -23.65 -49.98
N ASP F 290 -31.75 -23.84 -50.41
CA ASP F 290 -32.74 -22.79 -50.36
C ASP F 290 -33.56 -22.95 -49.08
N GLU F 291 -34.71 -22.25 -49.02
CA GLU F 291 -35.57 -22.32 -47.86
C GLU F 291 -36.26 -23.67 -47.72
N TYR F 292 -36.17 -24.53 -48.73
CA TYR F 292 -36.70 -25.89 -48.68
C TYR F 292 -35.62 -26.94 -48.53
N GLN F 293 -34.39 -26.53 -48.20
CA GLN F 293 -33.25 -27.42 -48.06
C GLN F 293 -32.94 -28.19 -49.34
N ARG F 294 -33.24 -27.58 -50.48
CA ARG F 294 -32.98 -28.18 -51.79
C ARG F 294 -31.64 -27.70 -52.34
N THR F 295 -30.88 -28.63 -52.90
CA THR F 295 -29.61 -28.30 -53.54
C THR F 295 -29.85 -27.99 -55.02
N SER F 296 -28.77 -27.81 -55.77
CA SER F 296 -28.88 -27.55 -57.20
C SER F 296 -29.12 -28.80 -58.02
N ALA F 297 -29.20 -29.96 -57.38
CA ALA F 297 -29.43 -31.24 -58.05
C ALA F 297 -30.80 -31.77 -57.66
N ARG F 298 -31.57 -32.23 -58.64
CA ARG F 298 -32.91 -32.74 -58.37
C ARG F 298 -32.86 -33.94 -57.44
N GLY F 299 -33.70 -33.92 -56.41
CA GLY F 299 -33.77 -35.01 -55.46
C GLY F 299 -32.67 -35.05 -54.43
N VAL F 300 -31.80 -34.05 -54.40
CA VAL F 300 -30.68 -34.01 -53.45
C VAL F 300 -30.93 -32.88 -52.46
N PHE F 301 -31.04 -33.25 -51.19
CA PHE F 301 -31.21 -32.30 -50.09
C PHE F 301 -29.94 -32.24 -49.25
N ALA F 302 -29.88 -31.25 -48.37
CA ALA F 302 -28.76 -31.10 -47.46
C ALA F 302 -29.25 -30.48 -46.16
N LEU F 303 -28.54 -30.78 -45.08
CA LEU F 303 -28.92 -30.30 -43.75
C LEU F 303 -27.72 -30.39 -42.83
N GLY F 304 -27.79 -29.67 -41.72
CA GLY F 304 -26.75 -29.74 -40.72
C GLY F 304 -25.58 -28.84 -41.03
N ASP F 305 -24.43 -29.20 -40.43
CA ASP F 305 -23.23 -28.38 -40.56
C ASP F 305 -22.69 -28.36 -41.99
N VAL F 306 -23.07 -29.32 -42.82
CA VAL F 306 -22.56 -29.37 -44.19
C VAL F 306 -23.10 -28.22 -45.03
N SER F 307 -24.20 -27.61 -44.63
CA SER F 307 -24.80 -26.56 -45.45
C SER F 307 -25.23 -25.35 -44.63
N SER F 308 -25.69 -25.58 -43.40
CA SER F 308 -26.30 -24.51 -42.62
C SER F 308 -25.28 -23.47 -42.19
N PRO F 309 -25.67 -22.20 -42.11
CA PRO F 309 -24.79 -21.20 -41.51
C PRO F 309 -24.69 -21.33 -39.99
N TYR F 310 -25.63 -22.01 -39.35
CA TYR F 310 -25.60 -22.25 -37.91
C TYR F 310 -25.13 -23.69 -37.69
N LEU F 311 -24.00 -23.83 -36.97
CA LEU F 311 -23.47 -25.15 -36.64
C LEU F 311 -24.00 -25.57 -35.27
N LEU F 312 -25.32 -25.78 -35.22
CA LEU F 312 -26.01 -26.11 -34.00
C LEU F 312 -26.89 -27.34 -34.21
N LYS F 313 -27.03 -28.14 -33.16
CA LYS F 313 -27.78 -29.39 -33.28
C LYS F 313 -29.28 -29.11 -33.38
N HIS F 314 -29.80 -28.21 -32.55
CA HIS F 314 -31.22 -27.89 -32.61
C HIS F 314 -31.59 -27.24 -33.94
N VAL F 315 -30.63 -26.60 -34.61
CA VAL F 315 -30.88 -26.11 -35.97
C VAL F 315 -30.80 -27.25 -36.97
N ALA F 316 -29.81 -28.13 -36.83
CA ALA F 316 -29.67 -29.26 -37.75
C ALA F 316 -30.85 -30.20 -37.65
N ASN F 317 -31.45 -30.34 -36.47
CA ASN F 317 -32.63 -31.18 -36.34
C ASN F 317 -33.85 -30.54 -37.01
N HIS F 318 -33.98 -29.22 -36.91
CA HIS F 318 -35.07 -28.54 -37.60
C HIS F 318 -34.93 -28.66 -39.11
N GLU F 319 -33.69 -28.56 -39.61
CA GLU F 319 -33.46 -28.77 -41.04
C GLU F 319 -33.67 -30.22 -41.44
N ALA F 320 -33.34 -31.15 -40.55
CA ALA F 320 -33.60 -32.56 -40.83
C ALA F 320 -35.09 -32.86 -40.87
N ARG F 321 -35.89 -32.16 -40.05
CA ARG F 321 -37.33 -32.34 -40.10
C ARG F 321 -37.90 -31.80 -41.41
N VAL F 322 -37.33 -30.70 -41.92
CA VAL F 322 -37.78 -30.14 -43.18
C VAL F 322 -37.41 -31.06 -44.33
N VAL F 323 -36.19 -31.61 -44.33
CA VAL F 323 -35.78 -32.53 -45.38
C VAL F 323 -36.65 -33.79 -45.35
N GLN F 324 -36.96 -34.28 -44.15
CA GLN F 324 -37.76 -35.50 -44.02
C GLN F 324 -39.14 -35.31 -44.65
N HIS F 325 -39.72 -34.11 -44.52
CA HIS F 325 -41.04 -33.85 -45.09
C HIS F 325 -40.95 -33.56 -46.59
N ASN F 326 -39.97 -32.74 -47.00
CA ASN F 326 -39.89 -32.32 -48.39
C ASN F 326 -39.40 -33.44 -49.31
N LEU F 327 -38.83 -34.51 -48.75
CA LEU F 327 -38.44 -35.65 -49.57
C LEU F 327 -39.66 -36.34 -50.17
N LEU F 328 -40.78 -36.36 -49.45
CA LEU F 328 -42.00 -37.00 -49.91
C LEU F 328 -42.81 -36.13 -50.87
N CYS F 329 -42.39 -34.88 -51.07
CA CYS F 329 -43.06 -33.97 -51.99
C CYS F 329 -42.37 -33.99 -53.35
N ASP F 330 -43.08 -33.51 -54.36
CA ASP F 330 -42.48 -33.33 -55.68
C ASP F 330 -41.41 -32.25 -55.63
N TRP F 331 -40.39 -32.42 -56.48
CA TRP F 331 -39.23 -31.53 -56.43
C TRP F 331 -39.59 -30.10 -56.75
N GLU F 332 -40.61 -29.89 -57.59
CA GLU F 332 -41.04 -28.55 -57.98
C GLU F 332 -42.25 -28.06 -57.19
N ASP F 333 -42.84 -28.90 -56.34
CA ASP F 333 -44.00 -28.52 -55.54
C ASP F 333 -43.60 -27.72 -54.31
N THR F 334 -43.01 -26.54 -54.56
CA THR F 334 -42.53 -25.70 -53.47
C THR F 334 -43.67 -25.24 -52.58
N GLN F 335 -44.89 -25.16 -53.12
CA GLN F 335 -46.02 -24.73 -52.32
C GLN F 335 -46.49 -25.81 -51.35
N SER F 336 -46.15 -27.08 -51.62
CA SER F 336 -46.45 -28.17 -50.71
C SER F 336 -45.30 -28.51 -49.78
N MET F 337 -44.17 -27.81 -49.88
CA MET F 337 -43.02 -28.04 -49.04
C MET F 337 -43.08 -27.14 -47.79
N ILE F 338 -42.23 -27.44 -46.82
CA ILE F 338 -42.14 -26.67 -45.59
C ILE F 338 -40.89 -25.80 -45.65
N VAL F 339 -40.95 -24.63 -45.02
CA VAL F 339 -39.88 -23.65 -45.07
C VAL F 339 -39.03 -23.76 -43.82
N THR F 340 -37.71 -23.66 -43.99
CA THR F 340 -36.79 -23.68 -42.85
C THR F 340 -36.85 -22.35 -42.12
N ASP F 341 -37.01 -22.41 -40.80
CA ASP F 341 -37.16 -21.22 -39.97
C ASP F 341 -35.81 -20.95 -39.31
N HIS F 342 -35.15 -19.87 -39.72
CA HIS F 342 -33.90 -19.44 -39.10
C HIS F 342 -34.05 -18.14 -38.34
N ARG F 343 -35.28 -17.76 -38.00
CA ARG F 343 -35.52 -16.51 -37.29
C ARG F 343 -35.32 -16.73 -35.80
N TYR F 344 -34.52 -15.84 -35.17
CA TYR F 344 -34.21 -15.92 -33.75
C TYR F 344 -33.63 -17.30 -33.39
N VAL F 345 -32.43 -17.52 -33.89
CA VAL F 345 -31.67 -18.73 -33.59
C VAL F 345 -30.85 -18.47 -32.33
N PRO F 346 -31.03 -19.25 -31.26
CA PRO F 346 -30.25 -19.04 -30.05
C PRO F 346 -29.02 -19.95 -30.01
N ALA F 347 -28.11 -19.62 -29.10
CA ALA F 347 -26.90 -20.41 -28.88
C ALA F 347 -26.39 -20.13 -27.48
N ALA F 348 -25.71 -21.13 -26.91
CA ALA F 348 -25.16 -21.02 -25.57
C ALA F 348 -23.71 -21.47 -25.57
N VAL F 349 -22.94 -20.92 -24.64
CA VAL F 349 -21.55 -21.29 -24.43
C VAL F 349 -21.41 -21.72 -22.97
N PHE F 350 -21.11 -23.00 -22.75
CA PHE F 350 -21.10 -23.57 -21.40
C PHE F 350 -19.71 -23.37 -20.76
N THR F 351 -19.43 -22.11 -20.45
CA THR F 351 -18.22 -21.68 -19.76
C THR F 351 -18.61 -21.13 -18.39
N ASP F 352 -17.62 -20.65 -17.66
CA ASP F 352 -17.85 -19.93 -16.40
C ASP F 352 -17.32 -18.52 -16.55
N PRO F 353 -18.17 -17.49 -16.59
CA PRO F 353 -19.63 -17.53 -16.49
C PRO F 353 -20.28 -18.09 -17.75
N GLN F 354 -21.51 -18.58 -17.67
CA GLN F 354 -22.18 -19.14 -18.82
C GLN F 354 -22.73 -18.02 -19.71
N ILE F 355 -22.69 -18.23 -21.01
CA ILE F 355 -23.14 -17.25 -22.00
C ILE F 355 -24.24 -17.87 -22.86
N ALA F 356 -25.30 -17.11 -23.08
CA ALA F 356 -26.38 -17.52 -23.97
C ALA F 356 -26.94 -16.28 -24.65
N ALA F 357 -27.17 -16.39 -25.95
CA ALA F 357 -27.58 -15.23 -26.73
C ALA F 357 -28.56 -15.66 -27.82
N VAL F 358 -29.42 -14.74 -28.21
CA VAL F 358 -30.36 -14.94 -29.31
C VAL F 358 -30.72 -13.58 -29.90
N GLY F 359 -30.85 -13.53 -31.22
CA GLY F 359 -31.22 -12.30 -31.88
C GLY F 359 -30.06 -11.43 -32.28
N LEU F 360 -30.28 -10.12 -32.31
CA LEU F 360 -29.26 -9.18 -32.76
C LEU F 360 -28.43 -8.66 -31.61
N THR F 361 -27.18 -8.29 -31.91
CA THR F 361 -26.35 -7.60 -30.93
C THR F 361 -26.61 -6.10 -31.04
N GLU F 362 -26.05 -5.35 -30.08
CA GLU F 362 -26.23 -3.91 -30.09
C GLU F 362 -25.66 -3.30 -31.36
N ASN F 363 -24.46 -3.72 -31.76
CA ASN F 363 -23.85 -3.17 -32.98
C ASN F 363 -24.56 -3.64 -34.24
N GLN F 364 -25.07 -4.87 -34.25
CA GLN F 364 -25.81 -5.35 -35.43
C GLN F 364 -27.08 -4.54 -35.63
N ALA F 365 -27.75 -4.15 -34.54
CA ALA F 365 -28.93 -3.32 -34.65
C ALA F 365 -28.59 -1.91 -35.13
N VAL F 366 -27.43 -1.40 -34.71
CA VAL F 366 -27.01 -0.08 -35.15
C VAL F 366 -26.66 -0.11 -36.65
N ALA F 367 -26.06 -1.21 -37.11
CA ALA F 367 -25.72 -1.33 -38.53
C ALA F 367 -26.97 -1.32 -39.41
N LYS F 368 -28.10 -1.79 -38.88
CA LYS F 368 -29.37 -1.77 -39.60
C LYS F 368 -30.14 -0.48 -39.41
N GLY F 369 -29.57 0.51 -38.71
CA GLY F 369 -30.24 1.78 -38.52
C GLY F 369 -31.54 1.69 -37.75
N LEU F 370 -31.58 0.84 -36.73
CA LEU F 370 -32.79 0.64 -35.94
C LEU F 370 -32.75 1.51 -34.69
N ASP F 371 -33.91 2.07 -34.33
CA ASP F 371 -34.05 2.85 -33.11
C ASP F 371 -34.23 1.87 -31.95
N ILE F 372 -33.21 1.76 -31.10
CA ILE F 372 -33.14 0.68 -30.13
C ILE F 372 -33.04 1.26 -28.71
N SER F 373 -33.52 0.49 -27.74
CA SER F 373 -33.29 0.72 -26.33
C SER F 373 -32.48 -0.44 -25.78
N VAL F 374 -31.53 -0.14 -24.91
CA VAL F 374 -30.61 -1.14 -24.39
C VAL F 374 -30.56 -1.03 -22.87
N LYS F 375 -30.67 -2.17 -22.20
CA LYS F 375 -30.56 -2.24 -20.74
C LYS F 375 -29.63 -3.40 -20.37
N ILE F 376 -28.72 -3.15 -19.43
CA ILE F 376 -27.81 -4.16 -18.91
C ILE F 376 -28.10 -4.28 -17.42
N GLN F 377 -28.80 -5.35 -17.05
CA GLN F 377 -29.21 -5.58 -15.67
C GLN F 377 -28.21 -6.50 -14.99
N ASP F 378 -27.83 -6.15 -13.76
CA ASP F 378 -26.87 -6.95 -13.00
C ASP F 378 -27.62 -7.97 -12.14
N TYR F 379 -27.03 -9.17 -12.03
CA TYR F 379 -27.58 -10.18 -11.14
C TYR F 379 -27.65 -9.67 -9.70
N GLY F 380 -26.65 -8.89 -9.28
CA GLY F 380 -26.55 -8.41 -7.91
C GLY F 380 -27.65 -7.45 -7.49
N ASP F 381 -28.44 -6.95 -8.44
CA ASP F 381 -29.57 -6.08 -8.13
C ASP F 381 -30.87 -6.86 -7.96
N VAL F 382 -30.78 -8.19 -7.76
CA VAL F 382 -31.94 -9.05 -7.63
C VAL F 382 -31.74 -9.91 -6.38
N ALA F 383 -32.84 -10.20 -5.69
CA ALA F 383 -32.76 -10.94 -4.43
C ALA F 383 -32.05 -12.28 -4.61
N TYR F 384 -32.25 -12.96 -5.74
CA TYR F 384 -31.56 -14.22 -5.97
C TYR F 384 -30.06 -13.99 -6.17
N GLY F 385 -29.69 -12.88 -6.81
CA GLY F 385 -28.28 -12.55 -6.94
C GLY F 385 -27.62 -12.27 -5.60
N TRP F 386 -28.39 -11.77 -4.63
CA TRP F 386 -27.85 -11.55 -3.29
C TRP F 386 -27.45 -12.87 -2.65
N ALA F 387 -28.31 -13.90 -2.78
CA ALA F 387 -27.97 -15.21 -2.23
C ALA F 387 -26.72 -15.79 -2.89
N MET F 388 -26.50 -15.47 -4.16
CA MET F 388 -25.30 -15.91 -4.86
C MET F 388 -24.08 -15.07 -4.54
N GLU F 389 -24.28 -13.88 -3.98
CA GLU F 389 -23.22 -12.89 -3.81
C GLU F 389 -22.50 -12.65 -5.14
N ASP F 390 -23.27 -12.64 -6.22
CA ASP F 390 -22.72 -12.48 -7.56
C ASP F 390 -22.39 -11.01 -7.81
N THR F 391 -21.27 -10.78 -8.47
CA THR F 391 -20.78 -9.43 -8.73
C THR F 391 -20.33 -9.24 -10.18
N SER F 392 -20.79 -10.07 -11.10
CA SER F 392 -20.32 -10.00 -12.48
C SER F 392 -21.38 -10.43 -13.49
N GLY F 393 -22.39 -11.17 -13.04
CA GLY F 393 -23.42 -11.65 -13.95
C GLY F 393 -24.27 -10.51 -14.47
N ILE F 394 -24.53 -10.49 -15.77
CA ILE F 394 -25.33 -9.46 -16.40
C ILE F 394 -26.24 -10.09 -17.45
N VAL F 395 -27.35 -9.41 -17.72
CA VAL F 395 -28.26 -9.74 -18.82
C VAL F 395 -28.52 -8.48 -19.62
N LYS F 396 -28.28 -8.54 -20.93
CA LYS F 396 -28.38 -7.38 -21.81
C LYS F 396 -29.50 -7.59 -22.81
N LEU F 397 -30.42 -6.64 -22.87
CA LEU F 397 -31.61 -6.71 -23.72
C LEU F 397 -31.63 -5.53 -24.68
N ILE F 398 -31.97 -5.80 -25.94
CA ILE F 398 -32.10 -4.78 -26.97
C ILE F 398 -33.49 -4.88 -27.57
N THR F 399 -34.25 -3.79 -27.54
CA THR F 399 -35.58 -3.73 -28.09
C THR F 399 -35.70 -2.59 -29.09
N GLU F 400 -36.58 -2.77 -30.06
CA GLU F 400 -36.89 -1.70 -31.01
C GLU F 400 -37.81 -0.68 -30.33
N ARG F 401 -37.38 0.57 -30.30
CA ARG F 401 -38.12 1.60 -29.57
C ARG F 401 -39.50 1.82 -30.17
N GLY F 402 -39.63 1.69 -31.49
CA GLY F 402 -40.91 1.88 -32.15
C GLY F 402 -41.95 0.83 -31.79
N SER F 403 -41.68 -0.42 -32.16
CA SER F 403 -42.65 -1.49 -31.92
C SER F 403 -42.65 -1.97 -30.48
N GLY F 404 -41.54 -1.81 -29.76
CA GLY F 404 -41.43 -2.33 -28.42
C GLY F 404 -41.14 -3.81 -28.34
N ARG F 405 -40.73 -4.43 -29.43
CA ARG F 405 -40.45 -5.86 -29.49
C ARG F 405 -38.98 -6.13 -29.23
N LEU F 406 -38.69 -7.33 -28.72
CA LEU F 406 -37.31 -7.72 -28.44
C LEU F 406 -36.55 -7.92 -29.73
N LEU F 407 -35.37 -7.28 -29.84
CA LEU F 407 -34.48 -7.47 -30.97
C LEU F 407 -33.35 -8.45 -30.69
N GLY F 408 -32.83 -8.46 -29.47
CA GLY F 408 -31.77 -9.38 -29.11
C GLY F 408 -31.69 -9.54 -27.60
N ALA F 409 -31.17 -10.69 -27.18
CA ALA F 409 -31.02 -10.99 -25.76
C ALA F 409 -29.68 -11.68 -25.55
N HIS F 410 -28.90 -11.17 -24.59
CA HIS F 410 -27.58 -11.72 -24.31
C HIS F 410 -27.39 -11.79 -22.80
N ILE F 411 -27.21 -13.01 -22.30
CA ILE F 411 -27.07 -13.27 -20.86
C ILE F 411 -25.70 -13.87 -20.61
N MET F 412 -24.98 -13.34 -19.62
CA MET F 412 -23.70 -13.87 -19.19
C MET F 412 -23.76 -14.03 -17.67
N GLY F 413 -23.99 -15.26 -17.21
CA GLY F 413 -24.07 -15.50 -15.78
C GLY F 413 -24.66 -16.88 -15.52
N TYR F 414 -24.98 -17.09 -14.25
CA TYR F 414 -25.52 -18.37 -13.80
C TYR F 414 -26.84 -18.68 -14.49
N GLN F 415 -26.98 -19.93 -14.93
CA GLN F 415 -28.21 -20.42 -15.58
C GLN F 415 -28.53 -19.60 -16.83
N ALA F 416 -27.51 -19.27 -17.61
CA ALA F 416 -27.72 -18.42 -18.78
C ALA F 416 -28.58 -19.11 -19.83
N SER F 417 -28.34 -20.41 -20.07
CA SER F 417 -29.09 -21.12 -21.10
C SER F 417 -30.54 -21.37 -20.70
N SER F 418 -30.84 -21.32 -19.40
CA SER F 418 -32.22 -21.52 -18.94
C SER F 418 -32.98 -20.22 -18.83
N LEU F 419 -32.32 -19.14 -18.40
CA LEU F 419 -33.00 -17.86 -18.24
C LEU F 419 -33.39 -17.26 -19.58
N ILE F 420 -32.66 -17.61 -20.65
CA ILE F 420 -32.91 -16.99 -21.94
C ILE F 420 -34.15 -17.58 -22.63
N GLN F 421 -34.65 -18.72 -22.18
CA GLN F 421 -35.77 -19.35 -22.86
C GLN F 421 -37.04 -18.51 -22.87
N PRO F 422 -37.46 -17.86 -21.77
CA PRO F 422 -38.61 -16.93 -21.89
C PRO F 422 -38.37 -15.81 -22.88
N LEU F 423 -37.13 -15.35 -23.02
CA LEU F 423 -36.83 -14.31 -24.00
C LEU F 423 -36.90 -14.86 -25.42
N ILE F 424 -36.48 -16.10 -25.61
CA ILE F 424 -36.61 -16.75 -26.92
C ILE F 424 -38.09 -16.88 -27.29
N GLN F 425 -38.93 -17.17 -26.29
CA GLN F 425 -40.35 -17.33 -26.54
C GLN F 425 -41.01 -16.02 -26.95
N ALA F 426 -40.65 -14.92 -26.28
CA ALA F 426 -41.24 -13.62 -26.60
C ALA F 426 -40.87 -13.19 -28.02
N MET F 427 -39.62 -13.42 -28.42
CA MET F 427 -39.21 -13.03 -29.77
C MET F 427 -39.87 -13.89 -30.83
N SER F 428 -39.97 -15.20 -30.59
CA SER F 428 -40.50 -16.11 -31.60
C SER F 428 -41.98 -15.86 -31.86
N PHE F 429 -42.72 -15.38 -30.86
CA PHE F 429 -44.16 -15.21 -30.98
C PHE F 429 -44.59 -13.73 -30.97
N GLY F 430 -43.64 -12.81 -31.04
CA GLY F 430 -43.97 -11.40 -31.17
C GLY F 430 -44.57 -10.78 -29.92
N LEU F 431 -43.95 -11.04 -28.77
CA LEU F 431 -44.38 -10.45 -27.50
C LEU F 431 -43.50 -9.26 -27.18
N THR F 432 -44.13 -8.12 -26.86
CA THR F 432 -43.37 -6.92 -26.56
C THR F 432 -42.67 -7.04 -25.21
N ALA F 433 -41.65 -6.20 -25.02
CA ALA F 433 -40.92 -6.21 -23.76
C ALA F 433 -41.81 -5.77 -22.60
N ALA F 434 -42.64 -4.75 -22.83
CA ALA F 434 -43.53 -4.27 -21.77
C ALA F 434 -44.56 -5.33 -21.39
N GLU F 435 -45.14 -6.00 -22.39
CA GLU F 435 -46.11 -7.05 -22.10
C GLU F 435 -45.48 -8.19 -21.31
N MET F 436 -44.29 -8.62 -21.73
CA MET F 436 -43.62 -9.74 -21.07
C MET F 436 -43.26 -9.40 -19.63
N ALA F 437 -42.98 -8.13 -19.35
CA ALA F 437 -42.52 -7.73 -18.03
C ALA F 437 -43.65 -7.69 -17.01
N ARG F 438 -44.82 -7.16 -17.39
CA ARG F 438 -45.90 -6.92 -16.45
C ARG F 438 -47.19 -7.66 -16.79
N GLY F 439 -47.23 -8.41 -17.89
CA GLY F 439 -48.42 -9.19 -18.21
C GLY F 439 -48.36 -10.61 -17.68
N GLN F 440 -47.49 -10.84 -16.71
CA GLN F 440 -47.32 -12.16 -16.12
C GLN F 440 -46.60 -12.00 -14.78
N TYR F 441 -46.74 -13.02 -13.94
CA TYR F 441 -46.10 -13.02 -12.64
C TYR F 441 -44.71 -13.65 -12.74
N TRP F 442 -43.80 -13.15 -11.90
CA TRP F 442 -42.46 -13.71 -11.76
C TRP F 442 -42.27 -14.14 -10.31
N ILE F 443 -41.80 -15.37 -10.11
CA ILE F 443 -41.71 -15.93 -8.77
C ILE F 443 -40.65 -15.18 -7.97
N HIS F 444 -41.02 -14.75 -6.78
CA HIS F 444 -40.10 -14.09 -5.86
C HIS F 444 -39.64 -15.07 -4.79
N PRO F 445 -38.34 -15.15 -4.49
CA PRO F 445 -37.24 -14.43 -5.12
C PRO F 445 -36.44 -15.31 -6.07
N ALA F 446 -37.05 -15.79 -7.16
CA ALA F 446 -36.36 -16.68 -8.08
C ALA F 446 -35.37 -15.91 -8.94
N LEU F 447 -34.59 -16.66 -9.72
CA LEU F 447 -33.57 -16.10 -10.60
C LEU F 447 -34.17 -15.35 -11.79
N PRO F 448 -35.23 -15.83 -12.43
CA PRO F 448 -35.79 -15.07 -13.57
C PRO F 448 -36.18 -13.63 -13.24
N GLU F 449 -36.14 -13.23 -11.97
CA GLU F 449 -36.37 -11.83 -11.64
C GLU F 449 -35.34 -10.93 -12.30
N VAL F 450 -34.14 -11.45 -12.58
CA VAL F 450 -33.13 -10.64 -13.25
C VAL F 450 -33.55 -10.33 -14.68
N VAL F 451 -34.34 -11.20 -15.31
CA VAL F 451 -34.83 -10.91 -16.65
C VAL F 451 -36.00 -9.94 -16.58
N GLU F 452 -36.85 -10.07 -15.55
CA GLU F 452 -37.95 -9.14 -15.36
C GLU F 452 -37.44 -7.72 -15.14
N ASN F 453 -36.47 -7.56 -14.23
CA ASN F 453 -35.94 -6.23 -13.94
C ASN F 453 -35.17 -5.66 -15.13
N ALA F 454 -34.60 -6.52 -15.97
CA ALA F 454 -33.99 -6.05 -17.21
C ALA F 454 -35.06 -5.49 -18.14
N LEU F 455 -36.24 -6.11 -18.15
CA LEU F 455 -37.34 -5.63 -18.98
C LEU F 455 -37.93 -4.35 -18.43
N LEU F 456 -38.04 -4.24 -17.10
CA LEU F 456 -38.63 -3.03 -16.51
C LEU F 456 -37.71 -1.83 -16.67
N GLY F 457 -36.40 -2.04 -16.54
CA GLY F 457 -35.43 -0.98 -16.69
C GLY F 457 -35.14 -0.60 -18.12
N LEU F 458 -35.75 -1.31 -19.07
CA LEU F 458 -35.56 -1.11 -20.50
C LEU F 458 -36.22 0.17 -20.99
N ARG F 459 -36.25 1.20 -20.15
CA ARG F 459 -36.82 2.48 -20.52
C ARG F 459 -35.72 3.48 -20.90
PA FAD G . -1.81 8.51 -29.61
O1A FAD G . -2.61 7.87 -28.54
O2A FAD G . -0.49 7.82 -29.95
O5B FAD G . -2.66 8.63 -30.93
C5B FAD G . -2.06 8.41 -32.23
C4B FAD G . -2.65 7.17 -32.84
O4B FAD G . -2.88 7.39 -34.25
C3B FAD G . -1.77 5.93 -32.76
O3B FAD G . -2.57 4.75 -32.62
C2B FAD G . -1.01 5.96 -34.08
O2B FAD G . -0.60 4.66 -34.48
C1B FAD G . -2.09 6.50 -35.02
N9A FAD G . -1.56 7.23 -36.17
C8A FAD G . -0.50 8.11 -36.18
N7A FAD G . -0.24 8.62 -37.35
C5A FAD G . -1.21 8.05 -38.18
C6A FAD G . -1.48 8.19 -39.55
N6A FAD G . -0.78 8.99 -40.38
N1A FAD G . -2.51 7.49 -40.06
C2A FAD G . -3.22 6.70 -39.24
N3A FAD G . -3.05 6.48 -37.94
C4A FAD G . -2.02 7.19 -37.46
N1 FAD G . 0.52 10.59 -20.36
C2 FAD G . -0.06 10.96 -19.17
O2 FAD G . -0.71 12.01 -19.08
N3 FAD G . 0.08 10.16 -18.06
C4 FAD G . 0.77 8.97 -18.00
O4 FAD G . 0.83 8.35 -16.94
C4X FAD G . 1.38 8.57 -19.25
N5 FAD G . 2.06 7.46 -19.28
C5X FAD G . 2.63 7.08 -20.48
C6 FAD G . 3.36 5.89 -20.54
C7 FAD G . 3.95 5.47 -21.72
C7M FAD G . 4.73 4.18 -21.73
C8 FAD G . 3.83 6.26 -22.87
C8M FAD G . 4.47 5.83 -24.17
C9 FAD G . 3.12 7.45 -22.83
C9A FAD G . 2.52 7.87 -21.65
N10 FAD G . 1.78 9.06 -21.56
C10 FAD G . 1.20 9.45 -20.38
C1' FAD G . 1.61 9.92 -22.75
C2' FAD G . 0.33 9.63 -23.51
O2' FAD G . 0.43 8.38 -24.21
C3' FAD G . 0.10 10.75 -24.54
O3' FAD G . 0.30 12.00 -23.90
C4' FAD G . -1.30 10.73 -25.16
O4' FAD G . -1.73 9.38 -25.33
C5' FAD G . -1.37 11.47 -26.48
O5' FAD G . -2.52 11.01 -27.21
P FAD G . -2.56 11.07 -28.78
O1P FAD G . -3.93 10.57 -29.27
O2P FAD G . -2.16 12.42 -29.27
O3P FAD G . -1.48 10.00 -29.22
PA NAP H . 11.44 12.17 -21.60
O1A NAP H . 11.36 13.36 -22.50
O2A NAP H . 10.61 12.14 -20.37
O5B NAP H . 12.98 11.90 -21.23
C5B NAP H . 13.81 11.32 -22.26
C4B NAP H . 15.26 11.35 -21.83
O4B NAP H . 16.04 10.59 -22.77
C3B NAP H . 15.96 12.71 -21.82
O3B NAP H . 15.77 13.41 -20.59
C2B NAP H . 17.40 12.39 -22.17
O2B NAP H . 18.32 12.61 -21.09
C1B NAP H . 17.39 10.91 -22.54
N9A NAP H . 18.12 10.62 -23.77
C8A NAP H . 17.79 11.06 -25.03
N7A NAP H . 18.62 10.64 -25.96
C5A NAP H . 19.55 9.86 -25.27
C6A NAP H . 20.67 9.13 -25.69
N6A NAP H . 21.07 9.07 -26.96
N1A NAP H . 21.37 8.47 -24.75
C2A NAP H . 20.96 8.54 -23.48
N3A NAP H . 19.92 9.19 -22.96
C4A NAP H . 19.24 9.84 -23.92
O3 NAP H . 11.13 10.87 -22.49
PN NAP H . 10.33 9.51 -22.18
O1N NAP H . 10.50 8.58 -23.35
O2N NAP H . 10.70 9.02 -20.82
O5D NAP H . 8.84 10.08 -22.18
C5D NAP H . 8.33 10.70 -23.39
C4D NAP H . 7.16 11.59 -23.07
O4D NAP H . 6.18 10.82 -22.32
C3D NAP H . 7.46 12.83 -22.21
O3D NAP H . 6.60 13.90 -22.57
C2D NAP H . 7.09 12.35 -20.81
O2D NAP H . 6.82 13.39 -19.88
C1D NAP H . 5.84 11.55 -21.14
N1N NAP H . 5.47 10.57 -20.10
C2N NAP H . 4.67 10.96 -19.05
C3N NAP H . 4.33 10.04 -18.07
C7N NAP H . 3.45 10.46 -16.93
O7N NAP H . 3.04 11.63 -16.88
N7N NAP H . 3.15 9.57 -16.00
C4N NAP H . 4.80 8.73 -18.14
C5N NAP H . 5.61 8.35 -19.20
C6N NAP H . 5.95 9.28 -20.17
P2B NAP H . 18.94 14.11 -21.17
O1X NAP H . 19.96 14.20 -20.05
O2X NAP H . 17.80 15.10 -21.01
O3X NAP H . 19.60 14.21 -22.54
PA FAD I . -7.18 15.72 25.62
O1A FAD I . -6.01 15.60 24.72
O2A FAD I . -7.70 14.40 26.20
O5B FAD I . -6.88 16.71 26.83
C5B FAD I . -7.39 16.43 28.16
C4B FAD I . -6.23 16.17 29.09
O4B FAD I . -6.45 16.86 30.34
C3B FAD I . -6.01 14.70 29.46
O3B FAD I . -4.63 14.40 29.57
C2B FAD I . -6.74 14.58 30.81
O2B FAD I . -6.21 13.54 31.62
C1B FAD I . -6.45 15.95 31.41
N9A FAD I . -7.42 16.38 32.41
C8A FAD I . -8.79 16.25 32.33
N7A FAD I . -9.43 16.73 33.36
C5A FAD I . -8.42 17.22 34.18
C6A FAD I . -8.43 17.85 35.44
N6A FAD I . -9.54 18.12 36.13
N1A FAD I . -7.23 18.20 35.98
C2A FAD I . -6.12 17.93 35.30
N3A FAD I . -5.99 17.34 34.11
C4A FAD I . -7.18 17.01 33.61
N1 FAD I . -9.49 12.96 16.59
C2 FAD I . -9.21 13.23 15.28
O2 FAD I . -9.37 14.36 14.81
N3 FAD I . -8.74 12.23 14.45
C4 FAD I . -8.51 10.92 14.82
O4 FAD I . -8.09 10.11 13.98
C4X FAD I . -8.81 10.63 16.20
N5 FAD I . -8.62 9.41 16.64
C5X FAD I . -8.91 9.15 17.97
C6 FAD I . -8.71 7.85 18.45
C7 FAD I . -8.99 7.53 19.77
C7M FAD I . -8.76 6.13 20.24
C8 FAD I . -9.47 8.52 20.64
C8M FAD I . -9.77 8.20 22.08
C9 FAD I . -9.66 9.82 20.17
C9A FAD I . -9.38 10.14 18.84
N10 FAD I . -9.57 11.43 18.33
C10 FAD I . -9.30 11.72 17.02
C1' FAD I . -10.07 12.52 19.20
C2' FAD I . -8.93 13.36 19.79
O2' FAD I . -8.09 12.55 20.62
C3' FAD I . -9.54 14.48 20.64
O3' FAD I . -10.63 15.06 19.94
C4' FAD I . -8.53 15.59 20.98
O4' FAD I . -7.39 15.02 21.61
C5' FAD I . -9.13 16.68 21.84
O5' FAD I . -8.07 17.31 22.58
P FAD I . -8.27 17.78 24.07
O1P FAD I . -6.99 18.49 24.55
O2P FAD I . -9.52 18.56 24.22
O3P FAD I . -8.38 16.42 24.87
PA NAP J . -18.90 6.94 18.67
O1A NAP J . -19.05 8.31 19.27
O2A NAP J . -18.38 6.87 17.27
O5B NAP J . -20.29 6.14 18.77
C5B NAP J . -20.29 4.78 19.27
C4B NAP J . -21.62 4.14 18.99
O4B NAP J . -21.81 2.97 19.81
C3B NAP J . -22.87 4.98 19.25
O3B NAP J . -23.09 5.99 18.28
C2B NAP J . -23.94 3.88 19.28
O2B NAP J . -24.24 3.46 17.96
C1B NAP J . -23.19 2.76 20.01
N9A NAP J . -23.47 2.70 21.44
C8A NAP J . -23.63 3.76 22.29
N7A NAP J . -23.89 3.40 23.53
C5A NAP J . -23.94 2.01 23.48
C6A NAP J . -24.18 1.04 24.47
N6A NAP J . -24.43 1.32 25.74
N1A NAP J . -24.15 -0.25 24.09
C2A NAP J . -23.89 -0.54 22.79
N3A NAP J . -23.65 0.29 21.78
C4A NAP J . -23.68 1.57 22.19
O3 NAP J . -17.95 6.06 19.61
PN NAP J . -16.36 6.11 19.78
O1N NAP J . -15.97 5.33 20.99
O2N NAP J . -15.74 5.75 18.47
O5D NAP J . -16.15 7.67 20.06
C5D NAP J . -14.84 8.25 19.84
C4D NAP J . -14.98 9.74 19.67
O4D NAP J . -13.82 10.26 18.99
C3D NAP J . -16.15 10.19 18.78
O3D NAP J . -16.41 11.57 18.93
C2D NAP J . -15.55 9.90 17.40
O2D NAP J . -16.22 10.55 16.33
C1D NAP J . -14.13 10.45 17.61
N1N NAP J . -13.13 9.73 16.79
C2N NAP J . -12.75 10.24 15.56
C3N NAP J . -11.82 9.56 14.80
C7N NAP J . -11.42 10.13 13.46
O7N NAP J . -11.93 11.19 13.07
N7N NAP J . -10.52 9.47 12.76
C4N NAP J . -11.26 8.38 15.26
C5N NAP J . -11.65 7.88 16.48
C6N NAP J . -12.58 8.56 17.24
P2B NAP J . -25.55 4.24 17.42
O1X NAP J . -25.93 3.58 16.11
O2X NAP J . -25.19 5.70 17.25
O3X NAP J . -26.61 4.04 18.50
PA FAD K . 35.61 0.65 43.28
O1A FAD K . 36.58 0.46 42.17
O2A FAD K . 34.38 -0.24 43.23
O5B FAD K . 36.30 0.46 44.69
C5B FAD K . 35.60 -0.20 45.77
C4B FAD K . 36.29 -1.51 46.10
O4B FAD K . 36.46 -1.62 47.53
C3B FAD K . 35.55 -2.76 45.66
O3B FAD K . 36.46 -3.78 45.27
C2B FAD K . 34.75 -3.14 46.91
O2B FAD K . 34.48 -4.54 46.98
C1B FAD K . 35.73 -2.74 48.02
N9A FAD K . 35.11 -2.36 49.28
C8A FAD K . 34.00 -1.59 49.45
N7A FAD K . 33.66 -1.40 50.70
C5A FAD K . 34.62 -2.10 51.41
C6A FAD K . 34.82 -2.30 52.79
N6A FAD K . 34.04 -1.78 53.74
N1A FAD K . 35.88 -3.05 53.16
C2A FAD K . 36.67 -3.56 52.22
N3A FAD K . 36.57 -3.45 50.89
C4A FAD K . 35.53 -2.70 50.55
N1 FAD K . 33.09 4.90 34.87
C2 FAD K . 33.62 5.62 33.83
O2 FAD K . 34.18 6.71 34.02
N3 FAD K . 33.53 5.14 32.55
C4 FAD K . 32.94 3.95 32.16
O4 FAD K . 32.92 3.63 30.97
C4X FAD K . 32.39 3.19 33.26
N5 FAD K . 31.82 2.06 32.98
C5X FAD K . 31.29 1.33 34.04
C6 FAD K . 30.67 0.10 33.77
C7 FAD K . 30.13 -0.66 34.79
C7M FAD K . 29.47 -1.98 34.46
C8 FAD K . 30.20 -0.21 36.12
C8M FAD K . 29.62 -1.03 37.25
C9 FAD K . 30.82 1.01 36.39
C9A FAD K . 31.36 1.78 35.37
N10 FAD K . 31.99 3.01 35.62
C10 FAD K . 32.51 3.75 34.58
C1' FAD K . 32.09 3.54 36.98
C2' FAD K . 33.41 3.18 37.67
O2' FAD K . 33.49 1.76 37.88
C3' FAD K . 33.50 3.89 39.02
O3' FAD K . 33.11 5.24 38.85
C4' FAD K . 34.89 3.85 39.65
O4' FAD K . 35.41 2.52 39.58
C5' FAD K . 34.90 4.33 41.08
O5' FAD K . 36.08 3.83 41.75
P FAD K . 36.05 3.44 43.27
O1P FAD K . 37.45 2.99 43.71
O2P FAD K . 35.45 4.53 44.07
O3P FAD K . 35.11 2.16 43.30
PA NAP L . 21.62 4.25 36.43
O1A NAP L . 21.00 4.78 37.68
O2A NAP L . 22.63 5.10 35.73
O5B NAP L . 20.47 3.83 35.41
C5B NAP L . 19.47 2.85 35.79
C4B NAP L . 18.12 3.52 35.87
O4B NAP L . 17.09 2.55 36.19
C3B NAP L . 17.95 4.57 36.99
O3B NAP L . 18.59 5.80 36.69
C2B NAP L . 16.43 4.65 37.08
O2B NAP L . 15.96 5.56 36.09
C1B NAP L . 15.99 3.22 36.76
N9A NAP L . 15.55 2.48 37.94
C8A NAP L . 15.97 2.66 39.23
N7A NAP L . 15.39 1.86 40.09
C5A NAP L . 14.53 1.10 39.31
C6A NAP L . 13.64 0.05 39.64
N6A NAP L . 13.46 -0.40 40.87
N1A NAP L . 12.93 -0.50 38.63
C2A NAP L . 13.12 -0.03 37.39
N3A NAP L . 13.93 0.94 36.97
C4A NAP L . 14.62 1.47 37.98
O3 NAP L . 22.29 2.83 36.76
PN NAP L . 23.37 1.93 36.00
O1N NAP L . 23.53 0.65 36.76
O2N NAP L . 23.04 1.87 34.55
O5D NAP L . 24.68 2.84 36.21
C5D NAP L . 25.12 3.12 37.57
C4D NAP L . 26.17 4.20 37.55
O4D NAP L . 27.24 3.82 36.67
C3D NAP L . 25.71 5.59 37.06
O3D NAP L . 26.40 6.61 37.76
C2D NAP L . 26.16 5.57 35.61
O2D NAP L . 26.31 6.85 35.02
C1D NAP L . 27.50 4.86 35.76
N1N NAP L . 27.99 4.27 34.50
C2N NAP L . 28.75 5.03 33.63
C3N NAP L . 29.20 4.46 32.44
C7N NAP L . 30.01 5.29 31.50
O7N NAP L . 30.28 6.46 31.79
N7N NAP L . 30.42 4.73 30.37
C4N NAP L . 28.89 3.14 32.14
C5N NAP L . 28.12 2.39 33.02
C6N NAP L . 27.68 2.97 34.20
P2B NAP L . 14.45 5.99 36.48
O1X NAP L . 13.50 4.97 35.90
O2X NAP L . 14.22 7.38 35.92
O3X NAP L . 14.43 5.99 38.00
PA FAD M . 39.73 22.71 -8.34
O1A FAD M . 38.66 22.07 -7.54
O2A FAD M . 40.48 21.77 -9.30
O5B FAD M . 39.16 23.91 -9.18
C5B FAD M . 39.61 24.18 -10.51
C4B FAD M . 38.49 23.93 -11.48
O4B FAD M . 38.55 24.89 -12.56
C3B FAD M . 38.48 22.56 -12.15
O3B FAD M . 37.16 22.12 -12.42
C2B FAD M . 39.28 22.83 -13.43
O2B FAD M . 38.92 21.91 -14.48
C1B FAD M . 38.80 24.24 -13.79
N9A FAD M . 39.78 25.02 -14.54
C8A FAD M . 41.14 25.00 -14.40
N7A FAD M . 41.78 25.80 -15.22
C5A FAD M . 40.76 26.41 -15.94
C6A FAD M . 40.77 27.37 -16.96
N6A FAD M . 41.89 27.92 -17.46
N1A FAD M . 39.59 27.76 -17.48
C2A FAD M . 38.48 27.22 -16.99
N3A FAD M . 38.33 26.30 -16.02
C4A FAD M . 39.53 25.93 -15.54
N1 FAD M . 42.36 17.97 -0.03
C2 FAD M . 42.02 17.86 1.29
O2 FAD M . 42.03 18.84 2.05
N3 FAD M . 41.66 16.62 1.80
C4 FAD M . 41.59 15.44 1.10
O4 FAD M . 41.26 14.40 1.67
C4X FAD M . 41.96 15.57 -0.30
N5 FAD M . 41.93 14.49 -1.04
C5X FAD M . 42.28 14.62 -2.37
C6 FAD M . 42.26 13.48 -3.18
C7 FAD M . 42.60 13.56 -4.53
C7M FAD M . 42.56 12.31 -5.37
C8 FAD M . 42.98 14.79 -5.09
C8M FAD M . 43.35 14.91 -6.53
C9 FAD M . 43.00 15.93 -4.28
C9A FAD M . 42.66 15.85 -2.94
N10 FAD M . 42.67 16.98 -2.09
C10 FAD M . 42.33 16.88 -0.76
C1' FAD M . 43.06 18.30 -2.62
C2' FAD M . 41.88 19.14 -3.07
O2' FAD M . 41.27 18.55 -4.23
C3' FAD M . 42.36 20.55 -3.43
O3' FAD M . 43.24 21.00 -2.40
C4' FAD M . 41.24 21.57 -3.61
O4' FAD M . 40.08 20.92 -4.13
C5' FAD M . 41.64 22.73 -4.51
O5' FAD M . 40.46 23.44 -4.92
P FAD M . 40.47 24.38 -6.19
O1P FAD M . 39.07 24.96 -6.42
O2P FAD M . 41.56 25.38 -6.05
O3P FAD M . 40.80 23.38 -7.38
PA FAD N . -45.52 -7.36 5.71
O1A FAD N . -44.27 -7.20 4.91
O2A FAD N . -45.40 -8.31 6.89
O5B FAD N . -46.04 -5.96 6.22
C5B FAD N . -46.64 -5.82 7.53
C4B FAD N . -45.76 -4.96 8.41
O4B FAD N . -46.58 -4.01 9.12
C3B FAD N . -44.97 -5.72 9.47
O3B FAD N . -43.72 -5.10 9.72
C2B FAD N . -45.91 -5.64 10.69
O2B FAD N . -45.19 -5.74 11.91
C1B FAD N . -46.49 -4.24 10.52
N9A FAD N . -47.84 -4.09 11.09
C8A FAD N . -48.85 -5.01 11.07
N7A FAD N . -49.95 -4.60 11.67
C5A FAD N . -49.63 -3.33 12.12
C6A FAD N . -50.36 -2.36 12.83
N6A FAD N . -51.62 -2.53 13.24
N1A FAD N . -49.75 -1.20 13.12
C2A FAD N . -48.48 -1.01 12.72
N3A FAD N . -47.69 -1.86 12.04
C4A FAD N . -48.33 -3.01 11.77
N1 FAD N . -43.40 -14.83 -0.52
C2 FAD N . -42.88 -15.06 -1.76
O2 FAD N . -43.38 -14.59 -2.77
N3 FAD N . -41.75 -15.86 -1.87
C4 FAD N . -41.07 -16.46 -0.85
O4 FAD N . -40.07 -17.16 -1.07
C4X FAD N . -41.62 -16.20 0.46
N5 FAD N . -41.04 -16.74 1.50
C5X FAD N . -41.58 -16.48 2.75
C6 FAD N . -40.96 -17.05 3.87
C7 FAD N . -41.47 -16.83 5.15
C7M FAD N . -40.77 -17.45 6.33
C8 FAD N . -42.61 -16.02 5.31
C8M FAD N . -43.17 -15.76 6.68
C9 FAD N . -43.22 -15.45 4.20
C9A FAD N . -42.71 -15.68 2.92
N10 FAD N . -43.31 -15.13 1.78
C10 FAD N . -42.80 -15.37 0.52
C1' FAD N . -44.51 -14.28 1.89
C2' FAD N . -44.18 -12.80 1.96
O2' FAD N . -43.23 -12.54 3.00
C3' FAD N . -45.46 -12.01 2.25
O3' FAD N . -46.50 -12.49 1.41
C4' FAD N . -45.32 -10.49 2.06
O4' FAD N . -44.21 -10.02 2.82
C5' FAD N . -46.57 -9.73 2.43
O5' FAD N . -46.30 -8.32 2.38
P FAD N . -47.03 -7.31 3.34
O1P FAD N . -46.38 -5.92 3.23
O2P FAD N . -48.50 -7.34 3.12
O3P FAD N . -46.69 -7.87 4.78
PA FAD O . -22.55 -34.81 -37.73
O1A FAD O . -23.25 -35.24 -36.50
O2A FAD O . -21.04 -34.65 -37.61
O5B FAD O . -22.84 -35.78 -38.93
C5B FAD O . -21.81 -36.10 -39.89
C4B FAD O . -21.45 -37.56 -39.75
O4B FAD O . -21.29 -38.15 -41.06
C3B FAD O . -20.13 -37.82 -39.02
O3B FAD O . -20.19 -39.04 -38.29
C2B FAD O . -19.12 -37.88 -40.16
O2B FAD O . -17.97 -38.66 -39.83
C1B FAD O . -19.94 -38.57 -41.25
N9A FAD O . -19.55 -38.20 -42.61
C8A FAD O . -19.23 -36.97 -43.09
N7A FAD O . -18.92 -36.93 -44.36
C5A FAD O . -19.03 -38.26 -44.76
C6A FAD O . -18.83 -38.90 -45.99
N6A FAD O . -18.46 -38.27 -47.11
N1A FAD O . -19.04 -40.24 -46.04
C2A FAD O . -19.41 -40.88 -44.93
N3A FAD O . -19.63 -40.37 -43.71
C4A FAD O . -19.42 -39.05 -43.69
N1 FAD O . -24.40 -27.82 -31.14
C2 FAD O . -25.38 -27.37 -30.32
O2 FAD O . -26.48 -27.02 -30.77
N3 FAD O . -25.16 -27.28 -28.96
C4 FAD O . -24.00 -27.63 -28.29
O4 FAD O . -23.92 -27.51 -27.08
C4X FAD O . -22.96 -28.11 -29.18
N5 FAD O . -21.81 -28.47 -28.64
C5X FAD O . -20.82 -28.94 -29.48
C6 FAD O . -19.60 -29.32 -28.93
C7 FAD O . -18.57 -29.80 -29.73
C7M FAD O . -17.26 -30.19 -29.10
C8 FAD O . -18.76 -29.89 -31.12
C8M FAD O . -17.66 -30.40 -32.01
C9 FAD O . -19.97 -29.51 -31.67
C9A FAD O . -21.00 -29.04 -30.87
N10 FAD O . -22.25 -28.65 -31.41
C10 FAD O . -23.24 -28.18 -30.59
C1' FAD O . -22.50 -28.73 -32.85
C2' FAD O . -23.15 -30.03 -33.28
O2' FAD O . -22.26 -31.13 -33.05
C3' FAD O . -23.50 -29.97 -34.77
O3' FAD O . -24.08 -28.71 -35.05
C4' FAD O . -24.44 -31.07 -35.23
O4' FAD O . -24.00 -32.33 -34.73
C5' FAD O . -24.57 -31.13 -36.74
O5' FAD O . -25.09 -32.42 -37.11
P FAD O . -24.67 -33.13 -38.46
O1P FAD O . -25.39 -34.47 -38.61
O2P FAD O . -24.84 -32.19 -39.60
O3P FAD O . -23.14 -33.42 -38.23
PA NAP P . -15.54 -21.33 -33.55
O1A NAP P . -15.76 -21.18 -35.01
O2A NAP P . -16.70 -21.20 -32.62
O5B NAP P . -14.38 -20.31 -33.10
C5B NAP P . -13.01 -20.62 -33.45
C4B NAP P . -12.19 -19.35 -33.48
O4B NAP P . -10.81 -19.68 -33.73
C3B NAP P . -12.53 -18.37 -34.61
O3B NAP P . -13.70 -17.62 -34.36
C2B NAP P . -11.25 -17.54 -34.68
O2B NAP P . -11.33 -16.45 -33.77
C1B NAP P . -10.17 -18.51 -34.22
N9A NAP P . -9.24 -18.91 -35.28
C8A NAP P . -9.57 -19.22 -36.57
N7A NAP P . -8.53 -19.54 -37.31
C5A NAP P . -7.45 -19.41 -36.45
C6A NAP P . -6.07 -19.60 -36.64
N6A NAP P . -5.52 -19.97 -37.79
N1A NAP P . -5.27 -19.40 -35.56
C2A NAP P . -5.82 -19.03 -34.41
N3A NAP P . -7.10 -18.81 -34.12
C4A NAP P . -7.88 -19.03 -35.19
O3 NAP P . -14.82 -22.74 -33.29
PN NAP P . -14.84 -23.81 -32.10
O1N NAP P . -13.83 -24.87 -32.39
O2N NAP P . -14.75 -23.09 -30.79
O5D NAP P . -16.31 -24.40 -32.29
C5D NAP P . -16.60 -25.10 -33.52
C4D NAP P . -18.09 -25.10 -33.77
O4D NAP P . -18.77 -25.71 -32.64
C3D NAP P . -18.74 -23.72 -33.96
O3D NAP P . -19.79 -23.81 -34.91
C2D NAP P . -19.35 -23.46 -32.58
O2D NAP P . -20.41 -22.52 -32.57
C1D NAP P . -19.83 -24.87 -32.25
N1N NAP P . -20.07 -25.09 -30.80
C2N NAP P . -21.29 -24.74 -30.25
C3N NAP P . -21.50 -24.95 -28.89
C7N NAP P . -22.82 -24.57 -28.29
O7N NAP P . -23.70 -24.06 -29.01
N7N NAP P . -23.02 -24.80 -27.00
C4N NAP P . -20.50 -25.49 -28.11
C5N NAP P . -19.29 -25.83 -28.67
C6N NAP P . -19.09 -25.63 -30.02
P2B NAP P . -11.11 -15.10 -34.62
O1X NAP P . -11.21 -13.93 -33.64
O2X NAP P . -12.23 -15.08 -35.65
O3X NAP P . -9.74 -15.19 -35.25
#